data_2POZ
#
_entry.id   2POZ
#
_cell.length_a   92.269
_cell.length_b   189.825
_cell.length_c   192.579
_cell.angle_alpha   90.00
_cell.angle_beta   90.00
_cell.angle_gamma   90.00
#
_symmetry.space_group_name_H-M   'P 21 21 21'
#
loop_
_entity.id
_entity.type
_entity.pdbx_description
1 polymer 'Putative dehydratase'
2 water water
#
_entity_poly.entity_id   1
_entity_poly.type   'polypeptide(L)'
_entity_poly.pdbx_seq_one_letter_code
;(MSE)SLKITGVNIYLLKSGRLHPVLVEISTDEGITGAGEAGIAYGVGGTAAAG(MSE)IKDLSERFLIGKDPSRIEELW
ST(MSE)YDHSFWAKNGGAIIFAGISAIEQALWDIKGKCLGVPVYELFGGKIRDRVRAYANGWYGAADTPDEFARAVERP
LKEGYGALKFYPLAQRVGSALQHVTRRS(MSE)SAEAIELAYRRVKAVRDAAGPEIEL(MSE)VDLSGGLTTDETIRFCR
KIGELDICFVEEPCDPFDNGALKVISEQIPLPIAVGERVYTRFGFRKIFELQACGIIQPDIGTAGGL(MSE)ETKKICA
(MSE)AEAYN(MSE)RVAPHVCGSSLIETATLQLEANITNF(MSE)IHEHYPAFKADDGYVEVLENPPSISSGYFE
(MSE)PNGPGLGAVLIKRNIEPYLWASCTEGHHHHHH
;
_entity_poly.pdbx_strand_id   A,B,C,D,E,F,G,H
#
# COMPACT_ATOMS: atom_id res chain seq x y z
N LEU A 3 -9.18 19.04 -47.80
CA LEU A 3 -9.84 17.79 -48.27
C LEU A 3 -11.11 17.47 -47.51
N LYS A 4 -11.98 16.71 -48.16
CA LYS A 4 -13.25 16.30 -47.57
C LYS A 4 -13.48 14.82 -47.84
N ILE A 5 -13.84 14.06 -46.81
CA ILE A 5 -14.12 12.63 -46.96
C ILE A 5 -15.44 12.50 -47.72
N THR A 6 -15.40 11.81 -48.85
CA THR A 6 -16.60 11.63 -49.66
C THR A 6 -17.19 10.23 -49.57
N GLY A 7 -16.40 9.28 -49.08
CA GLY A 7 -16.90 7.92 -48.97
C GLY A 7 -15.97 6.97 -48.22
N VAL A 8 -16.56 5.95 -47.62
CA VAL A 8 -15.81 4.95 -46.86
C VAL A 8 -16.29 3.55 -47.26
N ASN A 9 -15.38 2.71 -47.71
CA ASN A 9 -15.71 1.34 -48.11
C ASN A 9 -15.16 0.39 -47.06
N ILE A 10 -15.95 -0.62 -46.72
CA ILE A 10 -15.57 -1.63 -45.74
C ILE A 10 -15.52 -2.99 -46.41
N TYR A 11 -14.38 -3.66 -46.25
CA TYR A 11 -14.15 -4.97 -46.86
C TYR A 11 -13.96 -6.04 -45.79
N LEU A 12 -14.67 -7.16 -45.94
CA LEU A 12 -14.55 -8.28 -45.02
C LEU A 12 -14.02 -9.43 -45.88
N LEU A 13 -12.71 -9.61 -45.88
CA LEU A 13 -12.08 -10.64 -46.69
C LEU A 13 -12.14 -12.06 -46.15
N LYS A 14 -11.94 -12.98 -47.09
CA LYS A 14 -11.83 -14.40 -46.79
C LYS A 14 -10.44 -14.59 -47.37
N SER A 15 -9.44 -14.70 -46.50
CA SER A 15 -8.08 -14.86 -46.98
C SER A 15 -7.42 -16.01 -46.23
N GLY A 16 -7.58 -17.22 -46.76
CA GLY A 16 -7.01 -18.37 -46.11
C GLY A 16 -7.71 -18.59 -44.79
N ARG A 17 -6.94 -18.80 -43.72
CA ARG A 17 -7.52 -19.03 -42.40
C ARG A 17 -7.96 -17.73 -41.71
N LEU A 18 -7.66 -16.58 -42.31
CA LEU A 18 -8.03 -15.29 -41.71
C LEU A 18 -9.18 -14.59 -42.41
N HIS A 19 -9.76 -13.61 -41.71
CA HIS A 19 -10.85 -12.81 -42.26
C HIS A 19 -10.51 -11.34 -41.99
N PRO A 20 -9.51 -10.80 -42.70
CA PRO A 20 -9.06 -9.41 -42.57
C PRO A 20 -10.23 -8.47 -42.83
N VAL A 21 -10.30 -7.40 -42.04
CA VAL A 21 -11.35 -6.41 -42.18
C VAL A 21 -10.62 -5.13 -42.55
N LEU A 22 -10.92 -4.59 -43.73
CA LEU A 22 -10.25 -3.39 -44.20
C LEU A 22 -11.21 -2.24 -44.43
N VAL A 23 -10.65 -1.03 -44.43
CA VAL A 23 -11.43 0.17 -44.69
C VAL A 23 -10.65 1.02 -45.69
N GLU A 24 -11.37 1.68 -46.58
CA GLU A 24 -10.76 2.55 -47.56
C GLU A 24 -11.54 3.86 -47.51
N ILE A 25 -10.84 4.94 -47.22
CA ILE A 25 -11.48 6.25 -47.12
C ILE A 25 -11.16 7.06 -48.37
N SER A 26 -12.19 7.52 -49.07
CA SER A 26 -11.99 8.33 -50.28
C SER A 26 -12.29 9.79 -49.98
N THR A 27 -11.61 10.69 -50.69
CA THR A 27 -11.80 12.13 -50.52
C THR A 27 -12.18 12.79 -51.86
N ASP A 28 -12.63 14.04 -51.80
CA ASP A 28 -13.05 14.76 -53.00
C ASP A 28 -11.91 15.07 -53.99
N GLU A 29 -10.67 15.03 -53.52
CA GLU A 29 -9.55 15.32 -54.42
C GLU A 29 -8.85 14.05 -54.91
N GLY A 30 -9.52 12.91 -54.74
CA GLY A 30 -8.96 11.66 -55.21
C GLY A 30 -7.94 10.97 -54.33
N ILE A 31 -7.57 11.56 -53.20
CA ILE A 31 -6.60 10.93 -52.31
C ILE A 31 -7.32 9.94 -51.38
N THR A 32 -6.95 8.67 -51.48
CA THR A 32 -7.58 7.64 -50.65
C THR A 32 -6.67 7.16 -49.52
N GLY A 33 -7.29 6.71 -48.44
CA GLY A 33 -6.52 6.20 -47.31
C GLY A 33 -7.00 4.80 -47.00
N ALA A 34 -6.08 3.92 -46.62
CA ALA A 34 -6.43 2.53 -46.29
C ALA A 34 -6.07 2.19 -44.84
N GLY A 35 -6.89 1.36 -44.22
CA GLY A 35 -6.65 0.95 -42.83
C GLY A 35 -7.14 -0.47 -42.60
N GLU A 36 -6.69 -1.09 -41.52
CA GLU A 36 -7.09 -2.45 -41.19
C GLU A 36 -7.40 -2.64 -39.71
N ALA A 37 -8.51 -3.30 -39.40
CA ALA A 37 -8.90 -3.56 -38.03
C ALA A 37 -8.25 -4.89 -37.65
N GLY A 38 -7.60 -4.94 -36.49
CA GLY A 38 -6.92 -6.14 -36.06
C GLY A 38 -7.77 -7.33 -35.66
N ILE A 39 -8.94 -7.50 -36.27
CA ILE A 39 -9.80 -8.64 -35.93
C ILE A 39 -9.85 -9.63 -37.12
N ALA A 40 -8.67 -10.03 -37.58
CA ALA A 40 -8.56 -10.97 -38.71
C ALA A 40 -8.72 -12.43 -38.26
N TYR A 41 -8.71 -12.66 -36.95
CA TYR A 41 -8.86 -14.02 -36.42
C TYR A 41 -9.75 -13.99 -35.20
N GLY A 42 -10.05 -15.17 -34.66
CA GLY A 42 -10.93 -15.22 -33.52
C GLY A 42 -12.35 -15.01 -34.00
N VAL A 43 -13.27 -14.77 -33.08
CA VAL A 43 -14.67 -14.59 -33.43
C VAL A 43 -15.11 -13.12 -33.29
N GLY A 44 -15.48 -12.51 -34.42
CA GLY A 44 -15.90 -11.12 -34.39
C GLY A 44 -15.55 -10.31 -35.64
N GLY A 45 -15.15 -10.98 -36.71
CA GLY A 45 -14.81 -10.28 -37.94
C GLY A 45 -15.97 -9.45 -38.46
N THR A 46 -17.16 -10.02 -38.42
CA THR A 46 -18.35 -9.32 -38.89
C THR A 46 -18.68 -8.18 -37.93
N ALA A 47 -18.37 -8.36 -36.66
CA ALA A 47 -18.62 -7.33 -35.68
C ALA A 47 -17.72 -6.13 -35.99
N ALA A 48 -16.47 -6.42 -36.32
CA ALA A 48 -15.52 -5.36 -36.67
C ALA A 48 -15.99 -4.62 -37.93
N ALA A 49 -16.45 -5.37 -38.93
CA ALA A 49 -16.96 -4.75 -40.16
C ALA A 49 -18.15 -3.84 -39.82
N GLY A 50 -19.05 -4.35 -38.98
CA GLY A 50 -20.21 -3.59 -38.59
C GLY A 50 -19.85 -2.31 -37.84
N ILE A 52 -17.00 -0.50 -38.09
CA ILE A 52 -16.46 0.50 -38.98
C ILE A 52 -17.61 1.18 -39.72
N LYS A 53 -18.60 0.41 -40.14
CA LYS A 53 -19.77 0.94 -40.83
C LYS A 53 -20.50 1.97 -39.97
N ASP A 54 -20.81 1.60 -38.72
CA ASP A 54 -21.52 2.51 -37.81
C ASP A 54 -20.72 3.77 -37.53
N LEU A 55 -19.42 3.59 -37.28
CA LEU A 55 -18.54 4.73 -37.02
C LEU A 55 -18.47 5.66 -38.22
N SER A 56 -18.30 5.07 -39.40
CA SER A 56 -18.18 5.86 -40.61
C SER A 56 -19.44 6.68 -40.92
N GLU A 57 -20.60 6.04 -40.82
CA GLU A 57 -21.86 6.72 -41.11
C GLU A 57 -22.16 7.82 -40.11
N ARG A 58 -21.73 7.63 -38.87
CA ARG A 58 -22.00 8.63 -37.84
C ARG A 58 -20.98 9.76 -37.75
N PHE A 59 -19.72 9.48 -38.04
CA PHE A 59 -18.69 10.49 -37.88
C PHE A 59 -17.80 10.93 -39.04
N LEU A 60 -17.75 10.18 -40.13
CA LEU A 60 -16.80 10.52 -41.18
C LEU A 60 -17.14 11.29 -42.45
N ILE A 61 -18.26 10.97 -43.10
CA ILE A 61 -18.57 11.66 -44.35
C ILE A 61 -18.68 13.18 -44.25
N GLY A 62 -17.98 13.85 -45.16
CA GLY A 62 -18.01 15.30 -45.20
C GLY A 62 -16.94 15.97 -44.37
N LYS A 63 -16.25 15.21 -43.52
CA LYS A 63 -15.24 15.79 -42.67
C LYS A 63 -13.85 15.93 -43.28
N ASP A 64 -13.07 16.84 -42.70
CA ASP A 64 -11.70 17.13 -43.11
C ASP A 64 -10.83 16.04 -42.47
N PRO A 65 -10.24 15.16 -43.30
CA PRO A 65 -9.39 14.09 -42.77
C PRO A 65 -8.09 14.54 -42.12
N SER A 66 -7.68 15.79 -42.33
CA SER A 66 -6.44 16.27 -41.74
C SER A 66 -6.54 16.43 -40.22
N ARG A 67 -7.75 16.59 -39.70
CA ARG A 67 -7.95 16.75 -38.25
C ARG A 67 -8.05 15.37 -37.60
N ILE A 68 -6.95 14.63 -37.62
CA ILE A 68 -6.94 13.29 -37.06
C ILE A 68 -7.21 13.22 -35.56
N GLU A 69 -6.49 14.02 -34.78
CA GLU A 69 -6.70 13.99 -33.33
C GLU A 69 -8.16 14.33 -33.01
N GLU A 70 -8.73 15.30 -33.72
CA GLU A 70 -10.13 15.68 -33.47
C GLU A 70 -11.10 14.54 -33.78
N LEU A 71 -10.89 13.89 -34.91
CA LEU A 71 -11.76 12.79 -35.32
C LEU A 71 -11.68 11.63 -34.33
N TRP A 72 -10.47 11.33 -33.87
CA TRP A 72 -10.29 10.25 -32.91
C TRP A 72 -11.07 10.63 -31.65
N SER A 73 -10.84 11.85 -31.18
CA SER A 73 -11.51 12.33 -29.98
C SER A 73 -13.04 12.29 -30.11
N THR A 74 -13.55 12.63 -31.30
CA THR A 74 -14.99 12.63 -31.52
C THR A 74 -15.58 11.21 -31.41
N TYR A 76 -14.22 8.74 -29.85
CA TYR A 76 -14.06 8.30 -28.47
C TYR A 76 -15.19 8.88 -27.61
N ASP A 77 -15.38 10.18 -27.73
CA ASP A 77 -16.38 10.90 -26.93
C ASP A 77 -17.85 10.62 -27.21
N HIS A 78 -18.19 10.35 -28.45
CA HIS A 78 -19.60 10.18 -28.80
C HIS A 78 -20.12 8.83 -29.23
N SER A 79 -19.27 7.82 -29.24
CA SER A 79 -19.69 6.47 -29.63
C SER A 79 -20.36 5.80 -28.44
N PHE A 80 -20.01 6.30 -27.26
CA PHE A 80 -20.46 5.83 -25.95
C PHE A 80 -19.71 4.56 -25.51
N TRP A 81 -19.63 3.56 -26.38
CA TRP A 81 -18.97 2.31 -26.03
C TRP A 81 -17.45 2.35 -25.99
N ALA A 82 -16.86 3.46 -26.45
CA ALA A 82 -15.42 3.63 -26.44
C ALA A 82 -14.86 3.81 -25.02
N LYS A 83 -15.65 4.42 -24.13
CA LYS A 83 -15.19 4.65 -22.75
C LYS A 83 -15.12 3.28 -22.06
N ASN A 84 -13.89 2.88 -21.73
CA ASN A 84 -13.58 1.57 -21.15
C ASN A 84 -13.93 0.53 -22.21
N GLY A 85 -13.82 0.95 -23.47
CA GLY A 85 -14.14 0.10 -24.60
C GLY A 85 -13.16 -1.03 -24.89
N GLY A 86 -13.63 -2.00 -25.67
CA GLY A 86 -12.81 -3.15 -26.00
C GLY A 86 -12.27 -3.27 -27.41
N ALA A 87 -11.91 -4.48 -27.79
CA ALA A 87 -11.32 -4.76 -29.10
C ALA A 87 -12.16 -4.38 -30.31
N ILE A 88 -13.47 -4.56 -30.24
CA ILE A 88 -14.29 -4.25 -31.41
C ILE A 88 -14.38 -2.74 -31.68
N ILE A 89 -14.77 -1.96 -30.68
CA ILE A 89 -14.87 -0.52 -30.88
C ILE A 89 -13.49 0.05 -31.26
N PHE A 90 -12.45 -0.36 -30.55
CA PHE A 90 -11.14 0.19 -30.86
C PHE A 90 -10.49 -0.31 -32.14
N ALA A 91 -10.87 -1.51 -32.60
CA ALA A 91 -10.31 -2.02 -33.85
C ALA A 91 -10.94 -1.18 -34.97
N GLY A 92 -12.21 -0.80 -34.78
CA GLY A 92 -12.87 0.02 -35.77
C GLY A 92 -12.22 1.39 -35.83
N ILE A 93 -12.03 1.98 -34.66
CA ILE A 93 -11.40 3.29 -34.59
C ILE A 93 -9.98 3.22 -35.14
N SER A 94 -9.24 2.15 -34.82
CA SER A 94 -7.87 2.00 -35.29
C SER A 94 -7.78 1.95 -36.80
N ALA A 95 -8.66 1.18 -37.43
CA ALA A 95 -8.65 1.05 -38.88
C ALA A 95 -8.84 2.41 -39.53
N ILE A 96 -9.81 3.16 -39.03
CA ILE A 96 -10.11 4.49 -39.55
C ILE A 96 -8.92 5.43 -39.35
N GLU A 97 -8.35 5.41 -38.15
CA GLU A 97 -7.22 6.28 -37.81
C GLU A 97 -6.02 6.02 -38.74
N GLN A 98 -5.76 4.75 -39.04
CA GLN A 98 -4.65 4.39 -39.95
C GLN A 98 -4.89 5.04 -41.32
N ALA A 99 -6.12 4.91 -41.82
CA ALA A 99 -6.44 5.48 -43.13
C ALA A 99 -6.27 7.00 -43.13
N LEU A 100 -6.53 7.64 -42.00
CA LEU A 100 -6.38 9.09 -41.91
C LEU A 100 -4.91 9.48 -42.04
N TRP A 101 -4.03 8.77 -41.34
CA TRP A 101 -2.59 9.07 -41.41
C TRP A 101 -2.07 8.76 -42.82
N ASP A 102 -2.65 7.75 -43.46
CA ASP A 102 -2.24 7.40 -44.81
C ASP A 102 -2.54 8.60 -45.72
N ILE A 103 -3.73 9.18 -45.57
CA ILE A 103 -4.11 10.34 -46.37
C ILE A 103 -3.22 11.54 -46.09
N LYS A 104 -2.90 11.77 -44.82
CA LYS A 104 -2.06 12.90 -44.46
C LYS A 104 -0.66 12.73 -45.06
N GLY A 105 -0.11 11.52 -44.98
CA GLY A 105 1.21 11.29 -45.54
C GLY A 105 1.21 11.48 -47.05
N LYS A 106 0.17 10.98 -47.71
CA LYS A 106 0.07 11.14 -49.16
C LYS A 106 -0.05 12.62 -49.53
N CYS A 107 -0.76 13.39 -48.71
CA CYS A 107 -0.92 14.82 -48.98
C CYS A 107 0.41 15.55 -48.86
N LEU A 108 1.19 15.19 -47.86
CA LEU A 108 2.49 15.82 -47.62
C LEU A 108 3.63 15.17 -48.39
N GLY A 109 3.34 14.07 -49.07
CA GLY A 109 4.35 13.39 -49.87
C GLY A 109 5.44 12.63 -49.15
N VAL A 110 5.16 12.13 -47.94
CA VAL A 110 6.18 11.40 -47.20
C VAL A 110 5.60 10.27 -46.35
N PRO A 111 6.45 9.32 -45.92
CA PRO A 111 5.98 8.20 -45.10
C PRO A 111 5.41 8.74 -43.78
N VAL A 112 4.47 8.00 -43.19
CA VAL A 112 3.91 8.45 -41.93
C VAL A 112 5.00 8.57 -40.86
N TYR A 113 6.02 7.72 -40.90
CA TYR A 113 7.05 7.84 -39.88
C TYR A 113 7.81 9.16 -39.92
N GLU A 114 7.80 9.86 -41.05
CA GLU A 114 8.47 11.16 -41.12
C GLU A 114 7.64 12.17 -40.33
N LEU A 115 6.32 12.04 -40.40
CA LEU A 115 5.43 12.95 -39.68
C LEU A 115 5.61 12.74 -38.17
N PHE A 116 5.84 11.49 -37.79
CA PHE A 116 6.03 11.08 -36.39
C PHE A 116 7.37 11.48 -35.80
N GLY A 117 8.23 12.12 -36.59
CA GLY A 117 9.52 12.54 -36.08
C GLY A 117 10.69 11.87 -36.77
N GLY A 118 10.43 11.29 -37.93
CA GLY A 118 11.50 10.65 -38.67
C GLY A 118 11.79 9.21 -38.31
N LYS A 119 12.73 8.64 -39.06
CA LYS A 119 13.13 7.25 -38.90
C LYS A 119 14.32 7.07 -37.97
N ILE A 120 14.40 5.91 -37.34
CA ILE A 120 15.50 5.57 -36.45
C ILE A 120 16.24 4.35 -37.00
N ARG A 121 15.53 3.54 -37.78
CA ARG A 121 16.11 2.32 -38.36
C ARG A 121 15.59 2.08 -39.78
N ASP A 122 16.41 1.47 -40.63
CA ASP A 122 16.01 1.19 -42.01
C ASP A 122 15.45 -0.21 -42.19
N ARG A 123 15.52 -1.03 -41.16
CA ARG A 123 15.00 -2.39 -41.24
C ARG A 123 14.79 -2.94 -39.83
N VAL A 124 13.96 -3.96 -39.72
CA VAL A 124 13.68 -4.57 -38.43
C VAL A 124 13.75 -6.08 -38.51
N ARG A 125 14.27 -6.67 -37.45
CA ARG A 125 14.37 -8.12 -37.34
C ARG A 125 13.00 -8.61 -36.88
N ALA A 126 12.63 -9.82 -37.28
CA ALA A 126 11.34 -10.36 -36.89
C ALA A 126 11.45 -11.78 -36.40
N TYR A 127 10.47 -12.22 -35.63
CA TYR A 127 10.43 -13.60 -35.17
C TYR A 127 9.28 -14.21 -35.96
N ALA A 128 9.29 -15.53 -36.11
CA ALA A 128 8.23 -16.19 -36.85
C ALA A 128 7.16 -16.81 -35.95
N ASN A 129 5.90 -16.70 -36.38
CA ASN A 129 4.77 -17.28 -35.67
C ASN A 129 3.96 -18.00 -36.73
N GLY A 130 2.95 -18.75 -36.32
CA GLY A 130 2.08 -19.47 -37.25
C GLY A 130 2.72 -20.61 -38.02
N TRP A 131 3.86 -21.10 -37.57
CA TRP A 131 4.56 -22.19 -38.26
C TRP A 131 4.26 -23.57 -37.69
N TYR A 132 3.34 -23.64 -36.71
CA TYR A 132 3.00 -24.90 -36.05
C TYR A 132 1.49 -25.17 -36.07
N GLY A 133 0.83 -24.67 -37.10
CA GLY A 133 -0.62 -24.81 -37.24
C GLY A 133 -1.26 -26.18 -37.06
N ALA A 134 -0.53 -27.26 -37.36
CA ALA A 134 -1.08 -28.60 -37.21
C ALA A 134 -0.28 -29.45 -36.24
N ALA A 135 0.74 -28.87 -35.63
CA ALA A 135 1.58 -29.61 -34.70
C ALA A 135 0.84 -30.04 -33.44
N ASP A 136 0.91 -31.33 -33.13
CA ASP A 136 0.26 -31.87 -31.93
C ASP A 136 1.28 -32.58 -31.05
N THR A 137 1.93 -33.60 -31.59
CA THR A 137 2.91 -34.35 -30.82
C THR A 137 4.20 -33.53 -30.69
N PRO A 138 5.04 -33.85 -29.71
CA PRO A 138 6.29 -33.11 -29.57
C PRO A 138 7.11 -33.19 -30.85
N ASP A 139 7.16 -34.38 -31.46
CA ASP A 139 7.93 -34.54 -32.68
C ASP A 139 7.44 -33.68 -33.83
N GLU A 140 6.14 -33.47 -33.92
CA GLU A 140 5.61 -32.64 -35.00
C GLU A 140 6.04 -31.19 -34.77
N PHE A 141 6.19 -30.81 -33.50
CA PHE A 141 6.65 -29.45 -33.20
C PHE A 141 8.10 -29.37 -33.66
N ALA A 142 8.86 -30.45 -33.45
CA ALA A 142 10.26 -30.50 -33.85
C ALA A 142 10.42 -30.34 -35.36
N ARG A 143 9.57 -31.03 -36.12
CA ARG A 143 9.62 -30.94 -37.58
C ARG A 143 9.18 -29.55 -38.05
N ALA A 144 8.23 -28.97 -37.35
CA ALA A 144 7.69 -27.65 -37.72
C ALA A 144 8.68 -26.49 -37.69
N VAL A 145 9.74 -26.57 -36.89
CA VAL A 145 10.71 -25.47 -36.83
C VAL A 145 11.56 -25.37 -38.09
N GLU A 146 11.67 -26.49 -38.82
CA GLU A 146 12.47 -26.54 -40.03
C GLU A 146 12.20 -25.45 -41.08
N ARG A 147 10.94 -25.25 -41.45
CA ARG A 147 10.64 -24.24 -42.46
C ARG A 147 11.03 -22.81 -42.05
N PRO A 148 10.52 -22.31 -40.91
CA PRO A 148 10.92 -20.96 -40.55
C PRO A 148 12.43 -20.78 -40.42
N LEU A 149 13.11 -21.77 -39.86
CA LEU A 149 14.55 -21.68 -39.70
C LEU A 149 15.28 -21.69 -41.05
N LYS A 150 14.73 -22.39 -42.04
CA LYS A 150 15.35 -22.42 -43.36
C LYS A 150 15.18 -21.05 -44.00
N GLU A 151 14.13 -20.34 -43.60
CA GLU A 151 13.87 -19.01 -44.12
C GLU A 151 14.78 -17.95 -43.47
N GLY A 152 15.54 -18.35 -42.45
CA GLY A 152 16.45 -17.43 -41.82
C GLY A 152 16.04 -16.76 -40.51
N TYR A 153 14.92 -17.16 -39.93
CA TYR A 153 14.46 -16.58 -38.67
C TYR A 153 15.40 -16.99 -37.54
N GLY A 154 15.73 -16.04 -36.67
CA GLY A 154 16.60 -16.33 -35.55
C GLY A 154 15.79 -16.39 -34.27
N ALA A 155 14.47 -16.30 -34.42
CA ALA A 155 13.57 -16.32 -33.28
C ALA A 155 12.21 -16.89 -33.68
N LEU A 156 11.64 -17.69 -32.80
CA LEU A 156 10.36 -18.32 -33.06
C LEU A 156 9.42 -18.22 -31.86
N LYS A 157 8.15 -17.94 -32.14
CA LYS A 157 7.14 -17.89 -31.07
C LYS A 157 6.13 -19.00 -31.32
N PHE A 158 5.65 -19.63 -30.25
CA PHE A 158 4.66 -20.69 -30.41
C PHE A 158 3.81 -20.89 -29.16
N TYR A 159 2.63 -21.44 -29.38
CA TYR A 159 1.65 -21.72 -28.33
C TYR A 159 1.75 -23.23 -28.08
N PRO A 160 2.26 -23.65 -26.91
CA PRO A 160 2.40 -25.07 -26.61
C PRO A 160 1.25 -25.74 -25.86
N LEU A 161 0.17 -25.00 -25.62
CA LEU A 161 -0.94 -25.55 -24.85
C LEU A 161 -2.16 -26.04 -25.66
N ALA A 162 -2.05 -26.10 -26.98
CA ALA A 162 -3.21 -26.54 -27.79
C ALA A 162 -3.58 -28.01 -27.56
N GLN A 163 -4.88 -28.28 -27.55
CA GLN A 163 -5.38 -29.63 -27.34
C GLN A 163 -6.11 -30.08 -28.60
N ARG A 164 -5.91 -31.33 -29.01
CA ARG A 164 -6.58 -31.88 -30.19
C ARG A 164 -7.99 -32.33 -29.79
N VAL A 165 -9.01 -31.71 -30.33
CA VAL A 165 -10.40 -32.08 -30.02
C VAL A 165 -11.07 -32.43 -31.33
N GLY A 166 -11.23 -33.73 -31.57
CA GLY A 166 -11.82 -34.19 -32.82
C GLY A 166 -10.71 -34.23 -33.85
N SER A 167 -10.75 -33.31 -34.81
CA SER A 167 -9.74 -33.25 -35.85
C SER A 167 -9.07 -31.89 -35.89
N ALA A 168 -9.30 -31.08 -34.85
CA ALA A 168 -8.72 -29.74 -34.80
C ALA A 168 -8.11 -29.40 -33.45
N LEU A 169 -7.10 -28.54 -33.48
CA LEU A 169 -6.43 -28.10 -32.27
C LEU A 169 -7.11 -26.83 -31.80
N GLN A 170 -7.30 -26.69 -30.50
CA GLN A 170 -7.95 -25.50 -29.95
C GLN A 170 -7.27 -25.06 -28.67
N HIS A 171 -7.54 -23.83 -28.25
CA HIS A 171 -6.95 -23.29 -27.02
C HIS A 171 -7.40 -24.05 -25.77
N VAL A 172 -6.76 -23.74 -24.66
CA VAL A 172 -7.07 -24.35 -23.38
C VAL A 172 -8.52 -24.11 -23.00
N THR A 173 -9.14 -25.14 -22.42
CA THR A 173 -10.52 -25.03 -21.98
C THR A 173 -10.56 -24.83 -20.47
N ARG A 174 -11.29 -23.82 -20.03
CA ARG A 174 -11.46 -23.49 -18.63
C ARG A 174 -10.17 -23.46 -17.80
N ARG A 175 -9.11 -22.91 -18.39
CA ARG A 175 -7.81 -22.77 -17.73
C ARG A 175 -7.34 -24.09 -17.10
N SER A 176 -7.70 -25.21 -17.71
CA SER A 176 -7.34 -26.51 -17.15
C SER A 176 -6.84 -27.53 -18.15
N SER A 178 -5.04 -31.77 -18.11
CA SER A 178 -4.69 -32.94 -17.30
C SER A 178 -3.18 -32.96 -17.10
N ALA A 179 -2.72 -33.75 -16.14
CA ALA A 179 -1.30 -33.87 -15.88
C ALA A 179 -0.59 -34.35 -17.14
N GLU A 180 -1.25 -35.20 -17.91
CA GLU A 180 -0.69 -35.74 -19.13
C GLU A 180 -0.53 -34.62 -20.17
N ALA A 181 -1.54 -33.76 -20.28
CA ALA A 181 -1.49 -32.66 -21.23
C ALA A 181 -0.40 -31.67 -20.83
N ILE A 182 -0.28 -31.40 -19.54
CA ILE A 182 0.72 -30.47 -19.05
C ILE A 182 2.13 -31.00 -19.36
N GLU A 183 2.35 -32.30 -19.18
CA GLU A 183 3.65 -32.90 -19.45
C GLU A 183 3.94 -32.81 -20.95
N LEU A 184 2.90 -33.02 -21.75
CA LEU A 184 3.02 -32.96 -23.20
C LEU A 184 3.38 -31.53 -23.61
N ALA A 185 2.82 -30.55 -22.91
CA ALA A 185 3.10 -29.14 -23.21
C ALA A 185 4.59 -28.90 -23.03
N TYR A 186 5.13 -29.43 -21.93
CA TYR A 186 6.55 -29.29 -21.65
C TYR A 186 7.42 -29.95 -22.71
N ARG A 187 7.02 -31.14 -23.15
CA ARG A 187 7.78 -31.88 -24.16
C ARG A 187 7.76 -31.14 -25.49
N ARG A 188 6.67 -30.44 -25.78
CA ARG A 188 6.58 -29.67 -27.02
C ARG A 188 7.60 -28.55 -27.00
N VAL A 189 7.71 -27.85 -25.87
CA VAL A 189 8.67 -26.76 -25.75
C VAL A 189 10.10 -27.32 -25.86
N LYS A 190 10.35 -28.44 -25.20
CA LYS A 190 11.66 -29.06 -25.24
C LYS A 190 12.01 -29.55 -26.63
N ALA A 191 11.02 -30.08 -27.36
CA ALA A 191 11.26 -30.56 -28.71
C ALA A 191 11.66 -29.39 -29.62
N VAL A 192 11.05 -28.23 -29.41
CA VAL A 192 11.38 -27.05 -30.20
C VAL A 192 12.80 -26.59 -29.91
N ARG A 193 13.19 -26.58 -28.63
CA ARG A 193 14.53 -26.17 -28.25
C ARG A 193 15.56 -27.14 -28.84
N ASP A 194 15.32 -28.44 -28.67
CA ASP A 194 16.23 -29.45 -29.18
C ASP A 194 16.39 -29.39 -30.69
N ALA A 195 15.30 -29.16 -31.40
CA ALA A 195 15.34 -29.09 -32.86
C ALA A 195 15.92 -27.76 -33.37
N ALA A 196 15.65 -26.67 -32.65
CA ALA A 196 16.15 -25.38 -33.10
C ALA A 196 17.61 -25.16 -32.76
N GLY A 197 18.07 -25.76 -31.67
CA GLY A 197 19.45 -25.59 -31.27
C GLY A 197 19.50 -24.48 -30.21
N PRO A 198 20.64 -24.29 -29.54
CA PRO A 198 20.79 -23.27 -28.50
C PRO A 198 20.84 -21.80 -28.96
N GLU A 199 21.06 -21.57 -30.24
CA GLU A 199 21.18 -20.21 -30.75
C GLU A 199 19.88 -19.52 -31.13
N ILE A 200 18.79 -20.26 -31.25
CA ILE A 200 17.51 -19.67 -31.63
C ILE A 200 16.75 -19.15 -30.41
N GLU A 201 16.24 -17.92 -30.53
CA GLU A 201 15.47 -17.32 -29.44
C GLU A 201 14.06 -17.90 -29.51
N LEU A 202 13.55 -18.35 -28.38
CA LEU A 202 12.21 -18.92 -28.34
C LEU A 202 11.27 -18.11 -27.46
N VAL A 204 7.46 -18.14 -25.80
CA VAL A 204 6.36 -19.02 -25.48
C VAL A 204 5.09 -18.21 -25.18
N ASP A 205 4.10 -18.37 -26.04
CA ASP A 205 2.82 -17.68 -25.85
C ASP A 205 1.85 -18.64 -25.15
N LEU A 206 1.36 -18.24 -23.98
CA LEU A 206 0.42 -19.08 -23.24
C LEU A 206 -1.02 -18.68 -23.53
N SER A 207 -1.18 -17.54 -24.19
CA SER A 207 -2.50 -17.02 -24.56
C SER A 207 -3.52 -17.14 -23.44
N GLY A 208 -3.15 -16.75 -22.23
CA GLY A 208 -4.06 -16.83 -21.11
C GLY A 208 -3.64 -17.82 -20.04
N GLY A 209 -2.94 -18.87 -20.45
CA GLY A 209 -2.46 -19.87 -19.52
C GLY A 209 -3.51 -20.69 -18.79
N LEU A 210 -3.13 -21.16 -17.61
CA LEU A 210 -4.01 -21.96 -16.77
C LEU A 210 -4.28 -21.13 -15.52
N THR A 211 -4.58 -21.80 -14.40
CA THR A 211 -4.79 -21.08 -13.16
C THR A 211 -3.38 -20.66 -12.73
N THR A 212 -3.31 -19.67 -11.85
CA THR A 212 -2.03 -19.12 -11.41
C THR A 212 -1.00 -20.15 -10.94
N ASP A 213 -1.40 -21.01 -10.02
CA ASP A 213 -0.50 -22.02 -9.50
C ASP A 213 0.14 -22.90 -10.59
N GLU A 214 -0.68 -23.50 -11.45
CA GLU A 214 -0.15 -24.36 -12.49
C GLU A 214 0.66 -23.60 -13.54
N THR A 215 0.30 -22.34 -13.77
CA THR A 215 1.04 -21.54 -14.75
C THR A 215 2.45 -21.27 -14.23
N ILE A 216 2.55 -20.92 -12.96
CA ILE A 216 3.85 -20.66 -12.34
C ILE A 216 4.67 -21.96 -12.43
N ARG A 217 4.04 -23.08 -12.07
CA ARG A 217 4.72 -24.36 -12.12
C ARG A 217 5.27 -24.63 -13.53
N PHE A 218 4.46 -24.42 -14.55
CA PHE A 218 4.88 -24.65 -15.93
C PHE A 218 6.03 -23.73 -16.37
N CYS A 219 5.96 -22.45 -16.02
CA CYS A 219 7.01 -21.51 -16.41
C CYS A 219 8.34 -21.86 -15.74
N ARG A 220 8.28 -22.34 -14.51
CA ARG A 220 9.50 -22.72 -13.82
C ARG A 220 10.10 -23.97 -14.49
N LYS A 221 9.23 -24.87 -14.92
CA LYS A 221 9.70 -26.09 -15.56
C LYS A 221 10.43 -25.81 -16.86
N ILE A 222 9.91 -24.88 -17.67
CA ILE A 222 10.56 -24.58 -18.95
C ILE A 222 11.69 -23.57 -18.86
N GLY A 223 11.87 -22.97 -17.68
CA GLY A 223 12.91 -21.97 -17.51
C GLY A 223 14.31 -22.43 -17.92
N GLU A 224 14.56 -23.73 -17.78
CA GLU A 224 15.85 -24.32 -18.12
C GLU A 224 16.02 -24.47 -19.63
N LEU A 225 14.96 -24.22 -20.39
CA LEU A 225 15.04 -24.34 -21.85
C LEU A 225 15.44 -23.02 -22.53
N ASP A 226 15.79 -22.02 -21.72
CA ASP A 226 16.21 -20.70 -22.19
C ASP A 226 15.15 -20.00 -23.03
N ILE A 227 14.12 -19.51 -22.35
CA ILE A 227 13.01 -18.83 -23.00
C ILE A 227 13.19 -17.31 -22.99
N CYS A 228 13.06 -16.69 -24.16
CA CYS A 228 13.20 -15.25 -24.28
C CYS A 228 12.11 -14.58 -23.42
N PHE A 229 10.86 -14.95 -23.66
CA PHE A 229 9.76 -14.43 -22.85
C PHE A 229 8.50 -15.29 -22.97
N VAL A 230 7.61 -15.15 -21.99
CA VAL A 230 6.35 -15.86 -21.99
C VAL A 230 5.28 -14.78 -22.17
N GLU A 231 4.38 -14.99 -23.11
CA GLU A 231 3.31 -14.05 -23.42
C GLU A 231 1.98 -14.41 -22.77
N GLU A 232 1.30 -13.39 -22.24
CA GLU A 232 0.01 -13.57 -21.58
C GLU A 232 -0.03 -14.82 -20.70
N PRO A 233 0.77 -14.87 -19.62
CA PRO A 233 0.76 -16.05 -18.75
C PRO A 233 -0.59 -16.25 -18.06
N CYS A 234 -1.40 -15.20 -18.01
CA CYS A 234 -2.71 -15.34 -17.39
C CYS A 234 -3.73 -14.57 -18.21
N ASP A 235 -5.00 -14.79 -17.89
CA ASP A 235 -6.09 -14.13 -18.58
C ASP A 235 -5.88 -12.62 -18.52
N PRO A 236 -5.93 -11.93 -19.67
CA PRO A 236 -5.74 -10.48 -19.76
C PRO A 236 -6.67 -9.72 -18.81
N PHE A 237 -7.78 -10.35 -18.41
CA PHE A 237 -8.74 -9.73 -17.49
C PHE A 237 -8.19 -9.63 -16.06
N ASP A 238 -7.27 -10.52 -15.70
CA ASP A 238 -6.72 -10.56 -14.34
C ASP A 238 -5.30 -10.02 -14.18
N ASN A 239 -5.20 -8.75 -13.83
CA ASN A 239 -3.89 -8.13 -13.64
C ASN A 239 -3.25 -8.44 -12.29
N GLY A 240 -4.06 -8.96 -11.36
CA GLY A 240 -3.53 -9.32 -10.06
C GLY A 240 -2.71 -10.58 -10.24
N ALA A 241 -3.25 -11.52 -11.01
CA ALA A 241 -2.53 -12.77 -11.28
C ALA A 241 -1.26 -12.44 -12.05
N LEU A 242 -1.35 -11.47 -12.97
CA LEU A 242 -0.18 -11.08 -13.75
C LEU A 242 0.98 -10.64 -12.86
N LYS A 243 0.70 -9.81 -11.85
CA LYS A 243 1.78 -9.37 -10.98
C LYS A 243 2.33 -10.50 -10.12
N VAL A 244 1.45 -11.33 -9.57
CA VAL A 244 1.87 -12.45 -8.75
C VAL A 244 2.76 -13.37 -9.57
N ILE A 245 2.35 -13.66 -10.80
CA ILE A 245 3.12 -14.52 -11.66
C ILE A 245 4.50 -13.92 -11.94
N SER A 246 4.56 -12.63 -12.25
CA SER A 246 5.85 -11.99 -12.53
C SER A 246 6.83 -12.11 -11.36
N GLU A 247 6.32 -12.12 -10.13
CA GLU A 247 7.16 -12.22 -8.95
C GLU A 247 7.55 -13.66 -8.64
N GLN A 248 6.89 -14.62 -9.27
CA GLN A 248 7.14 -16.02 -8.98
C GLN A 248 7.84 -16.84 -10.06
N ILE A 249 8.01 -16.28 -11.26
CA ILE A 249 8.67 -17.03 -12.32
C ILE A 249 9.96 -16.37 -12.76
N PRO A 250 10.88 -17.15 -13.33
CA PRO A 250 12.17 -16.61 -13.80
C PRO A 250 12.17 -16.11 -15.24
N LEU A 251 11.00 -16.07 -15.87
CA LEU A 251 10.92 -15.64 -17.26
C LEU A 251 10.34 -14.25 -17.44
N PRO A 252 10.86 -13.48 -18.42
CA PRO A 252 10.34 -12.13 -18.65
C PRO A 252 8.93 -12.31 -19.22
N ILE A 253 8.04 -11.36 -18.92
CA ILE A 253 6.67 -11.46 -19.39
C ILE A 253 6.35 -10.37 -20.40
N ALA A 254 5.50 -10.71 -21.36
CA ALA A 254 5.04 -9.78 -22.39
C ALA A 254 3.52 -9.91 -22.50
N VAL A 255 2.83 -8.79 -22.59
CA VAL A 255 1.36 -8.77 -22.74
C VAL A 255 1.02 -7.59 -23.64
N GLY A 256 -0.24 -7.48 -24.04
CA GLY A 256 -0.62 -6.35 -24.86
C GLY A 256 -1.53 -6.64 -26.04
N GLU A 257 -1.53 -7.87 -26.52
CA GLU A 257 -2.38 -8.23 -27.66
C GLU A 257 -3.84 -7.96 -27.35
N ARG A 258 -4.21 -8.06 -26.09
CA ARG A 258 -5.60 -7.83 -25.73
C ARG A 258 -5.78 -6.69 -24.72
N VAL A 259 -4.95 -5.66 -24.86
CA VAL A 259 -5.03 -4.46 -24.03
C VAL A 259 -5.22 -3.31 -25.02
N TYR A 260 -6.09 -2.35 -24.68
CA TYR A 260 -6.40 -1.28 -25.62
C TYR A 260 -6.27 0.16 -25.14
N THR A 261 -5.66 0.99 -25.98
CA THR A 261 -5.39 2.41 -25.75
C THR A 261 -4.46 2.69 -24.59
N ARG A 262 -4.04 3.95 -24.48
CA ARG A 262 -3.18 4.40 -23.39
C ARG A 262 -3.85 4.09 -22.07
N PHE A 263 -5.18 4.22 -22.05
CA PHE A 263 -5.96 4.01 -20.84
C PHE A 263 -5.94 2.56 -20.40
N GLY A 264 -5.89 1.64 -21.37
CA GLY A 264 -5.83 0.23 -21.03
C GLY A 264 -4.41 -0.12 -20.59
N PHE A 265 -3.41 0.41 -21.29
CA PHE A 265 -2.04 0.13 -20.94
C PHE A 265 -1.58 0.72 -19.61
N ARG A 266 -2.23 1.79 -19.16
CA ARG A 266 -1.86 2.39 -17.88
C ARG A 266 -1.96 1.31 -16.79
N LYS A 267 -3.00 0.47 -16.85
CA LYS A 267 -3.18 -0.60 -15.87
C LYS A 267 -1.99 -1.56 -15.88
N ILE A 268 -1.40 -1.77 -17.05
CA ILE A 268 -0.24 -2.66 -17.17
C ILE A 268 1.01 -1.97 -16.63
N PHE A 269 1.24 -0.74 -17.07
CA PHE A 269 2.41 0.02 -16.65
C PHE A 269 2.55 0.09 -15.13
N GLU A 270 1.45 0.46 -14.48
CA GLU A 270 1.46 0.60 -13.03
C GLU A 270 1.74 -0.70 -12.27
N LEU A 271 1.62 -1.84 -12.93
CA LEU A 271 1.90 -3.12 -12.28
C LEU A 271 3.41 -3.35 -12.24
N GLN A 272 4.11 -2.82 -13.23
CA GLN A 272 5.55 -3.01 -13.33
C GLN A 272 5.86 -4.49 -13.16
N ALA A 273 5.13 -5.30 -13.91
CA ALA A 273 5.29 -6.75 -13.87
C ALA A 273 5.79 -7.26 -15.22
N CYS A 274 5.60 -6.46 -16.27
CA CYS A 274 5.99 -6.81 -17.63
C CYS A 274 7.23 -6.06 -18.08
N GLY A 275 7.99 -6.67 -18.96
CA GLY A 275 9.18 -6.02 -19.50
C GLY A 275 8.95 -5.70 -20.96
N ILE A 276 7.86 -6.24 -21.52
CA ILE A 276 7.54 -6.05 -22.93
C ILE A 276 6.03 -5.91 -23.16
N ILE A 277 5.64 -4.95 -24.00
CA ILE A 277 4.22 -4.81 -24.31
C ILE A 277 4.08 -5.11 -25.80
N GLN A 278 2.93 -5.66 -26.17
CA GLN A 278 2.68 -6.06 -27.56
C GLN A 278 1.40 -5.49 -28.14
N PRO A 279 1.26 -4.16 -28.17
CA PRO A 279 0.04 -3.58 -28.73
C PRO A 279 -0.07 -3.88 -30.21
N ASP A 280 -1.30 -3.92 -30.71
CA ASP A 280 -1.56 -4.16 -32.13
C ASP A 280 -2.12 -2.83 -32.66
N ILE A 281 -1.48 -2.24 -33.68
CA ILE A 281 -1.99 -0.95 -34.18
C ILE A 281 -3.41 -1.05 -34.69
N GLY A 282 -3.85 -2.27 -34.99
CA GLY A 282 -5.21 -2.49 -35.48
C GLY A 282 -6.27 -2.67 -34.41
N THR A 283 -5.85 -2.68 -33.15
CA THR A 283 -6.79 -2.82 -32.04
C THR A 283 -6.49 -1.85 -30.89
N ALA A 284 -5.23 -1.46 -30.73
CA ALA A 284 -4.83 -0.57 -29.64
C ALA A 284 -5.34 0.87 -29.76
N GLY A 285 -5.81 1.25 -30.94
CA GLY A 285 -6.32 2.60 -31.11
C GLY A 285 -5.84 3.29 -32.37
N GLY A 286 -4.85 2.69 -33.03
CA GLY A 286 -4.33 3.29 -34.25
C GLY A 286 -2.84 3.52 -34.17
N LEU A 287 -2.28 4.16 -35.19
CA LEU A 287 -0.84 4.42 -35.24
C LEU A 287 -0.34 5.44 -34.23
N GLU A 289 -2.00 6.55 -31.53
CA GLU A 289 -2.33 6.07 -30.20
C GLU A 289 -1.27 5.04 -29.75
N THR A 290 -0.85 4.17 -30.66
CA THR A 290 0.15 3.18 -30.31
C THR A 290 1.51 3.84 -30.10
N LYS A 291 1.81 4.89 -30.88
CA LYS A 291 3.07 5.60 -30.69
C LYS A 291 3.05 6.20 -29.26
N LYS A 292 1.89 6.73 -28.86
CA LYS A 292 1.74 7.31 -27.52
C LYS A 292 1.91 6.23 -26.46
N ILE A 293 1.31 5.06 -26.70
CA ILE A 293 1.43 3.95 -25.78
C ILE A 293 2.91 3.56 -25.63
N CYS A 294 3.64 3.50 -26.74
CA CYS A 294 5.05 3.14 -26.70
C CYS A 294 5.87 4.20 -25.96
N ALA A 295 5.52 5.46 -26.14
CA ALA A 295 6.23 6.54 -25.45
C ALA A 295 6.04 6.40 -23.95
N ALA A 297 5.36 3.61 -22.40
CA ALA A 297 6.07 2.39 -22.01
C ALA A 297 7.52 2.69 -21.67
N GLU A 298 8.13 3.62 -22.40
CA GLU A 298 9.52 3.98 -22.16
C GLU A 298 9.71 4.57 -20.77
N ALA A 299 8.68 5.19 -20.23
CA ALA A 299 8.77 5.78 -18.89
C ALA A 299 8.74 4.68 -17.84
N TYR A 300 8.51 3.45 -18.29
CA TYR A 300 8.46 2.30 -17.38
C TYR A 300 9.53 1.27 -17.68
N ASN A 301 10.57 1.70 -18.39
CA ASN A 301 11.69 0.84 -18.72
C ASN A 301 11.28 -0.40 -19.52
N ARG A 303 10.17 -2.33 -23.37
CA ARG A 303 10.42 -2.31 -24.81
C ARG A 303 9.14 -2.80 -25.52
N VAL A 304 9.12 -2.69 -26.85
CA VAL A 304 7.93 -3.05 -27.60
C VAL A 304 8.08 -4.06 -28.73
N ALA A 305 7.21 -5.07 -28.72
CA ALA A 305 7.18 -6.09 -29.76
C ALA A 305 5.74 -6.06 -30.28
N PRO A 306 5.44 -5.14 -31.21
CA PRO A 306 4.11 -4.99 -31.79
C PRO A 306 3.51 -6.28 -32.31
N HIS A 307 2.26 -6.53 -31.94
CA HIS A 307 1.59 -7.73 -32.42
C HIS A 307 0.96 -7.38 -33.75
N VAL A 308 1.10 -8.27 -34.72
CA VAL A 308 0.52 -8.04 -36.03
C VAL A 308 0.15 -9.37 -36.69
N CYS A 309 -1.11 -9.50 -37.06
CA CYS A 309 -1.60 -10.69 -37.73
C CYS A 309 -2.85 -10.35 -38.54
N GLY A 310 -2.64 -10.03 -39.82
CA GLY A 310 -3.73 -9.70 -40.71
C GLY A 310 -3.22 -9.78 -42.14
N SER A 311 -3.61 -8.83 -42.97
CA SER A 311 -3.16 -8.84 -44.36
C SER A 311 -1.86 -8.03 -44.47
N SER A 312 -1.32 -7.95 -45.67
CA SER A 312 -0.09 -7.19 -45.92
C SER A 312 -0.27 -5.72 -45.52
N LEU A 313 -1.51 -5.22 -45.55
CA LEU A 313 -1.75 -3.82 -45.20
C LEU A 313 -1.37 -3.52 -43.74
N ILE A 314 -1.97 -4.22 -42.79
CA ILE A 314 -1.64 -3.94 -41.39
C ILE A 314 -0.17 -4.20 -41.07
N GLU A 315 0.44 -5.14 -41.78
CA GLU A 315 1.86 -5.43 -41.55
C GLU A 315 2.70 -4.22 -41.99
N THR A 316 2.36 -3.68 -43.17
CA THR A 316 3.09 -2.53 -43.69
C THR A 316 2.86 -1.30 -42.81
N ALA A 317 1.63 -1.12 -42.36
CA ALA A 317 1.30 0.01 -41.50
C ALA A 317 2.11 -0.09 -40.19
N THR A 318 2.25 -1.30 -39.68
CA THR A 318 3.00 -1.53 -38.46
C THR A 318 4.46 -1.11 -38.63
N LEU A 319 5.00 -1.28 -39.84
CA LEU A 319 6.38 -0.89 -40.10
C LEU A 319 6.55 0.63 -39.94
N GLN A 320 5.49 1.38 -40.21
CA GLN A 320 5.54 2.83 -40.06
C GLN A 320 5.90 3.16 -38.61
N LEU A 321 5.32 2.41 -37.68
CA LEU A 321 5.56 2.62 -36.26
C LEU A 321 6.94 2.14 -35.85
N GLU A 322 7.29 0.92 -36.24
CA GLU A 322 8.57 0.32 -35.87
C GLU A 322 9.77 1.07 -36.44
N ALA A 323 9.53 1.89 -37.45
CA ALA A 323 10.61 2.66 -38.05
C ALA A 323 10.90 3.87 -37.17
N ASN A 324 9.90 4.27 -36.39
CA ASN A 324 9.98 5.48 -35.57
C ASN A 324 10.18 5.38 -34.05
N ILE A 325 9.61 4.38 -33.39
CA ILE A 325 9.74 4.28 -31.94
C ILE A 325 11.15 4.00 -31.45
N THR A 326 11.50 4.62 -30.33
CA THR A 326 12.82 4.46 -29.75
C THR A 326 13.00 3.18 -28.95
N ASN A 327 11.90 2.62 -28.43
CA ASN A 327 11.96 1.39 -27.65
C ASN A 327 11.43 0.15 -28.37
N PHE A 328 11.79 0.02 -29.65
CA PHE A 328 11.36 -1.12 -30.45
C PHE A 328 12.23 -2.33 -30.12
N ILE A 330 11.32 -6.13 -31.45
CA ILE A 330 11.33 -7.06 -32.57
C ILE A 330 9.96 -7.07 -33.26
N HIS A 331 9.92 -7.47 -34.53
CA HIS A 331 8.70 -7.52 -35.33
C HIS A 331 8.13 -8.95 -35.37
N GLU A 332 6.82 -9.09 -35.56
CA GLU A 332 6.17 -10.40 -35.63
C GLU A 332 5.64 -10.71 -37.04
N HIS A 333 5.94 -11.90 -37.55
CA HIS A 333 5.49 -12.29 -38.89
C HIS A 333 4.97 -13.74 -38.93
N TYR A 334 3.96 -13.98 -39.76
CA TYR A 334 3.35 -15.31 -39.93
C TYR A 334 3.53 -15.68 -41.40
N PRO A 335 4.77 -16.00 -41.82
CA PRO A 335 5.00 -16.36 -43.22
C PRO A 335 4.14 -17.49 -43.80
N ALA A 336 3.85 -18.51 -43.00
CA ALA A 336 3.05 -19.65 -43.47
C ALA A 336 1.63 -19.29 -43.96
N PHE A 337 1.03 -18.27 -43.37
CA PHE A 337 -0.32 -17.85 -43.75
C PHE A 337 -0.45 -17.41 -45.20
N LYS A 338 0.63 -16.90 -45.77
CA LYS A 338 0.61 -16.44 -47.14
C LYS A 338 0.45 -17.60 -48.14
N ALA A 339 0.64 -18.82 -47.67
CA ALA A 339 0.53 -20.00 -48.53
C ALA A 339 -0.84 -20.69 -48.46
N ASP A 340 -1.71 -20.22 -47.58
CA ASP A 340 -3.04 -20.81 -47.46
C ASP A 340 -3.77 -20.76 -48.79
N ASP A 341 -4.66 -21.72 -49.03
CA ASP A 341 -5.44 -21.69 -50.26
C ASP A 341 -6.35 -20.49 -50.10
N GLY A 342 -6.54 -19.73 -51.16
CA GLY A 342 -7.41 -18.57 -51.08
C GLY A 342 -6.79 -17.34 -50.44
N TYR A 343 -5.50 -17.38 -50.14
CA TYR A 343 -4.84 -16.20 -49.57
C TYR A 343 -5.03 -15.05 -50.54
N VAL A 344 -5.37 -13.88 -50.01
CA VAL A 344 -5.58 -12.70 -50.84
C VAL A 344 -4.55 -11.62 -50.60
N GLU A 345 -3.74 -11.33 -51.62
CA GLU A 345 -2.74 -10.27 -51.50
C GLU A 345 -3.47 -8.94 -51.71
N VAL A 346 -3.51 -8.11 -50.68
CA VAL A 346 -4.19 -6.82 -50.76
C VAL A 346 -3.30 -5.68 -51.24
N LEU A 347 -1.99 -5.89 -51.27
CA LEU A 347 -1.09 -4.83 -51.69
C LEU A 347 -0.41 -5.10 -53.02
N GLU A 348 -0.19 -4.03 -53.77
CA GLU A 348 0.49 -4.14 -55.06
C GLU A 348 1.97 -4.36 -54.77
N ASN A 349 2.43 -3.76 -53.67
CA ASN A 349 3.82 -3.84 -53.27
C ASN A 349 3.96 -4.30 -51.82
N PRO A 350 3.62 -5.56 -51.54
CA PRO A 350 3.72 -6.07 -50.17
C PRO A 350 5.17 -6.05 -49.70
N PRO A 351 5.38 -5.92 -48.38
CA PRO A 351 6.75 -5.89 -47.87
C PRO A 351 7.35 -7.30 -47.99
N SER A 352 8.59 -7.39 -48.44
CA SER A 352 9.20 -8.71 -48.56
C SER A 352 10.30 -8.95 -47.53
N ILE A 353 10.15 -10.02 -46.75
CA ILE A 353 11.16 -10.34 -45.76
C ILE A 353 12.37 -10.92 -46.44
N SER A 354 13.54 -10.65 -45.86
CA SER A 354 14.79 -11.18 -46.36
C SER A 354 15.49 -11.74 -45.14
N SER A 355 15.53 -13.07 -45.03
CA SER A 355 16.16 -13.73 -43.90
C SER A 355 15.63 -13.23 -42.56
N GLY A 356 14.32 -13.09 -42.46
CA GLY A 356 13.71 -12.66 -41.20
C GLY A 356 13.79 -11.17 -40.91
N TYR A 357 14.05 -10.39 -41.95
CA TYR A 357 14.17 -8.94 -41.81
C TYR A 357 13.25 -8.22 -42.79
N PHE A 358 12.64 -7.13 -42.34
CA PHE A 358 11.76 -6.33 -43.18
C PHE A 358 12.39 -4.96 -43.39
N GLU A 359 12.47 -4.51 -44.65
CA GLU A 359 13.02 -3.20 -44.94
C GLU A 359 11.88 -2.19 -44.75
N PRO A 361 9.35 0.60 -45.61
CA PRO A 361 8.86 1.06 -46.90
C PRO A 361 9.15 2.55 -47.06
N ASN A 362 9.29 3.01 -48.30
CA ASN A 362 9.60 4.41 -48.58
C ASN A 362 8.48 5.23 -49.25
N GLY A 363 7.40 4.57 -49.64
CA GLY A 363 6.30 5.28 -50.27
C GLY A 363 5.60 6.25 -49.33
N PRO A 364 4.87 7.24 -49.85
CA PRO A 364 4.16 8.20 -49.00
C PRO A 364 3.01 7.57 -48.21
N GLY A 365 2.66 8.18 -47.09
CA GLY A 365 1.59 7.64 -46.27
C GLY A 365 2.02 6.32 -45.66
N LEU A 366 1.15 5.31 -45.73
CA LEU A 366 1.50 4.01 -45.15
C LEU A 366 2.46 3.26 -46.06
N GLY A 367 2.65 3.79 -47.27
CA GLY A 367 3.55 3.15 -48.21
C GLY A 367 2.96 1.88 -48.78
N ALA A 368 1.63 1.79 -48.75
CA ALA A 368 0.91 0.61 -49.23
C ALA A 368 -0.14 0.98 -50.27
N VAL A 369 -0.09 0.31 -51.41
CA VAL A 369 -1.05 0.55 -52.50
C VAL A 369 -1.95 -0.68 -52.62
N LEU A 370 -3.24 -0.48 -52.42
CA LEU A 370 -4.21 -1.57 -52.49
C LEU A 370 -4.43 -2.04 -53.93
N ILE A 371 -4.77 -3.32 -54.06
CA ILE A 371 -5.07 -3.88 -55.38
C ILE A 371 -6.58 -4.00 -55.31
N LYS A 372 -7.26 -2.96 -55.79
CA LYS A 372 -8.71 -2.92 -55.75
C LYS A 372 -9.39 -4.16 -56.32
N ARG A 373 -8.86 -4.71 -57.41
CA ARG A 373 -9.47 -5.90 -58.00
C ARG A 373 -9.51 -7.07 -57.02
N ASN A 374 -8.52 -7.14 -56.12
CA ASN A 374 -8.47 -8.25 -55.17
C ASN A 374 -9.39 -8.12 -53.96
N ILE A 375 -9.69 -6.88 -53.56
CA ILE A 375 -10.56 -6.69 -52.39
C ILE A 375 -12.00 -6.34 -52.74
N GLU A 376 -12.22 -5.79 -53.94
CA GLU A 376 -13.56 -5.41 -54.36
C GLU A 376 -14.61 -6.53 -54.18
N PRO A 377 -14.23 -7.79 -54.47
CA PRO A 377 -15.20 -8.89 -54.32
C PRO A 377 -15.66 -9.05 -52.86
N TYR A 378 -14.88 -8.49 -51.94
CA TYR A 378 -15.20 -8.60 -50.53
C TYR A 378 -15.83 -7.34 -49.91
N LEU A 379 -16.21 -6.41 -50.77
CA LEU A 379 -16.86 -5.18 -50.31
C LEU A 379 -18.03 -5.61 -49.46
N TRP A 380 -18.10 -5.13 -48.22
CA TRP A 380 -19.15 -5.51 -47.29
C TRP A 380 -20.14 -4.37 -47.04
N ALA A 381 -19.67 -3.13 -47.16
CA ALA A 381 -20.54 -1.98 -46.96
C ALA A 381 -19.89 -0.73 -47.54
N SER A 382 -20.72 0.20 -47.98
CA SER A 382 -20.27 1.46 -48.56
C SER A 382 -21.05 2.60 -47.91
N CYS A 383 -20.35 3.65 -47.52
CA CYS A 383 -21.00 4.81 -46.89
C CYS A 383 -20.62 6.06 -47.65
N THR A 384 -21.62 6.78 -48.16
CA THR A 384 -21.37 8.02 -48.91
C THR A 384 -22.29 9.16 -48.45
N LEU B 3 -46.15 -24.93 -2.36
CA LEU B 3 -45.81 -25.84 -1.23
C LEU B 3 -45.61 -25.07 0.07
N LYS B 4 -45.74 -25.78 1.18
CA LYS B 4 -45.57 -25.24 2.52
C LYS B 4 -44.75 -26.24 3.33
N ILE B 5 -43.78 -25.75 4.10
CA ILE B 5 -42.98 -26.64 4.93
C ILE B 5 -43.84 -27.07 6.14
N THR B 6 -44.02 -28.37 6.30
CA THR B 6 -44.84 -28.90 7.39
C THR B 6 -44.04 -29.44 8.59
N GLY B 7 -42.77 -29.76 8.37
CA GLY B 7 -41.96 -30.27 9.46
C GLY B 7 -40.50 -30.46 9.10
N VAL B 8 -39.66 -30.49 10.12
CA VAL B 8 -38.23 -30.67 9.94
C VAL B 8 -37.72 -31.68 10.96
N ASN B 9 -36.94 -32.64 10.48
CA ASN B 9 -36.36 -33.67 11.33
C ASN B 9 -34.84 -33.57 11.27
N ILE B 10 -34.22 -33.60 12.45
CA ILE B 10 -32.77 -33.52 12.57
C ILE B 10 -32.27 -34.89 13.06
N TYR B 11 -31.24 -35.41 12.40
CA TYR B 11 -30.65 -36.70 12.75
C TYR B 11 -29.18 -36.55 13.10
N LEU B 12 -28.83 -36.89 14.34
CA LEU B 12 -27.44 -36.83 14.78
C LEU B 12 -26.95 -38.27 14.82
N LEU B 13 -26.23 -38.67 13.77
CA LEU B 13 -25.75 -40.03 13.67
C LEU B 13 -24.41 -40.35 14.32
N LYS B 14 -24.19 -41.65 14.45
CA LYS B 14 -22.95 -42.21 14.96
C LYS B 14 -22.64 -43.17 13.81
N SER B 15 -21.69 -42.79 12.97
CA SER B 15 -21.31 -43.62 11.83
C SER B 15 -19.81 -43.82 11.81
N GLY B 16 -19.37 -44.95 12.36
CA GLY B 16 -17.94 -45.21 12.41
C GLY B 16 -17.26 -44.12 13.21
N ARG B 17 -16.21 -43.55 12.64
CA ARG B 17 -15.46 -42.50 13.30
C ARG B 17 -16.16 -41.13 13.16
N LEU B 18 -17.27 -41.07 12.42
CA LEU B 18 -17.98 -39.82 12.21
C LEU B 18 -19.32 -39.67 12.94
N HIS B 19 -19.82 -38.44 12.98
CA HIS B 19 -21.11 -38.12 13.58
C HIS B 19 -21.84 -37.17 12.64
N PRO B 20 -22.26 -37.69 11.46
CA PRO B 20 -22.97 -36.87 10.48
C PRO B 20 -24.25 -36.27 11.05
N VAL B 21 -24.59 -35.07 10.60
CA VAL B 21 -25.79 -34.38 11.04
C VAL B 21 -26.66 -34.17 9.81
N LEU B 22 -27.84 -34.77 9.80
CA LEU B 22 -28.73 -34.66 8.65
C LEU B 22 -30.04 -33.95 8.97
N VAL B 23 -30.63 -33.36 7.95
CA VAL B 23 -31.91 -32.69 8.10
C VAL B 23 -32.84 -33.16 6.98
N GLU B 24 -34.12 -33.30 7.31
CA GLU B 24 -35.11 -33.72 6.32
C GLU B 24 -36.28 -32.76 6.42
N ILE B 25 -36.56 -32.06 5.33
CA ILE B 25 -37.68 -31.12 5.33
C ILE B 25 -38.90 -31.70 4.63
N SER B 26 -40.05 -31.62 5.30
CA SER B 26 -41.30 -32.14 4.76
C SER B 26 -42.22 -31.01 4.34
N THR B 27 -42.99 -31.25 3.29
CA THR B 27 -43.94 -30.27 2.75
C THR B 27 -45.35 -30.86 2.74
N ASP B 28 -46.36 -30.00 2.69
CA ASP B 28 -47.73 -30.48 2.70
C ASP B 28 -48.08 -31.43 1.56
N GLU B 29 -47.42 -31.26 0.41
CA GLU B 29 -47.69 -32.12 -0.74
C GLU B 29 -46.83 -33.38 -0.80
N GLY B 30 -46.15 -33.68 0.29
CA GLY B 30 -45.33 -34.88 0.35
C GLY B 30 -43.94 -34.85 -0.23
N ILE B 31 -43.52 -33.71 -0.78
CA ILE B 31 -42.17 -33.65 -1.34
C ILE B 31 -41.21 -33.36 -0.20
N THR B 32 -40.21 -34.22 -0.04
CA THR B 32 -39.24 -34.04 1.03
C THR B 32 -37.88 -33.62 0.49
N GLY B 33 -37.11 -32.92 1.31
CA GLY B 33 -35.78 -32.48 0.93
C GLY B 33 -34.80 -32.90 1.98
N ALA B 34 -33.60 -33.30 1.57
CA ALA B 34 -32.57 -33.73 2.51
C ALA B 34 -31.33 -32.85 2.42
N GLY B 35 -30.66 -32.67 3.56
CA GLY B 35 -29.44 -31.86 3.60
C GLY B 35 -28.52 -32.34 4.72
N GLU B 36 -27.23 -32.01 4.64
CA GLU B 36 -26.27 -32.43 5.66
C GLU B 36 -25.34 -31.30 6.09
N ALA B 37 -25.21 -31.10 7.40
CA ALA B 37 -24.33 -30.06 7.92
C ALA B 37 -22.92 -30.66 7.93
N GLY B 38 -21.93 -29.88 7.49
CA GLY B 38 -20.57 -30.37 7.43
C GLY B 38 -19.78 -30.51 8.72
N ILE B 39 -20.46 -30.83 9.82
CA ILE B 39 -19.79 -31.00 11.11
C ILE B 39 -19.88 -32.47 11.48
N ALA B 40 -19.31 -33.34 10.64
CA ALA B 40 -19.36 -34.78 10.86
C ALA B 40 -18.15 -35.28 11.63
N TYR B 41 -17.17 -34.41 11.83
CA TYR B 41 -15.97 -34.74 12.56
C TYR B 41 -15.63 -33.52 13.40
N GLY B 42 -14.60 -33.63 14.22
CA GLY B 42 -14.24 -32.53 15.09
C GLY B 42 -15.21 -32.50 16.25
N VAL B 43 -15.19 -31.41 17.01
CA VAL B 43 -16.06 -31.28 18.16
C VAL B 43 -17.16 -30.25 17.87
N GLY B 44 -18.41 -30.71 17.87
CA GLY B 44 -19.52 -29.80 17.61
C GLY B 44 -20.75 -30.41 16.94
N GLY B 45 -20.74 -31.73 16.76
CA GLY B 45 -21.88 -32.38 16.12
C GLY B 45 -23.22 -32.03 16.74
N THR B 46 -23.27 -31.96 18.07
CA THR B 46 -24.50 -31.64 18.77
C THR B 46 -24.87 -30.16 18.64
N ALA B 47 -23.86 -29.31 18.50
CA ALA B 47 -24.10 -27.88 18.32
C ALA B 47 -24.76 -27.68 16.94
N ALA B 48 -24.26 -28.42 15.94
CA ALA B 48 -24.82 -28.32 14.59
C ALA B 48 -26.28 -28.78 14.58
N ALA B 49 -26.57 -29.90 15.24
CA ALA B 49 -27.94 -30.40 15.31
C ALA B 49 -28.81 -29.37 16.03
N GLY B 50 -28.28 -28.79 17.10
CA GLY B 50 -29.01 -27.79 17.85
C GLY B 50 -29.29 -26.55 17.03
N ILE B 52 -29.59 -26.38 13.70
CA ILE B 52 -30.61 -26.68 12.70
C ILE B 52 -31.98 -26.61 13.35
N LYS B 53 -32.06 -27.07 14.60
CA LYS B 53 -33.32 -27.06 15.34
C LYS B 53 -33.77 -25.61 15.57
N ASP B 54 -32.86 -24.78 16.05
CA ASP B 54 -33.20 -23.38 16.31
C ASP B 54 -33.59 -22.62 15.04
N LEU B 55 -32.83 -22.81 13.96
CA LEU B 55 -33.12 -22.15 12.70
C LEU B 55 -34.48 -22.62 12.16
N SER B 56 -34.71 -23.92 12.23
CA SER B 56 -35.95 -24.50 11.75
C SER B 56 -37.18 -23.96 12.48
N GLU B 57 -37.15 -23.97 13.81
CA GLU B 57 -38.27 -23.50 14.61
C GLU B 57 -38.56 -22.01 14.45
N ARG B 58 -37.52 -21.24 14.16
CA ARG B 58 -37.69 -19.81 14.00
C ARG B 58 -38.00 -19.36 12.57
N PHE B 59 -37.42 -20.02 11.58
CA PHE B 59 -37.59 -19.57 10.19
C PHE B 59 -38.26 -20.46 9.15
N LEU B 60 -38.44 -21.74 9.40
CA LEU B 60 -38.98 -22.61 8.34
C LEU B 60 -40.43 -23.10 8.33
N ILE B 61 -40.97 -23.48 9.49
CA ILE B 61 -42.33 -24.01 9.52
C ILE B 61 -43.37 -23.08 8.93
N GLY B 62 -44.15 -23.62 7.99
CA GLY B 62 -45.21 -22.84 7.36
C GLY B 62 -44.79 -22.00 6.17
N LYS B 63 -43.49 -21.97 5.85
CA LYS B 63 -43.03 -21.15 4.73
C LYS B 63 -42.96 -21.85 3.39
N ASP B 64 -42.96 -21.05 2.33
CA ASP B 64 -42.88 -21.52 0.95
C ASP B 64 -41.43 -21.88 0.66
N PRO B 65 -41.12 -23.17 0.48
CA PRO B 65 -39.74 -23.59 0.21
C PRO B 65 -39.13 -23.17 -1.14
N SER B 66 -39.94 -22.66 -2.07
CA SER B 66 -39.43 -22.26 -3.37
C SER B 66 -38.59 -20.98 -3.27
N ARG B 67 -38.81 -20.20 -2.22
CA ARG B 67 -38.07 -18.95 -2.03
C ARG B 67 -36.78 -19.23 -1.26
N ILE B 68 -35.85 -19.93 -1.90
CA ILE B 68 -34.60 -20.29 -1.27
C ILE B 68 -33.72 -19.09 -0.93
N GLU B 69 -33.55 -18.18 -1.89
CA GLU B 69 -32.73 -16.99 -1.65
C GLU B 69 -33.29 -16.14 -0.51
N GLU B 70 -34.61 -16.00 -0.45
CA GLU B 70 -35.22 -15.20 0.60
C GLU B 70 -35.04 -15.89 1.97
N LEU B 71 -35.23 -17.21 1.99
CA LEU B 71 -35.07 -17.98 3.23
C LEU B 71 -33.64 -17.84 3.75
N TRP B 72 -32.67 -17.99 2.85
CA TRP B 72 -31.25 -17.88 3.20
C TRP B 72 -30.98 -16.48 3.73
N SER B 73 -31.48 -15.49 2.99
CA SER B 73 -31.31 -14.09 3.33
C SER B 73 -31.90 -13.77 4.70
N THR B 74 -33.06 -14.38 4.99
CA THR B 74 -33.75 -14.17 6.26
C THR B 74 -32.93 -14.74 7.43
N TYR B 76 -29.77 -15.27 7.48
CA TYR B 76 -28.56 -14.48 7.62
C TYR B 76 -28.87 -13.20 8.39
N ASP B 77 -29.88 -12.48 7.90
CA ASP B 77 -30.28 -11.19 8.48
C ASP B 77 -30.81 -11.20 9.91
N HIS B 78 -31.58 -12.22 10.25
CA HIS B 78 -32.21 -12.25 11.54
C HIS B 78 -31.80 -13.30 12.57
N SER B 79 -30.71 -14.02 12.31
CA SER B 79 -30.25 -15.01 13.28
C SER B 79 -29.30 -14.32 14.24
N PHE B 80 -28.83 -13.14 13.82
CA PHE B 80 -27.87 -12.31 14.55
C PHE B 80 -26.45 -12.86 14.46
N TRP B 81 -26.30 -14.17 14.72
CA TRP B 81 -24.99 -14.81 14.72
C TRP B 81 -24.39 -15.13 13.34
N ALA B 82 -25.17 -14.95 12.29
CA ALA B 82 -24.70 -15.21 10.93
C ALA B 82 -23.74 -14.11 10.45
N LYS B 83 -23.91 -12.89 10.94
CA LYS B 83 -23.01 -11.80 10.54
C LYS B 83 -21.63 -12.05 11.12
N ASN B 84 -20.68 -12.32 10.22
CA ASN B 84 -19.30 -12.67 10.57
C ASN B 84 -19.38 -14.03 11.29
N GLY B 85 -20.39 -14.80 10.90
CA GLY B 85 -20.63 -16.10 11.48
C GLY B 85 -19.62 -17.18 11.15
N GLY B 86 -19.69 -18.27 11.91
CA GLY B 86 -18.76 -19.38 11.72
C GLY B 86 -19.36 -20.68 11.24
N ALA B 87 -18.60 -21.75 11.44
CA ALA B 87 -18.96 -23.08 11.01
C ALA B 87 -20.30 -23.63 11.48
N ILE B 88 -20.66 -23.36 12.73
CA ILE B 88 -21.92 -23.88 13.25
C ILE B 88 -23.15 -23.23 12.61
N ILE B 89 -23.22 -21.91 12.68
CA ILE B 89 -24.35 -21.21 12.08
C ILE B 89 -24.47 -21.53 10.59
N PHE B 90 -23.37 -21.47 9.85
CA PHE B 90 -23.44 -21.76 8.42
C PHE B 90 -23.58 -23.23 8.03
N ALA B 91 -23.25 -24.14 8.94
CA ALA B 91 -23.43 -25.55 8.63
C ALA B 91 -24.92 -25.81 8.78
N GLY B 92 -25.55 -25.11 9.73
CA GLY B 92 -26.97 -25.27 9.94
C GLY B 92 -27.72 -24.73 8.74
N ILE B 93 -27.35 -23.53 8.33
CA ILE B 93 -27.95 -22.89 7.16
C ILE B 93 -27.68 -23.70 5.91
N SER B 94 -26.47 -24.25 5.79
CA SER B 94 -26.10 -25.04 4.62
C SER B 94 -26.96 -26.28 4.46
N ALA B 95 -27.11 -27.03 5.54
CA ALA B 95 -27.90 -28.26 5.50
C ALA B 95 -29.33 -27.94 5.08
N ILE B 96 -29.87 -26.87 5.63
CA ILE B 96 -31.23 -26.46 5.30
C ILE B 96 -31.31 -26.07 3.83
N GLU B 97 -30.39 -25.23 3.37
CA GLU B 97 -30.37 -24.78 1.98
C GLU B 97 -30.31 -25.96 1.01
N GLN B 98 -29.46 -26.95 1.30
CA GLN B 98 -29.34 -28.13 0.46
C GLN B 98 -30.70 -28.81 0.28
N ALA B 99 -31.41 -28.95 1.39
CA ALA B 99 -32.72 -29.61 1.39
C ALA B 99 -33.73 -28.84 0.56
N LEU B 100 -33.64 -27.51 0.59
CA LEU B 100 -34.55 -26.68 -0.18
C LEU B 100 -34.31 -26.89 -1.67
N TRP B 101 -33.04 -26.98 -2.07
CA TRP B 101 -32.73 -27.19 -3.47
C TRP B 101 -33.18 -28.58 -3.90
N ASP B 102 -33.09 -29.53 -2.97
CA ASP B 102 -33.52 -30.90 -3.26
C ASP B 102 -35.02 -30.84 -3.57
N ILE B 103 -35.76 -30.10 -2.76
CA ILE B 103 -37.20 -29.98 -2.96
C ILE B 103 -37.50 -29.31 -4.31
N LYS B 104 -36.77 -28.25 -4.65
CA LYS B 104 -37.01 -27.54 -5.91
C LYS B 104 -36.74 -28.44 -7.11
N GLY B 105 -35.64 -29.18 -7.07
CA GLY B 105 -35.31 -30.08 -8.16
C GLY B 105 -36.36 -31.17 -8.31
N LYS B 106 -36.84 -31.67 -7.18
CA LYS B 106 -37.87 -32.71 -7.21
C LYS B 106 -39.17 -32.13 -7.77
N CYS B 107 -39.45 -30.87 -7.44
CA CYS B 107 -40.66 -30.23 -7.93
C CYS B 107 -40.59 -30.02 -9.44
N LEU B 108 -39.41 -29.63 -9.93
CA LEU B 108 -39.24 -29.38 -11.36
C LEU B 108 -38.87 -30.63 -12.14
N GLY B 109 -38.54 -31.71 -11.42
CA GLY B 109 -38.20 -32.97 -12.06
C GLY B 109 -36.82 -33.05 -12.69
N VAL B 110 -35.86 -32.29 -12.18
CA VAL B 110 -34.52 -32.32 -12.73
C VAL B 110 -33.46 -32.22 -11.65
N PRO B 111 -32.21 -32.63 -11.97
CA PRO B 111 -31.15 -32.54 -10.95
C PRO B 111 -30.91 -31.06 -10.63
N VAL B 112 -30.38 -30.78 -9.45
CA VAL B 112 -30.11 -29.40 -9.09
C VAL B 112 -29.15 -28.75 -10.09
N TYR B 113 -28.17 -29.50 -10.61
CA TYR B 113 -27.24 -28.90 -11.55
C TYR B 113 -27.90 -28.36 -12.82
N GLU B 114 -29.09 -28.85 -13.16
CA GLU B 114 -29.80 -28.35 -14.35
C GLU B 114 -30.32 -26.95 -14.06
N LEU B 115 -30.76 -26.74 -12.83
CA LEU B 115 -31.27 -25.44 -12.41
C LEU B 115 -30.14 -24.42 -12.34
N PHE B 116 -28.95 -24.89 -11.99
CA PHE B 116 -27.75 -24.06 -11.85
C PHE B 116 -27.10 -23.70 -13.19
N GLY B 117 -27.68 -24.17 -14.29
CA GLY B 117 -27.12 -23.88 -15.60
C GLY B 117 -26.67 -25.11 -16.40
N GLY B 118 -27.10 -26.29 -15.99
CA GLY B 118 -26.73 -27.50 -16.71
C GLY B 118 -25.37 -28.05 -16.35
N LYS B 119 -25.07 -29.27 -16.80
CA LYS B 119 -23.78 -29.82 -16.45
C LYS B 119 -22.71 -29.48 -17.47
N ILE B 120 -21.46 -29.62 -17.03
CA ILE B 120 -20.32 -29.32 -17.86
C ILE B 120 -19.49 -30.60 -17.98
N ARG B 121 -19.77 -31.57 -17.11
CA ARG B 121 -19.06 -32.85 -17.12
C ARG B 121 -19.97 -33.98 -16.65
N ASP B 122 -19.69 -35.21 -17.11
CA ASP B 122 -20.52 -36.35 -16.72
C ASP B 122 -19.92 -37.17 -15.59
N ARG B 123 -18.65 -36.93 -15.29
CA ARG B 123 -17.98 -37.64 -14.22
C ARG B 123 -16.82 -36.81 -13.73
N VAL B 124 -16.36 -37.09 -12.51
CA VAL B 124 -15.26 -36.34 -11.94
C VAL B 124 -14.20 -37.23 -11.38
N ARG B 125 -12.95 -36.80 -11.53
CA ARG B 125 -11.83 -37.55 -11.02
C ARG B 125 -11.77 -37.25 -9.53
N ALA B 126 -11.29 -38.21 -8.76
CA ALA B 126 -11.21 -38.02 -7.31
C ALA B 126 -9.88 -38.45 -6.75
N TYR B 127 -9.51 -37.87 -5.61
CA TYR B 127 -8.27 -38.27 -4.96
C TYR B 127 -8.70 -39.04 -3.72
N ALA B 128 -7.85 -39.95 -3.24
CA ALA B 128 -8.20 -40.74 -2.08
C ALA B 128 -7.65 -40.16 -0.78
N ASN B 129 -8.48 -40.18 0.26
CA ASN B 129 -8.09 -39.68 1.56
C ASN B 129 -8.41 -40.79 2.55
N GLY B 130 -7.76 -40.78 3.71
CA GLY B 130 -8.00 -41.79 4.72
C GLY B 130 -7.47 -43.19 4.40
N TRP B 131 -6.72 -43.31 3.31
CA TRP B 131 -6.15 -44.60 2.90
C TRP B 131 -4.98 -45.03 3.77
N TYR B 132 -4.38 -44.07 4.49
CA TYR B 132 -3.23 -44.36 5.35
C TYR B 132 -3.63 -45.08 6.64
N GLY B 133 -4.92 -45.01 6.97
CA GLY B 133 -5.39 -45.66 8.18
C GLY B 133 -4.65 -45.26 9.44
N ALA B 134 -3.92 -46.21 10.03
CA ALA B 134 -3.19 -45.96 11.26
C ALA B 134 -1.67 -45.93 11.08
N ALA B 135 -1.22 -45.86 9.83
CA ALA B 135 0.22 -45.82 9.55
C ALA B 135 0.90 -44.75 10.40
N ASP B 136 2.10 -45.05 10.86
CA ASP B 136 2.89 -44.13 11.68
C ASP B 136 4.30 -43.96 11.13
N THR B 137 4.99 -45.08 10.90
CA THR B 137 6.34 -45.05 10.37
C THR B 137 6.35 -44.85 8.86
N PRO B 138 7.44 -44.31 8.30
CA PRO B 138 7.50 -44.09 6.85
C PRO B 138 7.21 -45.39 6.10
N ASP B 139 7.58 -46.51 6.70
CA ASP B 139 7.36 -47.82 6.08
C ASP B 139 5.88 -48.16 6.00
N GLU B 140 5.16 -47.91 7.08
CA GLU B 140 3.72 -48.20 7.09
C GLU B 140 2.99 -47.32 6.06
N PHE B 141 3.42 -46.07 5.94
CA PHE B 141 2.82 -45.17 4.97
C PHE B 141 3.07 -45.66 3.54
N ALA B 142 4.30 -46.07 3.27
CA ALA B 142 4.65 -46.57 1.94
C ALA B 142 3.83 -47.80 1.59
N ARG B 143 3.64 -48.69 2.55
CA ARG B 143 2.86 -49.90 2.32
C ARG B 143 1.38 -49.62 2.12
N ALA B 144 0.87 -48.56 2.73
CA ALA B 144 -0.55 -48.25 2.61
C ALA B 144 -0.95 -47.66 1.24
N VAL B 145 0.01 -47.21 0.46
CA VAL B 145 -0.31 -46.64 -0.85
C VAL B 145 -0.80 -47.67 -1.87
N GLU B 146 -0.42 -48.93 -1.66
CA GLU B 146 -0.79 -50.02 -2.56
C GLU B 146 -2.29 -50.13 -2.85
N ARG B 147 -3.09 -50.27 -1.79
CA ARG B 147 -4.54 -50.43 -1.94
C ARG B 147 -5.21 -49.35 -2.81
N PRO B 148 -5.09 -48.08 -2.42
CA PRO B 148 -5.73 -47.03 -3.24
C PRO B 148 -5.28 -47.02 -4.70
N LEU B 149 -3.98 -47.18 -4.93
CA LEU B 149 -3.45 -47.20 -6.28
C LEU B 149 -3.96 -48.40 -7.08
N LYS B 150 -4.21 -49.52 -6.42
CA LYS B 150 -4.74 -50.69 -7.11
C LYS B 150 -6.18 -50.40 -7.47
N GLU B 151 -6.87 -49.70 -6.58
CA GLU B 151 -8.27 -49.37 -6.81
C GLU B 151 -8.54 -48.29 -7.86
N GLY B 152 -7.48 -47.79 -8.50
CA GLY B 152 -7.66 -46.80 -9.55
C GLY B 152 -7.40 -45.34 -9.26
N TYR B 153 -7.15 -44.97 -8.01
CA TYR B 153 -6.89 -43.56 -7.68
C TYR B 153 -5.56 -43.09 -8.25
N GLY B 154 -5.58 -41.91 -8.86
CA GLY B 154 -4.37 -41.35 -9.43
C GLY B 154 -3.81 -40.20 -8.61
N ALA B 155 -4.41 -39.96 -7.45
CA ALA B 155 -4.00 -38.89 -6.56
C ALA B 155 -4.29 -39.30 -5.11
N LEU B 156 -3.44 -38.86 -4.19
CA LEU B 156 -3.61 -39.21 -2.78
C LEU B 156 -3.30 -38.02 -1.87
N LYS B 157 -4.07 -37.90 -0.79
CA LYS B 157 -3.83 -36.84 0.17
C LYS B 157 -3.58 -37.50 1.51
N PHE B 158 -2.74 -36.88 2.33
CA PHE B 158 -2.48 -37.41 3.66
C PHE B 158 -1.97 -36.29 4.56
N TYR B 159 -1.85 -36.58 5.85
CA TYR B 159 -1.42 -35.59 6.84
C TYR B 159 -0.12 -36.02 7.48
N PRO B 160 1.03 -35.60 6.91
CA PRO B 160 2.35 -35.93 7.40
C PRO B 160 2.68 -35.53 8.84
N LEU B 161 2.02 -34.48 9.34
CA LEU B 161 2.28 -34.00 10.70
C LEU B 161 1.35 -34.61 11.75
N ALA B 162 0.33 -35.32 11.32
CA ALA B 162 -0.64 -35.88 12.25
C ALA B 162 -0.31 -37.27 12.82
N GLN B 163 -0.92 -37.58 13.95
CA GLN B 163 -0.73 -38.87 14.61
C GLN B 163 -2.07 -39.57 14.74
N LEU B 169 -7.76 -38.63 13.67
CA LEU B 169 -6.41 -38.08 13.62
C LEU B 169 -6.24 -36.92 14.57
N GLN B 170 -5.07 -36.83 15.20
CA GLN B 170 -4.77 -35.73 16.10
C GLN B 170 -3.75 -34.85 15.38
N HIS B 171 -4.06 -33.57 15.21
CA HIS B 171 -3.14 -32.68 14.53
C HIS B 171 -2.14 -32.03 15.48
N VAL B 172 -1.44 -31.00 15.01
CA VAL B 172 -0.43 -30.34 15.82
C VAL B 172 -0.91 -29.66 17.09
N THR B 173 -0.13 -29.82 18.16
CA THR B 173 -0.45 -29.18 19.43
C THR B 173 0.38 -27.90 19.54
N ARG B 174 -0.27 -26.78 19.77
CA ARG B 174 0.42 -25.51 19.92
C ARG B 174 1.47 -25.19 18.85
N ARG B 175 1.14 -25.50 17.59
CA ARG B 175 2.02 -25.23 16.47
C ARG B 175 3.48 -25.62 16.70
N SER B 176 3.72 -26.64 17.52
CA SER B 176 5.07 -27.08 17.81
C SER B 176 5.24 -28.58 17.63
N SER B 178 8.67 -31.67 17.71
CA SER B 178 10.08 -31.93 17.96
C SER B 178 10.78 -32.10 16.61
N ALA B 179 12.10 -32.01 16.63
CA ALA B 179 12.89 -32.17 15.41
C ALA B 179 12.72 -33.59 14.86
N GLU B 180 12.48 -34.55 15.75
CA GLU B 180 12.31 -35.94 15.33
C GLU B 180 10.98 -36.12 14.60
N ALA B 181 9.92 -35.50 15.12
CA ALA B 181 8.61 -35.62 14.49
C ALA B 181 8.62 -34.92 13.14
N ILE B 182 9.33 -33.80 13.05
CA ILE B 182 9.41 -33.06 11.80
C ILE B 182 10.18 -33.84 10.74
N GLU B 183 11.23 -34.55 11.18
CA GLU B 183 12.02 -35.37 10.25
C GLU B 183 11.15 -36.53 9.81
N LEU B 184 10.42 -37.12 10.76
CA LEU B 184 9.53 -38.24 10.45
C LEU B 184 8.52 -37.76 9.40
N ALA B 185 8.00 -36.56 9.61
CA ALA B 185 7.03 -35.97 8.69
C ALA B 185 7.59 -35.98 7.27
N TYR B 186 8.83 -35.51 7.12
CA TYR B 186 9.48 -35.47 5.83
C TYR B 186 9.66 -36.89 5.27
N ARG B 187 10.02 -37.83 6.15
CA ARG B 187 10.24 -39.20 5.75
C ARG B 187 8.95 -39.88 5.30
N ARG B 188 7.81 -39.47 5.87
CA ARG B 188 6.55 -40.05 5.46
C ARG B 188 6.24 -39.62 4.03
N VAL B 189 6.41 -38.32 3.75
CA VAL B 189 6.15 -37.81 2.40
C VAL B 189 7.05 -38.47 1.38
N LYS B 190 8.34 -38.55 1.68
CA LYS B 190 9.31 -39.16 0.77
C LYS B 190 8.95 -40.63 0.55
N ALA B 191 8.60 -41.32 1.62
CA ALA B 191 8.23 -42.73 1.55
C ALA B 191 7.00 -42.92 0.68
N VAL B 192 6.07 -41.98 0.76
CA VAL B 192 4.86 -42.05 -0.05
C VAL B 192 5.19 -41.80 -1.51
N ARG B 193 6.05 -40.82 -1.77
CA ARG B 193 6.42 -40.52 -3.15
C ARG B 193 7.18 -41.72 -3.75
N ASP B 194 8.05 -42.32 -2.95
CA ASP B 194 8.82 -43.48 -3.42
C ASP B 194 7.91 -44.67 -3.74
N ALA B 195 6.97 -44.97 -2.85
CA ALA B 195 6.06 -46.10 -3.04
C ALA B 195 4.97 -45.88 -4.10
N ALA B 196 4.68 -44.63 -4.43
CA ALA B 196 3.63 -44.35 -5.41
C ALA B 196 4.13 -44.17 -6.85
N GLY B 197 5.38 -43.77 -7.01
CA GLY B 197 5.89 -43.55 -8.35
C GLY B 197 5.76 -42.08 -8.67
N PRO B 198 6.43 -41.59 -9.73
CA PRO B 198 6.38 -40.18 -10.13
C PRO B 198 5.10 -39.70 -10.83
N GLU B 199 4.18 -40.61 -11.12
CA GLU B 199 2.95 -40.23 -11.82
C GLU B 199 1.78 -39.86 -10.90
N ILE B 200 1.75 -40.46 -9.72
CA ILE B 200 0.67 -40.20 -8.77
C ILE B 200 0.75 -38.80 -8.17
N GLU B 201 -0.37 -38.09 -8.15
CA GLU B 201 -0.39 -36.75 -7.58
C GLU B 201 -0.54 -36.86 -6.07
N LEU B 202 0.30 -36.14 -5.34
CA LEU B 202 0.24 -36.17 -3.90
C LEU B 202 -0.15 -34.82 -3.28
N VAL B 204 -0.65 -32.80 0.37
CA VAL B 204 -0.28 -32.81 1.79
C VAL B 204 -1.11 -31.78 2.56
N ASP B 205 -1.85 -32.26 3.55
CA ASP B 205 -2.70 -31.40 4.39
C ASP B 205 -2.01 -31.22 5.74
N LEU B 206 -1.63 -29.99 6.06
CA LEU B 206 -0.95 -29.68 7.32
C LEU B 206 -1.95 -29.29 8.40
N SER B 207 -3.20 -29.09 7.99
CA SER B 207 -4.27 -28.74 8.91
C SER B 207 -3.89 -27.66 9.90
N GLY B 208 -3.22 -26.61 9.41
CA GLY B 208 -2.82 -25.52 10.29
C GLY B 208 -1.31 -25.37 10.41
N GLY B 209 -0.59 -26.47 10.28
CA GLY B 209 0.86 -26.43 10.33
C GLY B 209 1.49 -25.98 11.64
N LEU B 210 2.70 -25.44 11.52
CA LEU B 210 3.48 -24.97 12.66
C LEU B 210 3.50 -23.44 12.62
N THR B 211 4.54 -22.84 13.20
CA THR B 211 4.65 -21.40 13.12
C THR B 211 5.12 -21.13 11.70
N THR B 212 5.00 -19.89 11.25
CA THR B 212 5.37 -19.54 9.89
C THR B 212 6.76 -20.00 9.44
N ASP B 213 7.78 -19.71 10.23
CA ASP B 213 9.15 -20.10 9.88
C ASP B 213 9.36 -21.60 9.68
N GLU B 214 8.80 -22.42 10.57
CA GLU B 214 8.96 -23.87 10.46
C GLU B 214 8.14 -24.47 9.32
N THR B 215 7.00 -23.86 9.01
CA THR B 215 6.16 -24.37 7.94
C THR B 215 6.86 -24.14 6.61
N ILE B 216 7.42 -22.94 6.43
CA ILE B 216 8.13 -22.62 5.20
C ILE B 216 9.30 -23.59 5.03
N ARG B 217 10.03 -23.85 6.11
CA ARG B 217 11.15 -24.76 6.06
C ARG B 217 10.73 -26.15 5.60
N PHE B 218 9.66 -26.68 6.20
CA PHE B 218 9.15 -28.00 5.86
C PHE B 218 8.66 -28.05 4.40
N CYS B 219 7.89 -27.05 3.99
CA CYS B 219 7.38 -27.02 2.63
C CYS B 219 8.52 -26.98 1.61
N ARG B 220 9.57 -26.24 1.92
CA ARG B 220 10.71 -26.16 1.02
C ARG B 220 11.38 -27.52 0.92
N LYS B 221 11.50 -28.19 2.05
CA LYS B 221 12.14 -29.49 2.12
C LYS B 221 11.42 -30.57 1.31
N ILE B 222 10.10 -30.51 1.18
CA ILE B 222 9.39 -31.52 0.39
C ILE B 222 9.15 -31.07 -1.03
N GLY B 223 9.62 -29.86 -1.36
CA GLY B 223 9.44 -29.34 -2.70
C GLY B 223 9.95 -30.26 -3.79
N GLU B 224 11.03 -30.98 -3.50
CA GLU B 224 11.64 -31.89 -4.45
C GLU B 224 10.83 -33.16 -4.65
N LEU B 225 9.87 -33.40 -3.77
CA LEU B 225 9.05 -34.60 -3.85
C LEU B 225 7.84 -34.41 -4.78
N ASP B 226 7.81 -33.27 -5.47
CA ASP B 226 6.75 -32.94 -6.41
C ASP B 226 5.35 -33.01 -5.79
N ILE B 227 5.03 -32.03 -4.96
CA ILE B 227 3.74 -31.97 -4.29
C ILE B 227 2.73 -31.19 -5.13
N CYS B 228 1.53 -31.75 -5.27
CA CYS B 228 0.48 -31.10 -6.05
C CYS B 228 0.12 -29.81 -5.32
N PHE B 229 -0.16 -29.93 -4.02
CA PHE B 229 -0.44 -28.75 -3.23
C PHE B 229 -0.39 -29.07 -1.75
N VAL B 230 -0.17 -28.03 -0.95
CA VAL B 230 -0.14 -28.16 0.51
C VAL B 230 -1.43 -27.48 1.00
N GLU B 231 -2.19 -28.20 1.81
CA GLU B 231 -3.46 -27.68 2.33
C GLU B 231 -3.31 -27.07 3.72
N GLU B 232 -3.93 -25.91 3.92
CA GLU B 232 -3.90 -25.18 5.19
C GLU B 232 -2.52 -25.17 5.83
N PRO B 233 -1.54 -24.50 5.20
CA PRO B 233 -0.18 -24.43 5.73
C PRO B 233 -0.07 -23.64 7.04
N CYS B 234 -1.11 -22.85 7.34
CA CYS B 234 -1.12 -22.08 8.59
C CYS B 234 -2.55 -21.98 9.13
N ASP B 235 -2.67 -21.57 10.40
CA ASP B 235 -3.96 -21.41 11.05
C ASP B 235 -4.89 -20.57 10.15
N PRO B 236 -6.11 -21.06 9.89
CA PRO B 236 -7.10 -20.39 9.05
C PRO B 236 -7.45 -18.98 9.56
N PHE B 237 -7.15 -18.72 10.83
CA PHE B 237 -7.44 -17.42 11.43
C PHE B 237 -6.46 -16.36 10.93
N ASP B 238 -5.26 -16.80 10.57
CA ASP B 238 -4.19 -15.90 10.15
C ASP B 238 -3.91 -15.78 8.65
N ASN B 239 -4.56 -14.84 7.99
CA ASN B 239 -4.34 -14.65 6.56
C ASN B 239 -3.03 -13.91 6.27
N GLY B 240 -2.45 -13.32 7.30
CA GLY B 240 -1.19 -12.62 7.12
C GLY B 240 -0.11 -13.65 6.86
N ALA B 241 -0.10 -14.68 7.71
CA ALA B 241 0.86 -15.76 7.60
C ALA B 241 0.67 -16.48 6.26
N LEU B 242 -0.58 -16.64 5.86
CA LEU B 242 -0.88 -17.31 4.60
C LEU B 242 -0.19 -16.58 3.44
N LYS B 243 -0.32 -15.26 3.41
CA LYS B 243 0.31 -14.47 2.34
C LYS B 243 1.84 -14.63 2.33
N VAL B 244 2.45 -14.54 3.51
CA VAL B 244 3.89 -14.66 3.62
C VAL B 244 4.38 -16.03 3.18
N ILE B 245 3.67 -17.07 3.61
CA ILE B 245 4.02 -18.44 3.25
C ILE B 245 3.96 -18.63 1.74
N SER B 246 2.89 -18.16 1.12
CA SER B 246 2.71 -18.30 -0.33
C SER B 246 3.86 -17.66 -1.11
N GLU B 247 4.43 -16.59 -0.57
CA GLU B 247 5.53 -15.90 -1.23
C GLU B 247 6.86 -16.57 -0.95
N GLN B 248 6.88 -17.45 0.04
CA GLN B 248 8.12 -18.12 0.43
C GLN B 248 8.28 -19.61 0.09
N ILE B 249 7.23 -20.27 -0.36
CA ILE B 249 7.34 -21.68 -0.68
C ILE B 249 7.10 -21.97 -2.17
N PRO B 250 7.66 -23.08 -2.68
CA PRO B 250 7.50 -23.46 -4.09
C PRO B 250 6.29 -24.34 -4.35
N LEU B 251 5.44 -24.51 -3.34
CA LEU B 251 4.26 -25.36 -3.49
C LEU B 251 2.97 -24.55 -3.64
N PRO B 252 2.01 -25.06 -4.43
CA PRO B 252 0.74 -24.33 -4.58
C PRO B 252 -0.04 -24.57 -3.28
N ILE B 253 -0.74 -23.55 -2.78
CA ILE B 253 -1.48 -23.68 -1.52
C ILE B 253 -2.98 -23.82 -1.74
N ALA B 254 -3.64 -24.58 -0.87
CA ALA B 254 -5.08 -24.76 -0.93
C ALA B 254 -5.68 -24.56 0.46
N VAL B 255 -6.80 -23.82 0.53
CA VAL B 255 -7.50 -23.56 1.79
C VAL B 255 -9.00 -23.47 1.50
N GLY B 256 -9.81 -23.36 2.55
CA GLY B 256 -11.24 -23.23 2.34
C GLY B 256 -12.10 -24.08 3.23
N GLU B 257 -11.55 -25.19 3.69
CA GLU B 257 -12.24 -26.11 4.56
C GLU B 257 -12.82 -25.37 5.77
N ARG B 258 -12.11 -24.36 6.24
CA ARG B 258 -12.58 -23.59 7.38
C ARG B 258 -12.80 -22.11 7.09
N VAL B 259 -13.36 -21.83 5.92
CA VAL B 259 -13.68 -20.47 5.49
C VAL B 259 -15.16 -20.54 5.10
N TYR B 260 -15.94 -19.52 5.46
CA TYR B 260 -17.38 -19.58 5.18
C TYR B 260 -18.02 -18.41 4.43
N THR B 261 -18.87 -18.75 3.46
CA THR B 261 -19.60 -17.80 2.63
C THR B 261 -18.71 -16.94 1.75
N ARG B 262 -19.33 -16.23 0.82
CA ARG B 262 -18.62 -15.32 -0.08
C ARG B 262 -17.87 -14.29 0.76
N PHE B 263 -18.47 -13.91 1.88
CA PHE B 263 -17.90 -12.90 2.75
C PHE B 263 -16.61 -13.39 3.38
N GLY B 264 -16.56 -14.67 3.71
CA GLY B 264 -15.37 -15.24 4.28
C GLY B 264 -14.30 -15.42 3.22
N PHE B 265 -14.69 -15.93 2.05
CA PHE B 265 -13.73 -16.13 0.98
C PHE B 265 -13.17 -14.84 0.36
N ARG B 266 -13.90 -13.74 0.46
CA ARG B 266 -13.40 -12.48 -0.09
C ARG B 266 -12.02 -12.19 0.50
N LYS B 267 -11.88 -12.45 1.79
CA LYS B 267 -10.62 -12.21 2.49
C LYS B 267 -9.52 -13.08 1.90
N ILE B 268 -9.87 -14.26 1.41
CA ILE B 268 -8.88 -15.15 0.81
C ILE B 268 -8.51 -14.66 -0.60
N PHE B 269 -9.54 -14.33 -1.39
CA PHE B 269 -9.32 -13.88 -2.76
C PHE B 269 -8.42 -12.64 -2.85
N GLU B 270 -8.67 -11.66 -2.00
CA GLU B 270 -7.88 -10.43 -2.03
C GLU B 270 -6.40 -10.62 -1.70
N LEU B 271 -6.07 -11.71 -1.01
CA LEU B 271 -4.68 -12.01 -0.68
C LEU B 271 -3.94 -12.47 -1.93
N GLN B 272 -4.65 -13.15 -2.81
CA GLN B 272 -4.05 -13.69 -4.02
C GLN B 272 -2.82 -14.53 -3.66
N ALA B 273 -3.00 -15.36 -2.63
CA ALA B 273 -1.94 -16.23 -2.12
C ALA B 273 -2.18 -17.72 -2.39
N CYS B 274 -3.42 -18.07 -2.67
CA CYS B 274 -3.77 -19.47 -2.92
C CYS B 274 -4.16 -19.69 -4.37
N GLY B 275 -3.96 -20.91 -4.86
CA GLY B 275 -4.33 -21.20 -6.23
C GLY B 275 -5.57 -22.08 -6.25
N ILE B 276 -5.88 -22.66 -5.08
CA ILE B 276 -7.01 -23.57 -4.94
C ILE B 276 -7.83 -23.31 -3.68
N ILE B 277 -9.15 -23.34 -3.81
CA ILE B 277 -10.00 -23.17 -2.64
C ILE B 277 -10.77 -24.46 -2.43
N GLN B 278 -11.10 -24.77 -1.18
CA GLN B 278 -11.78 -26.01 -0.85
C GLN B 278 -13.03 -25.83 0.02
N PRO B 279 -14.00 -25.05 -0.45
CA PRO B 279 -15.23 -24.84 0.32
C PRO B 279 -15.96 -26.17 0.48
N ASP B 280 -16.69 -26.30 1.58
CA ASP B 280 -17.48 -27.49 1.88
C ASP B 280 -18.92 -27.01 1.75
N ILE B 281 -19.73 -27.63 0.88
CA ILE B 281 -21.11 -27.17 0.72
C ILE B 281 -21.90 -27.35 2.02
N GLY B 282 -21.32 -28.08 2.98
CA GLY B 282 -21.98 -28.30 4.24
C GLY B 282 -21.64 -27.29 5.32
N THR B 283 -20.74 -26.36 5.00
CA THR B 283 -20.34 -25.33 5.96
C THR B 283 -20.18 -23.96 5.31
N ALA B 284 -19.87 -23.92 4.02
CA ALA B 284 -19.68 -22.65 3.34
C ALA B 284 -20.96 -21.86 3.17
N GLY B 285 -22.11 -22.53 3.28
CA GLY B 285 -23.37 -21.81 3.15
C GLY B 285 -24.44 -22.54 2.37
N GLY B 286 -24.05 -23.60 1.68
CA GLY B 286 -25.01 -24.35 0.89
C GLY B 286 -24.55 -24.50 -0.54
N LEU B 287 -25.39 -25.13 -1.37
CA LEU B 287 -25.07 -25.36 -2.76
C LEU B 287 -24.95 -24.08 -3.58
N GLU B 289 -24.63 -20.94 -2.47
CA GLU B 289 -23.62 -20.09 -1.88
C GLU B 289 -22.24 -20.51 -2.36
N THR B 290 -22.03 -21.83 -2.40
CA THR B 290 -20.75 -22.36 -2.85
C THR B 290 -20.59 -22.10 -4.34
N LYS B 291 -21.68 -22.23 -5.10
CA LYS B 291 -21.58 -21.96 -6.54
C LYS B 291 -21.12 -20.50 -6.68
N LYS B 292 -21.72 -19.60 -5.90
CA LYS B 292 -21.35 -18.18 -5.96
C LYS B 292 -19.88 -17.99 -5.56
N ILE B 293 -19.45 -18.71 -4.53
CA ILE B 293 -18.06 -18.65 -4.08
C ILE B 293 -17.13 -19.09 -5.21
N CYS B 294 -17.49 -20.17 -5.89
CA CYS B 294 -16.66 -20.68 -6.98
C CYS B 294 -16.59 -19.71 -8.16
N ALA B 295 -17.72 -19.07 -8.47
CA ALA B 295 -17.77 -18.09 -9.56
C ALA B 295 -16.87 -16.92 -9.24
N ALA B 297 -14.25 -17.12 -7.30
CA ALA B 297 -12.89 -17.63 -7.36
C ALA B 297 -12.32 -17.54 -8.79
N GLU B 298 -13.18 -17.63 -9.79
CA GLU B 298 -12.73 -17.56 -11.18
C GLU B 298 -12.18 -16.20 -11.54
N ALA B 299 -12.69 -15.16 -10.88
CA ALA B 299 -12.25 -13.80 -11.12
C ALA B 299 -10.86 -13.59 -10.51
N TYR B 300 -10.42 -14.58 -9.74
CA TYR B 300 -9.09 -14.52 -9.12
C TYR B 300 -8.17 -15.62 -9.63
N ASN B 301 -8.52 -16.18 -10.79
CA ASN B 301 -7.71 -17.20 -11.44
C ASN B 301 -7.46 -18.44 -10.58
N ARG B 303 -8.92 -22.39 -8.96
CA ARG B 303 -9.71 -23.57 -9.25
C ARG B 303 -10.27 -24.09 -7.93
N VAL B 304 -11.18 -25.04 -8.00
CA VAL B 304 -11.84 -25.55 -6.81
C VAL B 304 -11.76 -27.05 -6.61
N ALA B 305 -11.43 -27.44 -5.38
CA ALA B 305 -11.35 -28.84 -4.96
C ALA B 305 -12.25 -28.90 -3.73
N PRO B 306 -13.57 -29.02 -3.94
CA PRO B 306 -14.51 -29.08 -2.82
C PRO B 306 -14.15 -30.05 -1.71
N HIS B 307 -14.27 -29.58 -0.48
CA HIS B 307 -13.98 -30.45 0.65
C HIS B 307 -15.26 -31.21 0.98
N VAL B 308 -15.13 -32.51 1.18
CA VAL B 308 -16.27 -33.34 1.51
C VAL B 308 -15.84 -34.45 2.47
N CYS B 309 -16.53 -34.55 3.61
CA CYS B 309 -16.25 -35.57 4.60
C CYS B 309 -17.45 -35.71 5.53
N GLY B 310 -18.33 -36.65 5.20
CA GLY B 310 -19.53 -36.91 5.98
C GLY B 310 -20.16 -38.17 5.45
N SER B 311 -21.49 -38.24 5.45
CA SER B 311 -22.16 -39.42 4.96
C SER B 311 -22.28 -39.37 3.43
N SER B 312 -22.93 -40.38 2.87
CA SER B 312 -23.12 -40.47 1.42
C SER B 312 -23.97 -39.32 0.90
N LEU B 313 -24.83 -38.77 1.74
CA LEU B 313 -25.67 -37.65 1.32
C LEU B 313 -24.87 -36.42 0.89
N ILE B 314 -24.03 -35.92 1.79
CA ILE B 314 -23.26 -34.72 1.47
C ILE B 314 -22.29 -34.93 0.31
N GLU B 315 -21.80 -36.15 0.14
CA GLU B 315 -20.89 -36.41 -0.97
C GLU B 315 -21.69 -36.39 -2.27
N THR B 316 -22.90 -36.95 -2.24
CA THR B 316 -23.73 -36.96 -3.44
C THR B 316 -24.14 -35.53 -3.80
N ALA B 317 -24.47 -34.74 -2.79
CA ALA B 317 -24.88 -33.36 -3.01
C ALA B 317 -23.72 -32.55 -3.60
N THR B 318 -22.50 -32.85 -3.17
CA THR B 318 -21.33 -32.14 -3.68
C THR B 318 -21.17 -32.37 -5.18
N LEU B 319 -21.56 -33.55 -5.64
CA LEU B 319 -21.47 -33.88 -7.07
C LEU B 319 -22.40 -32.99 -7.89
N GLN B 320 -23.48 -32.51 -7.29
CA GLN B 320 -24.40 -31.61 -7.99
C GLN B 320 -23.64 -30.35 -8.38
N LEU B 321 -22.80 -29.88 -7.46
CA LEU B 321 -21.99 -28.69 -7.66
C LEU B 321 -20.85 -28.94 -8.64
N GLU B 322 -20.15 -30.05 -8.46
CA GLU B 322 -19.02 -30.40 -9.32
C GLU B 322 -19.41 -30.67 -10.77
N ALA B 323 -20.66 -31.03 -10.99
CA ALA B 323 -21.13 -31.28 -12.35
C ALA B 323 -21.33 -29.94 -13.08
N ASN B 324 -21.51 -28.87 -12.30
CA ASN B 324 -21.82 -27.55 -12.84
C ASN B 324 -20.77 -26.43 -12.84
N ILE B 325 -19.86 -26.39 -11.89
CA ILE B 325 -18.88 -25.30 -11.86
C ILE B 325 -17.80 -25.36 -12.94
N THR B 326 -17.42 -24.18 -13.41
CA THR B 326 -16.44 -24.05 -14.47
C THR B 326 -15.01 -24.32 -14.04
N ASN B 327 -14.66 -23.95 -12.81
CA ASN B 327 -13.31 -24.12 -12.35
C ASN B 327 -13.10 -25.30 -11.40
N PHE B 328 -13.70 -26.44 -11.74
CA PHE B 328 -13.57 -27.65 -10.93
C PHE B 328 -12.21 -28.30 -11.17
N ILE B 330 -10.76 -31.26 -8.67
CA ILE B 330 -10.83 -32.67 -8.30
C ILE B 330 -11.78 -32.92 -7.12
N HIS B 331 -12.26 -34.15 -7.03
CA HIS B 331 -13.20 -34.57 -5.98
C HIS B 331 -12.49 -35.35 -4.87
N GLU B 332 -12.90 -35.13 -3.62
CA GLU B 332 -12.29 -35.81 -2.48
C GLU B 332 -13.15 -37.00 -2.02
N HIS B 333 -12.52 -38.16 -1.84
CA HIS B 333 -13.24 -39.35 -1.40
C HIS B 333 -12.49 -40.15 -0.34
N TYR B 334 -13.23 -40.69 0.63
CA TYR B 334 -12.66 -41.49 1.72
C TYR B 334 -13.18 -42.91 1.57
N PRO B 335 -12.55 -43.71 0.70
CA PRO B 335 -13.00 -45.10 0.48
C PRO B 335 -13.02 -46.03 1.70
N ALA B 336 -12.17 -45.77 2.69
CA ALA B 336 -12.12 -46.62 3.89
C ALA B 336 -13.25 -46.43 4.90
N PHE B 337 -13.83 -45.24 4.94
CA PHE B 337 -14.91 -44.92 5.88
C PHE B 337 -16.04 -45.95 5.93
N LYS B 338 -16.41 -46.48 4.78
CA LYS B 338 -17.49 -47.47 4.71
C LYS B 338 -17.13 -48.81 5.35
N ALA B 339 -15.85 -48.98 5.71
CA ALA B 339 -15.40 -50.21 6.34
C ALA B 339 -15.37 -50.11 7.86
N ASP B 340 -15.50 -48.90 8.40
CA ASP B 340 -15.49 -48.73 9.84
C ASP B 340 -16.59 -49.56 10.46
N ASP B 341 -16.48 -49.79 11.77
CA ASP B 341 -17.50 -50.53 12.49
C ASP B 341 -18.55 -49.54 12.88
N GLY B 342 -19.81 -49.89 12.68
CA GLY B 342 -20.89 -49.00 13.02
C GLY B 342 -21.19 -48.05 11.87
N TYR B 343 -20.55 -48.24 10.73
CA TYR B 343 -20.81 -47.38 9.58
C TYR B 343 -22.30 -47.48 9.27
N VAL B 344 -22.91 -46.34 9.00
CA VAL B 344 -24.32 -46.30 8.67
C VAL B 344 -24.51 -45.72 7.27
N GLU B 345 -25.07 -46.51 6.37
CA GLU B 345 -25.31 -46.07 5.01
C GLU B 345 -26.63 -45.30 5.00
N VAL B 346 -26.61 -44.06 4.49
CA VAL B 346 -27.83 -43.26 4.48
C VAL B 346 -28.56 -43.22 3.15
N LEU B 347 -27.93 -43.72 2.09
CA LEU B 347 -28.57 -43.71 0.77
C LEU B 347 -28.69 -45.09 0.12
N GLU B 348 -29.79 -45.30 -0.61
CA GLU B 348 -30.00 -46.57 -1.30
C GLU B 348 -28.98 -46.68 -2.43
N ASN B 349 -28.58 -45.54 -2.99
CA ASN B 349 -27.61 -45.54 -4.07
C ASN B 349 -26.47 -44.55 -3.80
N PRO B 350 -25.55 -44.90 -2.90
CA PRO B 350 -24.43 -44.03 -2.57
C PRO B 350 -23.48 -43.91 -3.74
N PRO B 351 -22.76 -42.80 -3.83
CA PRO B 351 -21.81 -42.63 -4.95
C PRO B 351 -20.80 -43.77 -4.96
N SER B 352 -20.61 -44.37 -6.13
CA SER B 352 -19.69 -45.49 -6.25
C SER B 352 -18.54 -45.16 -7.20
N ILE B 353 -17.33 -45.20 -6.67
CA ILE B 353 -16.15 -44.91 -7.46
C ILE B 353 -15.89 -46.02 -8.47
N SER B 354 -15.26 -45.67 -9.58
CA SER B 354 -14.93 -46.63 -10.61
C SER B 354 -13.61 -46.20 -11.22
N SER B 355 -12.52 -46.62 -10.59
CA SER B 355 -11.18 -46.27 -11.05
C SER B 355 -10.87 -44.79 -10.87
N GLY B 356 -11.20 -44.26 -9.69
CA GLY B 356 -10.92 -42.87 -9.39
C GLY B 356 -11.86 -41.86 -10.03
N TYR B 357 -13.01 -42.34 -10.52
CA TYR B 357 -14.01 -41.48 -11.15
C TYR B 357 -15.40 -41.71 -10.58
N PHE B 358 -16.15 -40.62 -10.44
CA PHE B 358 -17.51 -40.65 -9.94
C PHE B 358 -18.44 -40.15 -11.04
N GLU B 359 -19.47 -40.91 -11.35
CA GLU B 359 -20.43 -40.50 -12.37
C GLU B 359 -21.35 -39.47 -11.72
N PRO B 361 -24.82 -37.94 -10.54
CA PRO B 361 -26.14 -38.49 -10.22
C PRO B 361 -27.17 -37.93 -11.21
N ASN B 362 -28.18 -38.73 -11.54
CA ASN B 362 -29.19 -38.29 -12.49
C ASN B 362 -30.62 -38.16 -11.97
N GLY B 363 -30.86 -38.48 -10.71
CA GLY B 363 -32.22 -38.35 -10.19
C GLY B 363 -32.59 -36.89 -9.98
N PRO B 364 -33.88 -36.57 -9.77
CA PRO B 364 -34.27 -35.17 -9.56
C PRO B 364 -33.75 -34.68 -8.23
N GLY B 365 -33.63 -33.35 -8.08
CA GLY B 365 -33.12 -32.79 -6.84
C GLY B 365 -31.65 -33.12 -6.65
N LEU B 366 -31.31 -33.65 -5.48
CA LEU B 366 -29.93 -34.01 -5.19
C LEU B 366 -29.61 -35.39 -5.74
N GLY B 367 -30.63 -36.07 -6.25
CA GLY B 367 -30.45 -37.39 -6.79
C GLY B 367 -30.10 -38.38 -5.71
N ALA B 368 -30.63 -38.15 -4.52
CA ALA B 368 -30.36 -39.00 -3.38
C ALA B 368 -31.64 -39.46 -2.70
N VAL B 369 -31.66 -40.71 -2.23
CA VAL B 369 -32.84 -41.24 -1.55
C VAL B 369 -32.41 -41.84 -0.22
N LEU B 370 -32.92 -41.27 0.87
CA LEU B 370 -32.58 -41.72 2.21
C LEU B 370 -33.20 -43.06 2.59
N ILE B 371 -32.46 -43.83 3.40
CA ILE B 371 -32.94 -45.11 3.91
C ILE B 371 -33.39 -44.74 5.32
N LYS B 372 -34.65 -44.31 5.44
CA LYS B 372 -35.20 -43.90 6.73
C LYS B 372 -34.89 -44.89 7.84
N ARG B 373 -34.97 -46.18 7.52
CA ARG B 373 -34.69 -47.24 8.49
C ARG B 373 -33.34 -47.05 9.17
N ASN B 374 -32.32 -46.75 8.38
CA ASN B 374 -30.99 -46.57 8.91
C ASN B 374 -30.77 -45.33 9.74
N ILE B 375 -31.48 -44.24 9.44
CA ILE B 375 -31.30 -43.01 10.21
C ILE B 375 -32.32 -42.81 11.33
N GLU B 376 -33.44 -43.49 11.23
CA GLU B 376 -34.50 -43.38 12.23
C GLU B 376 -33.96 -43.48 13.67
N PRO B 377 -33.10 -44.47 13.94
CA PRO B 377 -32.51 -44.63 15.28
C PRO B 377 -31.79 -43.39 15.80
N TYR B 378 -31.31 -42.54 14.91
CA TYR B 378 -30.57 -41.34 15.31
C TYR B 378 -31.37 -40.04 15.27
N LEU B 379 -32.69 -40.14 15.21
CA LEU B 379 -33.54 -38.96 15.20
C LEU B 379 -33.21 -38.17 16.45
N TRP B 380 -32.84 -36.90 16.27
CA TRP B 380 -32.45 -36.04 17.39
C TRP B 380 -33.53 -35.04 17.77
N ALA B 381 -34.28 -34.54 16.79
CA ALA B 381 -35.35 -33.59 17.07
C ALA B 381 -36.33 -33.51 15.91
N SER B 382 -37.52 -33.00 16.21
CA SER B 382 -38.57 -32.83 15.21
C SER B 382 -39.24 -31.49 15.44
N CYS B 383 -39.41 -30.73 14.37
CA CYS B 383 -40.04 -29.41 14.45
C CYS B 383 -41.24 -29.36 13.52
N THR B 384 -42.41 -29.17 14.10
CA THR B 384 -43.64 -29.10 13.31
C THR B 384 -44.50 -27.92 13.72
N LEU C 3 -2.19 -5.22 52.21
CA LEU C 3 -0.73 -4.92 52.36
C LEU C 3 -0.40 -3.51 51.93
N LYS C 4 0.76 -3.03 52.37
CA LYS C 4 1.22 -1.70 52.02
C LYS C 4 2.73 -1.79 51.81
N ILE C 5 3.23 -1.18 50.75
CA ILE C 5 4.66 -1.20 50.47
C ILE C 5 5.36 -0.30 51.46
N THR C 6 6.37 -0.83 52.15
CA THR C 6 7.08 -0.05 53.15
C THR C 6 8.52 0.33 52.83
N GLY C 7 9.09 -0.31 51.81
CA GLY C 7 10.46 0.01 51.46
C GLY C 7 10.97 -0.67 50.21
N VAL C 8 11.98 -0.07 49.60
CA VAL C 8 12.57 -0.61 48.39
C VAL C 8 14.09 -0.53 48.43
N ASN C 9 14.73 -1.68 48.25
CA ASN C 9 16.18 -1.73 48.23
C ASN C 9 16.64 -2.07 46.83
N ILE C 10 17.66 -1.36 46.35
CA ILE C 10 18.20 -1.56 45.02
C ILE C 10 19.64 -2.02 45.10
N TYR C 11 19.96 -3.11 44.42
CA TYR C 11 21.31 -3.66 44.43
C TYR C 11 22.00 -3.60 43.07
N LEU C 12 23.17 -2.98 43.03
CA LEU C 12 23.96 -2.89 41.80
C LEU C 12 25.14 -3.82 42.01
N LEU C 13 25.02 -5.05 41.52
CA LEU C 13 26.06 -6.05 41.69
C LEU C 13 27.22 -6.07 40.70
N LYS C 14 28.26 -6.80 41.10
CA LYS C 14 29.45 -7.00 40.29
C LYS C 14 29.66 -8.50 40.34
N SER C 15 29.00 -9.22 39.43
CA SER C 15 29.09 -10.67 39.38
C SER C 15 29.76 -11.12 38.09
N GLY C 16 31.04 -11.48 38.20
CA GLY C 16 31.77 -11.92 37.03
C GLY C 16 31.85 -10.86 35.97
N ARG C 17 31.44 -11.22 34.76
CA ARG C 17 31.45 -10.30 33.64
C ARG C 17 30.19 -9.44 33.58
N LEU C 18 29.23 -9.73 34.46
CA LEU C 18 27.97 -9.00 34.51
C LEU C 18 27.85 -8.02 35.67
N HIS C 19 26.86 -7.14 35.58
CA HIS C 19 26.58 -6.18 36.63
C HIS C 19 25.07 -6.16 36.87
N PRO C 20 24.53 -7.26 37.42
CA PRO C 20 23.10 -7.42 37.72
C PRO C 20 22.53 -6.32 38.60
N VAL C 21 21.31 -5.90 38.26
CA VAL C 21 20.61 -4.86 39.01
C VAL C 21 19.36 -5.53 39.56
N LEU C 22 19.28 -5.63 40.89
CA LEU C 22 18.13 -6.27 41.54
C LEU C 22 17.37 -5.30 42.40
N VAL C 23 16.12 -5.64 42.70
CA VAL C 23 15.28 -4.79 43.53
C VAL C 23 14.50 -5.65 44.52
N GLU C 24 14.36 -5.17 45.75
CA GLU C 24 13.60 -5.90 46.75
C GLU C 24 12.56 -4.95 47.33
N ILE C 25 11.30 -5.37 47.29
CA ILE C 25 10.22 -4.56 47.83
C ILE C 25 9.69 -5.18 49.12
N SER C 26 9.64 -4.38 50.18
CA SER C 26 9.15 -4.86 51.47
C SER C 26 7.74 -4.35 51.73
N THR C 27 6.97 -5.11 52.49
CA THR C 27 5.59 -4.72 52.82
C THR C 27 5.41 -4.69 54.34
N ASP C 28 4.39 -3.95 54.77
CA ASP C 28 4.11 -3.81 56.20
C ASP C 28 3.81 -5.13 56.90
N GLU C 29 3.87 -6.23 56.16
CA GLU C 29 3.60 -7.52 56.77
C GLU C 29 4.67 -8.57 56.56
N GLY C 30 5.91 -8.11 56.39
CA GLY C 30 7.05 -9.00 56.22
C GLY C 30 7.20 -9.75 54.92
N ILE C 31 6.26 -9.57 53.99
CA ILE C 31 6.35 -10.27 52.71
C ILE C 31 7.14 -9.40 51.74
N THR C 32 8.20 -9.95 51.16
CA THR C 32 9.00 -9.19 50.22
C THR C 32 9.04 -9.82 48.83
N GLY C 33 9.17 -8.98 47.82
CA GLY C 33 9.24 -9.45 46.45
C GLY C 33 10.59 -9.06 45.87
N ALA C 34 11.09 -9.87 44.95
CA ALA C 34 12.37 -9.59 44.31
C ALA C 34 12.17 -9.49 42.81
N GLY C 35 12.91 -8.59 42.18
CA GLY C 35 12.83 -8.41 40.74
C GLY C 35 14.21 -8.06 40.22
N GLU C 36 14.40 -8.14 38.92
CA GLU C 36 15.69 -7.82 38.32
C GLU C 36 15.55 -7.07 37.00
N ALA C 37 16.26 -5.95 36.88
CA ALA C 37 16.25 -5.15 35.66
C ALA C 37 17.24 -5.80 34.69
N GLY C 38 16.80 -6.05 33.46
CA GLY C 38 17.64 -6.70 32.48
C GLY C 38 18.81 -5.92 31.90
N ILE C 39 19.39 -5.00 32.68
CA ILE C 39 20.53 -4.23 32.21
C ILE C 39 21.76 -4.75 32.97
N ALA C 40 22.01 -6.05 32.83
CA ALA C 40 23.14 -6.69 33.51
C ALA C 40 24.40 -6.68 32.67
N TYR C 41 24.29 -6.24 31.42
CA TYR C 41 25.43 -6.17 30.52
C TYR C 41 25.30 -4.90 29.69
N GLY C 42 26.28 -4.64 28.84
CA GLY C 42 26.23 -3.44 28.04
C GLY C 42 26.57 -2.27 28.94
N VAL C 43 26.23 -1.06 28.51
CA VAL C 43 26.54 0.13 29.29
C VAL C 43 25.27 0.78 29.83
N GLY C 44 25.11 0.79 31.15
CA GLY C 44 23.93 1.40 31.75
C GLY C 44 23.41 0.77 33.03
N GLY C 45 24.21 -0.10 33.64
CA GLY C 45 23.79 -0.75 34.87
C GLY C 45 23.44 0.24 35.98
N THR C 46 24.20 1.33 36.04
CA THR C 46 23.99 2.36 37.05
C THR C 46 22.74 3.15 36.70
N ALA C 47 22.50 3.30 35.40
CA ALA C 47 21.33 4.03 34.91
C ALA C 47 20.08 3.29 35.35
N ALA C 48 20.12 1.96 35.25
CA ALA C 48 19.01 1.12 35.64
C ALA C 48 18.75 1.24 37.14
N ALA C 49 19.81 1.14 37.93
CA ALA C 49 19.67 1.26 39.39
C ALA C 49 19.07 2.61 39.75
N GLY C 50 19.51 3.67 39.08
CA GLY C 50 18.99 4.99 39.37
C GLY C 50 17.53 5.13 39.00
N ILE C 52 15.24 2.68 39.03
CA ILE C 52 14.43 1.98 40.03
C ILE C 52 14.31 2.88 41.26
N LYS C 53 15.37 3.64 41.53
CA LYS C 53 15.37 4.56 42.66
C LYS C 53 14.33 5.65 42.45
N ASP C 54 14.33 6.25 41.26
CA ASP C 54 13.38 7.32 40.96
C ASP C 54 11.93 6.84 40.91
N LEU C 55 11.72 5.67 40.32
CA LEU C 55 10.37 5.11 40.24
C LEU C 55 9.85 4.80 41.64
N SER C 56 10.68 4.13 42.43
CA SER C 56 10.28 3.77 43.79
C SER C 56 9.91 5.00 44.61
N GLU C 57 10.80 5.99 44.62
CA GLU C 57 10.55 7.21 45.40
C GLU C 57 9.28 7.96 45.02
N ARG C 58 8.98 7.99 43.73
CA ARG C 58 7.79 8.70 43.27
C ARG C 58 6.49 7.91 43.29
N PHE C 59 6.56 6.60 43.06
CA PHE C 59 5.34 5.80 42.96
C PHE C 59 5.05 4.64 43.92
N LEU C 60 6.07 4.12 44.59
CA LEU C 60 5.87 2.93 45.42
C LEU C 60 5.55 2.99 46.91
N ILE C 61 6.28 3.79 47.67
CA ILE C 61 6.06 3.85 49.10
C ILE C 61 4.62 4.14 49.51
N GLY C 62 4.05 3.23 50.30
CA GLY C 62 2.68 3.40 50.77
C GLY C 62 1.58 2.83 49.90
N LYS C 63 1.92 2.27 48.74
CA LYS C 63 0.91 1.73 47.84
C LYS C 63 0.55 0.28 48.14
N ASP C 64 -0.67 -0.08 47.75
CA ASP C 64 -1.17 -1.44 47.89
C ASP C 64 -0.48 -2.20 46.76
N PRO C 65 0.38 -3.17 47.11
CA PRO C 65 1.09 -3.95 46.08
C PRO C 65 0.22 -4.88 45.24
N SER C 66 -0.98 -5.20 45.71
CA SER C 66 -1.88 -6.09 44.97
C SER C 66 -2.44 -5.45 43.71
N ARG C 67 -2.30 -4.14 43.60
CA ARG C 67 -2.79 -3.40 42.44
C ARG C 67 -1.67 -3.27 41.42
N ILE C 68 -1.20 -4.41 40.92
CA ILE C 68 -0.10 -4.40 39.98
C ILE C 68 -0.43 -3.68 38.68
N GLU C 69 -1.60 -3.95 38.10
CA GLU C 69 -1.99 -3.29 36.85
C GLU C 69 -1.98 -1.78 37.02
N GLU C 70 -2.57 -1.31 38.12
CA GLU C 70 -2.65 0.12 38.38
C GLU C 70 -1.28 0.77 38.57
N LEU C 71 -0.38 0.11 39.29
CA LEU C 71 0.95 0.64 39.51
C LEU C 71 1.71 0.73 38.19
N TRP C 72 1.61 -0.32 37.38
CA TRP C 72 2.30 -0.32 36.10
C TRP C 72 1.75 0.87 35.29
N SER C 73 0.43 0.96 35.24
CA SER C 73 -0.25 2.03 34.53
C SER C 73 0.19 3.41 35.01
N THR C 74 0.33 3.56 36.33
CA THR C 74 0.75 4.83 36.92
C THR C 74 2.16 5.21 36.50
N TYR C 76 3.74 4.20 33.91
CA TYR C 76 3.77 4.45 32.47
C TYR C 76 3.20 5.83 32.16
N ASP C 77 2.07 6.16 32.76
CA ASP C 77 1.41 7.45 32.53
C ASP C 77 2.07 8.69 33.12
N HIS C 78 2.77 8.55 34.23
CA HIS C 78 3.33 9.71 34.90
C HIS C 78 4.84 9.84 35.08
N SER C 79 5.60 8.98 34.41
CA SER C 79 7.05 9.04 34.49
C SER C 79 7.50 9.96 33.36
N PHE C 80 6.59 10.10 32.39
CA PHE C 80 6.79 10.89 31.19
C PHE C 80 7.68 10.16 30.19
N TRP C 81 8.81 9.64 30.65
CA TRP C 81 9.73 8.95 29.74
C TRP C 81 9.33 7.55 29.31
N ALA C 82 8.22 7.04 29.84
CA ALA C 82 7.74 5.71 29.47
C ALA C 82 7.08 5.70 28.09
N LYS C 83 6.44 6.82 27.72
CA LYS C 83 5.78 6.91 26.41
C LYS C 83 6.87 6.92 25.34
N ASN C 84 6.86 5.86 24.52
CA ASN C 84 7.85 5.63 23.48
C ASN C 84 9.18 5.43 24.21
N GLY C 85 9.08 4.94 25.44
CA GLY C 85 10.25 4.73 26.28
C GLY C 85 11.18 3.61 25.88
N GLY C 86 12.39 3.64 26.44
CA GLY C 86 13.40 2.64 26.13
C GLY C 86 13.77 1.63 27.19
N ALA C 87 14.92 0.99 26.98
CA ALA C 87 15.44 -0.05 27.86
C ALA C 87 15.60 0.33 29.34
N ILE C 88 16.02 1.54 29.63
CA ILE C 88 16.22 1.93 31.01
C ILE C 88 14.91 2.07 31.78
N ILE C 89 14.01 2.91 31.29
CA ILE C 89 12.73 3.12 31.94
C ILE C 89 11.96 1.80 32.10
N PHE C 90 11.93 0.98 31.06
CA PHE C 90 11.18 -0.27 31.16
C PHE C 90 11.87 -1.40 31.90
N ALA C 91 13.20 -1.37 31.99
CA ALA C 91 13.89 -2.40 32.75
C ALA C 91 13.60 -2.11 34.21
N GLY C 92 13.55 -0.82 34.54
CA GLY C 92 13.28 -0.40 35.91
C GLY C 92 11.86 -0.80 36.28
N ILE C 93 10.93 -0.50 35.39
CA ILE C 93 9.53 -0.84 35.59
C ILE C 93 9.39 -2.38 35.65
N SER C 94 10.17 -3.07 34.83
CA SER C 94 10.13 -4.53 34.77
C SER C 94 10.53 -5.17 36.11
N ALA C 95 11.64 -4.70 36.66
CA ALA C 95 12.14 -5.23 37.93
C ALA C 95 11.08 -5.06 39.02
N ILE C 96 10.49 -3.88 39.08
CA ILE C 96 9.47 -3.58 40.06
C ILE C 96 8.24 -4.48 39.87
N GLU C 97 7.79 -4.61 38.63
CA GLU C 97 6.62 -5.43 38.33
C GLU C 97 6.86 -6.90 38.71
N GLN C 98 8.09 -7.38 38.54
CA GLN C 98 8.42 -8.75 38.89
C GLN C 98 8.23 -8.96 40.40
N ALA C 99 8.71 -8.00 41.18
CA ALA C 99 8.62 -8.06 42.64
C ALA C 99 7.16 -8.05 43.12
N LEU C 100 6.31 -7.30 42.43
CA LEU C 100 4.91 -7.22 42.82
C LEU C 100 4.23 -8.56 42.60
N TRP C 101 4.59 -9.26 41.51
CA TRP C 101 3.99 -10.55 41.25
C TRP C 101 4.55 -11.56 42.25
N ASP C 102 5.81 -11.39 42.62
CA ASP C 102 6.47 -12.27 43.59
C ASP C 102 5.70 -12.14 44.90
N ILE C 103 5.38 -10.91 45.28
CA ILE C 103 4.63 -10.65 46.50
C ILE C 103 3.23 -11.23 46.44
N LYS C 104 2.57 -11.09 45.30
CA LYS C 104 1.20 -11.60 45.15
C LYS C 104 1.18 -13.13 45.22
N GLY C 105 2.14 -13.78 44.58
CA GLY C 105 2.19 -15.23 44.61
C GLY C 105 2.41 -15.74 46.02
N LYS C 106 3.24 -15.02 46.77
CA LYS C 106 3.53 -15.42 48.15
C LYS C 106 2.30 -15.23 49.04
N CYS C 107 1.51 -14.20 48.77
CA CYS C 107 0.30 -13.96 49.56
C CYS C 107 -0.73 -15.05 49.32
N LEU C 108 -0.80 -15.53 48.08
CA LEU C 108 -1.77 -16.56 47.72
C LEU C 108 -1.20 -17.97 47.86
N GLY C 109 0.10 -18.05 48.18
CA GLY C 109 0.73 -19.34 48.36
C GLY C 109 0.98 -20.16 47.12
N VAL C 110 1.05 -19.51 45.95
CA VAL C 110 1.27 -20.25 44.71
C VAL C 110 2.26 -19.58 43.76
N PRO C 111 2.80 -20.35 42.81
CA PRO C 111 3.74 -19.78 41.84
C PRO C 111 2.99 -18.79 40.95
N VAL C 112 3.70 -17.78 40.45
CA VAL C 112 3.07 -16.80 39.60
C VAL C 112 2.36 -17.47 38.42
N TYR C 113 2.91 -18.56 37.91
CA TYR C 113 2.30 -19.23 36.78
C TYR C 113 0.90 -19.80 37.05
N GLU C 114 0.58 -20.03 38.33
CA GLU C 114 -0.76 -20.52 38.64
C GLU C 114 -1.73 -19.35 38.48
N LEU C 115 -1.27 -18.17 38.87
CA LEU C 115 -2.08 -16.96 38.75
C LEU C 115 -2.33 -16.62 37.27
N PHE C 116 -1.36 -16.93 36.42
CA PHE C 116 -1.45 -16.64 34.98
C PHE C 116 -2.32 -17.63 34.22
N GLY C 117 -2.78 -18.69 34.90
CA GLY C 117 -3.62 -19.67 34.23
C GLY C 117 -3.13 -21.11 34.28
N GLY C 118 -2.19 -21.40 35.18
CA GLY C 118 -1.69 -22.75 35.30
C GLY C 118 -0.50 -23.03 34.41
N LYS C 119 0.10 -24.21 34.60
CA LYS C 119 1.25 -24.58 33.79
C LYS C 119 0.82 -25.38 32.57
N ILE C 120 1.66 -25.34 31.54
CA ILE C 120 1.39 -26.07 30.31
C ILE C 120 2.47 -27.13 30.16
N ARG C 121 3.60 -26.90 30.80
CA ARG C 121 4.73 -27.81 30.76
C ARG C 121 5.43 -27.86 32.12
N ASP C 122 6.05 -29.00 32.42
CA ASP C 122 6.74 -29.17 33.69
C ASP C 122 8.22 -28.85 33.58
N ARG C 123 8.72 -28.77 32.36
CA ARG C 123 10.12 -28.47 32.14
C ARG C 123 10.31 -27.92 30.73
N VAL C 124 11.44 -27.25 30.53
CA VAL C 124 11.74 -26.65 29.24
C VAL C 124 13.15 -27.01 28.79
N ARG C 125 13.30 -27.21 27.50
CA ARG C 125 14.62 -27.52 26.95
C ARG C 125 15.31 -26.18 26.80
N ALA C 126 16.64 -26.21 26.68
CA ALA C 126 17.38 -24.97 26.55
C ALA C 126 18.57 -25.12 25.61
N TYR C 127 19.03 -23.98 25.10
CA TYR C 127 20.20 -23.98 24.23
C TYR C 127 21.30 -23.33 25.05
N ALA C 128 22.55 -23.64 24.75
CA ALA C 128 23.68 -23.08 25.50
C ALA C 128 24.24 -21.84 24.83
N ASN C 129 24.63 -20.87 25.65
CA ASN C 129 25.21 -19.61 25.16
C ASN C 129 26.49 -19.36 25.96
N GLY C 130 27.42 -18.61 25.37
CA GLY C 130 28.66 -18.29 26.05
C GLY C 130 29.65 -19.44 26.13
N TRP C 131 29.25 -20.62 25.66
CA TRP C 131 30.09 -21.81 25.67
C TRP C 131 31.39 -21.65 24.88
N TYR C 132 31.38 -20.73 23.92
CA TYR C 132 32.55 -20.48 23.07
C TYR C 132 33.71 -19.81 23.79
N GLY C 133 33.43 -19.23 24.95
CA GLY C 133 34.48 -18.58 25.73
C GLY C 133 35.20 -17.46 25.00
N ALA C 134 36.51 -17.62 24.79
CA ALA C 134 37.29 -16.61 24.11
C ALA C 134 37.82 -17.10 22.77
N ALA C 135 37.11 -18.06 22.16
CA ALA C 135 37.52 -18.59 20.88
C ALA C 135 37.53 -17.49 19.82
N ASP C 136 38.55 -17.53 18.95
CA ASP C 136 38.70 -16.56 17.90
C ASP C 136 38.79 -17.29 16.56
N THR C 137 39.67 -18.30 16.50
CA THR C 137 39.84 -19.08 15.29
C THR C 137 38.74 -20.12 15.16
N PRO C 138 38.51 -20.60 13.93
CA PRO C 138 37.49 -21.62 13.68
C PRO C 138 37.69 -22.89 14.51
N ASP C 139 38.93 -23.37 14.57
CA ASP C 139 39.23 -24.58 15.32
C ASP C 139 38.92 -24.44 16.80
N GLU C 140 39.16 -23.25 17.34
CA GLU C 140 38.87 -23.03 18.76
C GLU C 140 37.36 -23.14 18.99
N PHE C 141 36.59 -22.59 18.06
CA PHE C 141 35.14 -22.67 18.16
C PHE C 141 34.75 -24.14 18.05
N ALA C 142 35.36 -24.83 17.09
CA ALA C 142 35.11 -26.25 16.88
C ALA C 142 35.44 -27.02 18.14
N ARG C 143 36.51 -26.61 18.83
CA ARG C 143 36.92 -27.28 20.06
C ARG C 143 36.01 -26.95 21.22
N ALA C 144 35.38 -25.78 21.16
CA ALA C 144 34.48 -25.34 22.22
C ALA C 144 33.14 -26.06 22.21
N VAL C 145 32.78 -26.67 21.08
CA VAL C 145 31.50 -27.37 21.00
C VAL C 145 31.49 -28.66 21.81
N GLU C 146 32.67 -29.18 22.12
CA GLU C 146 32.77 -30.41 22.90
C GLU C 146 32.00 -30.40 24.21
N ARG C 147 32.41 -29.53 25.11
CA ARG C 147 31.81 -29.42 26.44
C ARG C 147 30.28 -29.28 26.49
N PRO C 148 29.72 -28.19 25.93
CA PRO C 148 28.27 -28.05 25.98
C PRO C 148 27.51 -29.29 25.53
N LEU C 149 27.97 -29.94 24.47
CA LEU C 149 27.32 -31.16 24.00
C LEU C 149 27.42 -32.24 25.07
N LYS C 150 28.60 -32.38 25.68
CA LYS C 150 28.80 -33.36 26.74
C LYS C 150 27.79 -33.12 27.85
N GLU C 151 27.54 -31.85 28.15
CA GLU C 151 26.60 -31.46 29.20
C GLU C 151 25.16 -31.78 28.83
N GLY C 152 24.94 -32.18 27.57
CA GLY C 152 23.60 -32.55 27.14
C GLY C 152 22.77 -31.56 26.33
N TYR C 153 23.33 -30.41 25.96
CA TYR C 153 22.59 -29.42 25.18
C TYR C 153 22.33 -29.88 23.75
N GLY C 154 21.12 -29.64 23.26
CA GLY C 154 20.77 -30.02 21.91
C GLY C 154 20.83 -28.84 20.96
N ALA C 155 21.11 -27.66 21.50
CA ALA C 155 21.18 -26.46 20.67
C ALA C 155 22.25 -25.51 21.20
N LEU C 156 22.91 -24.81 20.28
CA LEU C 156 23.96 -23.86 20.62
C LEU C 156 23.76 -22.53 19.92
N LYS C 157 24.16 -21.45 20.60
CA LYS C 157 24.05 -20.11 20.05
C LYS C 157 25.40 -19.41 20.19
N PHE C 158 25.77 -18.62 19.19
CA PHE C 158 27.03 -17.87 19.24
C PHE C 158 26.99 -16.66 18.32
N TYR C 159 28.02 -15.83 18.42
CA TYR C 159 28.13 -14.58 17.66
C TYR C 159 29.34 -14.64 16.72
N PRO C 160 29.13 -15.12 15.49
CA PRO C 160 30.21 -15.24 14.50
C PRO C 160 30.87 -13.94 14.06
N LEU C 161 30.22 -12.81 14.29
CA LEU C 161 30.77 -11.52 13.89
C LEU C 161 31.57 -10.84 14.99
N ALA C 162 31.33 -11.25 16.23
CA ALA C 162 32.01 -10.65 17.38
C ALA C 162 33.51 -10.97 17.40
N LEU C 169 36.21 -10.07 22.95
CA LEU C 169 35.71 -9.82 21.60
C LEU C 169 34.35 -9.11 21.66
N GLN C 170 34.28 -7.93 21.02
CA GLN C 170 33.06 -7.13 21.01
C GLN C 170 32.25 -7.28 19.72
N HIS C 171 31.27 -6.41 19.52
CA HIS C 171 30.43 -6.48 18.32
C HIS C 171 30.89 -5.55 17.20
N VAL C 172 30.22 -5.66 16.05
CA VAL C 172 30.57 -4.87 14.86
C VAL C 172 30.63 -3.37 15.04
N THR C 173 31.66 -2.78 14.46
CA THR C 173 31.89 -1.35 14.50
C THR C 173 31.43 -0.69 13.20
N ARG C 174 30.53 0.27 13.33
CA ARG C 174 30.00 1.00 12.19
C ARG C 174 29.48 0.12 11.04
N ARG C 175 28.87 -1.01 11.39
CA ARG C 175 28.31 -1.94 10.42
C ARG C 175 29.30 -2.30 9.32
N SER C 176 30.58 -2.41 9.66
CA SER C 176 31.59 -2.73 8.67
C SER C 176 32.61 -3.75 9.13
N SER C 178 36.06 -6.28 7.39
CA SER C 178 36.94 -6.54 6.26
C SER C 178 36.52 -7.86 5.63
N ALA C 179 36.99 -8.12 4.43
CA ALA C 179 36.65 -9.38 3.75
C ALA C 179 37.21 -10.52 4.58
N GLU C 180 38.38 -10.29 5.15
CA GLU C 180 39.03 -11.30 5.99
C GLU C 180 38.14 -11.64 7.18
N ALA C 181 37.61 -10.60 7.81
CA ALA C 181 36.74 -10.78 8.96
C ALA C 181 35.44 -11.49 8.62
N ILE C 182 34.89 -11.18 7.44
CA ILE C 182 33.63 -11.81 7.00
C ILE C 182 33.84 -13.29 6.63
N GLU C 183 34.94 -13.60 5.99
CA GLU C 183 35.23 -14.99 5.61
C GLU C 183 35.45 -15.80 6.90
N LEU C 184 36.09 -15.17 7.88
CA LEU C 184 36.34 -15.83 9.16
C LEU C 184 35.01 -16.11 9.84
N ALA C 185 34.05 -15.18 9.70
CA ALA C 185 32.74 -15.36 10.31
C ALA C 185 32.10 -16.62 9.73
N TYR C 186 32.20 -16.77 8.41
CA TYR C 186 31.65 -17.94 7.75
C TYR C 186 32.35 -19.21 8.22
N ARG C 187 33.68 -19.14 8.34
CA ARG C 187 34.49 -20.28 8.78
C ARG C 187 34.16 -20.76 10.19
N ARG C 188 33.84 -19.83 11.08
CA ARG C 188 33.49 -20.20 12.44
C ARG C 188 32.19 -21.01 12.41
N VAL C 189 31.16 -20.45 11.78
CA VAL C 189 29.87 -21.13 11.68
C VAL C 189 30.07 -22.52 11.06
N LYS C 190 30.88 -22.60 10.01
CA LYS C 190 31.14 -23.86 9.34
C LYS C 190 31.81 -24.84 10.31
N ALA C 191 32.79 -24.34 11.04
CA ALA C 191 33.52 -25.16 12.01
C ALA C 191 32.59 -25.68 13.10
N VAL C 192 31.66 -24.84 13.53
CA VAL C 192 30.72 -25.24 14.57
C VAL C 192 29.78 -26.33 14.07
N ARG C 193 29.27 -26.18 12.84
CA ARG C 193 28.38 -27.20 12.30
C ARG C 193 29.14 -28.51 12.12
N ASP C 194 30.35 -28.43 11.56
CA ASP C 194 31.17 -29.63 11.35
C ASP C 194 31.53 -30.34 12.66
N ALA C 195 31.83 -29.56 13.69
CA ALA C 195 32.20 -30.14 14.98
C ALA C 195 31.00 -30.58 15.82
N ALA C 196 29.84 -30.00 15.55
CA ALA C 196 28.64 -30.34 16.31
C ALA C 196 27.88 -31.52 15.72
N GLY C 197 27.98 -31.72 14.42
CA GLY C 197 27.26 -32.80 13.78
C GLY C 197 25.98 -32.25 13.19
N PRO C 198 25.22 -33.05 12.43
CA PRO C 198 23.97 -32.62 11.80
C PRO C 198 22.75 -32.45 12.70
N GLU C 199 22.70 -33.19 13.81
CA GLU C 199 21.55 -33.14 14.71
C GLU C 199 21.58 -32.11 15.84
N ILE C 200 22.40 -31.06 15.67
CA ILE C 200 22.49 -30.02 16.68
C ILE C 200 21.96 -28.71 16.10
N GLU C 201 21.01 -28.09 16.80
CA GLU C 201 20.43 -26.83 16.35
C GLU C 201 21.41 -25.68 16.60
N LEU C 202 21.65 -24.89 15.56
CA LEU C 202 22.56 -23.75 15.67
C LEU C 202 21.84 -22.42 15.53
N VAL C 204 22.49 -18.25 15.37
CA VAL C 204 23.51 -17.24 15.12
C VAL C 204 22.97 -15.85 15.45
N ASP C 205 23.66 -15.17 16.36
CA ASP C 205 23.27 -13.83 16.76
C ASP C 205 24.23 -12.84 16.12
N LEU C 206 23.71 -11.96 15.26
CA LEU C 206 24.54 -10.96 14.58
C LEU C 206 24.58 -9.67 15.38
N SER C 207 23.67 -9.55 16.36
CA SER C 207 23.58 -8.39 17.22
C SER C 207 23.58 -7.07 16.43
N GLY C 208 22.89 -7.05 15.30
CA GLY C 208 22.85 -5.85 14.49
C GLY C 208 23.36 -6.05 13.08
N GLY C 209 24.30 -6.97 12.93
CA GLY C 209 24.85 -7.27 11.62
C GLY C 209 25.61 -6.14 10.95
N LEU C 210 25.58 -6.11 9.62
CA LEU C 210 26.26 -5.10 8.83
C LEU C 210 25.19 -4.25 8.15
N THR C 211 25.49 -3.76 6.96
CA THR C 211 24.51 -2.99 6.20
C THR C 211 23.69 -4.09 5.53
N THR C 212 22.44 -3.79 5.17
CA THR C 212 21.56 -4.77 4.57
C THR C 212 22.19 -5.69 3.51
N ASP C 213 22.84 -5.10 2.52
CA ASP C 213 23.46 -5.88 1.45
C ASP C 213 24.45 -6.94 1.94
N GLU C 214 25.41 -6.54 2.77
CA GLU C 214 26.40 -7.49 3.27
C GLU C 214 25.80 -8.53 4.19
N THR C 215 24.77 -8.14 4.95
CA THR C 215 24.11 -9.08 5.87
C THR C 215 23.38 -10.15 5.08
N ILE C 216 22.67 -9.73 4.03
CA ILE C 216 21.94 -10.69 3.21
C ILE C 216 22.93 -11.68 2.60
N ARG C 217 24.05 -11.15 2.10
CA ARG C 217 25.09 -11.98 1.50
C ARG C 217 25.59 -13.05 2.48
N PHE C 218 25.91 -12.63 3.70
CA PHE C 218 26.39 -13.56 4.72
C PHE C 218 25.33 -14.60 5.09
N CYS C 219 24.09 -14.15 5.31
CA CYS C 219 23.02 -15.07 5.67
C CYS C 219 22.80 -16.13 4.60
N ARG C 220 22.88 -15.73 3.34
CA ARG C 220 22.70 -16.68 2.25
C ARG C 220 23.86 -17.67 2.24
N LYS C 221 25.07 -17.16 2.44
CA LYS C 221 26.26 -17.99 2.44
C LYS C 221 26.26 -19.08 3.51
N ILE C 222 25.64 -18.82 4.66
CA ILE C 222 25.59 -19.83 5.71
C ILE C 222 24.32 -20.66 5.70
N GLY C 223 23.44 -20.39 4.74
CA GLY C 223 22.20 -21.13 4.65
C GLY C 223 22.38 -22.64 4.52
N GLU C 224 23.47 -23.05 3.87
CA GLU C 224 23.76 -24.47 3.68
C GLU C 224 24.16 -25.18 4.96
N LEU C 225 24.53 -24.41 5.98
CA LEU C 225 24.95 -24.98 7.25
C LEU C 225 23.78 -25.32 8.17
N ASP C 226 22.56 -25.14 7.67
CA ASP C 226 21.35 -25.45 8.42
C ASP C 226 21.22 -24.71 9.75
N ILE C 227 20.90 -23.43 9.66
CA ILE C 227 20.76 -22.57 10.83
C ILE C 227 19.31 -22.58 11.33
N CYS C 228 19.13 -22.70 12.65
CA CYS C 228 17.80 -22.72 13.24
C CYS C 228 17.17 -21.33 13.03
N PHE C 229 17.92 -20.29 13.40
CA PHE C 229 17.48 -18.92 13.20
C PHE C 229 18.65 -17.96 13.35
N VAL C 230 18.50 -16.76 12.79
CA VAL C 230 19.52 -15.73 12.90
C VAL C 230 18.89 -14.64 13.74
N GLU C 231 19.60 -14.22 14.79
CA GLU C 231 19.11 -13.20 15.70
C GLU C 231 19.59 -11.81 15.34
N GLU C 232 18.68 -10.84 15.40
CA GLU C 232 18.94 -9.44 15.08
C GLU C 232 19.88 -9.25 13.89
N PRO C 233 19.42 -9.58 12.67
CA PRO C 233 20.23 -9.43 11.47
C PRO C 233 20.52 -7.97 11.13
N CYS C 234 19.75 -7.05 11.70
CA CYS C 234 19.98 -5.63 11.44
C CYS C 234 19.74 -4.80 12.70
N ASP C 235 20.15 -3.53 12.67
CA ASP C 235 19.98 -2.64 13.80
C ASP C 235 18.50 -2.62 14.21
N PRO C 236 18.21 -2.85 15.50
CA PRO C 236 16.84 -2.87 16.03
C PRO C 236 16.06 -1.59 15.69
N PHE C 237 16.78 -0.52 15.39
CA PHE C 237 16.16 0.77 15.04
C PHE C 237 15.55 0.77 13.64
N ASP C 238 16.09 -0.05 12.74
CA ASP C 238 15.64 -0.11 11.35
C ASP C 238 14.72 -1.28 11.00
N ASN C 239 13.41 -1.08 11.17
CA ASN C 239 12.46 -2.15 10.86
C ASN C 239 12.31 -2.33 9.36
N GLY C 240 12.64 -1.30 8.59
CA GLY C 240 12.54 -1.40 7.14
C GLY C 240 13.56 -2.40 6.64
N ALA C 241 14.78 -2.30 7.15
CA ALA C 241 15.85 -3.21 6.78
C ALA C 241 15.47 -4.63 7.18
N LEU C 242 14.87 -4.77 8.37
CA LEU C 242 14.47 -6.09 8.85
C LEU C 242 13.52 -6.79 7.88
N LYS C 243 12.53 -6.07 7.38
CA LYS C 243 11.57 -6.64 6.44
C LYS C 243 12.28 -7.05 5.15
N VAL C 244 13.07 -6.13 4.60
CA VAL C 244 13.82 -6.41 3.37
C VAL C 244 14.65 -7.68 3.54
N ILE C 245 15.38 -7.77 4.65
CA ILE C 245 16.22 -8.92 4.90
C ILE C 245 15.41 -10.22 4.97
N SER C 246 14.28 -10.22 5.67
CA SER C 246 13.47 -11.42 5.79
C SER C 246 12.99 -11.95 4.43
N GLU C 247 12.73 -11.04 3.51
CA GLU C 247 12.27 -11.40 2.18
C GLU C 247 13.42 -11.90 1.31
N GLN C 248 14.64 -11.51 1.67
CA GLN C 248 15.81 -11.88 0.89
C GLN C 248 16.70 -13.02 1.39
N ILE C 249 16.49 -13.49 2.61
CA ILE C 249 17.33 -14.57 3.13
C ILE C 249 16.54 -15.84 3.42
N PRO C 250 17.22 -17.00 3.35
CA PRO C 250 16.65 -18.33 3.59
C PRO C 250 16.64 -18.78 5.05
N LEU C 251 16.90 -17.87 5.97
CA LEU C 251 16.94 -18.22 7.38
C LEU C 251 15.81 -17.61 8.20
N PRO C 252 15.33 -18.32 9.22
CA PRO C 252 14.26 -17.79 10.06
C PRO C 252 14.94 -16.67 10.84
N ILE C 253 14.21 -15.60 11.14
CA ILE C 253 14.78 -14.47 11.86
C ILE C 253 14.17 -14.36 13.26
N ALA C 254 14.99 -13.92 14.22
CA ALA C 254 14.54 -13.75 15.59
C ALA C 254 14.99 -12.39 16.12
N VAL C 255 14.07 -11.67 16.77
CA VAL C 255 14.38 -10.37 17.34
C VAL C 255 13.55 -10.16 18.60
N GLY C 256 13.82 -9.09 19.33
CA GLY C 256 13.06 -8.82 20.54
C GLY C 256 13.86 -8.41 21.75
N GLU C 257 15.14 -8.75 21.76
CA GLU C 257 16.01 -8.43 22.89
C GLU C 257 16.03 -6.93 23.14
N ARG C 258 15.93 -6.15 22.07
CA ARG C 258 15.94 -4.70 22.20
C ARG C 258 14.65 -4.03 21.74
N VAL C 259 13.53 -4.67 22.08
CA VAL C 259 12.19 -4.17 21.75
C VAL C 259 11.44 -4.19 23.09
N TYR C 260 10.69 -3.14 23.37
CA TYR C 260 10.02 -3.04 24.67
C TYR C 260 8.51 -2.82 24.69
N THR C 261 7.83 -3.62 25.52
CA THR C 261 6.38 -3.58 25.71
C THR C 261 5.55 -3.96 24.49
N ARG C 262 4.24 -4.10 24.70
CA ARG C 262 3.29 -4.43 23.64
C ARG C 262 3.38 -3.37 22.55
N PHE C 263 3.50 -2.12 22.97
CA PHE C 263 3.58 -1.01 22.06
C PHE C 263 4.80 -1.11 21.16
N GLY C 264 5.89 -1.64 21.70
CA GLY C 264 7.10 -1.81 20.91
C GLY C 264 6.99 -3.01 19.98
N PHE C 265 6.47 -4.11 20.49
CA PHE C 265 6.35 -5.31 19.67
C PHE C 265 5.28 -5.21 18.59
N ARG C 266 4.32 -4.30 18.74
CA ARG C 266 3.30 -4.13 17.72
C ARG C 266 3.98 -3.84 16.39
N LYS C 267 5.01 -3.01 16.43
CA LYS C 267 5.75 -2.63 15.23
C LYS C 267 6.43 -3.84 14.59
N ILE C 268 6.84 -4.79 15.41
CA ILE C 268 7.50 -5.99 14.90
C ILE C 268 6.45 -6.90 14.26
N PHE C 269 5.35 -7.09 14.98
CA PHE C 269 4.25 -7.93 14.53
C PHE C 269 3.69 -7.53 13.17
N GLU C 270 3.45 -6.24 12.97
CA GLU C 270 2.89 -5.76 11.72
C GLU C 270 3.81 -5.99 10.53
N LEU C 271 5.10 -6.21 10.81
CA LEU C 271 6.08 -6.46 9.75
C LEU C 271 5.91 -7.87 9.19
N GLN C 272 5.57 -8.79 10.08
CA GLN C 272 5.39 -10.19 9.71
C GLN C 272 6.63 -10.65 8.96
N ALA C 273 7.78 -10.34 9.52
CA ALA C 273 9.06 -10.69 8.93
C ALA C 273 9.83 -11.66 9.82
N CYS C 274 9.37 -11.84 11.04
CA CYS C 274 10.03 -12.73 11.99
C CYS C 274 9.12 -13.88 12.36
N GLY C 275 9.72 -14.99 12.77
CA GLY C 275 8.96 -16.15 13.18
C GLY C 275 9.16 -16.39 14.66
N ILE C 276 10.13 -15.68 15.24
CA ILE C 276 10.44 -15.82 16.65
C ILE C 276 10.75 -14.49 17.34
N ILE C 277 10.13 -14.24 18.48
CA ILE C 277 10.43 -13.02 19.23
C ILE C 277 11.16 -13.43 20.50
N GLN C 278 12.04 -12.56 20.97
CA GLN C 278 12.84 -12.86 22.16
C GLN C 278 12.76 -11.77 23.24
N PRO C 279 11.55 -11.58 23.82
CA PRO C 279 11.40 -10.56 24.85
C PRO C 279 12.16 -10.94 26.11
N ASP C 280 12.59 -9.94 26.88
CA ASP C 280 13.32 -10.14 28.13
C ASP C 280 12.37 -9.60 29.20
N ILE C 281 11.96 -10.44 30.15
CA ILE C 281 11.04 -9.97 31.18
C ILE C 281 11.67 -8.81 31.98
N GLY C 282 12.99 -8.69 31.90
CA GLY C 282 13.70 -7.65 32.60
C GLY C 282 13.74 -6.32 31.86
N THR C 283 13.31 -6.31 30.61
CA THR C 283 13.32 -5.07 29.82
C THR C 283 12.01 -4.84 29.04
N ALA C 284 11.31 -5.91 28.70
CA ALA C 284 10.07 -5.79 27.93
C ALA C 284 8.92 -5.16 28.71
N GLY C 285 9.07 -5.03 30.02
CA GLY C 285 8.03 -4.43 30.84
C GLY C 285 7.63 -5.22 32.07
N GLY C 286 8.01 -6.50 32.13
CA GLY C 286 7.66 -7.32 33.28
C GLY C 286 7.09 -8.68 32.92
N LEU C 287 6.67 -9.43 33.93
CA LEU C 287 6.12 -10.77 33.70
C LEU C 287 4.79 -10.75 32.95
N GLU C 289 3.38 -8.15 31.35
CA GLU C 289 3.54 -7.43 30.09
C GLU C 289 4.10 -8.41 29.04
N THR C 290 5.08 -9.22 29.44
CA THR C 290 5.67 -10.17 28.51
C THR C 290 4.63 -11.26 28.15
N LYS C 291 3.82 -11.68 29.12
CA LYS C 291 2.79 -12.68 28.83
C LYS C 291 1.83 -12.10 27.79
N LYS C 292 1.48 -10.83 27.94
CA LYS C 292 0.59 -10.13 27.00
C LYS C 292 1.25 -10.06 25.62
N ILE C 293 2.55 -9.80 25.62
CA ILE C 293 3.31 -9.72 24.37
C ILE C 293 3.33 -11.09 23.67
N CYS C 294 3.45 -12.15 24.46
CA CYS C 294 3.48 -13.51 23.91
C CYS C 294 2.13 -13.90 23.35
N ALA C 295 1.06 -13.47 24.02
CA ALA C 295 -0.29 -13.76 23.58
C ALA C 295 -0.54 -13.05 22.25
N ALA C 297 1.78 -12.29 20.05
CA ALA C 297 2.60 -13.00 19.07
C ALA C 297 1.89 -14.22 18.49
N GLU C 298 1.03 -14.86 19.30
CA GLU C 298 0.30 -16.02 18.79
C GLU C 298 -0.63 -15.61 17.66
N ALA C 299 -1.10 -14.37 17.71
CA ALA C 299 -2.01 -13.85 16.69
C ALA C 299 -1.27 -13.63 15.38
N TYR C 300 0.06 -13.70 15.44
CA TYR C 300 0.89 -13.52 14.26
C TYR C 300 1.71 -14.77 13.92
N ASN C 301 1.24 -15.92 14.38
CA ASN C 301 1.88 -17.19 14.08
C ASN C 301 3.37 -17.25 14.47
N ARG C 303 6.46 -17.88 17.66
CA ARG C 303 6.77 -18.60 18.88
C ARG C 303 7.75 -17.74 19.67
N VAL C 304 7.96 -18.06 20.95
CA VAL C 304 8.81 -17.23 21.79
C VAL C 304 10.01 -17.94 22.43
N ALA C 305 11.16 -17.30 22.34
CA ALA C 305 12.42 -17.79 22.92
C ALA C 305 12.88 -16.65 23.80
N PRO C 306 12.36 -16.57 25.03
CA PRO C 306 12.73 -15.50 25.96
C PRO C 306 14.22 -15.28 26.12
N HIS C 307 14.61 -14.01 26.13
CA HIS C 307 16.00 -13.67 26.31
C HIS C 307 16.29 -13.48 27.79
N VAL C 308 17.32 -14.17 28.28
CA VAL C 308 17.69 -14.05 29.68
C VAL C 308 19.19 -14.01 29.85
N CYS C 309 19.67 -12.97 30.53
CA CYS C 309 21.09 -12.82 30.78
C CYS C 309 21.28 -11.91 32.00
N GLY C 310 21.33 -12.53 33.18
CA GLY C 310 21.50 -11.80 34.40
C GLY C 310 21.84 -12.77 35.51
N SER C 311 21.31 -12.53 36.71
CA SER C 311 21.58 -13.40 37.84
C SER C 311 20.62 -14.58 37.78
N SER C 312 20.70 -15.44 38.79
CA SER C 312 19.85 -16.62 38.88
C SER C 312 18.41 -16.18 39.04
N LEU C 313 18.22 -15.01 39.64
CA LEU C 313 16.89 -14.48 39.87
C LEU C 313 16.09 -14.30 38.58
N ILE C 314 16.61 -13.52 37.65
CA ILE C 314 15.90 -13.28 36.40
C ILE C 314 15.69 -14.56 35.60
N GLU C 315 16.63 -15.50 35.70
CA GLU C 315 16.46 -16.75 34.97
C GLU C 315 15.33 -17.56 35.60
N THR C 316 15.28 -17.56 36.93
CA THR C 316 14.23 -18.30 37.63
C THR C 316 12.88 -17.64 37.34
N ALA C 317 12.86 -16.31 37.36
CA ALA C 317 11.64 -15.56 37.08
C ALA C 317 11.13 -15.88 35.67
N THR C 318 12.04 -15.90 34.71
CA THR C 318 11.68 -16.21 33.33
C THR C 318 11.03 -17.59 33.23
N LEU C 319 11.45 -18.50 34.11
CA LEU C 319 10.86 -19.84 34.11
C LEU C 319 9.38 -19.78 34.46
N GLN C 320 8.97 -18.75 35.20
CA GLN C 320 7.56 -18.60 35.57
C GLN C 320 6.73 -18.41 34.30
N LEU C 321 7.20 -17.54 33.42
CA LEU C 321 6.52 -17.25 32.15
C LEU C 321 6.54 -18.45 31.21
N GLU C 322 7.71 -19.08 31.09
CA GLU C 322 7.88 -20.21 30.19
C GLU C 322 7.08 -21.44 30.58
N ALA C 323 6.61 -21.48 31.82
CA ALA C 323 5.81 -22.61 32.28
C ALA C 323 4.35 -22.42 31.88
N ASN C 324 4.00 -21.18 31.51
CA ASN C 324 2.62 -20.83 31.19
C ASN C 324 2.27 -20.38 29.76
N ILE C 325 3.17 -19.74 29.04
CA ILE C 325 2.82 -19.29 27.68
C ILE C 325 2.64 -20.46 26.74
N THR C 326 1.65 -20.35 25.85
CA THR C 326 1.35 -21.42 24.91
C THR C 326 2.29 -21.51 23.73
N ASN C 327 2.93 -20.40 23.36
CA ASN C 327 3.84 -20.45 22.21
C ASN C 327 5.32 -20.46 22.58
N PHE C 328 5.68 -21.19 23.62
CA PHE C 328 7.06 -21.30 24.07
C PHE C 328 7.88 -22.12 23.09
N ILE C 330 12.05 -22.21 23.25
CA ILE C 330 13.20 -22.71 23.97
C ILE C 330 13.74 -21.69 24.97
N HIS C 331 14.47 -22.20 25.96
CA HIS C 331 15.05 -21.39 27.03
C HIS C 331 16.54 -21.10 26.75
N GLU C 332 16.99 -19.91 27.13
CA GLU C 332 18.38 -19.52 26.93
C GLU C 332 19.14 -19.69 28.25
N HIS C 333 20.34 -20.29 28.18
CA HIS C 333 21.15 -20.51 29.37
C HIS C 333 22.66 -20.31 29.13
N TYR C 334 23.31 -19.67 30.10
CA TYR C 334 24.76 -19.41 30.06
C TYR C 334 25.39 -20.19 31.21
N PRO C 335 25.73 -21.47 30.97
CA PRO C 335 26.33 -22.27 32.05
C PRO C 335 27.65 -21.76 32.62
N ALA C 336 28.56 -21.36 31.74
CA ALA C 336 29.87 -20.88 32.15
C ALA C 336 29.86 -19.67 33.09
N PHE C 337 28.81 -18.86 33.01
CA PHE C 337 28.70 -17.66 33.85
C PHE C 337 28.84 -17.91 35.35
N LYS C 338 28.55 -19.13 35.80
CA LYS C 338 28.66 -19.45 37.22
C LYS C 338 30.12 -19.77 37.59
N ALA C 339 30.92 -20.11 36.59
CA ALA C 339 32.33 -20.43 36.79
C ALA C 339 33.17 -19.16 36.69
N ASP C 340 32.49 -18.06 36.37
CA ASP C 340 33.13 -16.76 36.22
C ASP C 340 33.88 -16.35 37.48
N ASP C 341 34.93 -15.57 37.30
CA ASP C 341 35.72 -15.08 38.42
C ASP C 341 35.01 -13.85 39.00
N GLY C 342 34.42 -14.01 40.17
CA GLY C 342 33.71 -12.91 40.79
C GLY C 342 32.21 -13.14 40.79
N TYR C 343 31.80 -14.32 40.34
CA TYR C 343 30.39 -14.67 40.29
C TYR C 343 29.74 -14.57 41.68
N VAL C 344 28.56 -13.99 41.71
CA VAL C 344 27.81 -13.85 42.96
C VAL C 344 26.49 -14.61 42.84
N GLU C 345 26.32 -15.66 43.63
CA GLU C 345 25.07 -16.42 43.59
C GLU C 345 24.04 -15.64 44.41
N VAL C 346 22.93 -15.28 43.78
CA VAL C 346 21.91 -14.52 44.47
C VAL C 346 20.77 -15.37 45.01
N LEU C 347 20.65 -16.60 44.52
CA LEU C 347 19.56 -17.47 44.95
C LEU C 347 19.97 -18.65 45.81
N GLU C 348 19.15 -18.89 46.83
CA GLU C 348 19.37 -19.98 47.76
C GLU C 348 19.18 -21.29 47.02
N ASN C 349 18.51 -21.20 45.86
CA ASN C 349 18.20 -22.37 45.05
C ASN C 349 18.29 -22.06 43.55
N PRO C 350 19.51 -21.78 43.05
CA PRO C 350 19.69 -21.48 41.63
C PRO C 350 19.14 -22.56 40.70
N PRO C 351 18.62 -22.15 39.53
CA PRO C 351 18.08 -23.11 38.58
C PRO C 351 19.21 -23.99 38.05
N SER C 352 19.09 -25.30 38.24
CA SER C 352 20.13 -26.22 37.78
C SER C 352 19.66 -27.04 36.58
N ILE C 353 20.47 -27.04 35.52
CA ILE C 353 20.15 -27.78 34.31
C ILE C 353 20.34 -29.28 34.51
N SER C 354 19.69 -30.06 33.66
CA SER C 354 19.79 -31.51 33.70
C SER C 354 19.67 -32.04 32.28
N SER C 355 20.82 -32.28 31.65
CA SER C 355 20.85 -32.78 30.29
C SER C 355 19.96 -31.96 29.35
N GLY C 356 20.12 -30.64 29.42
CA GLY C 356 19.36 -29.75 28.55
C GLY C 356 17.98 -29.32 28.99
N TYR C 357 17.57 -29.70 30.20
CA TYR C 357 16.24 -29.32 30.68
C TYR C 357 16.24 -28.69 32.07
N PHE C 358 15.32 -27.76 32.26
CA PHE C 358 15.14 -27.07 33.52
C PHE C 358 13.74 -27.43 34.01
N GLU C 359 13.65 -27.92 35.24
CA GLU C 359 12.34 -28.23 35.79
C GLU C 359 11.74 -26.90 36.18
N PRO C 361 10.16 -24.29 38.75
CA PRO C 361 10.20 -24.10 40.20
C PRO C 361 8.80 -24.25 40.79
N ASN C 362 8.72 -24.67 42.04
CA ASN C 362 7.42 -24.87 42.69
C ASN C 362 7.12 -23.97 43.89
N GLY C 363 8.04 -23.09 44.25
CA GLY C 363 7.80 -22.21 45.37
C GLY C 363 6.82 -21.09 45.07
N PRO C 364 6.14 -20.53 46.10
CA PRO C 364 5.18 -19.44 45.87
C PRO C 364 5.88 -18.21 45.31
N GLY C 365 5.14 -17.40 44.56
CA GLY C 365 5.73 -16.21 43.94
C GLY C 365 6.64 -16.65 42.81
N LEU C 366 7.81 -16.04 42.71
CA LEU C 366 8.76 -16.39 41.67
C LEU C 366 9.48 -17.69 42.02
N GLY C 367 9.21 -18.20 43.21
CA GLY C 367 9.84 -19.43 43.65
C GLY C 367 11.35 -19.29 43.79
N ALA C 368 11.78 -18.08 44.13
CA ALA C 368 13.20 -17.79 44.30
C ALA C 368 13.48 -17.21 45.68
N VAL C 369 14.54 -17.69 46.31
CA VAL C 369 14.94 -17.24 47.65
C VAL C 369 16.26 -16.49 47.56
N LEU C 370 16.23 -15.20 47.87
CA LEU C 370 17.45 -14.40 47.82
C LEU C 370 18.40 -14.68 48.99
N ILE C 371 19.70 -14.64 48.71
CA ILE C 371 20.70 -14.84 49.76
C ILE C 371 21.13 -13.43 50.13
N LYS C 372 20.38 -12.81 51.04
CA LYS C 372 20.63 -11.45 51.49
C LYS C 372 22.09 -11.09 51.74
N ARG C 373 22.84 -12.02 52.30
CA ARG C 373 24.24 -11.78 52.61
C ARG C 373 25.13 -11.59 51.39
N ASN C 374 24.80 -12.25 50.29
CA ASN C 374 25.61 -12.14 49.08
C ASN C 374 25.37 -10.85 48.29
N ILE C 375 24.20 -10.25 48.47
CA ILE C 375 23.87 -9.03 47.74
C ILE C 375 24.01 -7.78 48.60
N GLU C 376 23.87 -7.95 49.91
CA GLU C 376 23.98 -6.83 50.85
C GLU C 376 25.18 -5.92 50.56
N PRO C 377 26.35 -6.51 50.26
CA PRO C 377 27.53 -5.68 49.97
C PRO C 377 27.33 -4.79 48.75
N TYR C 378 26.33 -5.13 47.93
CA TYR C 378 26.07 -4.38 46.72
C TYR C 378 24.86 -3.47 46.81
N LEU C 379 24.37 -3.26 48.03
CA LEU C 379 23.21 -2.40 48.24
C LEU C 379 23.61 -1.05 47.66
N TRP C 380 22.80 -0.55 46.74
CA TRP C 380 23.08 0.73 46.07
C TRP C 380 22.24 1.88 46.59
N ALA C 381 21.01 1.59 47.02
CA ALA C 381 20.12 2.61 47.54
C ALA C 381 18.92 2.01 48.25
N SER C 382 18.35 2.79 49.16
CA SER C 382 17.18 2.36 49.92
C SER C 382 16.15 3.51 49.97
N CYS C 383 14.88 3.17 49.78
CA CYS C 383 13.81 4.17 49.80
C CYS C 383 12.74 3.75 50.78
N THR C 384 12.35 4.68 51.66
CA THR C 384 11.32 4.39 52.65
C THR C 384 10.39 5.58 52.88
N LEU D 3 34.92 38.59 6.92
CA LEU D 3 35.39 38.72 5.51
C LEU D 3 34.27 39.16 4.59
N LYS D 4 34.63 39.49 3.36
CA LYS D 4 33.67 39.92 2.35
C LYS D 4 34.19 39.39 1.02
N ILE D 5 33.34 38.66 0.28
CA ILE D 5 33.76 38.12 -1.00
C ILE D 5 33.96 39.26 -2.00
N THR D 6 35.12 39.29 -2.64
CA THR D 6 35.40 40.36 -3.60
C THR D 6 35.32 39.92 -5.06
N GLY D 7 35.64 38.66 -5.33
CA GLY D 7 35.57 38.20 -6.71
C GLY D 7 35.50 36.70 -6.90
N VAL D 8 35.01 36.29 -8.06
CA VAL D 8 34.89 34.87 -8.39
C VAL D 8 35.41 34.58 -9.81
N ASN D 9 36.36 33.66 -9.92
CA ASN D 9 36.94 33.28 -11.19
C ASN D 9 36.48 31.86 -11.54
N ILE D 10 35.94 31.69 -12.74
CA ILE D 10 35.49 30.37 -13.18
C ILE D 10 36.45 29.85 -14.24
N TYR D 11 36.89 28.61 -14.06
CA TYR D 11 37.82 27.97 -14.98
C TYR D 11 37.17 26.78 -15.68
N LEU D 12 37.32 26.72 -17.00
CA LEU D 12 36.79 25.63 -17.80
C LEU D 12 38.01 24.96 -18.43
N LEU D 13 38.50 23.92 -17.77
CA LEU D 13 39.68 23.22 -18.25
C LEU D 13 39.45 22.22 -19.37
N LYS D 14 40.56 21.84 -20.00
CA LYS D 14 40.59 20.85 -21.06
C LYS D 14 41.71 19.93 -20.59
N SER D 15 41.41 19.08 -19.61
CA SER D 15 42.41 18.18 -19.06
C SER D 15 42.25 16.77 -19.61
N GLY D 16 43.02 16.45 -20.65
CA GLY D 16 42.93 15.13 -21.26
C GLY D 16 41.55 14.88 -21.81
N ARG D 17 40.93 13.80 -21.38
CA ARG D 17 39.58 13.45 -21.85
C ARG D 17 38.50 14.19 -21.07
N LEU D 18 38.88 14.79 -19.95
CA LEU D 18 37.92 15.50 -19.12
C LEU D 18 37.92 17.01 -19.33
N HIS D 19 36.86 17.67 -18.91
CA HIS D 19 36.77 19.12 -19.00
C HIS D 19 36.33 19.65 -17.64
N PRO D 20 37.24 19.57 -16.64
CA PRO D 20 36.98 20.03 -15.28
C PRO D 20 36.57 21.50 -15.22
N VAL D 21 35.61 21.79 -14.34
CA VAL D 21 35.12 23.15 -14.16
C VAL D 21 35.48 23.55 -12.74
N LEU D 22 36.36 24.53 -12.60
CA LEU D 22 36.79 24.98 -11.27
C LEU D 22 36.35 26.39 -10.96
N VAL D 23 36.26 26.68 -9.66
CA VAL D 23 35.86 28.00 -9.22
C VAL D 23 36.84 28.46 -8.13
N GLU D 24 37.09 29.76 -8.08
CA GLU D 24 37.99 30.31 -7.08
C GLU D 24 37.37 31.59 -6.53
N ILE D 25 37.06 31.57 -5.24
CA ILE D 25 36.46 32.73 -4.57
C ILE D 25 37.54 33.52 -3.83
N SER D 26 37.52 34.84 -4.00
CA SER D 26 38.47 35.72 -3.34
C SER D 26 37.77 36.63 -2.34
N THR D 27 38.49 36.98 -1.26
CA THR D 27 37.93 37.85 -0.23
C THR D 27 38.81 39.08 -0.03
N ASP D 28 38.28 40.07 0.69
CA ASP D 28 39.01 41.30 0.94
C ASP D 28 40.16 41.10 1.93
N GLU D 29 40.31 39.88 2.42
CA GLU D 29 41.37 39.57 3.38
C GLU D 29 42.45 38.70 2.76
N GLY D 30 42.34 38.45 1.45
CA GLY D 30 43.33 37.63 0.77
C GLY D 30 43.13 36.14 0.94
N ILE D 31 42.07 35.75 1.64
CA ILE D 31 41.78 34.34 1.87
C ILE D 31 40.90 33.83 0.72
N THR D 32 41.45 32.95 -0.10
CA THR D 32 40.71 32.39 -1.23
C THR D 32 40.31 30.94 -1.02
N GLY D 33 39.21 30.55 -1.65
CA GLY D 33 38.72 29.18 -1.54
C GLY D 33 38.54 28.58 -2.91
N ALA D 34 38.83 27.28 -3.05
CA ALA D 34 38.70 26.60 -4.33
C ALA D 34 37.56 25.58 -4.27
N GLY D 35 36.92 25.36 -5.43
CA GLY D 35 35.83 24.41 -5.51
C GLY D 35 35.67 23.87 -6.91
N GLU D 36 35.11 22.67 -7.04
CA GLU D 36 34.94 22.06 -8.36
C GLU D 36 33.54 21.52 -8.66
N ALA D 37 32.97 21.94 -9.79
CA ALA D 37 31.67 21.48 -10.21
C ALA D 37 31.86 20.08 -10.79
N GLY D 38 30.97 19.16 -10.43
CA GLY D 38 31.10 17.79 -10.90
C GLY D 38 30.71 17.45 -12.32
N ILE D 39 30.86 18.39 -13.25
CA ILE D 39 30.52 18.14 -14.64
C ILE D 39 31.81 18.11 -15.48
N ALA D 40 32.70 17.16 -15.15
CA ALA D 40 33.97 17.04 -15.87
C ALA D 40 33.88 16.10 -17.07
N TYR D 41 32.75 15.43 -17.22
CA TYR D 41 32.56 14.52 -18.34
C TYR D 41 31.13 14.64 -18.82
N GLY D 42 30.76 13.84 -19.82
CA GLY D 42 29.42 13.95 -20.35
C GLY D 42 29.31 15.29 -21.05
N VAL D 43 28.10 15.72 -21.36
CA VAL D 43 27.90 16.98 -22.06
C VAL D 43 27.29 18.04 -21.15
N GLY D 44 27.97 19.18 -21.02
CA GLY D 44 27.45 20.25 -20.18
C GLY D 44 28.50 21.04 -19.42
N GLY D 45 29.77 20.85 -19.76
CA GLY D 45 30.82 21.58 -19.08
C GLY D 45 30.63 23.08 -19.15
N THR D 46 30.33 23.58 -20.35
CA THR D 46 30.14 25.02 -20.52
C THR D 46 28.91 25.47 -19.75
N ALA D 47 27.93 24.59 -19.64
CA ALA D 47 26.70 24.89 -18.91
C ALA D 47 27.06 25.12 -17.44
N ALA D 48 27.92 24.27 -16.90
CA ALA D 48 28.34 24.37 -15.50
C ALA D 48 29.06 25.69 -15.22
N ALA D 49 29.89 26.12 -16.16
CA ALA D 49 30.62 27.39 -16.00
C ALA D 49 29.62 28.54 -16.00
N GLY D 50 28.70 28.51 -16.96
CA GLY D 50 27.69 29.55 -17.04
C GLY D 50 26.85 29.62 -15.79
N ILE D 52 27.81 28.72 -12.67
CA ILE D 52 28.62 29.26 -11.59
C ILE D 52 28.72 30.78 -11.75
N LYS D 53 28.79 31.23 -13.01
CA LYS D 53 28.88 32.66 -13.31
C LYS D 53 27.58 33.37 -12.94
N ASP D 54 26.44 32.77 -13.27
CA ASP D 54 25.16 33.40 -12.95
C ASP D 54 24.93 33.42 -11.43
N LEU D 55 25.32 32.34 -10.76
CA LEU D 55 25.15 32.27 -9.32
C LEU D 55 26.04 33.31 -8.63
N SER D 56 27.30 33.37 -9.06
CA SER D 56 28.26 34.32 -8.51
C SER D 56 27.81 35.77 -8.62
N GLU D 57 27.46 36.17 -9.85
CA GLU D 57 27.03 37.54 -10.10
C GLU D 57 25.76 37.92 -9.35
N ARG D 58 24.90 36.95 -9.08
CA ARG D 58 23.64 37.21 -8.40
C ARG D 58 23.67 37.08 -6.88
N PHE D 59 24.48 36.18 -6.35
CA PHE D 59 24.50 35.92 -4.91
C PHE D 59 25.78 36.12 -4.09
N LEU D 60 26.95 36.13 -4.72
CA LEU D 60 28.19 36.21 -3.96
C LEU D 60 28.87 37.54 -3.66
N ILE D 61 29.38 38.21 -4.69
CA ILE D 61 30.08 39.47 -4.51
C ILE D 61 29.61 40.34 -3.33
N GLY D 62 30.52 40.61 -2.41
CA GLY D 62 30.21 41.43 -1.26
C GLY D 62 29.59 40.70 -0.08
N LYS D 63 29.34 39.41 -0.25
CA LYS D 63 28.74 38.61 0.81
C LYS D 63 29.73 38.02 1.79
N ASP D 64 29.30 37.88 3.05
CA ASP D 64 30.14 37.28 4.08
C ASP D 64 30.19 35.77 3.82
N PRO D 65 31.37 35.24 3.47
CA PRO D 65 31.53 33.82 3.19
C PRO D 65 31.36 32.87 4.37
N SER D 66 31.33 33.41 5.59
CA SER D 66 31.20 32.57 6.79
C SER D 66 29.79 32.02 6.96
N ARG D 67 28.81 32.69 6.34
CA ARG D 67 27.43 32.26 6.44
C ARG D 67 27.16 31.28 5.29
N ILE D 68 27.73 30.09 5.39
CA ILE D 68 27.58 29.07 4.36
C ILE D 68 26.14 28.56 4.21
N GLU D 69 25.54 28.13 5.31
CA GLU D 69 24.16 27.63 5.29
C GLU D 69 23.21 28.65 4.65
N GLU D 70 23.38 29.92 4.99
CA GLU D 70 22.52 30.97 4.46
C GLU D 70 22.71 31.18 2.95
N LEU D 71 23.96 31.13 2.50
CA LEU D 71 24.27 31.32 1.09
C LEU D 71 23.68 30.18 0.27
N TRP D 72 23.91 28.94 0.73
CA TRP D 72 23.39 27.76 0.05
C TRP D 72 21.88 27.91 -0.04
N SER D 73 21.26 28.22 1.10
CA SER D 73 19.82 28.40 1.22
C SER D 73 19.29 29.49 0.29
N THR D 74 20.02 30.59 0.19
CA THR D 74 19.60 31.69 -0.68
C THR D 74 19.63 31.29 -2.15
N TYR D 76 19.37 28.26 -3.28
CA TYR D 76 18.33 27.27 -3.50
C TYR D 76 16.98 27.98 -3.65
N ASP D 77 16.68 28.85 -2.70
CA ASP D 77 15.41 29.60 -2.68
C ASP D 77 15.14 30.59 -3.80
N HIS D 78 16.16 31.31 -4.25
CA HIS D 78 15.91 32.35 -5.23
C HIS D 78 16.51 32.22 -6.62
N SER D 79 17.01 31.03 -6.95
CA SER D 79 17.56 30.79 -8.27
C SER D 79 16.41 30.29 -9.15
N PHE D 80 15.37 29.81 -8.46
CA PHE D 80 14.17 29.25 -9.08
C PHE D 80 14.35 27.81 -9.55
N TRP D 81 15.40 27.57 -10.33
CA TRP D 81 15.66 26.25 -10.89
C TRP D 81 16.25 25.21 -9.95
N ALA D 82 16.52 25.59 -8.70
CA ALA D 82 17.08 24.65 -7.75
C ALA D 82 15.97 23.76 -7.18
N LYS D 83 14.75 24.25 -7.18
CA LYS D 83 13.63 23.46 -6.67
C LYS D 83 13.40 22.35 -7.69
N ASN D 84 13.66 21.12 -7.25
CA ASN D 84 13.58 19.92 -8.07
C ASN D 84 14.67 20.06 -9.14
N GLY D 85 15.71 20.80 -8.77
CA GLY D 85 16.83 21.06 -9.68
C GLY D 85 17.69 19.89 -10.08
N GLY D 86 18.38 20.04 -11.20
CA GLY D 86 19.24 18.98 -11.71
C GLY D 86 20.73 19.14 -11.48
N ALA D 87 21.49 18.36 -12.23
CA ALA D 87 22.94 18.33 -12.15
C ALA D 87 23.67 19.65 -12.41
N ILE D 88 23.14 20.48 -13.30
CA ILE D 88 23.84 21.73 -13.58
C ILE D 88 23.72 22.77 -12.48
N ILE D 89 22.50 23.00 -11.96
CA ILE D 89 22.33 23.98 -10.91
C ILE D 89 22.97 23.56 -9.59
N PHE D 90 22.98 22.26 -9.31
CA PHE D 90 23.57 21.81 -8.07
C PHE D 90 25.07 21.60 -8.18
N ALA D 91 25.58 21.45 -9.40
CA ALA D 91 27.02 21.31 -9.60
C ALA D 91 27.62 22.70 -9.39
N GLY D 92 26.91 23.72 -9.86
CA GLY D 92 27.39 25.08 -9.69
C GLY D 92 27.35 25.43 -8.21
N ILE D 93 26.21 25.16 -7.58
CA ILE D 93 26.06 25.42 -6.16
C ILE D 93 27.09 24.62 -5.35
N SER D 94 27.35 23.39 -5.76
CA SER D 94 28.31 22.51 -5.10
C SER D 94 29.72 23.11 -5.13
N ALA D 95 30.11 23.60 -6.30
CA ALA D 95 31.44 24.19 -6.49
C ALA D 95 31.62 25.36 -5.53
N ILE D 96 30.64 26.25 -5.50
CA ILE D 96 30.67 27.40 -4.63
C ILE D 96 30.71 26.99 -3.16
N GLU D 97 29.84 26.07 -2.77
CA GLU D 97 29.79 25.61 -1.38
C GLU D 97 31.14 25.07 -0.93
N GLN D 98 31.80 24.29 -1.81
CA GLN D 98 33.11 23.73 -1.50
C GLN D 98 34.13 24.83 -1.17
N ALA D 99 34.12 25.88 -1.99
CA ALA D 99 35.04 26.99 -1.81
C ALA D 99 34.75 27.76 -0.54
N LEU D 100 33.50 27.76 -0.11
CA LEU D 100 33.13 28.47 1.11
C LEU D 100 33.66 27.72 2.34
N TRP D 101 33.66 26.39 2.30
CA TRP D 101 34.18 25.62 3.42
C TRP D 101 35.70 25.69 3.42
N ASP D 102 36.29 25.81 2.23
CA ASP D 102 37.73 25.88 2.09
C ASP D 102 38.19 27.16 2.79
N ILE D 103 37.43 28.23 2.60
CA ILE D 103 37.73 29.52 3.22
C ILE D 103 37.52 29.44 4.74
N LYS D 104 36.37 28.92 5.17
CA LYS D 104 36.08 28.80 6.60
C LYS D 104 37.15 27.98 7.29
N GLY D 105 37.68 26.98 6.59
CA GLY D 105 38.71 26.15 7.17
C GLY D 105 40.03 26.89 7.33
N LYS D 106 40.46 27.55 6.26
CA LYS D 106 41.71 28.30 6.29
C LYS D 106 41.69 29.35 7.40
N CYS D 107 40.55 30.02 7.57
CA CYS D 107 40.43 31.03 8.62
C CYS D 107 40.65 30.43 10.00
N LEU D 108 40.10 29.24 10.22
CA LEU D 108 40.23 28.58 11.51
C LEU D 108 41.49 27.71 11.57
N GLY D 109 42.25 27.71 10.49
CA GLY D 109 43.48 26.93 10.45
C GLY D 109 43.35 25.43 10.66
N VAL D 110 42.26 24.84 10.17
CA VAL D 110 42.05 23.40 10.33
C VAL D 110 41.35 22.77 9.13
N PRO D 111 41.55 21.45 8.93
CA PRO D 111 40.91 20.76 7.81
C PRO D 111 39.38 20.86 7.97
N VAL D 112 38.66 20.82 6.86
CA VAL D 112 37.21 20.90 6.92
C VAL D 112 36.63 19.75 7.73
N TYR D 113 37.28 18.58 7.71
CA TYR D 113 36.77 17.45 8.47
C TYR D 113 36.80 17.67 9.98
N GLU D 114 37.64 18.59 10.45
CA GLU D 114 37.68 18.87 11.88
C GLU D 114 36.42 19.68 12.21
N LEU D 115 36.03 20.54 11.28
CA LEU D 115 34.84 21.36 11.44
C LEU D 115 33.58 20.50 11.46
N PHE D 116 33.57 19.46 10.62
CA PHE D 116 32.44 18.54 10.51
C PHE D 116 32.29 17.59 11.68
N GLY D 117 33.20 17.68 12.65
CA GLY D 117 33.13 16.80 13.81
C GLY D 117 34.33 15.88 14.01
N GLY D 118 35.42 16.15 13.32
CA GLY D 118 36.62 15.34 13.47
C GLY D 118 36.75 14.19 12.48
N LYS D 119 37.87 13.48 12.55
CA LYS D 119 38.11 12.36 11.66
C LYS D 119 37.79 11.04 12.35
N ILE D 120 37.62 10.00 11.55
CA ILE D 120 37.31 8.66 12.06
C ILE D 120 38.37 7.71 11.55
N ARG D 121 39.05 8.12 10.48
CA ARG D 121 40.07 7.31 9.86
C ARG D 121 41.17 8.22 9.30
N ASP D 122 42.39 7.71 9.22
CA ASP D 122 43.49 8.51 8.72
C ASP D 122 43.82 8.19 7.27
N ARG D 123 43.16 7.16 6.74
CA ARG D 123 43.35 6.78 5.35
C ARG D 123 42.16 5.95 4.90
N VAL D 124 41.97 5.84 3.58
CA VAL D 124 40.86 5.07 3.03
C VAL D 124 41.31 4.18 1.87
N ARG D 125 40.71 3.00 1.77
CA ARG D 125 41.03 2.10 0.68
C ARG D 125 40.29 2.58 -0.56
N ALA D 126 40.85 2.30 -1.73
CA ALA D 126 40.21 2.74 -2.95
C ALA D 126 40.11 1.63 -3.98
N TYR D 127 39.23 1.83 -4.95
CA TYR D 127 39.05 0.86 -6.02
C TYR D 127 39.50 1.57 -7.29
N ALA D 128 40.00 0.80 -8.25
CA ALA D 128 40.47 1.37 -9.49
C ALA D 128 39.40 1.41 -10.58
N ASN D 129 39.36 2.52 -11.30
CA ASN D 129 38.42 2.71 -12.38
C ASN D 129 39.18 3.36 -13.52
N GLY D 130 38.85 3.01 -14.77
CA GLY D 130 39.51 3.57 -15.92
C GLY D 130 40.81 2.84 -16.28
N TRP D 131 40.99 1.66 -15.71
CA TRP D 131 42.19 0.85 -15.96
C TRP D 131 42.06 -0.04 -17.20
N TYR D 132 40.84 -0.36 -17.57
CA TYR D 132 40.55 -1.20 -18.73
C TYR D 132 41.00 -0.56 -20.04
N GLY D 133 41.23 0.75 -19.99
CA GLY D 133 41.67 1.45 -21.19
C GLY D 133 40.73 1.31 -22.37
N ALA D 134 41.26 0.84 -23.50
CA ALA D 134 40.46 0.66 -24.70
C ALA D 134 40.10 -0.80 -24.92
N ALA D 135 40.20 -1.59 -23.87
CA ALA D 135 39.88 -3.01 -23.94
C ALA D 135 38.48 -3.21 -24.52
N ASP D 136 38.34 -4.25 -25.35
CA ASP D 136 37.06 -4.56 -25.97
C ASP D 136 36.74 -6.05 -25.84
N THR D 137 37.67 -6.89 -26.27
CA THR D 137 37.48 -8.32 -26.20
C THR D 137 37.67 -8.82 -24.76
N PRO D 138 37.16 -10.02 -24.45
CA PRO D 138 37.31 -10.57 -23.10
C PRO D 138 38.78 -10.68 -22.72
N ASP D 139 39.61 -11.14 -23.65
CA ASP D 139 41.03 -11.29 -23.40
C ASP D 139 41.73 -9.95 -23.12
N GLU D 140 41.30 -8.91 -23.82
CA GLU D 140 41.91 -7.60 -23.61
C GLU D 140 41.59 -7.10 -22.21
N PHE D 141 40.43 -7.49 -21.68
CA PHE D 141 40.04 -7.08 -20.33
C PHE D 141 40.89 -7.84 -19.31
N ALA D 142 41.12 -9.12 -19.58
CA ALA D 142 41.91 -9.95 -18.70
C ALA D 142 43.32 -9.37 -18.56
N ARG D 143 43.92 -9.01 -19.70
CA ARG D 143 45.26 -8.44 -19.74
C ARG D 143 45.37 -7.13 -18.96
N ALA D 144 44.31 -6.33 -19.00
CA ALA D 144 44.30 -5.05 -18.31
C ALA D 144 44.25 -5.10 -16.78
N VAL D 145 43.89 -6.26 -16.22
CA VAL D 145 43.81 -6.36 -14.76
C VAL D 145 45.17 -6.45 -14.08
N GLU D 146 46.20 -6.81 -14.84
CA GLU D 146 47.56 -6.93 -14.32
C GLU D 146 48.06 -5.66 -13.65
N ARG D 147 48.13 -4.58 -14.42
CA ARG D 147 48.61 -3.29 -13.92
C ARG D 147 47.99 -2.87 -12.58
N PRO D 148 46.67 -2.62 -12.55
CA PRO D 148 46.03 -2.20 -11.30
C PRO D 148 46.29 -3.12 -10.10
N LEU D 149 46.33 -4.42 -10.33
CA LEU D 149 46.58 -5.34 -9.23
C LEU D 149 47.99 -5.20 -8.67
N LYS D 150 48.96 -4.95 -9.56
CA LYS D 150 50.34 -4.78 -9.11
C LYS D 150 50.52 -3.47 -8.37
N GLU D 151 49.71 -2.47 -8.72
CA GLU D 151 49.79 -1.16 -8.07
C GLU D 151 49.19 -1.16 -6.67
N GLY D 152 48.73 -2.33 -6.20
CA GLY D 152 48.17 -2.41 -4.86
C GLY D 152 46.65 -2.41 -4.71
N TYR D 153 45.92 -2.21 -5.80
CA TYR D 153 44.47 -2.19 -5.75
C TYR D 153 43.87 -3.57 -5.45
N GLY D 154 42.88 -3.59 -4.56
CA GLY D 154 42.24 -4.84 -4.20
C GLY D 154 40.81 -4.88 -4.67
N ALA D 155 40.42 -3.86 -5.45
CA ALA D 155 39.07 -3.76 -5.99
C ALA D 155 39.10 -3.03 -7.33
N LEU D 156 38.31 -3.50 -8.28
CA LEU D 156 38.27 -2.88 -9.61
C LEU D 156 36.83 -2.67 -10.08
N LYS D 157 36.63 -1.64 -10.90
CA LYS D 157 35.33 -1.33 -11.45
C LYS D 157 35.44 -1.16 -12.95
N PHE D 158 34.43 -1.60 -13.68
CA PHE D 158 34.43 -1.48 -15.14
C PHE D 158 33.01 -1.48 -15.70
N TYR D 159 32.90 -1.20 -17.00
CA TYR D 159 31.61 -1.12 -17.68
C TYR D 159 31.51 -2.18 -18.77
N PRO D 160 31.00 -3.38 -18.41
CA PRO D 160 30.85 -4.50 -19.35
C PRO D 160 29.91 -4.27 -20.53
N LEU D 161 29.06 -3.26 -20.44
CA LEU D 161 28.10 -2.96 -21.52
C LEU D 161 28.57 -1.86 -22.45
N ALA D 162 29.58 -1.10 -22.02
CA ALA D 162 30.10 0.01 -22.82
C ALA D 162 30.90 -0.44 -24.04
N GLN D 163 30.88 0.37 -25.10
CA GLN D 163 31.60 0.06 -26.34
C GLN D 163 32.48 1.23 -26.76
N LEU D 169 34.11 6.85 -23.85
CA LEU D 169 33.33 5.65 -23.58
C LEU D 169 31.85 5.86 -23.87
N GLN D 170 31.30 5.03 -24.76
CA GLN D 170 29.90 5.13 -25.13
C GLN D 170 29.05 4.07 -24.48
N HIS D 171 28.01 4.50 -23.76
CA HIS D 171 27.14 3.55 -23.08
C HIS D 171 26.02 3.03 -23.96
N VAL D 172 25.11 2.27 -23.38
CA VAL D 172 24.01 1.66 -24.12
C VAL D 172 23.10 2.63 -24.86
N THR D 173 22.80 2.28 -26.10
CA THR D 173 21.93 3.07 -26.95
C THR D 173 20.51 2.50 -26.85
N ARG D 174 19.56 3.36 -26.49
CA ARG D 174 18.16 2.98 -26.39
C ARG D 174 17.88 1.69 -25.59
N ARG D 175 18.64 1.51 -24.52
CA ARG D 175 18.51 0.36 -23.62
C ARG D 175 18.47 -0.98 -24.33
N SER D 176 19.09 -1.07 -25.49
CA SER D 176 19.07 -2.31 -26.24
C SER D 176 20.44 -2.74 -26.73
N SER D 178 22.43 -6.32 -28.83
CA SER D 178 22.25 -7.58 -29.55
C SER D 178 22.60 -8.70 -28.60
N ALA D 179 22.17 -9.91 -28.93
CA ALA D 179 22.47 -11.07 -28.12
C ALA D 179 23.97 -11.29 -28.05
N GLU D 180 24.67 -10.98 -29.15
CA GLU D 180 26.12 -11.14 -29.19
C GLU D 180 26.77 -10.17 -28.21
N ALA D 181 26.31 -8.93 -28.23
CA ALA D 181 26.88 -7.91 -27.34
C ALA D 181 26.64 -8.25 -25.87
N ILE D 182 25.46 -8.78 -25.55
CA ILE D 182 25.14 -9.14 -24.17
C ILE D 182 26.01 -10.34 -23.75
N GLU D 183 26.23 -11.26 -24.69
CA GLU D 183 27.07 -12.42 -24.43
C GLU D 183 28.49 -11.92 -24.19
N LEU D 184 28.92 -10.95 -25.00
CA LEU D 184 30.25 -10.36 -24.88
C LEU D 184 30.42 -9.69 -23.51
N ALA D 185 29.37 -9.02 -23.06
CA ALA D 185 29.37 -8.36 -21.76
C ALA D 185 29.62 -9.39 -20.65
N TYR D 186 28.97 -10.54 -20.76
CA TYR D 186 29.14 -11.61 -19.78
C TYR D 186 30.58 -12.11 -19.80
N ARG D 187 31.09 -12.36 -21.00
CA ARG D 187 32.46 -12.85 -21.16
C ARG D 187 33.50 -11.88 -20.61
N ARG D 188 33.19 -10.59 -20.66
CA ARG D 188 34.10 -9.58 -20.14
C ARG D 188 34.21 -9.68 -18.62
N VAL D 189 33.06 -9.81 -17.96
CA VAL D 189 33.05 -9.91 -16.50
C VAL D 189 33.77 -11.19 -16.08
N LYS D 190 33.47 -12.28 -16.77
CA LYS D 190 34.09 -13.57 -16.47
C LYS D 190 35.61 -13.49 -16.66
N ALA D 191 36.03 -12.84 -17.73
CA ALA D 191 37.44 -12.68 -18.03
C ALA D 191 38.15 -11.93 -16.90
N VAL D 192 37.53 -10.85 -16.43
CA VAL D 192 38.10 -10.06 -15.36
C VAL D 192 38.23 -10.87 -14.08
N ARG D 193 37.17 -11.59 -13.72
CA ARG D 193 37.18 -12.42 -12.52
C ARG D 193 38.23 -13.52 -12.61
N ASP D 194 38.34 -14.16 -13.77
CA ASP D 194 39.32 -15.22 -13.95
C ASP D 194 40.76 -14.72 -13.84
N ALA D 195 41.02 -13.56 -14.44
CA ALA D 195 42.36 -12.97 -14.43
C ALA D 195 42.71 -12.29 -13.11
N ALA D 196 41.70 -11.78 -12.41
CA ALA D 196 41.93 -11.11 -11.14
C ALA D 196 42.07 -12.11 -9.98
N GLY D 197 41.38 -13.23 -10.09
CA GLY D 197 41.44 -14.22 -9.03
C GLY D 197 40.22 -14.05 -8.13
N PRO D 198 39.94 -15.01 -7.26
CA PRO D 198 38.79 -14.97 -6.35
C PRO D 198 38.81 -13.92 -5.24
N GLU D 199 39.98 -13.39 -4.92
CA GLU D 199 40.10 -12.42 -3.84
C GLU D 199 39.89 -10.95 -4.17
N ILE D 200 39.93 -10.59 -5.45
CA ILE D 200 39.74 -9.19 -5.82
C ILE D 200 38.25 -8.86 -5.88
N GLU D 201 37.89 -7.71 -5.31
CA GLU D 201 36.50 -7.28 -5.34
C GLU D 201 36.22 -6.65 -6.69
N LEU D 202 35.07 -6.96 -7.28
CA LEU D 202 34.72 -6.42 -8.58
C LEU D 202 33.39 -5.67 -8.58
N VAL D 204 30.60 -3.66 -11.05
CA VAL D 204 30.15 -3.50 -12.43
C VAL D 204 29.18 -2.32 -12.53
N ASP D 205 29.49 -1.38 -13.41
CA ASP D 205 28.66 -0.20 -13.62
C ASP D 205 27.95 -0.36 -14.96
N LEU D 206 26.62 -0.38 -14.94
CA LEU D 206 25.82 -0.52 -16.17
C LEU D 206 25.40 0.83 -16.74
N SER D 207 25.63 1.88 -15.94
CA SER D 207 25.31 3.25 -16.34
C SER D 207 23.92 3.40 -16.98
N GLY D 208 22.93 2.72 -16.42
CA GLY D 208 21.58 2.78 -16.95
C GLY D 208 21.07 1.43 -17.39
N GLY D 209 22.00 0.54 -17.75
CA GLY D 209 21.63 -0.80 -18.17
C GLY D 209 20.73 -0.89 -19.39
N LEU D 210 19.91 -1.94 -19.41
CA LEU D 210 18.98 -2.19 -20.50
C LEU D 210 17.56 -2.00 -19.98
N THR D 211 16.63 -2.75 -20.55
CA THR D 211 15.25 -2.70 -20.09
C THR D 211 15.27 -3.59 -18.86
N THR D 212 14.29 -3.41 -17.99
CA THR D 212 14.24 -4.17 -16.75
C THR D 212 14.42 -5.69 -16.87
N ASP D 213 13.70 -6.31 -17.80
CA ASP D 213 13.80 -7.76 -17.96
C ASP D 213 15.21 -8.24 -18.32
N GLU D 214 15.81 -7.65 -19.36
CA GLU D 214 17.13 -8.06 -19.79
C GLU D 214 18.20 -7.73 -18.75
N THR D 215 18.00 -6.65 -18.01
CA THR D 215 18.95 -6.26 -16.97
C THR D 215 18.95 -7.33 -15.87
N ILE D 216 17.76 -7.78 -15.49
CA ILE D 216 17.64 -8.80 -14.46
C ILE D 216 18.35 -10.06 -14.93
N ARG D 217 18.11 -10.43 -16.19
CA ARG D 217 18.72 -11.61 -16.78
C ARG D 217 20.24 -11.54 -16.73
N PHE D 218 20.80 -10.41 -17.15
CA PHE D 218 22.25 -10.26 -17.13
C PHE D 218 22.81 -10.32 -15.71
N CYS D 219 22.21 -9.58 -14.79
CA CYS D 219 22.67 -9.57 -13.41
C CYS D 219 22.67 -10.97 -12.78
N ARG D 220 21.64 -11.75 -13.07
CA ARG D 220 21.56 -13.10 -12.54
C ARG D 220 22.66 -13.97 -13.15
N LYS D 221 22.94 -13.75 -14.44
CA LYS D 221 23.95 -14.52 -15.13
C LYS D 221 25.34 -14.31 -14.56
N ILE D 222 25.66 -13.10 -14.11
CA ILE D 222 26.99 -12.83 -13.55
C ILE D 222 27.02 -13.03 -12.04
N GLY D 223 25.89 -13.43 -11.46
CA GLY D 223 25.83 -13.61 -10.02
C GLY D 223 26.88 -14.60 -9.52
N GLU D 224 27.08 -15.66 -10.29
CA GLU D 224 28.04 -16.68 -9.92
C GLU D 224 29.48 -16.18 -9.99
N LEU D 225 29.68 -14.98 -10.54
CA LEU D 225 31.03 -14.44 -10.66
C LEU D 225 31.45 -13.60 -9.44
N ASP D 226 30.60 -13.59 -8.42
CA ASP D 226 30.87 -12.87 -7.17
C ASP D 226 31.12 -11.38 -7.34
N ILE D 227 30.06 -10.64 -7.65
CA ILE D 227 30.16 -9.20 -7.85
C ILE D 227 29.90 -8.45 -6.54
N CYS D 228 30.76 -7.48 -6.23
CA CYS D 228 30.64 -6.69 -5.01
C CYS D 228 29.31 -5.92 -5.08
N PHE D 229 29.06 -5.29 -6.22
CA PHE D 229 27.81 -4.59 -6.45
C PHE D 229 27.68 -4.14 -7.89
N VAL D 230 26.44 -3.88 -8.31
CA VAL D 230 26.16 -3.42 -9.66
C VAL D 230 25.67 -1.98 -9.53
N GLU D 231 26.30 -1.09 -10.29
CA GLU D 231 25.96 0.32 -10.25
C GLU D 231 24.98 0.74 -11.35
N GLU D 232 23.99 1.55 -10.96
CA GLU D 232 22.96 2.06 -11.87
C GLU D 232 22.45 1.01 -12.85
N PRO D 233 21.82 -0.06 -12.31
CA PRO D 233 21.29 -1.13 -13.15
C PRO D 233 20.12 -0.70 -14.03
N CYS D 234 19.63 0.52 -13.80
CA CYS D 234 18.53 1.07 -14.59
C CYS D 234 18.62 2.59 -14.65
N ASP D 235 17.87 3.18 -15.58
CA ASP D 235 17.85 4.63 -15.75
C ASP D 235 17.54 5.30 -14.41
N PRO D 236 18.39 6.25 -13.99
CA PRO D 236 18.25 7.01 -12.73
C PRO D 236 16.87 7.66 -12.61
N PHE D 237 16.22 7.86 -13.75
CA PHE D 237 14.90 8.49 -13.81
C PHE D 237 13.78 7.56 -13.34
N ASP D 238 13.98 6.24 -13.48
CA ASP D 238 12.96 5.24 -13.12
C ASP D 238 13.22 4.51 -11.81
N ASN D 239 12.70 5.05 -10.71
CA ASN D 239 12.88 4.42 -9.41
C ASN D 239 12.03 3.16 -9.24
N GLY D 240 10.98 3.05 -10.03
CA GLY D 240 10.14 1.86 -9.94
C GLY D 240 10.91 0.64 -10.42
N ALA D 241 11.65 0.81 -11.51
CA ALA D 241 12.46 -0.26 -12.07
C ALA D 241 13.54 -0.66 -11.08
N LEU D 242 14.17 0.34 -10.47
CA LEU D 242 15.23 0.11 -9.50
C LEU D 242 14.72 -0.83 -8.40
N LYS D 243 13.52 -0.54 -7.89
CA LYS D 243 12.97 -1.38 -6.84
C LYS D 243 12.72 -2.80 -7.35
N VAL D 244 12.08 -2.92 -8.51
CA VAL D 244 11.77 -4.22 -9.07
C VAL D 244 13.05 -5.04 -9.29
N ILE D 245 14.07 -4.38 -9.82
CA ILE D 245 15.34 -5.04 -10.05
C ILE D 245 15.96 -5.54 -8.75
N SER D 246 15.97 -4.71 -7.71
CA SER D 246 16.55 -5.10 -6.42
C SER D 246 15.86 -6.33 -5.82
N GLU D 247 14.58 -6.51 -6.15
CA GLU D 247 13.85 -7.66 -5.62
C GLU D 247 14.12 -8.92 -6.45
N GLN D 248 14.61 -8.73 -7.66
CA GLN D 248 14.84 -9.87 -8.55
C GLN D 248 16.27 -10.31 -8.82
N ILE D 249 17.27 -9.59 -8.31
CA ILE D 249 18.65 -9.99 -8.54
C ILE D 249 19.41 -10.29 -7.25
N PRO D 250 20.42 -11.16 -7.34
CA PRO D 250 21.26 -11.56 -6.21
C PRO D 250 22.41 -10.59 -5.96
N LEU D 251 22.49 -9.53 -6.75
CA LEU D 251 23.57 -8.56 -6.62
C LEU D 251 23.22 -7.32 -5.82
N PRO D 252 24.14 -6.84 -4.96
CA PRO D 252 23.87 -5.63 -4.18
C PRO D 252 23.87 -4.49 -5.20
N ILE D 253 23.05 -3.48 -4.98
CA ILE D 253 22.97 -2.35 -5.92
C ILE D 253 23.51 -1.05 -5.34
N ALA D 254 24.08 -0.24 -6.21
CA ALA D 254 24.61 1.07 -5.82
C ALA D 254 24.15 2.12 -6.83
N VAL D 255 23.72 3.27 -6.33
CA VAL D 255 23.28 4.37 -7.19
C VAL D 255 23.63 5.68 -6.48
N GLY D 256 23.45 6.80 -7.17
CA GLY D 256 23.74 8.09 -6.55
C GLY D 256 24.50 9.09 -7.41
N GLU D 257 25.23 8.58 -8.40
CA GLU D 257 26.01 9.42 -9.31
C GLU D 257 25.14 10.49 -9.95
N ARG D 258 23.87 10.17 -10.17
CA ARG D 258 22.95 11.10 -10.80
C ARG D 258 21.70 11.42 -9.99
N VAL D 259 21.89 11.54 -8.67
CA VAL D 259 20.83 11.88 -7.73
C VAL D 259 21.34 13.13 -7.02
N TYR D 260 20.48 14.11 -6.76
CA TYR D 260 20.96 15.34 -6.15
C TYR D 260 20.27 15.84 -4.89
N THR D 261 21.09 16.18 -3.91
CA THR D 261 20.66 16.70 -2.61
C THR D 261 19.88 15.71 -1.76
N ARG D 262 19.57 16.13 -0.53
CA ARG D 262 18.82 15.31 0.41
C ARG D 262 17.47 15.00 -0.22
N PHE D 263 16.92 16.01 -0.89
CA PHE D 263 15.63 15.91 -1.54
C PHE D 263 15.63 14.83 -2.61
N GLY D 264 16.74 14.72 -3.35
CA GLY D 264 16.83 13.72 -4.39
C GLY D 264 17.02 12.33 -3.80
N PHE D 265 17.90 12.23 -2.81
CA PHE D 265 18.17 10.95 -2.19
C PHE D 265 17.02 10.40 -1.35
N ARG D 266 16.13 11.28 -0.91
CA ARG D 266 14.98 10.81 -0.14
C ARG D 266 14.21 9.75 -0.95
N LYS D 267 14.07 10.01 -2.25
CA LYS D 267 13.36 9.08 -3.12
C LYS D 267 14.06 7.73 -3.19
N ILE D 268 15.39 7.74 -3.14
CA ILE D 268 16.16 6.51 -3.16
C ILE D 268 15.98 5.76 -1.85
N PHE D 269 16.17 6.49 -0.74
CA PHE D 269 16.05 5.93 0.60
C PHE D 269 14.72 5.24 0.87
N GLU D 270 13.63 5.87 0.46
CA GLU D 270 12.32 5.31 0.70
C GLU D 270 12.08 4.00 -0.06
N LEU D 271 12.86 3.75 -1.10
CA LEU D 271 12.71 2.52 -1.88
C LEU D 271 13.32 1.33 -1.15
N GLN D 272 14.34 1.59 -0.33
CA GLN D 272 15.05 0.54 0.39
C GLN D 272 15.38 -0.58 -0.59
N ALA D 273 15.94 -0.20 -1.72
CA ALA D 273 16.31 -1.13 -2.77
C ALA D 273 17.83 -1.17 -2.97
N CYS D 274 18.51 -0.17 -2.41
CA CYS D 274 19.96 -0.08 -2.53
C CYS D 274 20.66 -0.33 -1.20
N GLY D 275 21.92 -0.73 -1.27
CA GLY D 275 22.70 -0.97 -0.07
C GLY D 275 23.84 0.03 -0.02
N ILE D 276 24.05 0.72 -1.15
CA ILE D 276 25.11 1.69 -1.27
C ILE D 276 24.71 2.91 -2.10
N ILE D 277 25.06 4.11 -1.61
CA ILE D 277 24.78 5.32 -2.35
C ILE D 277 26.12 5.89 -2.78
N GLN D 278 26.14 6.59 -3.91
CA GLN D 278 27.39 7.13 -4.44
C GLN D 278 27.26 8.59 -4.82
N PRO D 279 26.97 9.46 -3.84
CA PRO D 279 26.86 10.88 -4.15
C PRO D 279 28.20 11.45 -4.57
N ASP D 280 28.16 12.53 -5.34
CA ASP D 280 29.36 13.20 -5.81
C ASP D 280 29.28 14.58 -5.15
N ILE D 281 30.27 14.93 -4.35
CA ILE D 281 30.25 16.23 -3.67
C ILE D 281 30.22 17.39 -4.65
N GLY D 282 30.51 17.10 -5.91
CA GLY D 282 30.52 18.12 -6.95
C GLY D 282 29.19 18.30 -7.65
N THR D 283 28.21 17.45 -7.37
CA THR D 283 26.88 17.55 -7.99
C THR D 283 25.77 17.42 -6.96
N ALA D 284 26.03 16.65 -5.90
CA ALA D 284 25.05 16.42 -4.84
C ALA D 284 24.66 17.68 -4.08
N GLY D 285 25.51 18.70 -4.12
CA GLY D 285 25.18 19.94 -3.41
C GLY D 285 26.29 20.55 -2.59
N GLY D 286 27.41 19.84 -2.48
CA GLY D 286 28.53 20.35 -1.70
C GLY D 286 28.96 19.37 -0.62
N LEU D 287 29.93 19.79 0.19
CA LEU D 287 30.45 18.94 1.26
C LEU D 287 29.43 18.68 2.37
N GLU D 289 26.13 19.26 2.31
CA GLU D 289 24.94 18.64 1.77
C GLU D 289 25.18 17.14 1.66
N THR D 290 26.36 16.77 1.17
CA THR D 290 26.70 15.35 1.04
C THR D 290 26.84 14.71 2.42
N LYS D 291 27.34 15.46 3.39
CA LYS D 291 27.48 14.94 4.74
C LYS D 291 26.08 14.64 5.27
N LYS D 292 25.15 15.55 4.99
CA LYS D 292 23.77 15.38 5.42
C LYS D 292 23.12 14.18 4.72
N ILE D 293 23.49 13.92 3.47
CA ILE D 293 22.93 12.79 2.73
C ILE D 293 23.45 11.48 3.32
N CYS D 294 24.73 11.46 3.68
CA CYS D 294 25.32 10.26 4.25
C CYS D 294 24.75 9.95 5.63
N ALA D 295 24.43 11.00 6.38
CA ALA D 295 23.85 10.84 7.71
C ALA D 295 22.44 10.28 7.59
N ALA D 297 21.52 8.42 5.07
CA ALA D 297 21.76 7.08 4.58
C ALA D 297 21.93 6.09 5.73
N GLU D 298 22.52 6.55 6.83
CA GLU D 298 22.71 5.69 7.99
C GLU D 298 21.39 5.23 8.56
N ALA D 299 20.37 6.08 8.44
CA ALA D 299 19.06 5.74 8.95
C ALA D 299 18.40 4.66 8.10
N TYR D 300 19.02 4.33 6.97
CA TYR D 300 18.48 3.31 6.09
C TYR D 300 19.44 2.14 5.88
N ASN D 301 20.31 1.93 6.88
CA ASN D 301 21.26 0.83 6.86
C ASN D 301 22.12 0.79 5.60
N ARG D 303 25.62 2.24 3.22
CA ARG D 303 26.99 2.73 3.31
C ARG D 303 27.26 3.63 2.10
N VAL D 304 28.40 4.33 2.14
CA VAL D 304 28.72 5.29 1.09
C VAL D 304 30.02 5.09 0.33
N ALA D 305 29.93 5.15 -1.00
CA ALA D 305 31.08 5.05 -1.88
C ALA D 305 31.00 6.27 -2.77
N PRO D 306 31.48 7.42 -2.27
CA PRO D 306 31.45 8.68 -3.02
C PRO D 306 31.96 8.57 -4.46
N HIS D 307 31.24 9.20 -5.38
CA HIS D 307 31.65 9.18 -6.77
C HIS D 307 32.56 10.37 -7.03
N VAL D 308 33.69 10.13 -7.68
CA VAL D 308 34.63 11.20 -7.98
C VAL D 308 35.33 11.01 -9.32
N CYS D 309 35.24 12.03 -10.16
CA CYS D 309 35.90 12.01 -11.47
C CYS D 309 36.05 13.45 -11.95
N GLY D 310 37.22 14.02 -11.68
CA GLY D 310 37.49 15.39 -12.09
C GLY D 310 38.96 15.68 -11.85
N SER D 311 39.31 16.95 -11.69
CA SER D 311 40.70 17.32 -11.45
C SER D 311 41.08 16.81 -10.06
N SER D 312 42.33 17.03 -9.68
CA SER D 312 42.84 16.61 -8.38
C SER D 312 42.12 17.35 -7.25
N LEU D 313 41.49 18.46 -7.58
CA LEU D 313 40.78 19.24 -6.57
C LEU D 313 39.56 18.53 -5.97
N ILE D 314 38.63 18.10 -6.83
CA ILE D 314 37.45 17.43 -6.32
C ILE D 314 37.79 16.15 -5.59
N GLU D 315 38.86 15.48 -6.02
CA GLU D 315 39.24 14.25 -5.34
C GLU D 315 39.75 14.53 -3.94
N THR D 316 40.52 15.60 -3.79
CA THR D 316 41.06 15.95 -2.49
C THR D 316 39.93 16.41 -1.57
N ALA D 317 39.00 17.19 -2.11
CA ALA D 317 37.87 17.67 -1.34
C ALA D 317 37.00 16.49 -0.91
N THR D 318 37.04 15.42 -1.69
CA THR D 318 36.26 14.23 -1.37
C THR D 318 36.85 13.52 -0.17
N LEU D 319 38.17 13.58 -0.03
CA LEU D 319 38.84 12.96 1.10
C LEU D 319 38.41 13.65 2.39
N GLN D 320 38.08 14.94 2.30
CA GLN D 320 37.63 15.69 3.47
C GLN D 320 36.37 15.03 4.00
N LEU D 321 35.49 14.62 3.10
CA LEU D 321 34.24 13.97 3.46
C LEU D 321 34.48 12.56 3.99
N GLU D 322 35.21 11.77 3.21
CA GLU D 322 35.50 10.38 3.58
C GLU D 322 36.22 10.23 4.91
N ALA D 323 36.90 11.27 5.36
CA ALA D 323 37.62 11.20 6.61
C ALA D 323 36.66 11.34 7.80
N ASN D 324 35.49 11.91 7.55
CA ASN D 324 34.52 12.18 8.61
C ASN D 324 33.22 11.36 8.69
N ILE D 325 32.72 10.85 7.58
CA ILE D 325 31.46 10.10 7.64
C ILE D 325 31.64 8.74 8.30
N THR D 326 30.63 8.35 9.09
CA THR D 326 30.66 7.09 9.80
C THR D 326 30.34 5.88 8.95
N ASN D 327 29.56 6.05 7.89
CA ASN D 327 29.20 4.93 7.03
C ASN D 327 29.96 4.88 5.71
N PHE D 328 31.26 5.15 5.76
CA PHE D 328 32.10 5.13 4.57
C PHE D 328 32.42 3.71 4.13
N ILE D 330 34.20 2.79 0.44
CA ILE D 330 35.44 2.77 -0.32
C ILE D 330 35.58 4.02 -1.18
N HIS D 331 36.80 4.28 -1.65
CA HIS D 331 37.13 5.46 -2.45
C HIS D 331 37.35 5.11 -3.94
N GLU D 332 36.85 5.97 -4.83
CA GLU D 332 37.00 5.76 -6.27
C GLU D 332 38.17 6.57 -6.84
N HIS D 333 39.04 5.89 -7.60
CA HIS D 333 40.20 6.55 -8.19
C HIS D 333 40.43 6.13 -9.64
N TYR D 334 40.88 7.10 -10.46
CA TYR D 334 41.17 6.87 -11.89
C TYR D 334 42.67 7.10 -12.10
N PRO D 335 43.50 6.08 -11.82
CA PRO D 335 44.95 6.19 -11.98
C PRO D 335 45.52 6.60 -13.35
N ALA D 336 44.88 6.13 -14.43
CA ALA D 336 45.37 6.42 -15.78
C ALA D 336 45.11 7.83 -16.32
N PHE D 337 44.27 8.60 -15.65
CA PHE D 337 43.96 9.95 -16.12
C PHE D 337 45.14 10.91 -16.08
N LYS D 338 46.08 10.68 -15.18
CA LYS D 338 47.25 11.53 -15.10
C LYS D 338 48.16 11.26 -16.29
N ALA D 339 48.10 10.04 -16.81
CA ALA D 339 48.91 9.64 -17.96
C ALA D 339 48.30 10.15 -19.27
N ASP D 340 47.12 10.74 -19.19
CA ASP D 340 46.45 11.26 -20.36
C ASP D 340 47.20 12.40 -21.04
N ASP D 341 47.32 12.32 -22.36
CA ASP D 341 47.99 13.36 -23.10
C ASP D 341 47.11 14.60 -22.95
N GLY D 342 47.67 15.66 -22.38
CA GLY D 342 46.92 16.88 -22.18
C GLY D 342 46.44 17.06 -20.75
N TYR D 343 46.77 16.11 -19.87
CA TYR D 343 46.36 16.21 -18.47
C TYR D 343 46.90 17.48 -17.85
N VAL D 344 46.06 18.20 -17.12
CA VAL D 344 46.46 19.43 -16.46
C VAL D 344 46.40 19.25 -14.94
N GLU D 345 47.55 19.22 -14.29
CA GLU D 345 47.56 19.06 -12.84
C GLU D 345 47.19 20.41 -12.25
N VAL D 346 46.20 20.41 -11.36
CA VAL D 346 45.75 21.65 -10.74
C VAL D 346 46.21 21.85 -9.31
N LEU D 347 46.75 20.79 -8.70
CA LEU D 347 47.22 20.87 -7.32
C LEU D 347 48.71 20.62 -7.17
N GLU D 348 49.30 21.32 -6.22
CA GLU D 348 50.73 21.22 -5.93
C GLU D 348 51.06 19.82 -5.39
N ASN D 349 50.12 19.24 -4.66
CA ASN D 349 50.32 17.92 -4.08
C ASN D 349 49.11 17.03 -4.30
N PRO D 350 48.92 16.56 -5.54
CA PRO D 350 47.78 15.70 -5.85
C PRO D 350 47.81 14.45 -4.96
N PRO D 351 46.64 13.96 -4.54
CA PRO D 351 46.60 12.76 -3.68
C PRO D 351 47.26 11.56 -4.35
N SER D 352 48.33 11.06 -3.73
CA SER D 352 49.06 9.92 -4.26
C SER D 352 48.65 8.62 -3.59
N ILE D 353 48.48 7.58 -4.39
CA ILE D 353 48.10 6.25 -3.91
C ILE D 353 49.25 5.68 -3.07
N SER D 354 49.15 4.39 -2.78
CA SER D 354 50.16 3.68 -2.00
C SER D 354 49.65 2.31 -1.59
N SER D 355 49.75 1.36 -2.51
CA SER D 355 49.29 -0.01 -2.24
C SER D 355 47.77 -0.06 -2.11
N GLY D 356 47.09 0.90 -2.75
CA GLY D 356 45.64 0.92 -2.71
C GLY D 356 45.01 1.82 -1.67
N TYR D 357 45.82 2.56 -0.92
CA TYR D 357 45.30 3.44 0.11
C TYR D 357 45.66 4.90 -0.13
N PHE D 358 44.80 5.79 0.38
CA PHE D 358 45.00 7.22 0.26
C PHE D 358 44.98 7.81 1.67
N GLU D 359 46.03 8.55 2.02
CA GLU D 359 46.11 9.17 3.34
C GLU D 359 45.28 10.45 3.34
N PRO D 361 44.35 14.31 3.79
CA PRO D 361 45.10 15.57 3.64
C PRO D 361 45.12 16.29 4.98
N ASN D 362 46.20 17.01 5.28
CA ASN D 362 46.30 17.70 6.56
C ASN D 362 46.33 19.23 6.56
N GLY D 363 46.25 19.85 5.38
CA GLY D 363 46.26 21.30 5.35
C GLY D 363 44.94 21.91 5.78
N PRO D 364 44.91 23.22 6.10
CA PRO D 364 43.65 23.85 6.51
C PRO D 364 42.66 23.89 5.34
N GLY D 365 41.39 24.11 5.65
CA GLY D 365 40.40 24.14 4.59
C GLY D 365 40.34 22.80 3.87
N LEU D 366 40.38 22.83 2.54
CA LEU D 366 40.32 21.60 1.76
C LEU D 366 41.70 20.95 1.67
N GLY D 367 42.72 21.68 2.11
CA GLY D 367 44.07 21.15 2.09
C GLY D 367 44.57 20.93 0.68
N ALA D 368 44.34 21.91 -0.19
CA ALA D 368 44.75 21.81 -1.58
C ALA D 368 45.30 23.12 -2.10
N VAL D 369 46.48 23.07 -2.71
CA VAL D 369 47.11 24.27 -3.26
C VAL D 369 46.99 24.30 -4.78
N LEU D 370 46.24 25.28 -5.28
CA LEU D 370 46.04 25.44 -6.71
C LEU D 370 47.26 26.03 -7.40
N ILE D 371 47.62 25.43 -8.55
CA ILE D 371 48.73 25.92 -9.35
C ILE D 371 48.09 26.90 -10.32
N LYS D 372 47.82 28.13 -9.86
CA LYS D 372 47.18 29.16 -10.69
C LYS D 372 47.79 29.21 -12.08
N ARG D 373 49.04 28.79 -12.17
CA ARG D 373 49.79 28.78 -13.42
C ARG D 373 49.20 27.85 -14.48
N ASN D 374 48.76 26.67 -14.07
CA ASN D 374 48.20 25.70 -15.00
C ASN D 374 46.73 25.89 -15.35
N ILE D 375 46.00 26.68 -14.55
CA ILE D 375 44.58 26.88 -14.82
C ILE D 375 44.30 28.27 -15.41
N GLU D 376 45.26 29.16 -15.31
CA GLU D 376 45.10 30.52 -15.82
C GLU D 376 44.71 30.54 -17.31
N PRO D 377 45.34 29.68 -18.12
CA PRO D 377 45.03 29.63 -19.56
C PRO D 377 43.55 29.31 -19.83
N TYR D 378 42.90 28.69 -18.84
CA TYR D 378 41.51 28.29 -18.95
C TYR D 378 40.53 29.21 -18.26
N LEU D 379 40.96 30.41 -17.92
CA LEU D 379 40.06 31.36 -17.26
C LEU D 379 38.87 31.52 -18.21
N TRP D 380 37.67 31.29 -17.69
CA TRP D 380 36.47 31.37 -18.51
C TRP D 380 35.64 32.62 -18.26
N ALA D 381 35.60 33.03 -17.00
CA ALA D 381 34.86 34.22 -16.61
C ALA D 381 35.33 34.74 -15.25
N SER D 382 35.08 36.02 -14.99
CA SER D 382 35.45 36.67 -13.74
C SER D 382 34.29 37.55 -13.30
N CYS D 383 33.98 37.52 -12.00
CA CYS D 383 32.89 38.31 -11.47
C CYS D 383 33.40 39.15 -10.31
N THR D 384 33.14 40.46 -10.35
CA THR D 384 33.57 41.37 -9.30
C THR D 384 32.50 42.40 -8.97
N LEU E 3 18.65 16.86 -46.32
CA LEU E 3 19.15 18.06 -45.58
C LEU E 3 20.30 17.75 -44.64
N LYS E 4 21.04 18.80 -44.29
CA LYS E 4 22.18 18.65 -43.40
C LYS E 4 22.37 19.92 -42.57
N ILE E 5 22.54 19.74 -41.26
CA ILE E 5 22.75 20.87 -40.37
C ILE E 5 24.15 21.43 -40.61
N THR E 6 24.23 22.71 -40.95
CA THR E 6 25.52 23.33 -41.22
C THR E 6 26.02 24.21 -40.08
N GLY E 7 25.11 24.71 -39.26
CA GLY E 7 25.53 25.55 -38.15
C GLY E 7 24.46 25.84 -37.14
N VAL E 8 24.89 26.25 -35.95
CA VAL E 8 23.96 26.58 -34.86
C VAL E 8 24.41 27.84 -34.16
N ASN E 9 23.51 28.82 -34.05
CA ASN E 9 23.79 30.07 -33.36
C ASN E 9 23.00 30.11 -32.06
N ILE E 10 23.62 30.58 -30.99
CA ILE E 10 22.96 30.68 -29.69
C ILE E 10 22.90 32.16 -29.30
N TYR E 11 21.72 32.61 -28.93
CA TYR E 11 21.52 34.01 -28.56
C TYR E 11 21.08 34.14 -27.10
N LEU E 12 21.79 34.96 -26.36
CA LEU E 12 21.46 35.20 -24.96
C LEU E 12 21.04 36.67 -24.90
N LEU E 13 19.73 36.91 -24.89
CA LEU E 13 19.20 38.25 -24.88
C LEU E 13 18.89 38.82 -23.50
N LYS E 14 18.86 40.15 -23.46
CA LYS E 14 18.48 40.86 -22.25
C LYS E 14 17.23 41.54 -22.80
N SER E 15 16.06 41.15 -22.30
CA SER E 15 14.82 41.73 -22.80
C SER E 15 13.92 42.09 -21.63
N GLY E 16 14.01 43.34 -21.20
CA GLY E 16 13.21 43.75 -20.07
C GLY E 16 13.72 43.00 -18.86
N ARG E 17 12.81 42.45 -18.07
CA ARG E 17 13.16 41.71 -16.87
C ARG E 17 13.69 40.31 -17.18
N LEU E 18 13.61 39.91 -18.44
CA LEU E 18 14.04 38.57 -18.85
C LEU E 18 15.38 38.49 -19.59
N HIS E 19 15.86 37.26 -19.73
CA HIS E 19 17.10 36.97 -20.45
C HIS E 19 16.87 35.71 -21.29
N PRO E 20 16.02 35.83 -22.33
CA PRO E 20 15.65 34.76 -23.27
C PRO E 20 16.86 34.13 -23.93
N VAL E 21 16.82 32.81 -24.10
CA VAL E 21 17.91 32.08 -24.74
C VAL E 21 17.33 31.45 -26.00
N LEU E 22 17.87 31.86 -27.15
CA LEU E 22 17.37 31.37 -28.43
C LEU E 22 18.42 30.58 -29.21
N VAL E 23 17.93 29.68 -30.06
CA VAL E 23 18.80 28.88 -30.91
C VAL E 23 18.24 28.93 -32.33
N GLU E 24 19.14 28.95 -33.30
CA GLU E 24 18.77 28.97 -34.70
C GLU E 24 19.65 27.94 -35.37
N ILE E 25 19.03 26.96 -36.00
CA ILE E 25 19.77 25.90 -36.68
C ILE E 25 19.70 26.15 -38.18
N SER E 26 20.85 26.12 -38.84
CA SER E 26 20.92 26.34 -40.28
C SER E 26 21.19 25.03 -40.99
N THR E 27 20.64 24.91 -42.19
CA THR E 27 20.81 23.70 -43.00
C THR E 27 21.49 24.05 -44.31
N ASP E 28 22.03 23.04 -44.99
CA ASP E 28 22.73 23.26 -46.24
C ASP E 28 21.82 23.64 -47.43
N GLU E 29 20.55 23.91 -47.15
CA GLU E 29 19.64 24.30 -48.23
C GLU E 29 18.88 25.59 -47.94
N GLY E 30 19.35 26.34 -46.95
CA GLY E 30 18.73 27.61 -46.63
C GLY E 30 17.53 27.56 -45.71
N ILE E 31 17.16 26.36 -45.27
CA ILE E 31 16.02 26.23 -44.37
C ILE E 31 16.55 26.32 -42.94
N THR E 32 16.00 27.23 -42.16
CA THR E 32 16.45 27.41 -40.79
C THR E 32 15.38 27.08 -39.76
N GLY E 33 15.82 26.62 -38.60
CA GLY E 33 14.88 26.29 -37.54
C GLY E 33 15.17 27.14 -36.32
N ALA E 34 14.11 27.60 -35.66
CA ALA E 34 14.26 28.44 -34.48
C ALA E 34 13.68 27.75 -33.25
N GLY E 35 14.33 27.95 -32.11
CA GLY E 35 13.86 27.36 -30.88
C GLY E 35 14.23 28.23 -29.69
N GLU E 36 13.63 27.95 -28.54
CA GLU E 36 13.90 28.72 -27.33
C GLU E 36 13.94 27.86 -26.08
N ALA E 37 15.01 28.01 -25.29
CA ALA E 37 15.13 27.27 -24.05
C ALA E 37 14.31 28.05 -23.04
N GLY E 38 13.61 27.34 -22.16
CA GLY E 38 12.77 28.01 -21.18
C GLY E 38 13.45 28.54 -19.93
N ILE E 39 14.66 29.08 -20.07
CA ILE E 39 15.35 29.63 -18.93
C ILE E 39 15.48 31.14 -19.12
N ALA E 40 14.34 31.80 -19.31
CA ALA E 40 14.30 33.25 -19.53
C ALA E 40 14.27 34.05 -18.23
N TYR E 41 13.97 33.38 -17.13
CA TYR E 41 13.93 34.04 -15.83
C TYR E 41 14.71 33.20 -14.84
N GLY E 42 14.86 33.71 -13.62
CA GLY E 42 15.60 32.98 -12.62
C GLY E 42 17.09 33.07 -12.88
N VAL E 43 17.85 32.17 -12.27
CA VAL E 43 19.30 32.15 -12.43
C VAL E 43 19.76 30.95 -13.24
N GLY E 44 20.48 31.20 -14.33
CA GLY E 44 20.97 30.12 -15.16
C GLY E 44 20.86 30.37 -16.65
N GLY E 45 20.51 31.59 -17.04
CA GLY E 45 20.40 31.90 -18.46
C GLY E 45 21.66 31.54 -19.22
N THR E 46 22.81 31.83 -18.63
CA THR E 46 24.11 31.57 -19.25
C THR E 46 24.43 30.09 -19.31
N ALA E 47 23.91 29.34 -18.35
CA ALA E 47 24.15 27.90 -18.31
C ALA E 47 23.37 27.26 -19.47
N ALA E 48 22.16 27.76 -19.69
CA ALA E 48 21.30 27.25 -20.76
C ALA E 48 21.99 27.46 -22.11
N ALA E 49 22.52 28.66 -22.33
CA ALA E 49 23.20 28.94 -23.60
C ALA E 49 24.39 27.99 -23.72
N GLY E 50 25.09 27.81 -22.61
CA GLY E 50 26.25 26.93 -22.61
C GLY E 50 25.84 25.49 -22.92
N ILE E 52 23.22 24.54 -24.83
CA ILE E 52 22.89 24.42 -26.24
C ILE E 52 24.17 24.32 -27.05
N LYS E 53 25.19 25.09 -26.65
CA LYS E 53 26.47 25.07 -27.35
C LYS E 53 27.12 23.69 -27.24
N ASP E 54 27.16 23.13 -26.02
CA ASP E 54 27.77 21.82 -25.84
C ASP E 54 27.02 20.73 -26.59
N LEU E 55 25.69 20.76 -26.55
CA LEU E 55 24.88 19.76 -27.23
C LEU E 55 25.06 19.86 -28.74
N SER E 56 24.98 21.08 -29.27
CA SER E 56 25.12 21.31 -30.70
C SER E 56 26.45 20.78 -31.25
N GLU E 57 27.54 21.17 -30.61
CA GLU E 57 28.88 20.75 -31.02
C GLU E 57 29.08 19.25 -30.93
N ARG E 58 28.33 18.60 -30.06
CA ARG E 58 28.48 17.15 -29.88
C ARG E 58 27.53 16.30 -30.71
N PHE E 59 26.29 16.76 -30.85
CA PHE E 59 25.28 15.97 -31.56
C PHE E 59 24.66 16.49 -32.85
N LEU E 60 24.80 17.77 -33.16
CA LEU E 60 24.12 18.32 -34.35
C LEU E 60 24.83 18.55 -35.68
N ILE E 61 25.99 19.19 -35.67
CA ILE E 61 26.70 19.49 -36.91
C ILE E 61 26.84 18.33 -37.89
N GLY E 62 26.33 18.55 -39.10
CA GLY E 62 26.40 17.55 -40.14
C GLY E 62 25.35 16.46 -40.09
N LYS E 63 24.41 16.57 -39.16
CA LYS E 63 23.36 15.56 -39.02
C LYS E 63 22.12 15.84 -39.84
N ASP E 64 21.38 14.79 -40.17
CA ASP E 64 20.13 14.92 -40.92
C ASP E 64 19.12 15.42 -39.90
N PRO E 65 18.57 16.63 -40.09
CA PRO E 65 17.60 17.18 -39.14
C PRO E 65 16.24 16.48 -39.12
N SER E 66 15.92 15.70 -40.15
CA SER E 66 14.63 15.02 -40.21
C SER E 66 14.50 13.91 -39.19
N ARG E 67 15.64 13.40 -38.71
CA ARG E 67 15.65 12.32 -37.72
C ARG E 67 15.52 12.86 -36.29
N ILE E 68 14.45 13.60 -36.04
CA ILE E 68 14.20 14.22 -34.74
C ILE E 68 14.19 13.24 -33.57
N GLU E 69 13.38 12.19 -33.65
CA GLU E 69 13.32 11.19 -32.59
C GLU E 69 14.70 10.63 -32.27
N GLU E 70 15.48 10.34 -33.31
CA GLU E 70 16.82 9.78 -33.11
C GLU E 70 17.78 10.80 -32.50
N LEU E 71 17.64 12.05 -32.90
CA LEU E 71 18.49 13.10 -32.34
C LEU E 71 18.17 13.27 -30.85
N TRP E 72 16.88 13.38 -30.52
CA TRP E 72 16.45 13.54 -29.13
C TRP E 72 16.96 12.36 -28.33
N SER E 73 16.76 11.17 -28.89
CA SER E 73 17.19 9.93 -28.27
C SER E 73 18.69 9.90 -28.04
N THR E 74 19.44 10.38 -29.03
CA THR E 74 20.89 10.40 -28.93
C THR E 74 21.35 11.36 -27.84
N TYR E 76 19.65 12.29 -25.24
CA TYR E 76 19.27 11.73 -23.96
C TYR E 76 20.26 10.64 -23.53
N ASP E 77 20.51 9.70 -24.43
CA ASP E 77 21.41 8.57 -24.17
C ASP E 77 22.89 8.88 -23.94
N HIS E 78 23.43 9.88 -24.64
CA HIS E 78 24.84 10.12 -24.51
C HIS E 78 25.35 11.44 -23.96
N SER E 79 24.47 12.21 -23.32
CA SER E 79 24.88 13.48 -22.72
C SER E 79 25.30 13.17 -21.29
N PHE E 80 24.85 12.01 -20.83
CA PHE E 80 25.09 11.49 -19.48
C PHE E 80 24.19 12.16 -18.45
N TRP E 81 24.17 13.49 -18.44
CA TRP E 81 23.38 14.23 -17.48
C TRP E 81 21.89 14.30 -17.75
N ALA E 82 21.47 13.79 -18.91
CA ALA E 82 20.05 13.81 -19.23
C ALA E 82 19.28 12.78 -18.38
N LYS E 83 19.94 11.69 -18.02
CA LYS E 83 19.28 10.66 -17.21
C LYS E 83 19.02 11.24 -15.83
N ASN E 84 17.74 11.36 -15.50
CA ASN E 84 17.28 11.98 -14.26
C ASN E 84 17.72 13.42 -14.33
N GLY E 85 17.75 13.96 -15.55
CA GLY E 85 18.18 15.32 -15.80
C GLY E 85 17.22 16.42 -15.39
N GLY E 86 17.76 17.63 -15.25
CA GLY E 86 16.95 18.76 -14.83
C GLY E 86 16.64 19.83 -15.88
N ALA E 87 16.33 21.02 -15.39
CA ALA E 87 15.96 22.15 -16.22
C ALA E 87 16.97 22.59 -17.28
N ILE E 88 18.25 22.62 -16.94
CA ILE E 88 19.25 23.07 -17.90
C ILE E 88 19.48 22.10 -19.07
N ILE E 89 19.76 20.84 -18.78
CA ILE E 89 20.00 19.86 -19.84
C ILE E 89 18.78 19.76 -20.75
N PHE E 90 17.58 19.70 -20.17
CA PHE E 90 16.37 19.59 -20.97
C PHE E 90 15.88 20.88 -21.60
N ALA E 91 16.31 22.03 -21.07
CA ALA E 91 15.91 23.29 -21.68
C ALA E 91 16.70 23.38 -22.97
N GLY E 92 17.94 22.90 -22.93
CA GLY E 92 18.78 22.91 -24.11
C GLY E 92 18.23 21.98 -25.18
N ILE E 93 17.92 20.75 -24.78
CA ILE E 93 17.36 19.78 -25.70
C ILE E 93 16.07 20.29 -26.31
N SER E 94 15.21 20.88 -25.48
CA SER E 94 13.92 21.39 -25.93
C SER E 94 14.03 22.46 -27.01
N ALA E 95 14.96 23.39 -26.83
CA ALA E 95 15.17 24.47 -27.80
C ALA E 95 15.57 23.86 -29.15
N ILE E 96 16.51 22.92 -29.10
CA ILE E 96 16.99 22.24 -30.29
C ILE E 96 15.83 21.48 -30.95
N GLU E 97 15.11 20.70 -30.14
CA GLU E 97 14.01 19.91 -30.66
C GLU E 97 13.00 20.83 -31.34
N GLN E 98 12.74 21.99 -30.75
CA GLN E 98 11.80 22.95 -31.35
C GLN E 98 12.24 23.36 -32.74
N ALA E 99 13.53 23.68 -32.88
CA ALA E 99 14.08 24.11 -34.15
C ALA E 99 14.01 23.00 -35.20
N LEU E 100 14.16 21.76 -34.77
CA LEU E 100 14.09 20.62 -35.68
C LEU E 100 12.68 20.50 -36.25
N TRP E 101 11.66 20.64 -35.41
CA TRP E 101 10.29 20.54 -35.90
C TRP E 101 9.97 21.71 -36.82
N ASP E 102 10.53 22.87 -36.48
CA ASP E 102 10.34 24.07 -37.28
C ASP E 102 10.86 23.77 -38.69
N ILE E 103 12.02 23.15 -38.75
CA ILE E 103 12.63 22.78 -40.02
C ILE E 103 11.77 21.75 -40.77
N LYS E 104 11.29 20.74 -40.06
CA LYS E 104 10.47 19.70 -40.69
C LYS E 104 9.19 20.29 -41.27
N GLY E 105 8.54 21.17 -40.52
CA GLY E 105 7.32 21.79 -41.00
C GLY E 105 7.57 22.67 -42.22
N LYS E 106 8.69 23.38 -42.19
CA LYS E 106 9.06 24.25 -43.32
C LYS E 106 9.35 23.40 -44.55
N CYS E 107 9.98 22.25 -44.32
CA CYS E 107 10.30 21.34 -45.43
C CYS E 107 9.03 20.79 -46.07
N LEU E 108 8.03 20.53 -45.24
CA LEU E 108 6.77 19.97 -45.73
C LEU E 108 5.71 21.03 -46.05
N GLY E 109 6.02 22.28 -45.75
CA GLY E 109 5.10 23.37 -46.04
C GLY E 109 3.85 23.47 -45.19
N VAL E 110 3.90 22.97 -43.95
CA VAL E 110 2.73 23.01 -43.07
C VAL E 110 3.14 23.33 -41.63
N PRO E 111 2.18 23.82 -40.82
CA PRO E 111 2.49 24.13 -39.42
C PRO E 111 2.83 22.83 -38.69
N VAL E 112 3.62 22.93 -37.62
CA VAL E 112 3.98 21.73 -36.87
C VAL E 112 2.73 20.99 -36.37
N TYR E 113 1.69 21.71 -35.98
CA TYR E 113 0.50 21.02 -35.50
C TYR E 113 -0.16 20.11 -36.54
N GLU E 114 0.13 20.33 -37.83
CA GLU E 114 -0.44 19.46 -38.86
C GLU E 114 0.25 18.10 -38.80
N LEU E 115 1.55 18.12 -38.54
CA LEU E 115 2.34 16.89 -38.44
C LEU E 115 1.93 16.07 -37.22
N PHE E 116 1.52 16.76 -36.16
CA PHE E 116 1.11 16.13 -34.91
C PHE E 116 -0.28 15.51 -34.94
N GLY E 117 -0.99 15.63 -36.06
CA GLY E 117 -2.32 15.06 -36.15
C GLY E 117 -3.41 16.08 -36.42
N GLY E 118 -3.01 17.28 -36.83
CA GLY E 118 -3.98 18.31 -37.14
C GLY E 118 -4.38 19.17 -35.97
N LYS E 119 -5.13 20.22 -36.26
CA LYS E 119 -5.58 21.12 -35.20
C LYS E 119 -6.96 20.72 -34.71
N ILE E 120 -7.24 21.10 -33.47
CA ILE E 120 -8.52 20.82 -32.84
C ILE E 120 -9.26 22.14 -32.59
N ARG E 121 -8.52 23.24 -32.55
CA ARG E 121 -9.11 24.56 -32.32
C ARG E 121 -8.37 25.64 -33.12
N ASP E 122 -9.02 26.76 -33.38
CA ASP E 122 -8.41 27.85 -34.15
C ASP E 122 -7.93 28.99 -33.26
N ARG E 123 -8.40 29.00 -32.02
CA ARG E 123 -8.03 30.03 -31.07
C ARG E 123 -8.02 29.47 -29.66
N VAL E 124 -7.18 30.06 -28.81
CA VAL E 124 -7.08 29.63 -27.43
C VAL E 124 -7.29 30.79 -26.48
N ARG E 125 -8.10 30.56 -25.46
CA ARG E 125 -8.40 31.56 -24.44
C ARG E 125 -7.15 31.62 -23.55
N ALA E 126 -6.89 32.79 -22.98
CA ALA E 126 -5.71 32.96 -22.12
C ALA E 126 -6.00 33.69 -20.82
N TYR E 127 -5.11 33.51 -19.85
CA TYR E 127 -5.27 34.20 -18.58
C TYR E 127 -4.09 35.17 -18.51
N ALA E 128 -4.31 36.32 -17.89
CA ALA E 128 -3.25 37.32 -17.78
C ALA E 128 -2.36 37.13 -16.56
N ASN E 129 -1.05 37.31 -16.78
CA ASN E 129 -0.07 37.21 -15.71
C ASN E 129 0.79 38.46 -15.80
N GLY E 130 1.36 38.90 -14.68
CA GLY E 130 2.20 40.09 -14.68
C GLY E 130 1.45 41.41 -14.57
N TRP E 131 0.12 41.36 -14.69
CA TRP E 131 -0.71 42.56 -14.62
C TRP E 131 -0.60 43.32 -13.28
N TYR E 132 -0.25 42.60 -12.22
CA TYR E 132 -0.13 43.16 -10.88
C TYR E 132 1.03 44.15 -10.68
N GLY E 133 1.98 44.15 -11.62
CA GLY E 133 3.11 45.06 -11.52
C GLY E 133 3.85 45.04 -10.19
N ALA E 134 4.09 46.22 -9.64
CA ALA E 134 4.81 46.35 -8.37
C ALA E 134 3.88 46.39 -7.17
N ALA E 135 2.61 46.08 -7.40
CA ALA E 135 1.61 46.08 -6.34
C ALA E 135 2.14 45.41 -5.08
N ASP E 136 1.69 45.89 -3.92
CA ASP E 136 2.11 45.33 -2.64
C ASP E 136 0.91 45.26 -1.70
N THR E 137 0.27 46.41 -1.49
CA THR E 137 -0.88 46.48 -0.61
C THR E 137 -2.10 45.90 -1.30
N PRO E 138 -3.10 45.46 -0.53
CA PRO E 138 -4.33 44.87 -1.07
C PRO E 138 -5.04 45.82 -2.03
N ASP E 139 -5.07 47.10 -1.70
CA ASP E 139 -5.74 48.04 -2.58
C ASP E 139 -4.98 48.24 -3.88
N GLU E 140 -3.65 48.15 -3.83
CA GLU E 140 -2.87 48.31 -5.05
C GLU E 140 -3.22 47.16 -6.00
N PHE E 141 -3.33 45.95 -5.43
CA PHE E 141 -3.69 44.77 -6.23
C PHE E 141 -5.09 44.97 -6.80
N ALA E 142 -6.03 45.38 -5.96
CA ALA E 142 -7.40 45.60 -6.41
C ALA E 142 -7.43 46.58 -7.58
N ARG E 143 -6.61 47.62 -7.48
CA ARG E 143 -6.55 48.65 -8.52
C ARG E 143 -5.85 48.16 -9.78
N ALA E 144 -5.09 47.08 -9.67
CA ALA E 144 -4.38 46.55 -10.82
C ALA E 144 -5.25 45.66 -11.72
N VAL E 145 -6.35 45.15 -11.19
CA VAL E 145 -7.23 44.28 -11.96
C VAL E 145 -7.96 45.03 -13.09
N GLU E 146 -7.97 46.36 -13.02
CA GLU E 146 -8.64 47.18 -14.02
C GLU E 146 -8.13 46.96 -15.43
N ARG E 147 -6.85 47.24 -15.64
CA ARG E 147 -6.21 47.10 -16.94
C ARG E 147 -6.53 45.78 -17.64
N PRO E 148 -6.17 44.64 -17.00
CA PRO E 148 -6.43 43.34 -17.63
C PRO E 148 -7.89 43.04 -17.97
N LEU E 149 -8.81 43.38 -17.09
CA LEU E 149 -10.22 43.12 -17.34
C LEU E 149 -10.76 43.94 -18.52
N LYS E 150 -10.28 45.16 -18.68
CA LYS E 150 -10.72 46.00 -19.79
C LYS E 150 -10.15 45.47 -21.09
N GLU E 151 -8.94 44.91 -21.03
CA GLU E 151 -8.30 44.38 -22.22
C GLU E 151 -8.95 43.09 -22.72
N GLY E 152 -9.92 42.58 -21.97
CA GLY E 152 -10.61 41.37 -22.40
C GLY E 152 -10.29 40.04 -21.75
N TYR E 153 -9.51 40.04 -20.68
CA TYR E 153 -9.16 38.79 -19.99
C TYR E 153 -10.27 38.34 -19.06
N GLY E 154 -10.53 37.05 -19.03
CA GLY E 154 -11.58 36.51 -18.17
C GLY E 154 -10.97 35.71 -17.05
N ALA E 155 -9.65 35.71 -16.98
CA ALA E 155 -8.93 34.97 -15.95
C ALA E 155 -7.64 35.71 -15.60
N LEU E 156 -7.21 35.54 -14.35
CA LEU E 156 -6.01 36.21 -13.85
C LEU E 156 -5.20 35.34 -12.88
N LYS E 157 -3.88 35.42 -12.98
CA LYS E 157 -3.01 34.70 -12.06
C LYS E 157 -2.09 35.71 -11.37
N PHE E 158 -1.77 35.44 -10.10
CA PHE E 158 -0.88 36.30 -9.32
C PHE E 158 -0.23 35.49 -8.21
N TYR E 159 0.76 36.08 -7.54
CA TYR E 159 1.50 35.41 -6.47
C TYR E 159 1.31 36.12 -5.13
N PRO E 160 0.33 35.67 -4.33
CA PRO E 160 -0.01 36.24 -3.02
C PRO E 160 1.16 36.34 -2.04
N LEU E 161 2.07 35.37 -2.10
CA LEU E 161 3.20 35.32 -1.18
C LEU E 161 4.42 36.08 -1.67
N ALA E 162 4.44 36.42 -2.95
CA ALA E 162 5.58 37.12 -3.53
C ALA E 162 5.73 38.59 -3.16
N GLN E 163 6.92 39.12 -3.44
CA GLN E 163 7.25 40.51 -3.19
C GLN E 163 8.14 40.97 -4.34
N ARG E 164 7.76 42.05 -5.00
CA ARG E 164 8.57 42.55 -6.10
C ARG E 164 9.81 43.22 -5.53
N VAL E 165 10.98 42.79 -6.00
CA VAL E 165 12.24 43.37 -5.54
C VAL E 165 12.99 43.84 -6.77
N GLY E 166 12.71 45.07 -7.19
CA GLY E 166 13.35 45.62 -8.36
C GLY E 166 12.66 45.11 -9.61
N SER E 167 13.43 44.51 -10.51
CA SER E 167 12.91 43.98 -11.76
C SER E 167 12.21 42.63 -11.57
N ALA E 168 12.79 41.79 -10.71
CA ALA E 168 12.23 40.47 -10.46
C ALA E 168 11.20 40.43 -9.35
N LEU E 169 10.63 39.24 -9.17
CA LEU E 169 9.62 38.98 -8.15
C LEU E 169 10.28 38.01 -7.17
N GLN E 170 10.26 38.33 -5.88
CA GLN E 170 10.89 37.47 -4.89
C GLN E 170 9.91 36.60 -4.12
N HIS E 171 10.12 35.29 -4.19
CA HIS E 171 9.25 34.33 -3.53
C HIS E 171 9.66 34.09 -2.08
N VAL E 172 8.99 33.15 -1.43
CA VAL E 172 9.24 32.83 -0.04
C VAL E 172 10.65 32.39 0.31
N THR E 173 11.16 32.91 1.42
CA THR E 173 12.49 32.58 1.92
C THR E 173 12.37 31.48 2.99
N ARG E 174 13.07 30.37 2.78
CA ARG E 174 13.07 29.25 3.71
C ARG E 174 11.66 28.84 4.18
N ARG E 175 10.73 28.80 3.23
CA ARG E 175 9.35 28.39 3.52
C ARG E 175 8.78 29.05 4.77
N SER E 176 9.22 30.27 5.05
CA SER E 176 8.75 30.99 6.24
C SER E 176 8.24 32.39 5.97
N SER E 178 5.99 35.73 8.23
CA SER E 178 5.39 36.21 9.46
C SER E 178 3.88 36.10 9.32
N ALA E 179 3.17 36.04 10.45
CA ALA E 179 1.72 35.94 10.41
C ALA E 179 1.14 37.17 9.73
N GLU E 180 1.85 38.29 9.84
CA GLU E 180 1.39 39.53 9.23
C GLU E 180 1.45 39.43 7.72
N ALA E 181 2.55 38.91 7.20
CA ALA E 181 2.72 38.75 5.75
C ALA E 181 1.71 37.74 5.23
N ILE E 182 1.46 36.69 6.01
CA ILE E 182 0.51 35.66 5.65
C ILE E 182 -0.91 36.23 5.61
N GLU E 183 -1.14 37.25 6.43
CA GLU E 183 -2.45 37.90 6.48
C GLU E 183 -2.59 38.79 5.24
N LEU E 184 -1.50 39.47 4.89
CA LEU E 184 -1.46 40.35 3.73
C LEU E 184 -1.75 39.51 2.48
N ALA E 185 -1.18 38.31 2.44
CA ALA E 185 -1.37 37.39 1.32
C ALA E 185 -2.86 37.15 1.14
N TYR E 186 -3.54 36.82 2.24
CA TYR E 186 -4.97 36.58 2.20
C TYR E 186 -5.70 37.83 1.72
N ARG E 187 -5.36 38.97 2.30
CA ARG E 187 -6.00 40.23 1.93
C ARG E 187 -5.85 40.54 0.45
N ARG E 188 -4.69 40.24 -0.12
CA ARG E 188 -4.45 40.47 -1.53
C ARG E 188 -5.43 39.66 -2.37
N VAL E 189 -5.57 38.38 -2.05
CA VAL E 189 -6.47 37.51 -2.79
C VAL E 189 -7.90 38.02 -2.68
N LYS E 190 -8.33 38.31 -1.45
CA LYS E 190 -9.68 38.81 -1.26
C LYS E 190 -9.85 40.12 -2.01
N ALA E 191 -8.80 40.93 -2.01
CA ALA E 191 -8.83 42.22 -2.69
C ALA E 191 -9.03 42.03 -4.19
N VAL E 192 -8.31 41.07 -4.77
CA VAL E 192 -8.42 40.79 -6.20
C VAL E 192 -9.82 40.29 -6.54
N ARG E 193 -10.35 39.38 -5.71
CA ARG E 193 -11.70 38.84 -5.95
C ARG E 193 -12.76 39.93 -5.88
N ASP E 194 -12.74 40.73 -4.82
CA ASP E 194 -13.73 41.80 -4.69
C ASP E 194 -13.62 42.73 -5.90
N ALA E 195 -12.40 43.09 -6.25
CA ALA E 195 -12.16 44.00 -7.38
C ALA E 195 -12.46 43.43 -8.76
N ALA E 196 -12.58 42.11 -8.88
CA ALA E 196 -12.84 41.50 -10.18
C ALA E 196 -14.27 41.01 -10.40
N GLY E 197 -15.01 40.78 -9.32
CA GLY E 197 -16.35 40.27 -9.48
C GLY E 197 -16.33 38.76 -9.43
N PRO E 198 -17.49 38.10 -9.24
CA PRO E 198 -17.64 36.65 -9.16
C PRO E 198 -17.41 35.84 -10.44
N GLU E 199 -17.47 36.51 -11.59
CA GLU E 199 -17.32 35.81 -12.87
C GLU E 199 -15.89 35.59 -13.36
N ILE E 200 -14.93 36.31 -12.80
CA ILE E 200 -13.54 36.18 -13.23
C ILE E 200 -12.80 35.02 -12.55
N GLU E 201 -12.02 34.27 -13.32
CA GLU E 201 -11.27 33.14 -12.80
C GLU E 201 -9.94 33.60 -12.20
N LEU E 202 -9.66 33.14 -10.99
CA LEU E 202 -8.43 33.51 -10.31
C LEU E 202 -7.52 32.32 -10.08
N VAL E 204 -3.87 31.22 -8.31
CA VAL E 204 -2.90 31.63 -7.32
C VAL E 204 -1.66 30.75 -7.42
N ASP E 205 -0.52 31.37 -7.69
CA ASP E 205 0.75 30.66 -7.80
C ASP E 205 1.52 30.90 -6.50
N LEU E 206 1.84 29.83 -5.77
CA LEU E 206 2.58 29.96 -4.53
C LEU E 206 4.08 29.74 -4.72
N SER E 207 4.45 29.29 -5.92
CA SER E 207 5.85 29.04 -6.28
C SER E 207 6.63 28.25 -5.24
N GLY E 208 5.99 27.28 -4.61
CA GLY E 208 6.67 26.48 -3.61
C GLY E 208 5.96 26.51 -2.28
N GLY E 209 5.34 27.64 -1.98
CA GLY E 209 4.62 27.81 -0.74
C GLY E 209 5.45 27.86 0.52
N LEU E 210 4.82 27.47 1.63
CA LEU E 210 5.45 27.44 2.94
C LEU E 210 5.64 25.97 3.28
N THR E 211 5.65 25.66 4.58
CA THR E 211 5.75 24.28 4.98
C THR E 211 4.32 23.75 4.88
N THR E 212 4.18 22.44 4.75
CA THR E 212 2.88 21.81 4.58
C THR E 212 1.73 22.32 5.44
N ASP E 213 1.93 22.37 6.74
CA ASP E 213 0.90 22.83 7.65
C ASP E 213 0.38 24.23 7.31
N GLU E 214 1.29 25.16 7.06
CA GLU E 214 0.94 26.54 6.75
C GLU E 214 0.27 26.74 5.40
N THR E 215 0.68 25.94 4.41
CA THR E 215 0.10 26.04 3.07
C THR E 215 -1.34 25.55 3.12
N ILE E 216 -1.57 24.44 3.81
CA ILE E 216 -2.91 23.90 3.94
C ILE E 216 -3.81 24.95 4.59
N ARG E 217 -3.31 25.52 5.69
CA ARG E 217 -4.04 26.53 6.43
C ARG E 217 -4.46 27.68 5.52
N PHE E 218 -3.51 28.15 4.72
CA PHE E 218 -3.76 29.26 3.79
C PHE E 218 -4.71 28.92 2.64
N CYS E 219 -4.55 27.74 2.06
CA CYS E 219 -5.41 27.33 0.95
C CYS E 219 -6.85 27.18 1.41
N ARG E 220 -7.04 26.74 2.65
CA ARG E 220 -8.38 26.57 3.20
C ARG E 220 -9.02 27.94 3.43
N LYS E 221 -8.19 28.92 3.82
CA LYS E 221 -8.70 30.26 4.07
C LYS E 221 -9.24 30.91 2.80
N ILE E 222 -8.46 30.87 1.72
CA ILE E 222 -8.91 31.47 0.46
C ILE E 222 -9.95 30.60 -0.24
N GLY E 223 -10.32 29.49 0.39
CA GLY E 223 -11.30 28.58 -0.18
C GLY E 223 -12.58 29.22 -0.65
N GLU E 224 -13.20 30.04 0.20
CA GLU E 224 -14.46 30.69 -0.13
C GLU E 224 -14.35 31.80 -1.18
N LEU E 225 -13.12 32.16 -1.53
CA LEU E 225 -12.90 33.20 -2.52
C LEU E 225 -12.98 32.62 -3.94
N ASP E 226 -13.44 31.37 -4.04
CA ASP E 226 -13.58 30.66 -5.30
C ASP E 226 -12.35 30.69 -6.22
N ILE E 227 -11.33 29.93 -5.85
CA ILE E 227 -10.09 29.87 -6.62
C ILE E 227 -10.13 28.79 -7.70
N CYS E 228 -9.69 29.14 -8.91
CA CYS E 228 -9.67 28.20 -10.02
C CYS E 228 -8.64 27.09 -9.72
N PHE E 229 -7.45 27.49 -9.31
CA PHE E 229 -6.43 26.52 -8.93
C PHE E 229 -5.24 27.19 -8.26
N VAL E 230 -4.52 26.40 -7.47
CA VAL E 230 -3.34 26.87 -6.78
C VAL E 230 -2.13 26.17 -7.43
N GLU E 231 -1.16 26.97 -7.87
CA GLU E 231 0.02 26.45 -8.54
C GLU E 231 1.17 26.23 -7.58
N GLU E 232 1.85 25.09 -7.74
CA GLU E 232 2.98 24.69 -6.91
C GLU E 232 2.82 25.04 -5.44
N PRO E 233 1.85 24.41 -4.76
CA PRO E 233 1.61 24.67 -3.34
C PRO E 233 2.75 24.22 -2.43
N CYS E 234 3.66 23.41 -2.97
CA CYS E 234 4.80 22.93 -2.21
C CYS E 234 6.01 22.80 -3.12
N ASP E 235 7.18 22.67 -2.52
CA ASP E 235 8.41 22.51 -3.29
C ASP E 235 8.29 21.35 -4.28
N PRO E 236 8.63 21.61 -5.56
CA PRO E 236 8.57 20.59 -6.62
C PRO E 236 9.33 19.32 -6.28
N PHE E 237 10.28 19.43 -5.35
CA PHE E 237 11.10 18.30 -4.92
C PHE E 237 10.33 17.31 -4.03
N ASP E 238 9.35 17.81 -3.28
CA ASP E 238 8.58 16.99 -2.35
C ASP E 238 7.21 16.53 -2.86
N ASN E 239 7.16 15.37 -3.49
CA ASN E 239 5.87 14.89 -3.98
C ASN E 239 5.01 14.31 -2.87
N GLY E 240 5.62 13.98 -1.73
CA GLY E 240 4.85 13.46 -0.62
C GLY E 240 3.95 14.57 -0.10
N ALA E 241 4.53 15.75 0.10
CA ALA E 241 3.77 16.90 0.56
C ALA E 241 2.66 17.25 -0.42
N LEU E 242 2.95 17.13 -1.71
CA LEU E 242 1.97 17.44 -2.75
C LEU E 242 0.75 16.56 -2.57
N LYS E 243 0.98 15.28 -2.31
CA LYS E 243 -0.13 14.35 -2.11
C LYS E 243 -0.93 14.71 -0.84
N VAL E 244 -0.23 14.98 0.26
CA VAL E 244 -0.90 15.31 1.51
C VAL E 244 -1.75 16.58 1.36
N ILE E 245 -1.17 17.59 0.71
CA ILE E 245 -1.86 18.86 0.49
C ILE E 245 -3.13 18.66 -0.34
N SER E 246 -3.02 17.90 -1.43
CA SER E 246 -4.16 17.66 -2.29
C SER E 246 -5.31 16.99 -1.52
N GLU E 247 -4.98 16.25 -0.47
CA GLU E 247 -6.00 15.57 0.31
C GLU E 247 -6.59 16.44 1.40
N GLN E 248 -5.92 17.55 1.71
CA GLN E 248 -6.39 18.42 2.78
C GLN E 248 -6.95 19.78 2.38
N ILE E 249 -6.84 20.15 1.11
CA ILE E 249 -7.34 21.44 0.67
C ILE E 249 -8.51 21.32 -0.31
N PRO E 250 -9.37 22.35 -0.35
CA PRO E 250 -10.55 22.39 -1.22
C PRO E 250 -10.30 22.96 -2.61
N LEU E 251 -9.05 23.26 -2.93
CA LEU E 251 -8.74 23.84 -4.23
C LEU E 251 -7.99 22.90 -5.17
N PRO E 252 -8.23 23.04 -6.49
CA PRO E 252 -7.55 22.20 -7.47
C PRO E 252 -6.07 22.60 -7.50
N ILE E 253 -5.19 21.63 -7.73
CA ILE E 253 -3.76 21.92 -7.78
C ILE E 253 -3.19 21.78 -9.17
N ALA E 254 -2.24 22.65 -9.49
CA ALA E 254 -1.56 22.64 -10.79
C ALA E 254 -0.07 22.68 -10.54
N VAL E 255 0.68 21.87 -11.28
CA VAL E 255 2.14 21.82 -11.18
C VAL E 255 2.69 21.45 -12.56
N GLY E 256 4.00 21.55 -12.73
CA GLY E 256 4.59 21.19 -14.01
C GLY E 256 5.71 22.08 -14.50
N GLU E 257 5.71 23.33 -14.06
CA GLU E 257 6.72 24.30 -14.48
C GLU E 257 8.14 23.81 -14.21
N ARG E 258 8.30 23.02 -13.15
CA ARG E 258 9.62 22.52 -12.81
C ARG E 258 9.70 21.00 -12.74
N VAL E 259 9.03 20.35 -13.70
CA VAL E 259 9.01 18.88 -13.83
C VAL E 259 9.37 18.66 -15.30
N TYR E 260 10.30 17.75 -15.57
CA TYR E 260 10.77 17.53 -16.93
C TYR E 260 10.62 16.14 -17.53
N THR E 261 10.18 16.11 -18.79
CA THR E 261 9.97 14.90 -19.60
C THR E 261 8.89 13.97 -19.07
N ARG E 262 8.53 12.98 -19.88
CA ARG E 262 7.53 11.98 -19.50
C ARG E 262 7.99 11.31 -18.20
N PHE E 263 9.29 11.07 -18.09
CA PHE E 263 9.85 10.40 -16.93
C PHE E 263 9.63 11.19 -15.66
N GLY E 264 9.72 12.51 -15.77
CA GLY E 264 9.49 13.35 -14.61
C GLY E 264 8.03 13.39 -14.27
N PHE E 265 7.18 13.59 -15.27
CA PHE E 265 5.74 13.64 -15.02
C PHE E 265 5.13 12.34 -14.54
N ARG E 266 5.79 11.21 -14.81
CA ARG E 266 5.28 9.93 -14.35
C ARG E 266 5.08 9.99 -12.83
N LYS E 267 6.04 10.59 -12.15
CA LYS E 267 6.00 10.72 -10.70
C LYS E 267 4.80 11.55 -10.25
N ILE E 268 4.40 12.52 -11.07
CA ILE E 268 3.25 13.35 -10.74
C ILE E 268 1.96 12.58 -11.01
N PHE E 269 1.90 11.92 -12.17
CA PHE E 269 0.71 11.17 -12.55
C PHE E 269 0.35 10.09 -11.54
N GLU E 270 1.35 9.36 -11.04
CA GLU E 270 1.08 8.29 -10.10
C GLU E 270 0.53 8.77 -8.76
N LEU E 271 0.76 10.03 -8.42
CA LEU E 271 0.26 10.56 -7.17
C LEU E 271 -1.24 10.79 -7.25
N GLN E 272 -1.71 11.20 -8.43
CA GLN E 272 -3.12 11.49 -8.65
C GLN E 272 -3.56 12.53 -7.61
N ALA E 273 -2.77 13.60 -7.51
CA ALA E 273 -3.03 14.68 -6.57
C ALA E 273 -3.34 15.99 -7.29
N CYS E 274 -2.95 16.07 -8.56
CA CYS E 274 -3.17 17.27 -9.36
C CYS E 274 -4.25 17.06 -10.41
N GLY E 275 -4.92 18.15 -10.77
CA GLY E 275 -5.95 18.06 -11.79
C GLY E 275 -5.43 18.72 -13.04
N ILE E 276 -4.35 19.47 -12.91
CA ILE E 276 -3.76 20.20 -14.03
C ILE E 276 -2.24 20.15 -14.05
N ILE E 277 -1.65 19.98 -15.23
CA ILE E 277 -0.19 20.01 -15.32
C ILE E 277 0.17 21.19 -16.20
N GLN E 278 1.33 21.79 -15.91
CA GLN E 278 1.78 22.97 -16.64
C GLN E 278 3.18 22.85 -17.20
N PRO E 279 3.41 21.90 -18.10
CA PRO E 279 4.73 21.73 -18.70
C PRO E 279 5.09 22.90 -19.60
N ASP E 280 6.39 23.13 -19.76
CA ASP E 280 6.90 24.22 -20.59
C ASP E 280 7.63 23.55 -21.74
N ILE E 281 7.26 23.85 -22.98
CA ILE E 281 7.92 23.21 -24.11
C ILE E 281 9.42 23.57 -24.16
N GLY E 282 9.79 24.60 -23.40
CA GLY E 282 11.17 25.03 -23.37
C GLY E 282 12.03 24.34 -22.31
N THR E 283 11.39 23.59 -21.43
CA THR E 283 12.12 22.86 -20.38
C THR E 283 11.72 21.39 -20.28
N ALA E 284 10.46 21.08 -20.57
CA ALA E 284 9.98 19.70 -20.48
C ALA E 284 10.63 18.75 -21.46
N GLY E 285 11.23 19.28 -22.52
CA GLY E 285 11.88 18.40 -23.47
C GLY E 285 11.64 18.71 -24.93
N GLY E 286 10.70 19.59 -25.22
CA GLY E 286 10.42 19.92 -26.60
C GLY E 286 8.93 19.84 -26.92
N LEU E 287 8.58 20.11 -28.17
CA LEU E 287 7.19 20.05 -28.61
C LEU E 287 6.60 18.64 -28.59
N GLU E 289 7.87 15.94 -27.03
CA GLU E 289 7.96 15.40 -25.67
C GLU E 289 6.76 15.91 -24.87
N THR E 290 6.44 17.18 -25.01
CA THR E 290 5.32 17.76 -24.30
C THR E 290 4.01 17.15 -24.80
N LYS E 291 3.91 16.91 -26.10
CA LYS E 291 2.70 16.30 -26.64
C LYS E 291 2.52 14.93 -25.99
N LYS E 292 3.62 14.18 -25.87
CA LYS E 292 3.60 12.85 -25.25
C LYS E 292 3.19 12.98 -23.78
N ILE E 293 3.71 14.02 -23.11
CA ILE E 293 3.38 14.26 -21.71
C ILE E 293 1.88 14.51 -21.57
N CYS E 294 1.32 15.32 -22.46
CA CYS E 294 -0.10 15.64 -22.42
C CYS E 294 -0.97 14.41 -22.69
N ALA E 295 -0.55 13.59 -23.65
CA ALA E 295 -1.28 12.37 -23.97
C ALA E 295 -1.31 11.47 -22.75
N ALA E 297 -1.06 12.46 -19.68
CA ALA E 297 -1.91 13.14 -18.70
C ALA E 297 -3.39 12.79 -18.87
N GLU E 298 -3.83 12.57 -20.10
CA GLU E 298 -5.23 12.23 -20.35
C GLU E 298 -5.59 10.91 -19.70
N ALA E 299 -4.61 10.02 -19.64
CA ALA E 299 -4.80 8.71 -19.05
C ALA E 299 -5.03 8.84 -17.54
N TYR E 300 -4.75 10.04 -17.01
CA TYR E 300 -4.94 10.31 -15.60
C TYR E 300 -6.03 11.37 -15.33
N ASN E 301 -6.92 11.55 -16.31
CA ASN E 301 -8.03 12.48 -16.18
C ASN E 301 -7.59 13.93 -15.86
N ARG E 303 -5.96 17.88 -17.27
CA ARG E 303 -5.95 18.84 -18.35
C ARG E 303 -4.63 19.61 -18.34
N VAL E 304 -4.36 20.35 -19.40
CA VAL E 304 -3.09 21.05 -19.51
C VAL E 304 -3.15 22.55 -19.72
N ALA E 305 -2.37 23.26 -18.91
CA ALA E 305 -2.25 24.73 -19.00
C ALA E 305 -0.76 24.97 -19.16
N PRO E 306 -0.24 24.87 -20.40
CA PRO E 306 1.18 25.08 -20.69
C PRO E 306 1.77 26.34 -20.10
N HIS E 307 2.95 26.19 -19.51
CA HIS E 307 3.64 27.32 -18.93
C HIS E 307 4.52 27.96 -19.99
N VAL E 308 4.43 29.27 -20.12
CA VAL E 308 5.26 29.97 -21.09
C VAL E 308 5.62 31.36 -20.60
N CYS E 309 6.92 31.60 -20.46
CA CYS E 309 7.44 32.89 -20.05
C CYS E 309 8.80 33.06 -20.69
N GLY E 310 8.80 33.73 -21.83
CA GLY E 310 10.04 33.96 -22.56
C GLY E 310 9.78 35.00 -23.62
N SER E 311 10.42 34.87 -24.77
CA SER E 311 10.21 35.83 -25.84
C SER E 311 8.97 35.44 -26.65
N SER E 312 8.72 36.17 -27.72
CA SER E 312 7.58 35.91 -28.59
C SER E 312 7.67 34.55 -29.26
N LEU E 313 8.90 34.05 -29.41
CA LEU E 313 9.12 32.78 -30.06
C LEU E 313 8.52 31.61 -29.29
N ILE E 314 8.96 31.42 -28.04
CA ILE E 314 8.47 30.31 -27.23
C ILE E 314 6.95 30.36 -27.12
N GLU E 315 6.38 31.56 -27.06
CA GLU E 315 4.92 31.67 -26.95
C GLU E 315 4.22 31.20 -28.23
N THR E 316 4.78 31.56 -29.38
CA THR E 316 4.21 31.14 -30.65
C THR E 316 4.36 29.63 -30.82
N ALA E 317 5.53 29.12 -30.46
CA ALA E 317 5.79 27.69 -30.56
C ALA E 317 4.83 26.90 -29.68
N THR E 318 4.48 27.47 -28.53
CA THR E 318 3.56 26.83 -27.59
C THR E 318 2.17 26.72 -28.22
N LEU E 319 1.80 27.72 -29.01
CA LEU E 319 0.50 27.68 -29.67
C LEU E 319 0.42 26.49 -30.62
N GLN E 320 1.56 26.04 -31.13
CA GLN E 320 1.58 24.89 -32.02
C GLN E 320 0.99 23.71 -31.25
N LEU E 321 1.47 23.52 -30.03
CA LEU E 321 1.03 22.46 -29.15
C LEU E 321 -0.45 22.59 -28.77
N GLU E 322 -0.82 23.78 -28.29
CA GLU E 322 -2.18 24.03 -27.84
C GLU E 322 -3.25 23.91 -28.94
N ALA E 323 -2.82 24.00 -30.19
CA ALA E 323 -3.76 23.87 -31.29
C ALA E 323 -4.06 22.39 -31.55
N ASN E 324 -3.22 21.52 -31.02
CA ASN E 324 -3.34 20.08 -31.27
C ASN E 324 -3.66 19.12 -30.11
N ILE E 325 -3.34 19.46 -28.87
CA ILE E 325 -3.64 18.53 -27.76
C ILE E 325 -5.12 18.49 -27.42
N THR E 326 -5.62 17.30 -27.11
CA THR E 326 -7.02 17.13 -26.80
C THR E 326 -7.42 17.59 -25.39
N ASN E 327 -6.46 17.66 -24.47
CA ASN E 327 -6.78 18.07 -23.10
C ASN E 327 -6.25 19.45 -22.71
N PHE E 328 -6.31 20.40 -23.64
CA PHE E 328 -5.86 21.77 -23.40
C PHE E 328 -6.85 22.51 -22.49
N ILE E 330 -6.04 26.24 -20.89
CA ILE E 330 -5.93 27.67 -21.09
C ILE E 330 -4.48 28.06 -21.38
N HIS E 331 -4.30 29.20 -22.04
CA HIS E 331 -2.98 29.71 -22.41
C HIS E 331 -2.53 30.82 -21.44
N GLU E 332 -1.23 30.88 -21.18
CA GLU E 332 -0.65 31.87 -20.28
C GLU E 332 0.01 33.01 -21.06
N HIS E 333 -0.34 34.25 -20.70
CA HIS E 333 0.23 35.42 -21.39
C HIS E 333 0.63 36.52 -20.41
N TYR E 334 1.76 37.18 -20.70
CA TYR E 334 2.28 38.29 -19.89
C TYR E 334 2.20 39.55 -20.77
N PRO E 335 1.03 40.20 -20.80
CA PRO E 335 0.85 41.41 -21.61
C PRO E 335 1.74 42.62 -21.30
N ALA E 336 2.20 42.72 -20.06
CA ALA E 336 3.04 43.84 -19.63
C ALA E 336 4.48 43.81 -20.12
N PHE E 337 5.06 42.62 -20.24
CA PHE E 337 6.44 42.47 -20.67
C PHE E 337 6.80 43.28 -21.91
N LYS E 338 5.87 43.37 -22.86
CA LYS E 338 6.12 44.12 -24.08
C LYS E 338 6.42 45.61 -23.84
N ALA E 339 6.02 46.11 -22.68
CA ALA E 339 6.25 47.52 -22.33
C ALA E 339 7.48 47.71 -21.43
N ASP E 340 8.24 46.63 -21.25
CA ASP E 340 9.44 46.69 -20.42
C ASP E 340 10.53 47.50 -21.09
N ASP E 341 11.20 48.34 -20.32
CA ASP E 341 12.29 49.15 -20.85
C ASP E 341 13.40 48.21 -21.26
N GLY E 342 13.62 48.12 -22.57
CA GLY E 342 14.66 47.24 -23.08
C GLY E 342 14.08 46.00 -23.72
N TYR E 343 12.75 45.94 -23.81
CA TYR E 343 12.09 44.78 -24.42
C TYR E 343 12.58 44.59 -25.84
N VAL E 344 12.94 43.36 -26.18
CA VAL E 344 13.42 43.03 -27.51
C VAL E 344 12.41 42.12 -28.20
N GLU E 345 11.87 42.59 -29.32
CA GLU E 345 10.92 41.80 -30.09
C GLU E 345 11.72 40.91 -31.03
N VAL E 346 11.57 39.61 -30.86
CA VAL E 346 12.31 38.67 -31.70
C VAL E 346 11.54 38.21 -32.94
N LEU E 347 10.23 38.40 -32.96
CA LEU E 347 9.42 37.96 -34.11
C LEU E 347 8.84 39.06 -34.97
N GLU E 348 8.70 38.74 -36.26
CA GLU E 348 8.15 39.67 -37.23
C GLU E 348 6.66 39.86 -36.96
N ASN E 349 5.95 38.76 -36.75
CA ASN E 349 4.52 38.82 -36.47
C ASN E 349 4.22 38.03 -35.21
N PRO E 350 4.38 38.65 -34.03
CA PRO E 350 4.12 37.98 -32.76
C PRO E 350 2.63 37.79 -32.48
N PRO E 351 2.28 36.82 -31.62
CA PRO E 351 0.88 36.58 -31.31
C PRO E 351 0.28 37.80 -30.61
N SER E 352 -0.90 38.21 -31.04
CA SER E 352 -1.56 39.36 -30.45
C SER E 352 -2.92 38.99 -29.88
N ILE E 353 -3.11 39.29 -28.60
CA ILE E 353 -4.37 39.00 -27.92
C ILE E 353 -5.51 39.69 -28.64
N SER E 354 -6.68 39.07 -28.58
CA SER E 354 -7.87 39.62 -29.19
C SER E 354 -9.04 39.35 -28.25
N SER E 355 -9.12 40.16 -27.20
CA SER E 355 -10.18 40.01 -26.21
C SER E 355 -9.98 38.69 -25.46
N GLY E 356 -8.76 38.45 -25.00
CA GLY E 356 -8.48 37.24 -24.25
C GLY E 356 -8.20 35.99 -25.07
N TYR E 357 -8.27 36.10 -26.40
CA TYR E 357 -8.00 34.94 -27.26
C TYR E 357 -6.81 35.13 -28.18
N PHE E 358 -6.18 34.02 -28.53
CA PHE E 358 -5.03 33.99 -29.43
C PHE E 358 -5.35 33.09 -30.62
N GLU E 359 -5.19 33.63 -31.82
CA GLU E 359 -5.44 32.86 -33.03
C GLU E 359 -4.25 31.93 -33.24
N PRO E 361 -1.21 30.23 -35.20
CA PRO E 361 -0.34 30.69 -36.30
C PRO E 361 -0.59 29.81 -37.52
N ASN E 362 -0.39 30.35 -38.72
CA ASN E 362 -0.63 29.60 -39.95
C ASN E 362 0.58 29.30 -40.81
N GLY E 363 1.70 29.94 -40.53
CA GLY E 363 2.89 29.70 -41.34
C GLY E 363 3.40 28.28 -41.19
N PRO E 364 4.31 27.83 -42.07
CA PRO E 364 4.83 26.47 -41.94
C PRO E 364 5.75 26.38 -40.74
N GLY E 365 6.00 25.16 -40.26
CA GLY E 365 6.85 25.00 -39.10
C GLY E 365 6.21 25.65 -37.88
N LEU E 366 6.98 26.44 -37.15
CA LEU E 366 6.46 27.09 -35.95
C LEU E 366 5.63 28.31 -36.34
N GLY E 367 5.73 28.71 -37.60
CA GLY E 367 4.99 29.86 -38.08
C GLY E 367 5.49 31.13 -37.44
N ALA E 368 6.80 31.19 -37.23
CA ALA E 368 7.43 32.34 -36.60
C ALA E 368 8.64 32.80 -37.42
N VAL E 369 8.74 34.12 -37.61
CA VAL E 369 9.85 34.69 -38.36
C VAL E 369 10.68 35.58 -37.44
N LEU E 370 11.94 35.22 -37.27
CA LEU E 370 12.85 35.98 -36.43
C LEU E 370 13.31 37.28 -37.07
N ILE E 371 13.50 38.31 -36.27
CA ILE E 371 14.01 39.59 -36.75
C ILE E 371 15.48 39.53 -36.37
N LYS E 372 16.30 38.97 -37.27
CA LYS E 372 17.73 38.80 -37.01
C LYS E 372 18.41 40.07 -36.53
N ARG E 373 17.88 41.22 -36.94
CA ARG E 373 18.44 42.50 -36.57
C ARG E 373 18.36 42.74 -35.06
N ASN E 374 17.23 42.37 -34.46
CA ASN E 374 17.04 42.57 -33.03
C ASN E 374 17.77 41.58 -32.13
N ILE E 375 18.08 40.40 -32.63
CA ILE E 375 18.78 39.41 -31.81
C ILE E 375 20.28 39.35 -32.10
N GLU E 376 20.67 39.84 -33.27
CA GLU E 376 22.07 39.82 -33.66
C GLU E 376 23.01 40.34 -32.57
N PRO E 377 22.65 41.46 -31.92
CA PRO E 377 23.49 42.04 -30.86
C PRO E 377 23.70 41.08 -29.69
N TYR E 378 22.85 40.06 -29.61
CA TYR E 378 22.92 39.09 -28.52
C TYR E 378 23.51 37.73 -28.87
N LEU E 379 24.19 37.64 -30.00
CA LEU E 379 24.81 36.39 -30.40
C LEU E 379 25.80 35.98 -29.31
N TRP E 380 25.62 34.77 -28.77
CA TRP E 380 26.47 34.28 -27.69
C TRP E 380 27.52 33.29 -28.18
N ALA E 381 27.14 32.43 -29.13
CA ALA E 381 28.07 31.44 -29.67
C ALA E 381 27.62 31.00 -31.05
N SER E 382 28.57 30.44 -31.81
CA SER E 382 28.32 29.95 -33.16
C SER E 382 29.07 28.66 -33.39
N CYS E 383 28.34 27.60 -33.72
CA CYS E 383 28.94 26.30 -33.96
C CYS E 383 28.75 25.92 -35.42
N THR E 384 29.85 25.54 -36.09
CA THR E 384 29.79 25.15 -37.49
C THR E 384 30.80 24.05 -37.80
N LEU F 3 -32.83 -31.31 -25.98
CA LEU F 3 -33.07 -30.37 -27.12
C LEU F 3 -31.80 -30.09 -27.90
N LYS F 4 -31.98 -29.67 -29.14
CA LYS F 4 -30.86 -29.31 -30.01
C LYS F 4 -31.20 -27.98 -30.68
N ILE F 5 -30.23 -27.07 -30.71
CA ILE F 5 -30.43 -25.78 -31.35
C ILE F 5 -30.41 -26.00 -32.85
N THR F 6 -31.45 -25.52 -33.54
CA THR F 6 -31.54 -25.70 -34.98
C THR F 6 -31.35 -24.41 -35.79
N GLY F 7 -31.49 -23.27 -35.12
CA GLY F 7 -31.35 -22.03 -35.83
C GLY F 7 -31.26 -20.82 -34.92
N VAL F 8 -30.65 -19.77 -35.43
CA VAL F 8 -30.51 -18.53 -34.68
C VAL F 8 -30.76 -17.37 -35.63
N ASN F 9 -31.77 -16.57 -35.30
CA ASN F 9 -32.12 -15.39 -36.09
C ASN F 9 -31.66 -14.16 -35.32
N ILE F 10 -31.10 -13.21 -36.04
CA ILE F 10 -30.60 -11.98 -35.43
C ILE F 10 -31.37 -10.82 -36.04
N TYR F 11 -31.88 -9.95 -35.18
CA TYR F 11 -32.68 -8.81 -35.62
C TYR F 11 -32.05 -7.47 -35.26
N LEU F 12 -31.96 -6.57 -36.23
CA LEU F 12 -31.40 -5.25 -36.00
C LEU F 12 -32.56 -4.29 -36.24
N LEU F 13 -33.25 -3.94 -35.17
CA LEU F 13 -34.41 -3.06 -35.26
C LEU F 13 -34.15 -1.58 -35.36
N LYS F 14 -35.11 -0.88 -35.95
CA LYS F 14 -35.10 0.57 -36.01
C LYS F 14 -36.33 0.81 -35.15
N SER F 15 -36.14 1.36 -33.96
CA SER F 15 -37.26 1.58 -33.06
C SER F 15 -37.13 2.95 -32.39
N GLY F 16 -37.62 3.98 -33.07
CA GLY F 16 -37.52 5.32 -32.53
C GLY F 16 -36.06 5.72 -32.54
N ARG F 17 -35.62 6.33 -31.46
CA ARG F 17 -34.24 6.79 -31.34
C ARG F 17 -33.29 5.61 -31.04
N LEU F 18 -33.84 4.42 -30.84
CA LEU F 18 -33.02 3.25 -30.53
C LEU F 18 -32.88 2.26 -31.70
N HIS F 19 -31.87 1.39 -31.59
CA HIS F 19 -31.65 0.35 -32.58
C HIS F 19 -31.40 -0.95 -31.80
N PRO F 20 -32.47 -1.50 -31.22
CA PRO F 20 -32.39 -2.74 -30.44
C PRO F 20 -31.90 -3.91 -31.27
N VAL F 21 -31.06 -4.75 -30.66
CA VAL F 21 -30.51 -5.92 -31.33
C VAL F 21 -31.04 -7.15 -30.60
N LEU F 22 -31.83 -7.96 -31.31
CA LEU F 22 -32.42 -9.13 -30.69
C LEU F 22 -31.96 -10.43 -31.33
N VAL F 23 -32.07 -11.51 -30.58
CA VAL F 23 -31.69 -12.82 -31.07
C VAL F 23 -32.78 -13.80 -30.67
N GLU F 24 -33.08 -14.73 -31.59
CA GLU F 24 -34.09 -15.74 -31.34
C GLU F 24 -33.45 -17.10 -31.63
N ILE F 25 -33.39 -17.96 -30.62
CA ILE F 25 -32.80 -19.29 -30.79
C ILE F 25 -33.90 -20.33 -30.92
N SER F 26 -33.90 -21.08 -32.02
CA SER F 26 -34.92 -22.11 -32.23
C SER F 26 -34.32 -23.49 -31.95
N THR F 27 -35.16 -24.41 -31.44
CA THR F 27 -34.74 -25.78 -31.15
C THR F 27 -35.58 -26.78 -31.94
N ASP F 28 -35.07 -28.01 -32.04
CA ASP F 28 -35.74 -29.05 -32.80
C ASP F 28 -37.11 -29.42 -32.26
N GLU F 29 -37.36 -29.17 -30.97
CA GLU F 29 -38.65 -29.50 -30.38
C GLU F 29 -39.63 -28.32 -30.39
N GLY F 30 -39.28 -27.27 -31.11
CA GLY F 30 -40.17 -26.12 -31.19
C GLY F 30 -40.14 -25.12 -30.05
N ILE F 31 -39.22 -25.29 -29.10
CA ILE F 31 -39.13 -24.33 -28.01
C ILE F 31 -38.12 -23.26 -28.40
N THR F 32 -38.56 -22.00 -28.35
CA THR F 32 -37.68 -20.92 -28.73
C THR F 32 -37.29 -20.04 -27.55
N GLY F 33 -36.11 -19.43 -27.66
CA GLY F 33 -35.63 -18.56 -26.61
C GLY F 33 -35.31 -17.22 -27.24
N ALA F 34 -35.52 -16.13 -26.51
CA ALA F 34 -35.25 -14.79 -27.04
C ALA F 34 -34.30 -14.04 -26.11
N GLY F 35 -33.45 -13.22 -26.70
CA GLY F 35 -32.52 -12.43 -25.92
C GLY F 35 -32.26 -11.10 -26.58
N GLU F 36 -31.69 -10.16 -25.84
CA GLU F 36 -31.38 -8.84 -26.38
C GLU F 36 -29.99 -8.37 -25.99
N ALA F 37 -29.26 -7.86 -26.98
CA ALA F 37 -27.91 -7.33 -26.78
C ALA F 37 -28.09 -5.88 -26.32
N GLY F 38 -27.40 -5.46 -25.26
CA GLY F 38 -27.56 -4.11 -24.76
C GLY F 38 -26.93 -2.97 -25.54
N ILE F 39 -26.84 -3.09 -26.86
CA ILE F 39 -26.24 -2.03 -27.68
C ILE F 39 -27.34 -1.37 -28.54
N ALA F 40 -28.39 -0.91 -27.86
CA ALA F 40 -29.54 -0.27 -28.51
C ALA F 40 -29.32 1.22 -28.77
N TYR F 41 -28.28 1.78 -28.18
CA TYR F 41 -27.96 3.19 -28.35
C TYR F 41 -26.45 3.33 -28.53
N GLY F 42 -25.98 4.54 -28.76
CA GLY F 42 -24.57 4.74 -28.96
C GLY F 42 -24.21 4.20 -30.34
N VAL F 43 -22.92 4.09 -30.64
CA VAL F 43 -22.49 3.61 -31.94
C VAL F 43 -22.01 2.16 -31.90
N GLY F 44 -22.66 1.30 -32.66
CA GLY F 44 -22.25 -0.10 -32.68
C GLY F 44 -23.34 -1.14 -32.76
N GLY F 45 -24.56 -0.73 -33.10
CA GLY F 45 -25.65 -1.69 -33.20
C GLY F 45 -25.36 -2.76 -34.22
N THR F 46 -24.80 -2.37 -35.36
CA THR F 46 -24.48 -3.31 -36.42
C THR F 46 -23.34 -4.24 -35.95
N ALA F 47 -22.41 -3.71 -35.16
CA ALA F 47 -21.32 -4.51 -34.65
C ALA F 47 -21.87 -5.60 -33.73
N ALA F 48 -22.85 -5.24 -32.90
CA ALA F 48 -23.47 -6.18 -31.99
C ALA F 48 -24.16 -7.31 -32.77
N ALA F 49 -24.89 -6.93 -33.81
CA ALA F 49 -25.60 -7.92 -34.63
C ALA F 49 -24.57 -8.84 -35.28
N GLY F 50 -23.51 -8.25 -35.80
CA GLY F 50 -22.47 -9.05 -36.44
C GLY F 50 -21.81 -10.00 -35.45
N ILE F 52 -23.27 -11.40 -32.73
CA ILE F 52 -24.17 -12.49 -32.46
C ILE F 52 -24.12 -13.48 -33.63
N LYS F 53 -23.99 -12.96 -34.84
CA LYS F 53 -23.90 -13.80 -36.03
C LYS F 53 -22.63 -14.67 -35.98
N ASP F 54 -21.49 -14.04 -35.75
CA ASP F 54 -20.23 -14.79 -35.69
C ASP F 54 -20.26 -15.83 -34.58
N LEU F 55 -20.74 -15.46 -33.39
CA LEU F 55 -20.81 -16.39 -32.26
C LEU F 55 -21.76 -17.57 -32.53
N SER F 56 -22.91 -17.29 -33.15
CA SER F 56 -23.89 -18.31 -33.45
C SER F 56 -23.37 -19.36 -34.44
N GLU F 57 -22.85 -18.88 -35.56
CA GLU F 57 -22.33 -19.76 -36.60
C GLU F 57 -21.19 -20.62 -36.07
N ARG F 58 -20.42 -20.09 -35.14
CA ARG F 58 -19.28 -20.82 -34.59
C ARG F 58 -19.55 -21.74 -33.40
N PHE F 59 -20.45 -21.33 -32.52
CA PHE F 59 -20.70 -22.09 -31.30
C PHE F 59 -22.07 -22.67 -31.00
N LEU F 60 -23.11 -22.25 -31.71
CA LEU F 60 -24.46 -22.68 -31.34
C LEU F 60 -25.25 -23.76 -32.08
N ILE F 61 -25.20 -23.78 -33.41
CA ILE F 61 -26.00 -24.76 -34.14
C ILE F 61 -25.68 -26.20 -33.77
N GLY F 62 -26.71 -26.96 -33.42
CA GLY F 62 -26.55 -28.36 -33.08
C GLY F 62 -26.26 -28.64 -31.60
N LYS F 63 -26.03 -27.58 -30.83
CA LYS F 63 -25.73 -27.74 -29.42
C LYS F 63 -26.96 -27.93 -28.52
N ASP F 64 -26.72 -28.53 -27.35
CA ASP F 64 -27.74 -28.77 -26.34
C ASP F 64 -27.84 -27.47 -25.53
N PRO F 65 -28.95 -26.74 -25.67
CA PRO F 65 -29.17 -25.46 -24.96
C PRO F 65 -29.21 -25.51 -23.42
N SER F 66 -29.46 -26.68 -22.86
CA SER F 66 -29.54 -26.83 -21.41
C SER F 66 -28.17 -26.65 -20.73
N ARG F 67 -27.10 -26.81 -21.50
CA ARG F 67 -25.76 -26.67 -20.96
C ARG F 67 -25.30 -25.21 -21.09
N ILE F 68 -25.98 -24.33 -20.37
CA ILE F 68 -25.71 -22.89 -20.41
C ILE F 68 -24.31 -22.50 -19.95
N GLU F 69 -23.90 -22.99 -18.78
CA GLU F 69 -22.57 -22.67 -18.27
C GLU F 69 -21.48 -23.12 -19.23
N GLU F 70 -21.64 -24.30 -19.81
CA GLU F 70 -20.64 -24.81 -20.74
C GLU F 70 -20.58 -23.96 -22.00
N LEU F 71 -21.75 -23.59 -22.50
CA LEU F 71 -21.84 -22.76 -23.70
C LEU F 71 -21.23 -21.37 -23.46
N TRP F 72 -21.54 -20.76 -22.30
CA TRP F 72 -20.98 -19.44 -21.97
C TRP F 72 -19.46 -19.59 -21.92
N SER F 73 -19.02 -20.65 -21.24
CA SER F 73 -17.61 -20.96 -21.08
C SER F 73 -16.90 -21.17 -22.42
N THR F 74 -17.55 -21.86 -23.35
CA THR F 74 -16.97 -22.11 -24.67
C THR F 74 -16.75 -20.80 -25.44
N TYR F 76 -16.42 -17.79 -24.18
CA TYR F 76 -15.41 -17.00 -23.52
C TYR F 76 -14.01 -17.50 -23.88
N ASP F 77 -13.82 -18.81 -23.75
CA ASP F 77 -12.55 -19.47 -24.03
C ASP F 77 -12.08 -19.51 -25.47
N HIS F 78 -13.02 -19.60 -26.42
CA HIS F 78 -12.62 -19.74 -27.81
C HIS F 78 -12.92 -18.64 -28.80
N SER F 79 -13.53 -17.55 -28.34
CA SER F 79 -13.84 -16.43 -29.21
C SER F 79 -12.59 -15.59 -29.40
N PHE F 80 -11.68 -15.73 -28.45
CA PHE F 80 -10.41 -15.01 -28.35
C PHE F 80 -10.58 -13.59 -27.78
N TRP F 81 -11.49 -12.82 -28.36
CA TRP F 81 -11.69 -11.44 -27.92
C TRP F 81 -12.47 -11.25 -26.61
N ALA F 82 -12.95 -12.33 -26.02
CA ALA F 82 -13.69 -12.23 -24.77
C ALA F 82 -12.75 -12.01 -23.57
N LYS F 83 -11.51 -12.49 -23.67
CA LYS F 83 -10.55 -12.31 -22.58
C LYS F 83 -10.20 -10.83 -22.52
N ASN F 84 -10.62 -10.18 -21.44
CA ASN F 84 -10.47 -8.74 -21.24
C ASN F 84 -11.34 -8.04 -22.28
N GLY F 85 -12.43 -8.72 -22.66
CA GLY F 85 -13.34 -8.22 -23.69
C GLY F 85 -14.23 -7.05 -23.30
N GLY F 86 -14.77 -6.39 -24.31
CA GLY F 86 -15.63 -5.23 -24.09
C GLY F 86 -17.11 -5.44 -24.33
N ALA F 87 -17.80 -4.33 -24.51
CA ALA F 87 -19.24 -4.28 -24.72
C ALA F 87 -19.79 -5.12 -25.87
N ILE F 88 -19.14 -5.09 -27.03
CA ILE F 88 -19.65 -5.83 -28.18
C ILE F 88 -19.60 -7.33 -28.00
N ILE F 89 -18.44 -7.86 -27.63
CA ILE F 89 -18.31 -9.30 -27.44
C ILE F 89 -19.26 -9.77 -26.33
N PHE F 90 -19.30 -9.04 -25.22
CA PHE F 90 -20.19 -9.48 -24.15
C PHE F 90 -21.67 -9.18 -24.37
N ALA F 91 -21.98 -8.21 -25.22
CA ALA F 91 -23.38 -7.94 -25.50
C ALA F 91 -23.89 -9.12 -26.33
N GLY F 92 -23.04 -9.64 -27.21
CA GLY F 92 -23.40 -10.78 -28.05
C GLY F 92 -23.59 -12.04 -27.22
N ILE F 93 -22.68 -12.26 -26.28
CA ILE F 93 -22.74 -13.40 -25.41
C ILE F 93 -23.97 -13.26 -24.49
N SER F 94 -24.21 -12.04 -24.00
CA SER F 94 -25.35 -11.78 -23.12
C SER F 94 -26.69 -12.11 -23.77
N ALA F 95 -26.87 -11.67 -25.01
CA ALA F 95 -28.12 -11.90 -25.72
C ALA F 95 -28.38 -13.40 -25.85
N ILE F 96 -27.33 -14.12 -26.23
CA ILE F 96 -27.40 -15.56 -26.39
C ILE F 96 -27.71 -16.24 -25.05
N GLU F 97 -27.01 -15.83 -24.00
CA GLU F 97 -27.22 -16.44 -22.68
C GLU F 97 -28.65 -16.21 -22.19
N GLN F 98 -29.21 -15.03 -22.43
CA GLN F 98 -30.59 -14.75 -22.01
C GLN F 98 -31.56 -15.74 -22.67
N ALA F 99 -31.37 -15.93 -23.98
CA ALA F 99 -32.22 -16.82 -24.74
C ALA F 99 -32.13 -18.26 -24.24
N LEU F 100 -30.93 -18.67 -23.81
CA LEU F 100 -30.75 -20.02 -23.29
C LEU F 100 -31.54 -20.22 -22.00
N TRP F 101 -31.56 -19.21 -21.13
CA TRP F 101 -32.31 -19.34 -19.89
C TRP F 101 -33.81 -19.33 -20.19
N ASP F 102 -34.20 -18.58 -21.20
CA ASP F 102 -35.60 -18.50 -21.62
C ASP F 102 -36.04 -19.91 -21.99
N ILE F 103 -35.19 -20.60 -22.74
CA ILE F 103 -35.51 -21.97 -23.15
C ILE F 103 -35.57 -22.91 -21.94
N LYS F 104 -34.60 -22.80 -21.04
CA LYS F 104 -34.59 -23.65 -19.86
C LYS F 104 -35.87 -23.44 -19.05
N GLY F 105 -36.25 -22.19 -18.84
CA GLY F 105 -37.46 -21.90 -18.11
C GLY F 105 -38.69 -22.47 -18.81
N LYS F 106 -38.76 -22.29 -20.13
CA LYS F 106 -39.91 -22.82 -20.86
C LYS F 106 -39.99 -24.35 -20.74
N CYS F 107 -38.85 -25.02 -20.86
CA CYS F 107 -38.79 -26.46 -20.75
C CYS F 107 -39.27 -26.96 -19.40
N LEU F 108 -38.94 -26.22 -18.35
CA LEU F 108 -39.32 -26.62 -17.00
C LEU F 108 -40.63 -26.02 -16.52
N GLY F 109 -41.23 -25.16 -17.35
CA GLY F 109 -42.50 -24.54 -17.00
C GLY F 109 -42.49 -23.47 -15.92
N VAL F 110 -41.36 -22.81 -15.71
CA VAL F 110 -41.31 -21.78 -14.68
C VAL F 110 -40.48 -20.57 -15.09
N PRO F 111 -40.65 -19.45 -14.37
CA PRO F 111 -39.90 -18.23 -14.67
C PRO F 111 -38.42 -18.50 -14.35
N VAL F 112 -37.52 -17.79 -15.02
CA VAL F 112 -36.10 -17.97 -14.75
C VAL F 112 -35.76 -17.65 -13.30
N TYR F 113 -36.46 -16.68 -12.69
CA TYR F 113 -36.14 -16.38 -11.30
C TYR F 113 -36.40 -17.55 -10.35
N GLU F 114 -37.24 -18.49 -10.75
CA GLU F 114 -37.48 -19.67 -9.90
C GLU F 114 -36.24 -20.54 -9.95
N LEU F 115 -35.65 -20.64 -11.14
CA LEU F 115 -34.45 -21.45 -11.33
C LEU F 115 -33.30 -20.87 -10.52
N PHE F 116 -33.28 -19.54 -10.42
CA PHE F 116 -32.24 -18.82 -9.69
C PHE F 116 -32.37 -18.87 -8.18
N GLY F 117 -33.43 -19.50 -7.68
CA GLY F 117 -33.59 -19.59 -6.23
C GLY F 117 -34.87 -18.98 -5.70
N GLY F 118 -35.81 -18.68 -6.58
CA GLY F 118 -37.08 -18.10 -6.16
C GLY F 118 -37.13 -16.60 -6.14
N LYS F 119 -38.33 -16.06 -6.00
CA LYS F 119 -38.51 -14.61 -5.99
C LYS F 119 -38.50 -14.07 -4.57
N ILE F 120 -37.81 -12.95 -4.39
CA ILE F 120 -37.72 -12.30 -3.09
C ILE F 120 -38.72 -11.15 -3.04
N ARG F 121 -39.10 -10.64 -4.22
CA ARG F 121 -40.06 -9.55 -4.32
C ARG F 121 -40.95 -9.73 -5.57
N ASP F 122 -42.20 -9.31 -5.48
CA ASP F 122 -43.15 -9.47 -6.58
C ASP F 122 -43.36 -8.19 -7.41
N ARG F 123 -42.74 -7.10 -6.97
CA ARG F 123 -42.86 -5.83 -7.67
C ARG F 123 -41.60 -5.03 -7.35
N VAL F 124 -41.24 -4.11 -8.22
CA VAL F 124 -40.06 -3.29 -7.99
C VAL F 124 -40.36 -1.83 -8.26
N ARG F 125 -39.80 -0.97 -7.41
CA ARG F 125 -39.97 0.46 -7.55
C ARG F 125 -39.05 0.89 -8.69
N ALA F 126 -39.43 1.94 -9.41
CA ALA F 126 -38.60 2.39 -10.53
C ALA F 126 -38.36 3.89 -10.55
N TYR F 127 -37.39 4.29 -11.35
CA TYR F 127 -37.08 5.71 -11.52
C TYR F 127 -37.18 5.93 -13.02
N ALA F 128 -37.51 7.14 -13.43
CA ALA F 128 -37.63 7.39 -14.87
C ALA F 128 -36.41 8.09 -15.44
N ASN F 129 -36.01 7.65 -16.63
CA ASN F 129 -34.89 8.25 -17.33
C ASN F 129 -35.45 8.63 -18.70
N GLY F 130 -34.67 9.34 -19.51
CA GLY F 130 -35.10 9.73 -20.84
C GLY F 130 -36.30 10.63 -21.01
N TRP F 131 -36.58 11.48 -20.02
CA TRP F 131 -37.73 12.40 -20.08
C TRP F 131 -37.29 13.83 -20.35
N TYR F 132 -36.02 14.02 -20.73
CA TYR F 132 -35.46 15.35 -20.99
C TYR F 132 -34.70 15.41 -22.31
N GLY F 133 -35.09 14.55 -23.25
CA GLY F 133 -34.42 14.47 -24.54
C GLY F 133 -34.19 15.74 -25.34
N ALA F 134 -35.00 16.76 -25.13
CA ALA F 134 -34.84 18.01 -25.86
C ALA F 134 -34.63 19.20 -24.94
N ALA F 135 -34.51 18.95 -23.64
CA ALA F 135 -34.32 20.04 -22.70
C ALA F 135 -32.92 20.61 -22.82
N ASP F 136 -32.85 21.93 -22.88
CA ASP F 136 -31.57 22.60 -22.99
C ASP F 136 -31.43 23.66 -21.90
N THR F 137 -32.42 24.54 -21.79
CA THR F 137 -32.38 25.58 -20.77
C THR F 137 -32.84 25.00 -19.45
N PRO F 138 -32.49 25.65 -18.33
CA PRO F 138 -32.91 25.14 -17.03
C PRO F 138 -34.43 25.03 -16.96
N ASP F 139 -35.14 26.00 -17.55
CA ASP F 139 -36.59 25.99 -17.51
C ASP F 139 -37.17 24.80 -18.26
N GLU F 140 -36.56 24.43 -19.39
CA GLU F 140 -37.06 23.30 -20.15
C GLU F 140 -36.88 22.02 -19.33
N PHE F 141 -35.88 22.00 -18.46
CA PHE F 141 -35.66 20.84 -17.60
C PHE F 141 -36.77 20.79 -16.56
N ALA F 142 -37.09 21.94 -15.99
CA ALA F 142 -38.16 22.01 -14.99
C ALA F 142 -39.48 21.57 -15.64
N ARG F 143 -39.73 22.02 -16.86
CA ARG F 143 -40.96 21.62 -17.56
C ARG F 143 -40.95 20.11 -17.81
N ALA F 144 -39.79 19.58 -18.17
CA ALA F 144 -39.65 18.16 -18.47
C ALA F 144 -40.04 17.17 -17.37
N VAL F 145 -39.95 17.56 -16.10
CA VAL F 145 -40.28 16.65 -15.00
C VAL F 145 -41.76 16.34 -14.89
N GLU F 146 -42.58 17.25 -15.41
CA GLU F 146 -44.03 17.10 -15.38
C GLU F 146 -44.59 15.74 -15.81
N ARG F 147 -44.25 15.29 -17.01
CA ARG F 147 -44.75 14.02 -17.51
C ARG F 147 -44.44 12.82 -16.61
N PRO F 148 -43.16 12.53 -16.36
CA PRO F 148 -42.83 11.38 -15.50
C PRO F 148 -43.42 11.47 -14.09
N LEU F 149 -43.44 12.66 -13.52
CA LEU F 149 -43.98 12.79 -12.18
C LEU F 149 -45.48 12.52 -12.16
N LYS F 150 -46.17 12.91 -13.23
CA LYS F 150 -47.60 12.69 -13.32
C LYS F 150 -47.90 11.21 -13.55
N GLU F 151 -46.93 10.47 -14.08
CA GLU F 151 -47.13 9.05 -14.32
C GLU F 151 -46.97 8.24 -13.04
N GLY F 152 -46.51 8.90 -11.97
CA GLY F 152 -46.36 8.20 -10.69
C GLY F 152 -44.96 7.84 -10.23
N TYR F 153 -43.94 8.31 -10.94
CA TYR F 153 -42.56 8.03 -10.56
C TYR F 153 -42.15 8.80 -9.32
N GLY F 154 -41.48 8.11 -8.40
CA GLY F 154 -41.04 8.76 -7.18
C GLY F 154 -39.58 9.17 -7.27
N ALA F 155 -38.93 8.79 -8.38
CA ALA F 155 -37.53 9.12 -8.60
C ALA F 155 -37.24 9.39 -10.07
N LEU F 156 -36.26 10.24 -10.32
CA LEU F 156 -35.89 10.62 -11.68
C LEU F 156 -34.37 10.69 -11.82
N LYS F 157 -33.87 10.27 -12.98
CA LYS F 157 -32.44 10.36 -13.26
C LYS F 157 -32.27 11.23 -14.50
N PHE F 158 -31.19 12.00 -14.57
CA PHE F 158 -30.93 12.82 -15.74
C PHE F 158 -29.45 13.22 -15.89
N TYR F 159 -29.07 13.52 -17.13
CA TYR F 159 -27.72 13.93 -17.48
C TYR F 159 -27.78 15.44 -17.69
N PRO F 160 -27.17 16.23 -16.79
CA PRO F 160 -27.20 17.69 -16.91
C PRO F 160 -26.03 18.35 -17.64
N LEU F 161 -25.24 17.56 -18.37
CA LEU F 161 -24.08 18.13 -19.05
C LEU F 161 -24.20 18.23 -20.58
N ALA F 162 -25.36 17.94 -21.13
CA ALA F 162 -25.54 18.01 -22.58
C ALA F 162 -25.23 19.40 -23.12
N GLN F 163 -24.66 19.43 -24.32
CA GLN F 163 -24.29 20.67 -24.98
C GLN F 163 -25.01 20.79 -26.32
N ARG F 164 -25.77 21.86 -26.48
CA ARG F 164 -26.49 22.09 -27.73
C ARG F 164 -25.48 22.51 -28.78
N VAL F 165 -25.28 21.65 -29.77
CA VAL F 165 -24.34 21.92 -30.85
C VAL F 165 -25.02 21.66 -32.19
N GLY F 166 -25.03 22.68 -33.04
CA GLY F 166 -25.66 22.52 -34.35
C GLY F 166 -27.08 21.99 -34.25
N SER F 167 -27.89 22.62 -33.40
CA SER F 167 -29.29 22.25 -33.20
C SER F 167 -29.51 20.94 -32.44
N ALA F 168 -28.45 20.17 -32.24
CA ALA F 168 -28.56 18.89 -31.54
C ALA F 168 -27.88 18.90 -30.16
N LEU F 169 -28.35 18.03 -29.28
CA LEU F 169 -27.80 17.90 -27.94
C LEU F 169 -26.82 16.72 -27.94
N GLN F 170 -25.64 16.93 -27.38
CA GLN F 170 -24.64 15.88 -27.34
C GLN F 170 -23.85 15.88 -26.02
N HIS F 171 -23.18 14.76 -25.74
CA HIS F 171 -22.39 14.63 -24.53
C HIS F 171 -21.22 15.60 -24.53
N VAL F 172 -20.59 15.71 -23.37
CA VAL F 172 -19.43 16.56 -23.16
C VAL F 172 -18.31 16.20 -24.13
N THR F 173 -17.62 17.23 -24.61
CA THR F 173 -16.52 17.05 -25.54
C THR F 173 -15.19 17.20 -24.80
N ARG F 174 -14.33 16.21 -24.96
CA ARG F 174 -13.01 16.19 -24.35
C ARG F 174 -12.98 16.57 -22.86
N ARG F 175 -13.96 16.05 -22.13
CA ARG F 175 -14.05 16.27 -20.69
C ARG F 175 -13.98 17.73 -20.28
N SER F 176 -14.37 18.64 -21.18
CA SER F 176 -14.29 20.07 -20.88
C SER F 176 -15.57 20.86 -21.17
N SER F 178 -17.18 25.16 -20.70
CA SER F 178 -16.87 26.53 -20.35
C SER F 178 -17.49 26.81 -18.98
N ALA F 179 -17.00 27.82 -18.29
CA ALA F 179 -17.55 28.17 -16.97
C ALA F 179 -19.04 28.42 -17.12
N GLU F 180 -19.44 29.01 -18.24
CA GLU F 180 -20.85 29.29 -18.47
C GLU F 180 -21.63 27.97 -18.58
N ALA F 181 -21.05 27.00 -19.26
CA ALA F 181 -21.71 25.70 -19.44
C ALA F 181 -21.85 24.95 -18.12
N ILE F 182 -20.84 25.07 -17.25
CA ILE F 182 -20.88 24.38 -15.96
C ILE F 182 -21.95 25.02 -15.08
N GLU F 183 -22.06 26.33 -15.13
CA GLU F 183 -23.07 27.06 -14.36
C GLU F 183 -24.43 26.63 -14.87
N LEU F 184 -24.56 26.55 -16.19
CA LEU F 184 -25.81 26.11 -16.82
C LEU F 184 -26.17 24.70 -16.28
N ALA F 185 -25.16 23.84 -16.15
CA ALA F 185 -25.38 22.48 -15.65
C ALA F 185 -25.95 22.52 -14.23
N TYR F 186 -25.37 23.37 -13.38
CA TYR F 186 -25.86 23.51 -12.01
C TYR F 186 -27.31 23.99 -12.01
N ARG F 187 -27.60 25.00 -12.81
CA ARG F 187 -28.95 25.55 -12.89
C ARG F 187 -29.94 24.50 -13.33
N ARG F 188 -29.51 23.59 -14.21
CA ARG F 188 -30.38 22.53 -14.69
C ARG F 188 -30.78 21.62 -13.54
N VAL F 189 -29.79 21.18 -12.76
CA VAL F 189 -30.05 20.30 -11.63
C VAL F 189 -30.94 21.01 -10.61
N LYS F 190 -30.62 22.26 -10.31
CA LYS F 190 -31.41 23.04 -9.35
C LYS F 190 -32.84 23.20 -9.84
N ALA F 191 -32.99 23.43 -11.14
CA ALA F 191 -34.31 23.60 -11.74
C ALA F 191 -35.13 22.34 -11.58
N VAL F 192 -34.50 21.18 -11.74
CA VAL F 192 -35.21 19.91 -11.58
C VAL F 192 -35.64 19.73 -10.13
N ARG F 193 -34.75 20.06 -9.19
CA ARG F 193 -35.08 19.91 -7.77
C ARG F 193 -36.25 20.84 -7.41
N ASP F 194 -36.18 22.09 -7.87
CA ASP F 194 -37.24 23.04 -7.58
C ASP F 194 -38.58 22.60 -8.15
N ALA F 195 -38.58 22.16 -9.41
CA ALA F 195 -39.82 21.73 -10.05
C ALA F 195 -40.38 20.42 -9.50
N ALA F 196 -39.49 19.48 -9.17
CA ALA F 196 -39.94 18.18 -8.66
C ALA F 196 -40.38 18.22 -7.20
N GLY F 197 -39.82 19.16 -6.44
CA GLY F 197 -40.16 19.25 -5.03
C GLY F 197 -39.15 18.46 -4.20
N PRO F 198 -39.18 18.60 -2.88
CA PRO F 198 -38.26 17.91 -1.96
C PRO F 198 -38.46 16.41 -1.79
N GLU F 199 -39.66 15.92 -2.06
CA GLU F 199 -39.96 14.50 -1.88
C GLU F 199 -39.55 13.56 -3.02
N ILE F 200 -38.98 14.11 -4.09
CA ILE F 200 -38.56 13.27 -5.21
C ILE F 200 -37.07 12.93 -5.15
N GLU F 201 -36.75 11.66 -5.36
CA GLU F 201 -35.35 11.26 -5.35
C GLU F 201 -34.78 11.60 -6.71
N LEU F 202 -33.61 12.22 -6.71
CA LEU F 202 -32.96 12.60 -7.95
C LEU F 202 -31.61 11.93 -8.12
N VAL F 204 -28.21 11.91 -10.59
CA VAL F 204 -27.53 12.67 -11.61
C VAL F 204 -26.49 11.80 -12.32
N ASP F 205 -26.66 11.66 -13.63
CA ASP F 205 -25.75 10.88 -14.45
C ASP F 205 -24.79 11.84 -15.16
N LEU F 206 -23.49 11.67 -14.93
CA LEU F 206 -22.51 12.53 -15.56
C LEU F 206 -21.90 11.87 -16.80
N SER F 207 -22.26 10.60 -17.01
CA SER F 207 -21.79 9.83 -18.16
C SER F 207 -20.32 10.08 -18.50
N GLY F 208 -19.47 10.06 -17.47
CA GLY F 208 -18.06 10.27 -17.70
C GLY F 208 -17.51 11.54 -17.09
N GLY F 209 -18.37 12.54 -16.95
CA GLY F 209 -17.96 13.81 -16.36
C GLY F 209 -16.85 14.59 -17.04
N LEU F 210 -16.16 15.39 -16.25
CA LEU F 210 -15.08 16.23 -16.75
C LEU F 210 -13.77 15.69 -16.20
N THR F 211 -12.78 16.56 -16.07
CA THR F 211 -11.51 16.14 -15.48
C THR F 211 -11.83 16.07 -13.99
N THR F 212 -11.02 15.31 -13.26
CA THR F 212 -11.21 15.11 -11.83
C THR F 212 -11.53 16.36 -11.01
N ASP F 213 -10.72 17.40 -11.19
CA ASP F 213 -10.93 18.64 -10.44
C ASP F 213 -12.32 19.27 -10.63
N GLU F 214 -12.72 19.50 -11.88
CA GLU F 214 -14.03 20.11 -12.13
C GLU F 214 -15.20 19.22 -11.75
N THR F 215 -15.02 17.90 -11.82
CA THR F 215 -16.11 17.01 -11.45
C THR F 215 -16.35 17.13 -9.95
N ILE F 216 -15.25 17.12 -9.18
CA ILE F 216 -15.34 17.22 -7.73
C ILE F 216 -16.02 18.54 -7.38
N ARG F 217 -15.59 19.62 -8.02
CA ARG F 217 -16.17 20.92 -7.76
C ARG F 217 -17.69 20.93 -8.03
N PHE F 218 -18.09 20.37 -9.15
CA PHE F 218 -19.50 20.32 -9.51
C PHE F 218 -20.33 19.47 -8.55
N CYS F 219 -19.80 18.28 -8.19
CA CYS F 219 -20.53 17.40 -7.28
C CYS F 219 -20.72 18.07 -5.92
N ARG F 220 -19.72 18.81 -5.46
CA ARG F 220 -19.84 19.51 -4.18
C ARG F 220 -20.92 20.56 -4.29
N LYS F 221 -20.89 21.32 -5.39
CA LYS F 221 -21.88 22.37 -5.61
C LYS F 221 -23.33 21.86 -5.61
N ILE F 222 -23.59 20.71 -6.24
CA ILE F 222 -24.96 20.21 -6.27
C ILE F 222 -25.33 19.42 -5.01
N GLY F 223 -24.37 19.28 -4.11
CA GLY F 223 -24.60 18.55 -2.88
C GLY F 223 -25.75 19.03 -2.02
N GLU F 224 -26.05 20.32 -2.02
CA GLU F 224 -27.14 20.83 -1.21
C GLU F 224 -28.50 20.68 -1.88
N LEU F 225 -28.54 20.03 -3.05
CA LEU F 225 -29.80 19.83 -3.74
C LEU F 225 -30.34 18.42 -3.48
N ASP F 226 -29.74 17.74 -2.50
CA ASP F 226 -30.13 16.39 -2.07
C ASP F 226 -30.15 15.32 -3.16
N ILE F 227 -28.98 15.03 -3.71
CA ILE F 227 -28.83 14.03 -4.77
C ILE F 227 -28.70 12.61 -4.21
N CYS F 228 -29.48 11.68 -4.75
CA CYS F 228 -29.43 10.30 -4.30
C CYS F 228 -28.04 9.74 -4.60
N PHE F 229 -27.64 9.79 -5.86
CA PHE F 229 -26.32 9.35 -6.24
C PHE F 229 -25.90 9.97 -7.56
N VAL F 230 -24.59 10.02 -7.79
CA VAL F 230 -24.06 10.53 -9.04
C VAL F 230 -23.52 9.30 -9.77
N GLU F 231 -23.87 9.18 -11.04
CA GLU F 231 -23.45 8.04 -11.88
C GLU F 231 -22.28 8.38 -12.79
N GLU F 232 -21.31 7.47 -12.87
CA GLU F 232 -20.10 7.64 -13.70
C GLU F 232 -19.48 9.03 -13.62
N PRO F 233 -19.03 9.46 -12.43
CA PRO F 233 -18.43 10.79 -12.27
C PRO F 233 -17.17 10.99 -13.10
N CYS F 234 -16.58 9.88 -13.55
CA CYS F 234 -15.39 9.96 -14.38
C CYS F 234 -15.42 8.87 -15.44
N ASP F 235 -14.49 8.96 -16.37
CA ASP F 235 -14.39 7.99 -17.46
C ASP F 235 -14.23 6.58 -16.90
N PRO F 236 -15.09 5.64 -17.33
CA PRO F 236 -15.08 4.23 -16.90
C PRO F 236 -13.71 3.56 -17.04
N PHE F 237 -12.83 4.17 -17.85
CA PHE F 237 -11.48 3.64 -18.06
C PHE F 237 -10.56 3.96 -16.88
N ASP F 238 -10.83 5.07 -16.20
CA ASP F 238 -9.99 5.52 -15.10
C ASP F 238 -10.55 5.22 -13.69
N ASN F 239 -10.15 4.08 -13.13
CA ASN F 239 -10.60 3.71 -11.78
C ASN F 239 -9.78 4.48 -10.74
N GLY F 240 -8.66 5.04 -11.16
CA GLY F 240 -7.84 5.82 -10.24
C GLY F 240 -8.63 7.08 -9.89
N ALA F 241 -9.16 7.73 -10.93
CA ALA F 241 -9.94 8.94 -10.72
C ALA F 241 -11.20 8.63 -9.92
N LEU F 242 -11.82 7.48 -10.18
CA LEU F 242 -13.03 7.08 -9.48
C LEU F 242 -12.81 7.07 -7.96
N LYS F 243 -11.69 6.47 -7.53
CA LYS F 243 -11.38 6.39 -6.11
C LYS F 243 -11.15 7.77 -5.54
N VAL F 244 -10.40 8.61 -6.25
CA VAL F 244 -10.12 9.96 -5.77
C VAL F 244 -11.40 10.78 -5.61
N ILE F 245 -12.29 10.71 -6.58
CA ILE F 245 -13.54 11.44 -6.51
C ILE F 245 -14.41 10.97 -5.34
N SER F 246 -14.48 9.64 -5.13
CA SER F 246 -15.28 9.10 -4.05
C SER F 246 -14.86 9.62 -2.68
N GLU F 247 -13.56 9.92 -2.53
CA GLU F 247 -13.05 10.41 -1.26
C GLU F 247 -13.16 11.93 -1.13
N GLN F 248 -13.52 12.60 -2.22
CA GLN F 248 -13.59 14.06 -2.22
C GLN F 248 -14.99 14.67 -2.35
N ILE F 249 -16.00 13.85 -2.61
CA ILE F 249 -17.34 14.40 -2.76
C ILE F 249 -18.31 13.82 -1.74
N PRO F 250 -19.35 14.60 -1.38
CA PRO F 250 -20.36 14.19 -0.40
C PRO F 250 -21.48 13.32 -0.97
N LEU F 251 -21.37 12.95 -2.24
CA LEU F 251 -22.41 12.15 -2.89
C LEU F 251 -22.04 10.69 -3.14
N PRO F 252 -23.01 9.78 -2.97
CA PRO F 252 -22.79 8.34 -3.20
C PRO F 252 -22.55 8.20 -4.71
N ILE F 253 -21.70 7.26 -5.10
CA ILE F 253 -21.38 7.06 -6.53
C ILE F 253 -21.93 5.74 -7.05
N ALA F 254 -22.34 5.75 -8.32
CA ALA F 254 -22.83 4.55 -8.97
C ALA F 254 -22.14 4.38 -10.33
N VAL F 255 -21.72 3.15 -10.63
CA VAL F 255 -21.07 2.83 -11.89
C VAL F 255 -21.49 1.43 -12.31
N GLY F 256 -21.15 1.05 -13.55
CA GLY F 256 -21.49 -0.29 -14.01
C GLY F 256 -22.04 -0.41 -15.42
N GLU F 257 -22.59 0.66 -15.97
CA GLU F 257 -23.15 0.60 -17.32
C GLU F 257 -22.10 0.21 -18.36
N ARG F 258 -20.85 0.58 -18.09
CA ARG F 258 -19.77 0.28 -19.01
C ARG F 258 -18.66 -0.57 -18.39
N VAL F 259 -19.09 -1.54 -17.57
CA VAL F 259 -18.19 -2.49 -16.91
C VAL F 259 -18.78 -3.85 -17.25
N TYR F 260 -17.94 -4.80 -17.63
CA TYR F 260 -18.43 -6.12 -18.06
C TYR F 260 -17.90 -7.34 -17.32
N THR F 261 -18.81 -8.26 -17.00
CA THR F 261 -18.56 -9.51 -16.29
C THR F 261 -17.96 -9.35 -14.89
N ARG F 262 -17.95 -10.46 -14.16
CA ARG F 262 -17.37 -10.52 -12.82
C ARG F 262 -15.95 -9.99 -12.85
N PHE F 263 -15.24 -10.31 -13.92
CA PHE F 263 -13.85 -9.92 -14.09
C PHE F 263 -13.68 -8.41 -14.20
N GLY F 264 -14.62 -7.75 -14.87
CA GLY F 264 -14.55 -6.31 -14.99
C GLY F 264 -14.96 -5.68 -13.66
N PHE F 265 -16.03 -6.20 -13.05
CA PHE F 265 -16.51 -5.65 -11.79
C PHE F 265 -15.56 -5.85 -10.62
N ARG F 266 -14.74 -6.89 -10.67
CA ARG F 266 -13.77 -7.12 -9.60
C ARG F 266 -12.96 -5.83 -9.43
N LYS F 267 -12.59 -5.20 -10.54
CA LYS F 267 -11.83 -3.96 -10.48
C LYS F 267 -12.58 -2.85 -9.76
N ILE F 268 -13.91 -2.86 -9.86
CA ILE F 268 -14.72 -1.85 -9.19
C ILE F 268 -14.81 -2.16 -7.70
N PHE F 269 -15.12 -3.41 -7.39
CA PHE F 269 -15.25 -3.86 -6.01
C PHE F 269 -14.03 -3.57 -5.15
N GLU F 270 -12.84 -3.85 -5.68
CA GLU F 270 -11.62 -3.65 -4.92
C GLU F 270 -11.32 -2.20 -4.58
N LEU F 271 -11.93 -1.26 -5.30
CA LEU F 271 -11.70 0.16 -5.03
C LEU F 271 -12.47 0.58 -3.78
N GLN F 272 -13.63 -0.02 -3.57
CA GLN F 272 -14.51 0.33 -2.46
C GLN F 272 -14.77 1.83 -2.48
N ALA F 273 -15.11 2.33 -3.66
CA ALA F 273 -15.37 3.74 -3.87
C ALA F 273 -16.82 4.00 -4.25
N CYS F 274 -17.55 2.94 -4.59
CA CYS F 274 -18.94 3.06 -4.99
C CYS F 274 -19.86 2.32 -4.03
N GLY F 275 -21.10 2.78 -3.92
CA GLY F 275 -22.05 2.11 -3.06
C GLY F 275 -23.09 1.39 -3.89
N ILE F 276 -23.11 1.69 -5.19
CA ILE F 276 -24.09 1.09 -6.09
C ILE F 276 -23.47 0.65 -7.41
N ILE F 277 -23.86 -0.51 -7.93
CA ILE F 277 -23.36 -0.90 -9.25
C ILE F 277 -24.57 -0.99 -10.18
N GLN F 278 -24.34 -0.77 -11.47
CA GLN F 278 -25.42 -0.76 -12.44
C GLN F 278 -25.15 -1.62 -13.65
N PRO F 279 -24.93 -2.93 -13.44
CA PRO F 279 -24.68 -3.78 -14.60
C PRO F 279 -25.92 -3.87 -15.48
N ASP F 280 -25.71 -4.15 -16.76
CA ASP F 280 -26.80 -4.30 -17.72
C ASP F 280 -26.71 -5.77 -18.13
N ILE F 281 -27.81 -6.51 -17.97
CA ILE F 281 -27.78 -7.92 -18.32
C ILE F 281 -27.51 -8.13 -19.81
N GLY F 282 -27.66 -7.06 -20.58
CA GLY F 282 -27.43 -7.14 -22.01
C GLY F 282 -25.99 -6.86 -22.43
N THR F 283 -25.14 -6.46 -21.48
CA THR F 283 -23.74 -6.20 -21.77
C THR F 283 -22.81 -6.84 -20.75
N ALA F 284 -23.26 -6.95 -19.50
CA ALA F 284 -22.44 -7.52 -18.43
C ALA F 284 -22.09 -9.00 -18.63
N GLY F 285 -22.83 -9.70 -19.49
CA GLY F 285 -22.54 -11.10 -19.72
C GLY F 285 -23.72 -12.05 -19.70
N GLY F 286 -24.89 -11.53 -19.32
CA GLY F 286 -26.08 -12.35 -19.26
C GLY F 286 -26.78 -12.33 -17.90
N LEU F 287 -27.89 -13.05 -17.79
CA LEU F 287 -28.66 -13.12 -16.56
C LEU F 287 -27.91 -13.75 -15.39
N GLU F 289 -24.57 -14.39 -15.25
CA GLU F 289 -23.33 -13.66 -15.02
C GLU F 289 -23.64 -12.46 -14.13
N THR F 290 -24.75 -11.79 -14.43
CA THR F 290 -25.13 -10.62 -13.64
C THR F 290 -25.56 -11.04 -12.24
N LYS F 291 -26.23 -12.18 -12.11
CA LYS F 291 -26.61 -12.62 -10.76
C LYS F 291 -25.31 -12.83 -9.97
N LYS F 292 -24.31 -13.42 -10.62
CA LYS F 292 -23.02 -13.66 -9.98
C LYS F 292 -22.39 -12.33 -9.57
N ILE F 293 -22.43 -11.36 -10.48
CA ILE F 293 -21.88 -10.04 -10.21
C ILE F 293 -22.54 -9.42 -8.97
N CYS F 294 -23.87 -9.50 -8.90
CA CYS F 294 -24.63 -8.96 -7.78
C CYS F 294 -24.29 -9.70 -6.48
N ALA F 295 -24.08 -11.02 -6.57
CA ALA F 295 -23.73 -11.80 -5.39
C ALA F 295 -22.38 -11.31 -4.88
N ALA F 297 -21.11 -8.30 -5.34
CA ALA F 297 -21.33 -6.94 -4.84
C ALA F 297 -21.74 -6.94 -3.36
N GLU F 298 -22.49 -7.97 -2.96
CA GLU F 298 -22.94 -8.10 -1.58
C GLU F 298 -21.75 -8.21 -0.62
N ALA F 299 -20.69 -8.87 -1.07
CA ALA F 299 -19.50 -9.06 -0.25
C ALA F 299 -18.80 -7.73 -0.05
N TYR F 300 -19.24 -6.71 -0.77
CA TYR F 300 -18.64 -5.40 -0.63
C TYR F 300 -19.62 -4.34 -0.13
N ASN F 301 -20.72 -4.79 0.48
CA ASN F 301 -21.71 -3.87 1.06
C ASN F 301 -22.36 -2.95 0.03
N ARG F 303 -25.27 -2.18 -3.28
CA ARG F 303 -26.61 -2.50 -3.74
C ARG F 303 -26.63 -2.39 -5.26
N VAL F 304 -27.69 -2.90 -5.88
CA VAL F 304 -27.79 -2.92 -7.34
C VAL F 304 -28.98 -2.18 -7.98
N ALA F 305 -28.67 -1.34 -8.97
CA ALA F 305 -29.67 -0.60 -9.74
C ALA F 305 -29.33 -0.97 -11.19
N PRO F 306 -29.80 -2.13 -11.65
CA PRO F 306 -29.54 -2.61 -13.02
C PRO F 306 -29.83 -1.57 -14.10
N HIS F 307 -28.90 -1.40 -15.02
CA HIS F 307 -29.13 -0.46 -16.11
C HIS F 307 -29.87 -1.20 -17.20
N VAL F 308 -30.87 -0.55 -17.78
CA VAL F 308 -31.64 -1.18 -18.84
C VAL F 308 -32.17 -0.13 -19.81
N CYS F 309 -31.88 -0.33 -21.09
CA CYS F 309 -32.36 0.59 -22.12
C CYS F 309 -32.38 -0.11 -23.46
N GLY F 310 -33.55 -0.64 -23.81
CA GLY F 310 -33.69 -1.33 -25.08
C GLY F 310 -35.16 -1.53 -25.34
N SER F 311 -35.49 -2.67 -25.95
CA SER F 311 -36.87 -2.98 -26.23
C SER F 311 -37.51 -3.53 -24.97
N SER F 312 -38.78 -3.88 -25.07
CA SER F 312 -39.50 -4.43 -23.94
C SER F 312 -38.91 -5.77 -23.50
N LEU F 313 -38.23 -6.45 -24.43
CA LEU F 313 -37.63 -7.74 -24.11
C LEU F 313 -36.57 -7.66 -23.02
N ILE F 314 -35.54 -6.84 -23.23
CA ILE F 314 -34.49 -6.74 -22.23
C ILE F 314 -34.99 -6.22 -20.89
N GLU F 315 -36.00 -5.37 -20.92
CA GLU F 315 -36.55 -4.86 -19.68
C GLU F 315 -37.27 -5.97 -18.91
N THR F 316 -37.97 -6.82 -19.64
CA THR F 316 -38.67 -7.92 -19.01
C THR F 316 -37.66 -8.91 -18.45
N ALA F 317 -36.59 -9.16 -19.21
CA ALA F 317 -35.54 -10.08 -18.79
C ALA F 317 -34.88 -9.56 -17.51
N THR F 318 -34.73 -8.24 -17.43
CA THR F 318 -34.11 -7.60 -16.28
C THR F 318 -34.95 -7.84 -15.01
N LEU F 319 -36.27 -7.83 -15.17
CA LEU F 319 -37.17 -8.07 -14.06
C LEU F 319 -36.93 -9.47 -13.48
N GLN F 320 -36.54 -10.41 -14.34
CA GLN F 320 -36.24 -11.77 -13.88
C GLN F 320 -35.17 -11.70 -12.80
N LEU F 321 -34.12 -10.93 -13.07
CA LEU F 321 -33.00 -10.76 -12.16
C LEU F 321 -33.39 -9.98 -10.91
N GLU F 322 -34.13 -8.90 -11.11
CA GLU F 322 -34.54 -8.03 -10.01
C GLU F 322 -35.52 -8.70 -9.05
N ALA F 323 -36.19 -9.75 -9.51
CA ALA F 323 -37.13 -10.47 -8.66
C ALA F 323 -36.37 -11.38 -7.71
N ASN F 324 -35.16 -11.76 -8.12
CA ASN F 324 -34.33 -12.70 -7.39
C ASN F 324 -33.14 -12.23 -6.54
N ILE F 325 -32.44 -11.19 -6.97
CA ILE F 325 -31.28 -10.74 -6.21
C ILE F 325 -31.62 -10.15 -4.86
N THR F 326 -30.73 -10.40 -3.90
CA THR F 326 -30.90 -9.94 -2.53
C THR F 326 -30.66 -8.44 -2.34
N ASN F 327 -29.66 -7.92 -3.05
CA ASN F 327 -29.32 -6.51 -2.90
C ASN F 327 -29.85 -5.58 -3.98
N PHE F 328 -31.12 -5.72 -4.33
CA PHE F 328 -31.74 -4.88 -5.36
C PHE F 328 -32.08 -3.51 -4.77
N ILE F 330 -33.27 -0.37 -7.14
CA ILE F 330 -34.34 0.23 -7.92
C ILE F 330 -34.25 -0.12 -9.42
N HIS F 331 -35.39 -0.03 -10.11
CA HIS F 331 -35.48 -0.35 -11.54
C HIS F 331 -35.46 0.90 -12.42
N GLU F 332 -34.89 0.79 -13.62
CA GLU F 332 -34.83 1.91 -14.54
C GLU F 332 -35.77 1.75 -15.74
N HIS F 333 -36.54 2.80 -16.03
CA HIS F 333 -37.46 2.76 -17.17
C HIS F 333 -37.38 4.07 -17.96
N TYR F 334 -37.59 3.97 -19.27
CA TYR F 334 -37.57 5.12 -20.17
C TYR F 334 -38.95 5.24 -20.81
N PRO F 335 -39.95 5.75 -20.06
CA PRO F 335 -41.30 5.88 -20.59
C PRO F 335 -41.44 6.66 -21.92
N ALA F 336 -40.76 7.80 -22.02
CA ALA F 336 -40.86 8.65 -23.22
C ALA F 336 -40.52 7.98 -24.54
N PHE F 337 -39.58 7.04 -24.50
CA PHE F 337 -39.14 6.34 -25.71
C PHE F 337 -40.25 5.59 -26.43
N LYS F 338 -41.23 5.11 -25.67
CA LYS F 338 -42.34 4.38 -26.27
C LYS F 338 -43.20 5.28 -27.18
N ALA F 339 -43.01 6.59 -27.09
CA ALA F 339 -43.79 7.54 -27.88
C ALA F 339 -43.11 7.92 -29.19
N ASP F 340 -41.84 7.56 -29.35
CA ASP F 340 -41.10 7.90 -30.57
C ASP F 340 -41.79 7.44 -31.85
N ASP F 341 -41.56 8.17 -32.94
CA ASP F 341 -42.12 7.80 -34.23
C ASP F 341 -41.43 6.49 -34.59
N GLY F 342 -42.18 5.50 -35.05
CA GLY F 342 -41.59 4.24 -35.44
C GLY F 342 -41.17 3.29 -34.32
N TYR F 343 -41.57 3.59 -33.10
CA TYR F 343 -41.25 2.71 -31.96
C TYR F 343 -41.84 1.34 -32.28
N VAL F 344 -41.06 0.29 -32.04
CA VAL F 344 -41.52 -1.06 -32.32
C VAL F 344 -41.73 -1.84 -31.03
N GLU F 345 -42.97 -2.23 -30.77
CA GLU F 345 -43.28 -3.02 -29.59
C GLU F 345 -42.92 -4.45 -29.92
N VAL F 346 -42.01 -5.03 -29.16
CA VAL F 346 -41.59 -6.40 -29.43
C VAL F 346 -42.33 -7.44 -28.60
N LEU F 347 -43.01 -7.02 -27.54
CA LEU F 347 -43.72 -7.98 -26.69
C LEU F 347 -45.25 -7.87 -26.70
N GLU F 348 -45.90 -9.02 -26.54
CA GLU F 348 -47.35 -9.11 -26.49
C GLU F 348 -47.85 -8.41 -25.24
N ASN F 349 -47.07 -8.49 -24.16
CA ASN F 349 -47.41 -7.84 -22.90
C ASN F 349 -46.21 -7.14 -22.28
N PRO F 350 -45.90 -5.93 -22.75
CA PRO F 350 -44.77 -5.17 -22.24
C PRO F 350 -44.98 -4.73 -20.79
N PRO F 351 -43.89 -4.51 -20.05
CA PRO F 351 -44.05 -4.08 -18.66
C PRO F 351 -44.56 -2.65 -18.60
N SER F 352 -45.49 -2.37 -17.70
CA SER F 352 -46.03 -1.02 -17.54
C SER F 352 -46.13 -0.68 -16.07
N ILE F 353 -45.80 0.56 -15.74
CA ILE F 353 -45.83 1.01 -14.36
C ILE F 353 -47.23 1.04 -13.77
N SER F 354 -47.30 0.86 -12.46
CA SER F 354 -48.56 0.87 -11.72
C SER F 354 -48.25 1.40 -10.33
N SER F 355 -48.74 2.59 -10.04
CA SER F 355 -48.51 3.21 -8.73
C SER F 355 -47.01 3.35 -8.46
N GLY F 356 -46.24 3.54 -9.52
CA GLY F 356 -44.80 3.70 -9.37
C GLY F 356 -43.98 2.42 -9.38
N TYR F 357 -44.65 1.28 -9.55
CA TYR F 357 -43.95 0.00 -9.56
C TYR F 357 -44.20 -0.82 -10.81
N PHE F 358 -43.34 -1.81 -11.04
CA PHE F 358 -43.46 -2.73 -12.16
C PHE F 358 -43.66 -4.09 -11.50
N GLU F 359 -44.65 -4.84 -11.95
CA GLU F 359 -44.90 -6.16 -11.38
C GLU F 359 -44.02 -7.19 -12.09
N PRO F 361 -43.04 -10.51 -14.08
CA PRO F 361 -43.78 -11.33 -15.02
C PRO F 361 -43.97 -12.73 -14.42
N ASN F 362 -45.00 -13.44 -14.84
CA ASN F 362 -45.27 -14.77 -14.29
C ASN F 362 -45.18 -15.94 -15.27
N GLY F 363 -45.00 -15.64 -16.55
CA GLY F 363 -44.90 -16.70 -17.54
C GLY F 363 -43.59 -17.47 -17.44
N PRO F 364 -43.51 -18.66 -18.05
CA PRO F 364 -42.26 -19.43 -17.98
C PRO F 364 -41.12 -18.75 -18.73
N GLY F 365 -39.89 -19.13 -18.41
CA GLY F 365 -38.74 -18.52 -19.05
C GLY F 365 -38.62 -17.07 -18.69
N LEU F 366 -38.35 -16.22 -19.68
CA LEU F 366 -38.23 -14.79 -19.44
C LEU F 366 -39.59 -14.14 -19.21
N GLY F 367 -40.65 -14.91 -19.45
CA GLY F 367 -42.00 -14.38 -19.27
C GLY F 367 -42.37 -13.39 -20.36
N ALA F 368 -41.71 -13.50 -21.51
CA ALA F 368 -41.98 -12.59 -22.63
C ALA F 368 -42.42 -13.32 -23.89
N VAL F 369 -43.45 -12.77 -24.54
CA VAL F 369 -43.95 -13.35 -25.79
C VAL F 369 -43.68 -12.33 -26.89
N LEU F 370 -42.80 -12.69 -27.81
CA LEU F 370 -42.44 -11.80 -28.91
C LEU F 370 -43.52 -11.65 -29.97
N ILE F 371 -43.63 -10.45 -30.54
CA ILE F 371 -44.60 -10.23 -31.60
C ILE F 371 -43.76 -10.40 -32.86
N LYS F 372 -43.78 -11.61 -33.41
CA LYS F 372 -42.99 -11.93 -34.59
C LYS F 372 -43.23 -11.00 -35.78
N ARG F 373 -44.50 -10.70 -36.04
CA ARG F 373 -44.83 -9.83 -37.16
C ARG F 373 -44.12 -8.49 -37.03
N ASN F 374 -43.88 -8.05 -35.80
CA ASN F 374 -43.22 -6.76 -35.56
C ASN F 374 -41.71 -6.77 -35.72
N ILE F 375 -41.07 -7.90 -35.44
CA ILE F 375 -39.61 -7.94 -35.56
C ILE F 375 -39.12 -8.60 -36.84
N GLU F 376 -39.97 -9.41 -37.46
CA GLU F 376 -39.59 -10.11 -38.68
C GLU F 376 -39.05 -9.18 -39.76
N PRO F 377 -39.62 -7.97 -39.90
CA PRO F 377 -39.12 -7.04 -40.92
C PRO F 377 -37.65 -6.66 -40.73
N TYR F 378 -37.16 -6.79 -39.51
CA TYR F 378 -35.79 -6.41 -39.19
C TYR F 378 -34.80 -7.58 -39.13
N LEU F 379 -35.19 -8.76 -39.62
CA LEU F 379 -34.30 -9.90 -39.62
C LEU F 379 -32.99 -9.44 -40.31
N TRP F 380 -31.86 -9.61 -39.62
CA TRP F 380 -30.58 -9.16 -40.14
C TRP F 380 -29.70 -10.32 -40.62
N ALA F 381 -29.86 -11.46 -40.00
CA ALA F 381 -29.12 -12.65 -40.39
C ALA F 381 -29.74 -13.87 -39.74
N SER F 382 -29.63 -15.00 -40.45
CA SER F 382 -30.15 -16.28 -39.99
C SER F 382 -29.04 -17.32 -40.10
N CYS F 383 -28.85 -18.09 -39.03
CA CYS F 383 -27.82 -19.12 -38.98
C CYS F 383 -28.51 -20.46 -38.73
N THR F 384 -28.27 -21.43 -39.60
CA THR F 384 -28.88 -22.75 -39.45
C THR F 384 -27.91 -23.89 -39.79
N LEU G 3 44.16 17.21 21.98
CA LEU G 3 43.98 17.17 23.46
C LEU G 3 43.61 15.76 23.91
N LYS G 4 43.41 15.61 25.22
CA LYS G 4 43.04 14.33 25.79
C LYS G 4 42.06 14.57 26.94
N ILE G 5 41.10 13.67 27.11
CA ILE G 5 40.11 13.81 28.18
C ILE G 5 40.73 13.27 29.46
N THR G 6 40.68 14.08 30.52
CA THR G 6 41.26 13.67 31.79
C THR G 6 40.23 13.38 32.88
N GLY G 7 39.07 14.03 32.78
CA GLY G 7 38.04 13.79 33.78
C GLY G 7 36.65 14.22 33.36
N VAL G 8 35.65 13.59 33.98
CA VAL G 8 34.26 13.91 33.69
C VAL G 8 33.50 14.01 35.01
N ASN G 9 32.80 15.12 35.19
CA ASN G 9 32.02 15.33 36.39
C ASN G 9 30.54 15.40 36.03
N ILE G 10 29.73 14.70 36.79
CA ILE G 10 28.29 14.68 36.55
C ILE G 10 27.62 15.32 37.75
N TYR G 11 26.69 16.23 37.47
CA TYR G 11 25.98 16.95 38.49
C TYR G 11 24.49 16.68 38.40
N LEU G 12 23.91 16.26 39.52
CA LEU G 12 22.47 16.00 39.59
C LEU G 12 21.89 17.12 40.42
N LEU G 13 21.43 18.17 39.74
CA LEU G 13 20.87 19.34 40.39
C LEU G 13 19.46 19.23 40.93
N LYS G 14 19.17 20.16 41.83
CA LYS G 14 17.87 20.30 42.46
C LYS G 14 17.60 21.79 42.27
N SER G 15 16.92 22.13 41.17
CA SER G 15 16.62 23.52 40.88
C SER G 15 15.13 23.76 40.74
N GLY G 16 14.50 24.13 41.83
CA GLY G 16 13.06 24.38 41.81
C GLY G 16 12.31 23.10 41.50
N ARG G 17 11.39 23.19 40.54
CA ARG G 17 10.58 22.05 40.15
C ARG G 17 11.33 21.04 39.29
N LEU G 18 12.56 21.38 38.89
CA LEU G 18 13.36 20.51 38.04
C LEU G 18 14.55 19.85 38.71
N HIS G 19 15.11 18.87 38.02
CA HIS G 19 16.30 18.16 38.48
C HIS G 19 17.26 18.06 37.30
N PRO G 20 17.85 19.21 36.92
CA PRO G 20 18.79 19.29 35.79
C PRO G 20 19.99 18.36 35.99
N VAL G 21 20.42 17.73 34.91
CA VAL G 21 21.58 16.83 34.95
C VAL G 21 22.63 17.40 34.00
N LEU G 22 23.75 17.85 34.57
CA LEU G 22 24.81 18.43 33.78
C LEU G 22 26.05 17.56 33.78
N VAL G 23 26.94 17.82 32.83
CA VAL G 23 28.19 17.08 32.71
C VAL G 23 29.29 18.07 32.36
N GLU G 24 30.50 17.77 32.80
CA GLU G 24 31.65 18.63 32.53
C GLU G 24 32.84 17.73 32.19
N ILE G 25 33.33 17.85 30.96
CA ILE G 25 34.47 17.06 30.53
C ILE G 25 35.71 17.95 30.63
N SER G 26 36.77 17.43 31.23
CA SER G 26 38.00 18.19 31.38
C SER G 26 39.12 17.60 30.54
N THR G 27 39.97 18.48 30.02
CA THR G 27 41.09 18.06 29.17
C THR G 27 42.43 18.40 29.82
N ASP G 28 43.47 17.66 29.42
CA ASP G 28 44.81 17.87 29.96
C ASP G 28 45.36 19.25 29.60
N GLU G 29 44.58 20.05 28.90
CA GLU G 29 45.00 21.39 28.49
C GLU G 29 44.23 22.45 29.27
N GLY G 30 43.30 22.00 30.11
CA GLY G 30 42.53 22.95 30.89
C GLY G 30 41.20 23.28 30.26
N ILE G 31 41.12 23.20 28.93
CA ILE G 31 39.88 23.49 28.22
C ILE G 31 38.82 22.46 28.60
N THR G 32 37.68 22.94 29.07
CA THR G 32 36.60 22.05 29.49
C THR G 32 35.33 22.28 28.68
N GLY G 33 34.44 21.29 28.72
CA GLY G 33 33.19 21.39 27.98
C GLY G 33 31.98 21.14 28.87
N ALA G 34 30.91 21.89 28.63
CA ALA G 34 29.68 21.75 29.39
C ALA G 34 28.57 21.15 28.52
N GLY G 35 27.72 20.32 29.14
CA GLY G 35 26.64 19.69 28.42
C GLY G 35 25.52 19.33 29.39
N GLU G 36 24.29 19.25 28.88
CA GLU G 36 23.14 18.92 29.71
C GLU G 36 22.24 17.83 29.12
N ALA G 37 21.91 16.83 29.93
CA ALA G 37 21.03 15.75 29.50
C ALA G 37 19.60 16.23 29.72
N GLY G 38 18.76 16.11 28.69
CA GLY G 38 17.38 16.57 28.79
C GLY G 38 16.42 15.86 29.72
N ILE G 39 16.92 15.24 30.77
CA ILE G 39 16.05 14.54 31.71
C ILE G 39 15.90 15.41 32.97
N ALA G 40 15.56 16.68 32.76
CA ALA G 40 15.40 17.63 33.85
C ALA G 40 14.06 17.48 34.57
N TYR G 41 13.10 16.86 33.90
CA TYR G 41 11.79 16.65 34.49
C TYR G 41 11.36 15.20 34.32
N GLY G 42 10.17 14.88 34.81
CA GLY G 42 9.70 13.51 34.71
C GLY G 42 10.42 12.65 35.75
N VAL G 43 10.41 11.34 35.55
CA VAL G 43 11.06 10.45 36.48
C VAL G 43 12.24 9.76 35.80
N GLY G 44 13.45 10.06 36.28
CA GLY G 44 14.63 9.45 35.68
C GLY G 44 15.90 10.30 35.75
N GLY G 45 15.88 11.37 36.53
CA GLY G 45 17.06 12.21 36.64
C GLY G 45 18.27 11.41 37.09
N THR G 46 18.09 10.59 38.12
CA THR G 46 19.17 9.78 38.65
C THR G 46 19.64 8.79 37.59
N ALA G 47 18.69 8.21 36.86
CA ALA G 47 19.00 7.26 35.80
C ALA G 47 19.91 7.95 34.79
N ALA G 48 19.56 9.18 34.42
CA ALA G 48 20.36 9.94 33.46
C ALA G 48 21.78 10.13 33.96
N ALA G 49 21.92 10.48 35.23
CA ALA G 49 23.24 10.69 35.82
C ALA G 49 24.00 9.38 35.78
N GLY G 50 23.31 8.29 36.11
CA GLY G 50 23.93 6.99 36.10
C GLY G 50 24.42 6.62 34.71
N ILE G 52 25.41 8.75 32.21
CA ILE G 52 26.59 9.53 31.85
C ILE G 52 27.84 8.97 32.54
N LYS G 53 27.66 8.53 33.78
CA LYS G 53 28.77 7.96 34.54
C LYS G 53 29.26 6.69 33.84
N ASP G 54 28.32 5.80 33.52
CA ASP G 54 28.66 4.55 32.84
C ASP G 54 29.32 4.77 31.49
N LEU G 55 28.82 5.74 30.73
CA LEU G 55 29.39 6.05 29.41
C LEU G 55 30.78 6.65 29.53
N SER G 56 30.93 7.64 30.40
CA SER G 56 32.20 8.31 30.59
C SER G 56 33.30 7.35 31.01
N GLU G 57 32.99 6.47 31.95
CA GLU G 57 33.97 5.51 32.44
C GLU G 57 34.33 4.44 31.43
N ARG G 58 33.48 4.25 30.42
CA ARG G 58 33.74 3.23 29.43
C ARG G 58 34.24 3.78 28.10
N PHE G 59 33.90 5.03 27.78
CA PHE G 59 34.29 5.59 26.49
C PHE G 59 35.05 6.92 26.42
N LEU G 60 35.11 7.68 27.51
CA LEU G 60 35.76 8.98 27.42
C LEU G 60 37.17 9.23 27.96
N ILE G 61 37.40 8.85 29.21
CA ILE G 61 38.69 9.08 29.85
C ILE G 61 39.92 8.70 29.01
N GLY G 62 40.75 9.68 28.72
CA GLY G 62 41.96 9.44 27.95
C GLY G 62 41.86 9.55 26.44
N LYS G 63 40.66 9.72 25.91
CA LYS G 63 40.50 9.81 24.46
C LYS G 63 40.61 11.22 23.90
N ASP G 64 40.88 11.31 22.60
CA ASP G 64 40.98 12.60 21.92
C ASP G 64 39.56 13.11 21.65
N PRO G 65 39.18 14.24 22.27
CA PRO G 65 37.87 14.86 22.11
C PRO G 65 37.51 15.49 20.77
N SER G 66 38.50 15.77 19.93
CA SER G 66 38.22 16.38 18.62
C SER G 66 37.48 15.42 17.70
N ARG G 67 37.52 14.14 18.04
CA ARG G 67 36.87 13.11 17.23
C ARG G 67 35.44 12.87 17.72
N ILE G 68 34.59 13.89 17.57
CA ILE G 68 33.21 13.80 18.03
C ILE G 68 32.39 12.71 17.34
N GLU G 69 32.44 12.67 16.01
CA GLU G 69 31.69 11.66 15.25
C GLU G 69 32.08 10.25 15.71
N GLU G 70 33.39 10.01 15.79
CA GLU G 70 33.88 8.70 16.21
C GLU G 70 33.40 8.33 17.61
N LEU G 71 33.45 9.29 18.52
CA LEU G 71 33.02 9.07 19.89
C LEU G 71 31.52 8.74 19.96
N TRP G 72 30.72 9.49 19.22
CA TRP G 72 29.26 9.27 19.21
C TRP G 72 29.04 7.86 18.66
N SER G 73 29.71 7.55 17.55
CA SER G 73 29.60 6.26 16.89
C SER G 73 30.02 5.09 17.80
N THR G 74 31.07 5.30 18.58
CA THR G 74 31.58 4.28 19.50
C THR G 74 30.57 3.98 20.60
N TYR G 76 27.38 4.52 20.46
CA TYR G 76 26.17 3.96 19.85
C TYR G 76 26.39 2.47 19.60
N ASP G 77 27.51 2.16 18.95
CA ASP G 77 27.88 0.79 18.60
C ASP G 77 28.20 -0.16 19.73
N HIS G 78 28.76 0.34 20.84
CA HIS G 78 29.17 -0.57 21.90
C HIS G 78 28.58 -0.43 23.30
N SER G 79 27.48 0.30 23.42
CA SER G 79 26.82 0.46 24.70
C SER G 79 25.74 -0.60 24.74
N PHE G 80 25.45 -1.14 23.56
CA PHE G 80 24.43 -2.16 23.34
C PHE G 80 23.01 -1.57 23.38
N TRP G 81 22.69 -0.82 24.43
CA TRP G 81 21.35 -0.26 24.57
C TRP G 81 21.02 0.95 23.70
N ALA G 82 21.99 1.41 22.91
CA ALA G 82 21.76 2.55 22.02
C ALA G 82 20.92 2.15 20.82
N LYS G 83 21.11 0.92 20.35
CA LYS G 83 20.36 0.42 19.19
C LYS G 83 18.90 0.32 19.58
N ASN G 84 18.09 1.15 18.94
CA ASN G 84 16.66 1.27 19.21
C ASN G 84 16.54 1.79 20.63
N GLY G 85 17.55 2.55 21.04
CA GLY G 85 17.59 3.12 22.39
C GLY G 85 16.60 4.23 22.69
N GLY G 86 16.41 4.49 23.99
CA GLY G 86 15.46 5.51 24.40
C GLY G 86 16.06 6.79 24.99
N ALA G 87 15.21 7.54 25.68
CA ALA G 87 15.59 8.81 26.28
C ALA G 87 16.80 8.78 27.21
N ILE G 88 16.88 7.76 28.06
CA ILE G 88 18.00 7.71 29.00
C ILE G 88 19.37 7.54 28.34
N ILE G 89 19.52 6.52 27.50
CA ILE G 89 20.80 6.30 26.84
C ILE G 89 21.17 7.48 25.94
N PHE G 90 20.21 8.00 25.18
CA PHE G 90 20.53 9.13 24.31
C PHE G 90 20.62 10.48 25.01
N ALA G 91 20.02 10.60 26.20
CA ALA G 91 20.13 11.86 26.93
C ALA G 91 21.56 11.94 27.44
N GLY G 92 22.07 10.78 27.87
CA GLY G 92 23.44 10.72 28.37
C GLY G 92 24.42 11.03 27.25
N ILE G 93 24.19 10.45 26.07
CA ILE G 93 25.05 10.68 24.94
C ILE G 93 24.99 12.13 24.47
N SER G 94 23.80 12.72 24.50
CA SER G 94 23.64 14.12 24.08
C SER G 94 24.47 15.06 24.96
N ALA G 95 24.36 14.89 26.27
CA ALA G 95 25.09 15.71 27.22
C ALA G 95 26.58 15.67 26.87
N ILE G 96 27.09 14.45 26.74
CA ILE G 96 28.50 14.25 26.39
C ILE G 96 28.86 14.91 25.06
N GLU G 97 28.02 14.72 24.05
CA GLU G 97 28.27 15.29 22.74
C GLU G 97 28.27 16.82 22.80
N GLN G 98 27.35 17.39 23.56
CA GLN G 98 27.27 18.84 23.71
C GLN G 98 28.60 19.38 24.23
N ALA G 99 29.14 18.68 25.22
CA ALA G 99 30.40 19.07 25.84
C ALA G 99 31.55 18.96 24.84
N LEU G 100 31.50 17.95 23.98
CA LEU G 100 32.55 17.78 22.99
C LEU G 100 32.60 18.94 21.99
N TRP G 101 31.44 19.45 21.59
CA TRP G 101 31.41 20.57 20.65
C TRP G 101 31.86 21.84 21.37
N ASP G 102 31.53 21.93 22.65
CA ASP G 102 31.93 23.07 23.46
C ASP G 102 33.46 23.14 23.41
N ILE G 103 34.11 22.02 23.69
CA ILE G 103 35.57 21.97 23.66
C ILE G 103 36.15 22.33 22.28
N LYS G 104 35.61 21.74 21.21
CA LYS G 104 36.09 22.01 19.86
C LYS G 104 35.92 23.47 19.48
N GLY G 105 34.79 24.06 19.87
CA GLY G 105 34.55 25.46 19.57
C GLY G 105 35.54 26.36 20.31
N LYS G 106 35.81 26.03 21.56
CA LYS G 106 36.75 26.82 22.35
C LYS G 106 38.16 26.69 21.78
N CYS G 107 38.50 25.49 21.32
CA CYS G 107 39.81 25.23 20.75
C CYS G 107 40.02 26.03 19.46
N LEU G 108 38.93 26.30 18.74
CA LEU G 108 39.01 27.04 17.49
C LEU G 108 38.55 28.48 17.68
N GLY G 109 38.21 28.82 18.91
CA GLY G 109 37.79 30.18 19.22
C GLY G 109 36.56 30.72 18.51
N VAL G 110 35.54 29.88 18.28
CA VAL G 110 34.32 30.35 17.64
C VAL G 110 33.10 29.60 18.13
N PRO G 111 31.91 30.22 18.01
CA PRO G 111 30.68 29.55 18.44
C PRO G 111 30.48 28.28 17.63
N VAL G 112 29.83 27.28 18.22
CA VAL G 112 29.61 26.03 17.51
C VAL G 112 28.85 26.28 16.21
N TYR G 113 27.90 27.22 16.22
CA TYR G 113 27.13 27.49 15.01
C TYR G 113 27.98 27.93 13.83
N GLU G 114 29.21 28.35 14.09
CA GLU G 114 30.12 28.75 13.02
C GLU G 114 30.71 27.49 12.41
N LEU G 115 30.91 26.48 13.25
CA LEU G 115 31.45 25.21 12.79
C LEU G 115 30.40 24.50 11.94
N PHE G 116 29.14 24.70 12.32
CA PHE G 116 28.01 24.10 11.61
C PHE G 116 27.66 24.79 10.29
N GLY G 117 28.40 25.84 9.95
CA GLY G 117 28.15 26.54 8.69
C GLY G 117 27.73 27.99 8.80
N GLY G 118 27.95 28.61 9.96
CA GLY G 118 27.59 30.00 10.15
C GLY G 118 26.17 30.22 10.62
N LYS G 119 25.84 31.46 10.96
CA LYS G 119 24.50 31.77 11.42
C LYS G 119 23.61 32.22 10.25
N ILE G 120 22.30 32.12 10.47
CA ILE G 120 21.31 32.50 9.47
C ILE G 120 20.48 33.63 10.05
N ARG G 121 20.50 33.72 11.38
CA ARG G 121 19.76 34.75 12.10
C ARG G 121 20.56 35.15 13.34
N ASP G 122 20.31 36.34 13.86
CA ASP G 122 21.00 36.82 15.04
C ASP G 122 20.10 36.79 16.26
N ARG G 123 18.81 36.59 16.02
CA ARG G 123 17.83 36.54 17.10
C ARG G 123 16.65 35.64 16.73
N VAL G 124 16.00 35.11 17.75
CA VAL G 124 14.86 34.23 17.55
C VAL G 124 13.72 34.62 18.49
N ARG G 125 12.51 34.57 17.97
CA ARG G 125 11.33 34.89 18.76
C ARG G 125 11.04 33.62 19.55
N ALA G 126 10.39 33.76 20.70
CA ALA G 126 10.09 32.60 21.51
C ALA G 126 8.65 32.65 21.97
N TYR G 127 8.13 31.49 22.38
CA TYR G 127 6.77 31.46 22.90
C TYR G 127 6.89 31.22 24.39
N ALA G 128 5.90 31.65 25.16
CA ALA G 128 5.94 31.48 26.60
C ALA G 128 5.28 30.17 27.02
N ASN G 129 5.91 29.49 27.97
CA ASN G 129 5.42 28.24 28.51
C ASN G 129 5.56 28.32 30.03
N GLY G 130 4.66 27.68 30.76
CA GLY G 130 4.72 27.71 32.21
C GLY G 130 4.16 28.99 32.82
N TRP G 131 3.55 29.83 31.99
CA TRP G 131 2.98 31.10 32.44
C TRP G 131 1.63 30.89 33.10
N TYR G 132 1.10 29.69 32.97
CA TYR G 132 -0.20 29.36 33.55
C TYR G 132 -0.06 29.07 35.05
N GLY G 133 1.15 28.76 35.47
CA GLY G 133 1.39 28.46 36.87
C GLY G 133 0.48 27.38 37.40
N ALA G 134 -0.26 27.68 38.46
CA ALA G 134 -1.17 26.71 39.06
C ALA G 134 -2.62 26.96 38.65
N ALA G 135 -2.80 27.61 37.50
CA ALA G 135 -4.14 27.90 36.99
C ALA G 135 -4.96 26.62 36.85
N ASP G 136 -6.27 26.75 37.06
CA ASP G 136 -7.17 25.60 36.97
C ASP G 136 -8.48 25.93 36.27
N THR G 137 -9.17 26.96 36.76
CA THR G 137 -10.45 27.35 36.16
C THR G 137 -10.18 28.19 34.91
N PRO G 138 -11.18 28.29 34.02
CA PRO G 138 -11.02 29.08 32.80
C PRO G 138 -10.64 30.52 33.13
N ASP G 139 -11.28 31.07 34.15
CA ASP G 139 -11.00 32.44 34.55
C ASP G 139 -9.54 32.61 34.95
N GLU G 140 -9.02 31.67 35.72
CA GLU G 140 -7.62 31.74 36.16
C GLU G 140 -6.66 31.68 34.99
N PHE G 141 -6.98 30.87 33.99
CA PHE G 141 -6.13 30.78 32.81
C PHE G 141 -6.19 32.13 32.09
N ALA G 142 -7.40 32.67 31.99
CA ALA G 142 -7.60 33.98 31.36
C ALA G 142 -6.74 35.00 32.08
N ARG G 143 -6.90 35.06 33.40
CA ARG G 143 -6.14 35.99 34.25
C ARG G 143 -4.66 35.91 33.94
N ALA G 144 -4.17 34.68 33.78
CA ALA G 144 -2.76 34.39 33.53
C ALA G 144 -2.11 34.91 32.26
N VAL G 145 -2.88 35.18 31.22
CA VAL G 145 -2.29 35.65 29.95
C VAL G 145 -1.67 37.03 30.03
N GLU G 146 -2.18 37.87 30.92
CA GLU G 146 -1.69 39.23 31.10
C GLU G 146 -0.17 39.34 31.16
N ARG G 147 0.42 38.77 32.20
CA ARG G 147 1.87 38.82 32.41
C ARG G 147 2.73 38.52 31.18
N PRO G 148 2.62 37.31 30.61
CA PRO G 148 3.46 37.02 29.43
C PRO G 148 3.26 37.99 28.27
N LEU G 149 2.02 38.39 28.02
CA LEU G 149 1.73 39.32 26.93
C LEU G 149 2.34 40.69 27.23
N LYS G 150 2.34 41.07 28.51
CA LYS G 150 2.91 42.36 28.91
C LYS G 150 4.40 42.28 28.61
N GLU G 151 4.98 41.12 28.93
CA GLU G 151 6.40 40.85 28.74
C GLU G 151 6.84 40.84 27.27
N GLY G 152 5.89 41.04 26.35
CA GLY G 152 6.24 41.06 24.94
C GLY G 152 6.18 39.74 24.18
N TYR G 153 5.65 38.69 24.79
CA TYR G 153 5.55 37.40 24.10
C TYR G 153 4.41 37.45 23.09
N GLY G 154 4.64 36.87 21.92
CA GLY G 154 3.62 36.87 20.88
C GLY G 154 2.91 35.53 20.73
N ALA G 155 3.34 34.53 21.49
CA ALA G 155 2.73 33.21 21.42
C ALA G 155 2.77 32.51 22.78
N LEU G 156 1.72 31.75 23.08
CA LEU G 156 1.62 31.05 24.35
C LEU G 156 1.37 29.56 24.17
N LYS G 157 1.89 28.76 25.10
CA LYS G 157 1.70 27.33 25.05
C LYS G 157 1.25 26.84 26.41
N PHE G 158 0.21 26.01 26.44
CA PHE G 158 -0.28 25.47 27.70
C PHE G 158 -0.79 24.05 27.54
N TYR G 159 -1.19 23.43 28.65
CA TYR G 159 -1.67 22.05 28.65
C TYR G 159 -3.09 21.99 29.21
N PRO G 160 -4.10 22.24 28.35
CA PRO G 160 -5.51 22.23 28.72
C PRO G 160 -6.03 20.96 29.39
N LEU G 161 -5.36 19.84 29.17
CA LEU G 161 -5.78 18.56 29.75
C LEU G 161 -5.14 18.30 31.11
N ALA G 162 -4.03 18.98 31.37
CA ALA G 162 -3.29 18.79 32.61
C ALA G 162 -3.92 19.39 33.87
N GLN G 163 -3.40 18.97 35.02
CA GLN G 163 -3.85 19.45 36.33
C GLN G 163 -2.62 19.87 37.12
N LEU G 169 3.20 19.43 36.62
CA LEU G 169 1.77 19.20 36.44
C LEU G 169 1.48 17.73 36.12
N GLN G 170 0.25 17.30 36.33
CA GLN G 170 -0.11 15.90 36.07
C GLN G 170 -0.93 15.75 34.79
N HIS G 171 -0.47 14.84 33.94
CA HIS G 171 -1.16 14.62 32.68
C HIS G 171 -2.25 13.55 32.78
N VAL G 172 -2.87 13.25 31.64
CA VAL G 172 -3.96 12.29 31.59
C VAL G 172 -3.65 10.91 32.15
N THR G 173 -4.61 10.37 32.90
CA THR G 173 -4.50 9.04 33.47
C THR G 173 -5.26 8.07 32.58
N ARG G 174 -4.57 7.02 32.13
CA ARG G 174 -5.15 5.99 31.28
C ARG G 174 -5.98 6.53 30.09
N ARG G 175 -5.49 7.60 29.48
CA ARG G 175 -6.14 8.21 28.30
C ARG G 175 -7.64 8.43 28.50
N SER G 176 -8.06 8.69 29.72
CA SER G 176 -9.48 8.91 30.01
C SER G 176 -9.72 10.17 30.84
N SER G 178 -13.32 12.60 32.38
CA SER G 178 -14.77 12.73 32.51
C SER G 178 -15.21 13.78 31.51
N ALA G 179 -16.50 13.81 31.20
CA ALA G 179 -17.03 14.79 30.27
C ALA G 179 -16.83 16.19 30.84
N GLU G 180 -16.83 16.30 32.16
CA GLU G 180 -16.64 17.59 32.84
C GLU G 180 -15.24 18.11 32.63
N ALA G 181 -14.25 17.22 32.79
CA ALA G 181 -12.86 17.61 32.61
C ALA G 181 -12.59 17.99 31.15
N ILE G 182 -13.14 17.21 30.22
CA ILE G 182 -12.95 17.48 28.79
C ILE G 182 -13.64 18.80 28.44
N GLU G 183 -14.83 19.00 28.99
CA GLU G 183 -15.58 20.22 28.76
C GLU G 183 -14.78 21.39 29.33
N LEU G 184 -14.18 21.19 30.50
CA LEU G 184 -13.38 22.21 31.14
C LEU G 184 -12.15 22.52 30.27
N ALA G 185 -11.56 21.46 29.71
CA ALA G 185 -10.39 21.62 28.86
C ALA G 185 -10.73 22.63 27.75
N TYR G 186 -11.91 22.45 27.16
CA TYR G 186 -12.37 23.33 26.10
C TYR G 186 -12.49 24.78 26.57
N ARG G 187 -13.09 24.98 27.73
CA ARG G 187 -13.26 26.33 28.27
C ARG G 187 -11.93 27.01 28.53
N ARG G 188 -10.93 26.24 28.97
CA ARG G 188 -9.61 26.79 29.23
C ARG G 188 -9.00 27.37 27.96
N VAL G 189 -9.10 26.62 26.87
CA VAL G 189 -8.57 27.07 25.59
C VAL G 189 -9.32 28.31 25.11
N LYS G 190 -10.63 28.29 25.26
CA LYS G 190 -11.47 29.41 24.83
C LYS G 190 -11.22 30.65 25.68
N ALA G 191 -11.13 30.48 26.98
CA ALA G 191 -10.88 31.59 27.89
C ALA G 191 -9.55 32.22 27.55
N VAL G 192 -8.58 31.38 27.18
CA VAL G 192 -7.25 31.88 26.83
C VAL G 192 -7.25 32.68 25.53
N ARG G 193 -7.98 32.21 24.53
CA ARG G 193 -8.05 32.92 23.24
C ARG G 193 -8.76 34.25 23.44
N ASP G 194 -9.77 34.25 24.31
CA ASP G 194 -10.53 35.47 24.59
C ASP G 194 -9.69 36.52 25.30
N ALA G 195 -8.88 36.09 26.26
CA ALA G 195 -8.05 37.01 27.02
C ALA G 195 -6.84 37.52 26.24
N ALA G 196 -6.26 36.66 25.41
CA ALA G 196 -5.07 37.03 24.64
C ALA G 196 -5.36 37.83 23.37
N GLY G 197 -6.59 37.77 22.88
CA GLY G 197 -6.93 38.49 21.67
C GLY G 197 -6.65 37.61 20.45
N PRO G 198 -7.16 37.98 19.27
CA PRO G 198 -6.97 37.20 18.04
C PRO G 198 -5.57 37.25 17.41
N GLU G 199 -4.70 38.11 17.94
CA GLU G 199 -3.36 38.23 17.38
C GLU G 199 -2.29 37.33 18.00
N ILE G 200 -2.57 36.76 19.17
CA ILE G 200 -1.59 35.91 19.83
C ILE G 200 -1.68 34.46 19.34
N GLU G 201 -0.53 33.85 19.10
CA GLU G 201 -0.49 32.47 18.64
C GLU G 201 -0.61 31.56 19.85
N LEU G 202 -1.49 30.57 19.77
CA LEU G 202 -1.69 29.65 20.87
C LEU G 202 -1.31 28.22 20.51
N VAL G 204 -1.16 24.27 21.95
CA VAL G 204 -1.78 23.38 22.92
C VAL G 204 -1.07 22.03 22.96
N ASP G 205 -0.46 21.73 24.09
CA ASP G 205 0.26 20.47 24.27
C ASP G 205 -0.66 19.51 25.03
N LEU G 206 -0.93 18.36 24.43
CA LEU G 206 -1.80 17.37 25.06
C LEU G 206 -1.01 16.26 25.75
N SER G 207 0.32 16.29 25.58
CA SER G 207 1.20 15.30 26.19
C SER G 207 0.70 13.86 26.06
N GLY G 208 0.13 13.51 24.90
CA GLY G 208 -0.35 12.16 24.70
C GLY G 208 -1.86 12.08 24.48
N GLY G 209 -2.57 13.10 24.92
CA GLY G 209 -4.01 13.15 24.75
C GLY G 209 -4.81 12.00 25.33
N LEU G 210 -5.92 11.71 24.67
CA LEU G 210 -6.84 10.64 25.09
C LEU G 210 -6.75 9.52 24.06
N THR G 211 -7.84 8.78 23.87
CA THR G 211 -7.85 7.74 22.87
C THR G 211 -8.17 8.48 21.58
N THR G 212 -7.70 7.93 20.46
CA THR G 212 -7.89 8.53 19.16
C THR G 212 -9.21 9.26 18.94
N ASP G 213 -10.32 8.56 19.14
CA ASP G 213 -11.64 9.13 18.95
C ASP G 213 -11.91 10.41 19.77
N GLU G 214 -11.67 10.37 21.08
CA GLU G 214 -11.90 11.55 21.92
C GLU G 214 -10.94 12.68 21.57
N THR G 215 -9.71 12.32 21.24
CA THR G 215 -8.71 13.33 20.88
C THR G 215 -9.13 14.11 19.65
N ILE G 216 -9.61 13.38 18.64
CA ILE G 216 -10.06 14.00 17.40
C ILE G 216 -11.23 14.95 17.65
N ARG G 217 -12.19 14.50 18.44
CA ARG G 217 -13.35 15.33 18.75
C ARG G 217 -12.93 16.62 19.45
N PHE G 218 -12.04 16.51 20.43
CA PHE G 218 -11.56 17.69 21.14
C PHE G 218 -10.84 18.66 20.21
N CYS G 219 -9.93 18.12 19.40
CA CYS G 219 -9.16 18.93 18.47
C CYS G 219 -10.07 19.67 17.48
N ARG G 220 -11.17 19.04 17.10
CA ARG G 220 -12.13 19.66 16.19
C ARG G 220 -12.88 20.78 16.92
N LYS G 221 -13.24 20.52 18.17
CA LYS G 221 -14.00 21.49 18.96
C LYS G 221 -13.24 22.80 19.17
N ILE G 222 -11.92 22.72 19.34
CA ILE G 222 -11.13 23.93 19.54
C ILE G 222 -10.62 24.50 18.22
N GLY G 223 -11.03 23.89 17.12
CA GLY G 223 -10.58 24.36 15.82
C GLY G 223 -10.94 25.81 15.57
N GLU G 224 -12.14 26.19 15.98
CA GLU G 224 -12.62 27.55 15.79
C GLU G 224 -11.85 28.58 16.60
N LEU G 225 -10.99 28.12 17.50
CA LEU G 225 -10.20 29.02 18.33
C LEU G 225 -8.85 29.37 17.71
N ASP G 226 -8.68 29.04 16.43
CA ASP G 226 -7.44 29.34 15.70
C ASP G 226 -6.19 28.89 16.47
N ILE G 227 -5.93 27.58 16.45
CA ILE G 227 -4.78 27.01 17.15
C ILE G 227 -3.56 26.89 16.25
N CYS G 228 -2.44 27.44 16.70
CA CYS G 228 -1.20 27.38 15.92
C CYS G 228 -0.88 25.91 15.66
N PHE G 229 -0.88 25.10 16.71
CA PHE G 229 -0.63 23.68 16.58
C PHE G 229 -0.87 22.92 17.87
N VAL G 230 -1.15 21.63 17.71
CA VAL G 230 -1.39 20.75 18.85
C VAL G 230 -0.19 19.82 18.96
N GLU G 231 0.39 19.75 20.15
CA GLU G 231 1.56 18.93 20.41
C GLU G 231 1.19 17.57 21.01
N GLU G 232 1.86 16.53 20.53
CA GLU G 232 1.63 15.15 20.99
C GLU G 232 0.17 14.78 21.22
N PRO G 233 -0.65 14.81 20.16
CA PRO G 233 -2.08 14.48 20.27
C PRO G 233 -2.34 13.02 20.67
N CYS G 234 -1.31 12.18 20.55
CA CYS G 234 -1.46 10.78 20.92
C CYS G 234 -0.15 10.26 21.51
N ASP G 235 -0.21 9.09 22.13
CA ASP G 235 0.99 8.50 22.71
C ASP G 235 2.09 8.42 21.66
N PRO G 236 3.30 8.89 22.00
CA PRO G 236 4.45 8.88 21.10
C PRO G 236 4.76 7.46 20.59
N PHE G 237 4.31 6.46 21.32
CA PHE G 237 4.54 5.05 20.97
C PHE G 237 3.69 4.61 19.76
N ASP G 238 2.52 5.22 19.59
CA ASP G 238 1.58 4.86 18.53
C ASP G 238 1.58 5.77 17.30
N ASN G 239 2.45 5.50 16.34
CA ASN G 239 2.50 6.33 15.14
C ASN G 239 1.32 6.06 14.19
N GLY G 240 0.61 4.97 14.45
CA GLY G 240 -0.55 4.65 13.62
C GLY G 240 -1.65 5.64 13.95
N ALA G 241 -1.85 5.88 15.24
CA ALA G 241 -2.87 6.82 15.69
C ALA G 241 -2.50 8.24 15.28
N LEU G 242 -1.20 8.54 15.26
CA LEU G 242 -0.75 9.87 14.89
C LEU G 242 -1.18 10.20 13.47
N LYS G 243 -1.00 9.25 12.56
CA LYS G 243 -1.38 9.43 11.17
C LYS G 243 -2.89 9.61 11.03
N VAL G 244 -3.65 8.76 11.70
CA VAL G 244 -5.11 8.82 11.65
C VAL G 244 -5.60 10.19 12.14
N ILE G 245 -5.09 10.62 13.28
CA ILE G 245 -5.47 11.91 13.86
C ILE G 245 -5.15 13.05 12.89
N SER G 246 -3.95 13.05 12.32
CA SER G 246 -3.56 14.12 11.40
C SER G 246 -4.50 14.24 10.20
N GLU G 247 -5.09 13.13 9.79
CA GLU G 247 -6.00 13.13 8.65
C GLU G 247 -7.44 13.48 9.04
N GLN G 248 -7.71 13.51 10.34
CA GLN G 248 -9.05 13.79 10.83
C GLN G 248 -9.26 15.15 11.52
N ILE G 249 -8.18 15.88 11.78
CA ILE G 249 -8.34 17.15 12.47
C ILE G 249 -7.88 18.34 11.63
N PRO G 250 -8.43 19.53 11.92
CA PRO G 250 -8.07 20.76 11.18
C PRO G 250 -6.86 21.47 11.78
N LEU G 251 -6.28 20.88 12.82
CA LEU G 251 -5.12 21.49 13.49
C LEU G 251 -3.77 20.92 13.06
N PRO G 252 -2.76 21.78 12.88
CA PRO G 252 -1.44 21.29 12.49
C PRO G 252 -0.89 20.52 13.69
N ILE G 253 -0.07 19.50 13.45
CA ILE G 253 0.47 18.69 14.54
C ILE G 253 1.97 18.86 14.74
N ALA G 254 2.41 18.73 15.99
CA ALA G 254 3.82 18.82 16.35
C ALA G 254 4.17 17.69 17.31
N VAL G 255 5.32 17.05 17.10
CA VAL G 255 5.77 15.96 17.97
C VAL G 255 7.30 15.99 17.93
N GLY G 256 7.94 15.17 18.77
CA GLY G 256 9.40 15.15 18.76
C GLY G 256 10.09 15.19 20.12
N GLU G 257 9.35 15.61 21.13
CA GLU G 257 9.89 15.71 22.49
C GLU G 257 10.35 14.33 22.96
N ARG G 258 9.64 13.29 22.53
CA ARG G 258 9.98 11.93 22.92
C ARG G 258 10.37 11.00 21.77
N VAL G 259 11.06 11.55 20.78
CA VAL G 259 11.53 10.79 19.63
C VAL G 259 13.03 11.05 19.64
N TYR G 260 13.83 10.00 19.43
CA TYR G 260 15.28 10.17 19.51
C TYR G 260 16.11 9.73 18.32
N THR G 261 17.06 10.60 17.95
CA THR G 261 17.99 10.39 16.84
C THR G 261 17.34 10.39 15.46
N ARG G 262 18.18 10.39 14.43
CA ARG G 262 17.71 10.35 13.05
C ARG G 262 16.84 9.11 12.87
N PHE G 263 17.29 8.00 13.44
CA PHE G 263 16.59 6.72 13.34
C PHE G 263 15.18 6.78 13.91
N GLY G 264 15.00 7.55 14.97
CA GLY G 264 13.68 7.68 15.55
C GLY G 264 12.80 8.59 14.70
N PHE G 265 13.36 9.71 14.25
CA PHE G 265 12.57 10.62 13.44
C PHE G 265 12.22 10.10 12.06
N ARG G 266 12.99 9.13 11.58
CA ARG G 266 12.71 8.54 10.27
C ARG G 266 11.25 8.06 10.30
N LYS G 267 10.87 7.44 11.41
CA LYS G 267 9.52 6.92 11.56
C LYS G 267 8.45 8.01 11.51
N ILE G 268 8.80 9.20 12.00
CA ILE G 268 7.85 10.31 11.97
C ILE G 268 7.78 10.89 10.56
N PHE G 269 8.94 11.13 9.95
CA PHE G 269 9.02 11.69 8.60
C PHE G 269 8.22 10.88 7.59
N GLU G 270 8.42 9.56 7.60
CA GLU G 270 7.74 8.70 6.65
C GLU G 270 6.22 8.71 6.80
N LEU G 271 5.72 9.18 7.94
CA LEU G 271 4.28 9.24 8.15
C LEU G 271 3.69 10.41 7.37
N GLN G 272 4.46 11.49 7.29
CA GLN G 272 4.01 12.69 6.58
C GLN G 272 2.69 13.10 7.23
N ALA G 273 2.65 13.10 8.56
CA ALA G 273 1.46 13.43 9.32
C ALA G 273 1.51 14.79 10.03
N CYS G 274 2.70 15.36 10.19
CA CYS G 274 2.80 16.65 10.85
C CYS G 274 3.71 17.62 10.12
N GLY G 275 3.65 18.89 10.51
CA GLY G 275 4.47 19.89 9.86
C GLY G 275 5.58 20.44 10.75
N ILE G 276 5.55 20.06 12.02
CA ILE G 276 6.54 20.54 12.98
C ILE G 276 7.14 19.44 13.86
N ILE G 277 8.46 19.40 13.97
CA ILE G 277 9.11 18.44 14.86
C ILE G 277 9.72 19.25 16.00
N GLN G 278 9.78 18.66 17.18
CA GLN G 278 10.31 19.36 18.35
C GLN G 278 11.38 18.56 19.07
N PRO G 279 12.49 18.29 18.39
CA PRO G 279 13.58 17.53 19.03
C PRO G 279 14.22 18.33 20.15
N ASP G 280 14.84 17.61 21.09
CA ASP G 280 15.52 18.23 22.21
C ASP G 280 16.98 17.83 22.08
N ILE G 281 17.88 18.81 21.94
CA ILE G 281 19.29 18.47 21.80
C ILE G 281 19.78 17.69 23.02
N GLY G 282 18.99 17.72 24.08
CA GLY G 282 19.35 17.02 25.30
C GLY G 282 18.89 15.57 25.33
N THR G 283 18.13 15.16 24.31
CA THR G 283 17.66 13.77 24.26
C THR G 283 17.76 13.15 22.86
N ALA G 284 17.62 13.96 21.83
CA ALA G 284 17.69 13.46 20.46
C ALA G 284 19.05 12.89 20.07
N GLY G 285 20.09 13.23 20.82
CA GLY G 285 21.41 12.71 20.52
C GLY G 285 22.51 13.76 20.50
N GLY G 286 22.17 15.03 20.63
CA GLY G 286 23.18 16.06 20.63
C GLY G 286 22.92 17.18 19.65
N LEU G 287 23.87 18.11 19.55
CA LEU G 287 23.74 19.24 18.65
C LEU G 287 23.84 18.83 17.18
N GLU G 289 23.67 15.73 15.95
CA GLU G 289 22.63 14.76 15.67
C GLU G 289 21.33 15.51 15.37
N THR G 290 21.02 16.51 16.18
CA THR G 290 19.80 17.29 15.98
C THR G 290 19.85 18.10 14.69
N LYS G 291 21.04 18.62 14.36
CA LYS G 291 21.18 19.39 13.13
C LYS G 291 20.88 18.44 11.98
N LYS G 292 21.37 17.21 12.08
CA LYS G 292 21.13 16.20 11.04
C LYS G 292 19.63 15.93 10.94
N ILE G 293 18.99 15.79 12.09
CA ILE G 293 17.55 15.54 12.14
C ILE G 293 16.81 16.68 11.42
N CYS G 294 17.18 17.91 11.73
CA CYS G 294 16.55 19.08 11.12
C CYS G 294 16.76 19.10 9.61
N ALA G 295 17.94 18.68 9.16
CA ALA G 295 18.26 18.66 7.74
C ALA G 295 17.34 17.66 7.04
N ALA G 297 14.35 16.71 8.11
CA ALA G 297 13.00 17.26 8.19
C ALA G 297 12.70 18.19 7.03
N GLU G 298 13.74 18.86 6.51
CA GLU G 298 13.57 19.77 5.38
C GLU G 298 13.15 18.99 4.14
N ALA G 299 13.64 17.76 4.04
CA ALA G 299 13.32 16.90 2.91
C ALA G 299 11.87 16.45 3.00
N TYR G 300 11.20 16.82 4.09
CA TYR G 300 9.80 16.45 4.28
C TYR G 300 8.90 17.67 4.49
N ASN G 301 9.39 18.83 4.05
CA ASN G 301 8.62 20.07 4.12
C ASN G 301 8.20 20.45 5.55
N ARG G 303 9.15 22.15 9.60
CA ARG G 303 9.93 23.16 10.31
C ARG G 303 10.24 22.64 11.70
N VAL G 304 11.17 23.31 12.40
CA VAL G 304 11.58 22.87 13.71
C VAL G 304 11.36 23.87 14.84
N ALA G 305 10.79 23.37 15.93
CA ALA G 305 10.53 24.17 17.13
C ALA G 305 11.18 23.36 18.23
N PRO G 306 12.50 23.50 18.40
CA PRO G 306 13.26 22.75 19.42
C PRO G 306 12.67 22.79 20.81
N HIS G 307 12.59 21.63 21.44
CA HIS G 307 12.07 21.55 22.79
C HIS G 307 13.21 21.79 23.79
N VAL G 308 12.93 22.59 24.79
CA VAL G 308 13.92 22.90 25.81
C VAL G 308 13.26 23.14 27.15
N CYS G 309 13.70 22.39 28.16
CA CYS G 309 13.18 22.54 29.51
C CYS G 309 14.18 22.00 30.49
N GLY G 310 15.16 22.83 30.83
CA GLY G 310 16.19 22.43 31.76
C GLY G 310 16.85 23.66 32.34
N SER G 311 18.16 23.56 32.58
CA SER G 311 18.91 24.68 33.13
C SER G 311 19.28 25.65 32.02
N SER G 312 19.80 26.81 32.40
CA SER G 312 20.20 27.83 31.43
C SER G 312 21.21 27.29 30.44
N LEU G 313 21.95 26.25 30.83
CA LEU G 313 22.94 25.66 29.97
C LEU G 313 22.35 25.06 28.69
N ILE G 314 21.39 24.15 28.85
CA ILE G 314 20.80 23.52 27.68
C ILE G 314 20.03 24.50 26.80
N GLU G 315 19.46 25.54 27.38
CA GLU G 315 18.73 26.52 26.61
C GLU G 315 19.68 27.37 25.78
N THR G 316 20.87 27.61 26.32
CA THR G 316 21.87 28.40 25.60
C THR G 316 22.41 27.55 24.46
N ALA G 317 22.67 26.28 24.74
CA ALA G 317 23.20 25.35 23.73
C ALA G 317 22.19 25.20 22.59
N THR G 318 20.91 25.28 22.92
CA THR G 318 19.85 25.14 21.92
C THR G 318 19.91 26.33 20.96
N LEU G 319 20.26 27.50 21.48
CA LEU G 319 20.36 28.72 20.68
C LEU G 319 21.41 28.54 19.58
N GLN G 320 22.47 27.80 19.90
CA GLN G 320 23.53 27.53 18.92
C GLN G 320 22.88 26.91 17.70
N LEU G 321 22.10 25.87 17.94
CA LEU G 321 21.40 25.14 16.88
C LEU G 321 20.49 26.10 16.12
N GLU G 322 19.62 26.78 16.86
CA GLU G 322 18.65 27.69 16.28
C GLU G 322 19.22 28.84 15.45
N ALA G 323 20.49 29.15 15.62
CA ALA G 323 21.10 30.22 14.84
C ALA G 323 21.60 29.65 13.52
N ASN G 324 21.63 28.33 13.42
CA ASN G 324 22.15 27.68 12.23
C ASN G 324 21.18 26.95 11.30
N ILE G 325 20.19 26.25 11.85
CA ILE G 325 19.25 25.52 11.00
C ILE G 325 18.39 26.41 10.09
N THR G 326 18.20 25.96 8.85
CA THR G 326 17.42 26.73 7.89
C THR G 326 15.93 26.68 8.13
N ASN G 327 15.42 25.58 8.68
CA ASN G 327 13.98 25.47 8.91
C ASN G 327 13.54 25.70 10.36
N PHE G 328 14.13 26.71 11.00
CA PHE G 328 13.79 27.06 12.36
C PHE G 328 12.42 27.73 12.40
N ILE G 330 10.37 28.46 15.91
CA ILE G 330 10.24 29.31 17.10
C ILE G 330 10.97 28.67 18.28
N HIS G 331 11.31 29.49 19.27
CA HIS G 331 12.02 29.05 20.46
C HIS G 331 11.10 28.89 21.68
N GLU G 332 11.39 27.88 22.51
CA GLU G 332 10.58 27.62 23.70
C GLU G 332 11.31 28.14 24.94
N HIS G 333 10.61 28.93 25.74
CA HIS G 333 11.20 29.50 26.96
C HIS G 333 10.25 29.45 28.15
N TYR G 334 10.80 29.25 29.34
CA TYR G 334 10.03 29.20 30.59
C TYR G 334 10.45 30.35 31.49
N PRO G 335 9.84 31.53 31.32
CA PRO G 335 10.18 32.70 32.14
C PRO G 335 9.89 32.58 33.64
N ALA G 336 9.01 31.67 34.03
CA ALA G 336 8.64 31.51 35.43
C ALA G 336 9.47 30.49 36.21
N PHE G 337 10.56 30.01 35.61
CA PHE G 337 11.39 29.03 36.29
C PHE G 337 12.53 29.70 37.05
N LYS G 338 12.90 30.91 36.63
CA LYS G 338 13.97 31.65 37.28
C LYS G 338 13.48 32.23 38.61
N ALA G 339 12.18 32.12 38.86
CA ALA G 339 11.58 32.63 40.08
C ALA G 339 11.32 31.54 41.11
N ASP G 340 11.27 30.29 40.65
CA ASP G 340 11.03 29.16 41.54
C ASP G 340 11.93 29.17 42.77
N ASP G 341 11.40 28.66 43.87
CA ASP G 341 12.18 28.58 45.11
C ASP G 341 13.17 27.46 44.91
N GLY G 342 14.44 27.75 45.14
CA GLY G 342 15.46 26.73 44.98
C GLY G 342 16.12 26.78 43.63
N TYR G 343 15.66 27.69 42.77
CA TYR G 343 16.24 27.81 41.44
C TYR G 343 17.76 27.93 41.56
N VAL G 344 18.48 27.25 40.69
CA VAL G 344 19.94 27.27 40.70
C VAL G 344 20.49 27.72 39.35
N GLU G 345 21.03 28.95 39.30
CA GLU G 345 21.59 29.47 38.07
C GLU G 345 22.93 28.79 37.81
N VAL G 346 23.07 28.19 36.63
CA VAL G 346 24.30 27.49 36.29
C VAL G 346 25.22 28.29 35.37
N LEU G 347 24.69 29.34 34.77
CA LEU G 347 25.49 30.14 33.86
C LEU G 347 25.80 31.54 34.39
N GLU G 348 27.04 31.96 34.14
CA GLU G 348 27.52 33.27 34.55
C GLU G 348 26.82 34.31 33.69
N ASN G 349 26.23 33.85 32.59
CA ASN G 349 25.54 34.73 31.65
C ASN G 349 24.41 34.01 30.91
N PRO G 350 23.30 33.73 31.60
CA PRO G 350 22.15 33.04 31.00
C PRO G 350 21.44 33.90 29.95
N PRO G 351 20.63 33.27 29.09
CA PRO G 351 19.89 33.97 28.04
C PRO G 351 18.77 34.84 28.61
N SER G 352 18.73 36.11 28.20
CA SER G 352 17.70 37.01 28.68
C SER G 352 16.81 37.45 27.52
N ILE G 353 15.51 37.34 27.71
CA ILE G 353 14.54 37.72 26.69
C ILE G 353 14.50 39.23 26.55
N SER G 354 14.10 39.70 25.38
CA SER G 354 13.99 41.12 25.11
C SER G 354 12.77 41.26 24.22
N SER G 355 11.60 41.32 24.85
CA SER G 355 10.35 41.42 24.11
C SER G 355 10.19 40.18 23.25
N GLY G 356 10.18 39.02 23.91
CA GLY G 356 10.02 37.75 23.22
C GLY G 356 11.06 37.45 22.16
N TYR G 357 12.29 37.93 22.37
CA TYR G 357 13.39 37.70 21.43
C TYR G 357 14.70 37.41 22.14
N PHE G 358 15.43 36.43 21.63
CA PHE G 358 16.72 36.04 22.21
C PHE G 358 17.82 36.30 21.20
N GLU G 359 18.88 36.98 21.63
CA GLU G 359 20.00 37.25 20.75
C GLU G 359 20.88 36.00 20.78
N PRO G 361 24.24 33.89 21.25
CA PRO G 361 25.48 34.02 22.04
C PRO G 361 26.71 34.08 21.12
N ASN G 362 27.60 35.02 21.40
CA ASN G 362 28.80 35.20 20.58
C ASN G 362 30.07 34.55 21.11
N GLY G 363 30.01 34.01 22.32
CA GLY G 363 31.19 33.37 22.90
C GLY G 363 31.59 32.09 22.18
N PRO G 364 32.83 31.61 22.38
CA PRO G 364 33.30 30.39 21.73
C PRO G 364 32.61 29.14 22.28
N GLY G 365 32.64 28.07 21.50
CA GLY G 365 31.98 26.84 21.93
C GLY G 365 30.50 27.11 22.07
N LEU G 366 29.91 26.67 23.17
CA LEU G 366 28.48 26.88 23.42
C LEU G 366 28.20 28.30 23.90
N GLY G 367 29.25 29.06 24.13
CA GLY G 367 29.08 30.43 24.60
C GLY G 367 28.38 30.51 25.94
N ALA G 368 28.73 29.59 26.83
CA ALA G 368 28.13 29.56 28.16
C ALA G 368 29.16 29.18 29.22
N VAL G 369 29.32 30.05 30.22
CA VAL G 369 30.27 29.81 31.30
C VAL G 369 29.56 29.36 32.58
N LEU G 370 29.97 28.21 33.11
CA LEU G 370 29.37 27.64 34.30
C LEU G 370 29.83 28.31 35.59
N ILE G 371 28.95 28.29 36.59
CA ILE G 371 29.25 28.84 37.91
C ILE G 371 29.54 27.62 38.77
N LYS G 372 30.80 27.20 38.79
CA LYS G 372 31.20 26.02 39.55
C LYS G 372 30.69 26.02 40.99
N ARG G 373 30.62 27.18 41.61
CA ARG G 373 30.15 27.29 42.98
C ARG G 373 28.69 26.86 43.16
N ASN G 374 27.86 27.15 42.16
CA ASN G 374 26.44 26.80 42.22
C ASN G 374 26.12 25.33 41.96
N ILE G 375 26.96 24.64 41.20
CA ILE G 375 26.69 23.24 40.89
C ILE G 375 27.49 22.27 41.77
N GLU G 376 28.56 22.76 42.37
CA GLU G 376 29.39 21.93 43.22
C GLU G 376 28.58 21.17 44.29
N PRO G 377 27.58 21.83 44.88
CA PRO G 377 26.78 21.14 45.90
C PRO G 377 26.03 19.93 45.33
N TYR G 378 25.98 19.83 44.01
CA TYR G 378 25.27 18.73 43.37
C TYR G 378 26.14 17.72 42.63
N LEU G 379 27.44 17.75 42.89
CA LEU G 379 28.33 16.80 42.24
C LEU G 379 27.77 15.42 42.57
N TRP G 380 27.49 14.63 41.55
CA TRP G 380 26.91 13.31 41.77
C TRP G 380 27.94 12.21 41.62
N ALA G 381 28.87 12.40 40.68
CA ALA G 381 29.93 11.42 40.44
C ALA G 381 31.08 12.09 39.69
N SER G 382 32.26 11.51 39.82
CA SER G 382 33.45 12.03 39.17
C SER G 382 34.25 10.87 38.61
N CYS G 383 34.64 10.98 37.35
CA CYS G 383 35.39 9.92 36.69
C CYS G 383 36.70 10.46 36.14
N THR G 384 37.81 9.81 36.48
CA THR G 384 39.13 10.25 36.02
C THR G 384 40.06 9.05 35.78
N LEU H 3 -7.31 -30.48 41.90
CA LEU H 3 -8.68 -31.06 41.83
C LEU H 3 -8.86 -31.82 40.52
N LYS H 4 -10.00 -32.47 40.39
CA LYS H 4 -10.35 -33.23 39.20
C LYS H 4 -11.77 -32.83 38.85
N ILE H 5 -12.05 -32.65 37.56
CA ILE H 5 -13.41 -32.28 37.14
C ILE H 5 -14.20 -33.58 37.14
N THR H 6 -15.32 -33.61 37.85
CA THR H 6 -16.12 -34.82 37.94
C THR H 6 -17.42 -34.75 37.16
N GLY H 7 -17.84 -33.55 36.80
CA GLY H 7 -19.07 -33.42 36.06
C GLY H 7 -19.30 -32.01 35.54
N VAL H 8 -20.12 -31.93 34.49
CA VAL H 8 -20.47 -30.67 33.88
C VAL H 8 -21.95 -30.72 33.54
N ASN H 9 -22.69 -29.72 34.02
CA ASN H 9 -24.11 -29.62 33.75
C ASN H 9 -24.33 -28.41 32.88
N ILE H 10 -25.19 -28.53 31.87
CA ILE H 10 -25.51 -27.44 30.97
C ILE H 10 -26.96 -27.05 31.12
N TYR H 11 -27.22 -25.75 31.28
CA TYR H 11 -28.56 -25.25 31.45
C TYR H 11 -28.97 -24.34 30.29
N LEU H 12 -30.12 -24.65 29.69
CA LEU H 12 -30.66 -23.86 28.60
C LEU H 12 -31.92 -23.21 29.15
N LEU H 13 -31.78 -21.98 29.61
CA LEU H 13 -32.90 -21.26 30.21
C LEU H 13 -33.83 -20.51 29.29
N LYS H 14 -34.99 -20.18 29.86
CA LYS H 14 -36.02 -19.39 29.23
C LYS H 14 -36.20 -18.30 30.27
N SER H 15 -35.63 -17.13 30.02
CA SER H 15 -35.72 -16.02 30.96
C SER H 15 -36.20 -14.76 30.25
N GLY H 16 -37.52 -14.59 30.20
CA GLY H 16 -38.07 -13.43 29.53
C GLY H 16 -37.85 -13.53 28.04
N ARG H 17 -37.28 -12.49 27.46
CA ARG H 17 -37.02 -12.44 26.03
C ARG H 17 -35.69 -13.11 25.68
N LEU H 18 -35.00 -13.64 26.67
CA LEU H 18 -33.71 -14.29 26.43
C LEU H 18 -33.70 -15.80 26.68
N HIS H 19 -32.67 -16.46 26.18
CA HIS H 19 -32.49 -17.89 26.38
C HIS H 19 -31.05 -18.12 26.83
N PRO H 20 -30.73 -17.72 28.08
CA PRO H 20 -29.40 -17.85 28.69
C PRO H 20 -28.92 -19.30 28.68
N VAL H 21 -27.64 -19.47 28.39
CA VAL H 21 -27.01 -20.78 28.34
C VAL H 21 -25.94 -20.79 29.42
N LEU H 22 -26.13 -21.63 30.44
CA LEU H 22 -25.21 -21.69 31.56
C LEU H 22 -24.55 -23.06 31.69
N VAL H 23 -23.34 -23.05 32.24
CA VAL H 23 -22.61 -24.29 32.47
C VAL H 23 -22.14 -24.30 33.93
N GLU H 24 -22.09 -25.50 34.51
CA GLU H 24 -21.63 -25.65 35.88
C GLU H 24 -20.64 -26.80 35.94
N ILE H 25 -19.41 -26.49 36.34
CA ILE H 25 -18.36 -27.48 36.43
C ILE H 25 -18.18 -27.91 37.88
N SER H 26 -18.26 -29.22 38.13
CA SER H 26 -18.09 -29.74 39.48
C SER H 26 -16.77 -30.47 39.59
N THR H 27 -16.16 -30.36 40.78
CA THR H 27 -14.88 -31.01 41.05
C THR H 27 -15.04 -32.02 42.20
N ASP H 28 -14.02 -32.85 42.41
CA ASP H 28 -14.08 -33.84 43.48
C ASP H 28 -14.00 -33.19 44.85
N GLU H 29 -13.42 -32.00 44.92
CA GLU H 29 -13.27 -31.27 46.18
C GLU H 29 -14.59 -30.62 46.60
N GLY H 30 -15.55 -30.60 45.68
CA GLY H 30 -16.83 -30.00 45.99
C GLY H 30 -16.87 -28.55 45.53
N ILE H 31 -15.76 -28.08 44.97
CA ILE H 31 -15.70 -26.71 44.48
C ILE H 31 -16.31 -26.70 43.08
N THR H 32 -17.27 -25.82 42.84
CA THR H 32 -17.92 -25.73 41.54
C THR H 32 -17.61 -24.41 40.86
N GLY H 33 -17.73 -24.40 39.53
CA GLY H 33 -17.49 -23.18 38.77
C GLY H 33 -18.69 -22.93 37.86
N ALA H 34 -19.03 -21.66 37.66
CA ALA H 34 -20.15 -21.31 36.80
C ALA H 34 -19.72 -20.39 35.66
N GLY H 35 -20.29 -20.61 34.49
CA GLY H 35 -19.96 -19.80 33.35
C GLY H 35 -21.18 -19.66 32.48
N GLU H 36 -21.17 -18.67 31.59
CA GLU H 36 -22.30 -18.43 30.71
C GLU H 36 -21.85 -18.18 29.27
N ALA H 37 -22.52 -18.85 28.32
CA ALA H 37 -22.23 -18.68 26.91
C ALA H 37 -23.01 -17.46 26.47
N GLY H 38 -22.36 -16.55 25.75
CA GLY H 38 -23.03 -15.35 25.31
C GLY H 38 -24.04 -15.46 24.19
N ILE H 39 -24.78 -16.56 24.13
CA ILE H 39 -25.77 -16.76 23.08
C ILE H 39 -27.17 -16.75 23.71
N ALA H 40 -27.46 -15.70 24.48
CA ALA H 40 -28.74 -15.56 25.17
C ALA H 40 -29.84 -14.99 24.27
N TYR H 41 -29.44 -14.37 23.17
CA TYR H 41 -30.39 -13.80 22.23
C TYR H 41 -30.03 -14.25 20.82
N GLY H 42 -30.88 -13.90 19.85
CA GLY H 42 -30.62 -14.31 18.48
C GLY H 42 -31.01 -15.76 18.31
N VAL H 43 -30.50 -16.39 17.26
CA VAL H 43 -30.83 -17.79 17.00
C VAL H 43 -29.60 -18.69 17.14
N GLY H 44 -29.68 -19.64 18.08
CA GLY H 44 -28.57 -20.56 18.30
C GLY H 44 -28.38 -21.02 19.73
N GLY H 45 -29.29 -20.66 20.63
CA GLY H 45 -29.19 -21.08 22.01
C GLY H 45 -28.96 -22.59 22.18
N THR H 46 -29.75 -23.39 21.48
CA THR H 46 -29.62 -24.84 21.59
C THR H 46 -28.26 -25.28 21.04
N ALA H 47 -27.76 -24.56 20.04
CA ALA H 47 -26.46 -24.87 19.44
C ALA H 47 -25.36 -24.65 20.48
N ALA H 48 -25.46 -23.56 21.23
CA ALA H 48 -24.47 -23.24 22.26
C ALA H 48 -24.47 -24.31 23.33
N ALA H 49 -25.66 -24.74 23.74
CA ALA H 49 -25.78 -25.78 24.76
C ALA H 49 -25.11 -27.07 24.28
N GLY H 50 -25.40 -27.45 23.04
CA GLY H 50 -24.82 -28.65 22.45
C GLY H 50 -23.31 -28.56 22.31
N ILE H 52 -21.27 -26.81 24.33
CA ILE H 52 -20.71 -26.98 25.66
C ILE H 52 -20.72 -28.48 26.00
N LYS H 53 -21.76 -29.19 25.59
CA LYS H 53 -21.84 -30.62 25.85
C LYS H 53 -20.71 -31.37 25.14
N ASP H 54 -20.51 -31.11 23.86
CA ASP H 54 -19.46 -31.78 23.10
C ASP H 54 -18.05 -31.46 23.63
N LEU H 55 -17.80 -30.20 23.97
CA LEU H 55 -16.50 -29.83 24.49
C LEU H 55 -16.24 -30.51 25.86
N SER H 56 -17.27 -30.56 26.69
CA SER H 56 -17.13 -31.17 28.02
C SER H 56 -16.86 -32.67 27.96
N GLU H 57 -17.61 -33.38 27.12
CA GLU H 57 -17.44 -34.82 26.98
C GLU H 57 -16.11 -35.18 26.35
N ARG H 58 -15.55 -34.26 25.57
CA ARG H 58 -14.29 -34.54 24.91
C ARG H 58 -13.04 -34.04 25.64
N PHE H 59 -13.15 -32.91 26.33
CA PHE H 59 -11.98 -32.32 26.98
C PHE H 59 -11.96 -32.09 28.49
N LEU H 60 -13.09 -32.18 29.18
CA LEU H 60 -13.09 -31.85 30.61
C LEU H 60 -13.14 -32.92 31.70
N ILE H 61 -14.00 -33.92 31.55
CA ILE H 61 -14.13 -34.95 32.57
C ILE H 61 -12.82 -35.63 32.95
N GLY H 62 -12.50 -35.57 34.24
CA GLY H 62 -11.29 -36.18 34.76
C GLY H 62 -10.05 -35.30 34.68
N LYS H 63 -10.21 -34.09 34.18
CA LYS H 63 -9.08 -33.19 34.04
C LYS H 63 -8.86 -32.26 35.22
N ASP H 64 -7.64 -31.75 35.34
CA ASP H 64 -7.26 -30.83 36.40
C ASP H 64 -7.64 -29.41 35.94
N PRO H 65 -8.66 -28.81 36.58
CA PRO H 65 -9.14 -27.45 36.25
C PRO H 65 -8.15 -26.30 36.43
N SER H 66 -7.05 -26.55 37.14
CA SER H 66 -6.08 -25.49 37.40
C SER H 66 -5.26 -25.11 36.16
N ARG H 67 -5.18 -26.00 35.17
CA ARG H 67 -4.42 -25.74 33.95
C ARG H 67 -5.35 -25.09 32.92
N ILE H 68 -5.82 -23.89 33.22
CA ILE H 68 -6.73 -23.17 32.35
C ILE H 68 -6.14 -22.90 30.95
N GLU H 69 -4.94 -22.33 30.88
CA GLU H 69 -4.32 -22.06 29.58
C GLU H 69 -4.16 -23.31 28.74
N GLU H 70 -3.85 -24.44 29.35
CA GLU H 70 -3.67 -25.69 28.61
C GLU H 70 -5.01 -26.21 28.10
N LEU H 71 -6.02 -26.14 28.95
CA LEU H 71 -7.37 -26.60 28.60
C LEU H 71 -7.92 -25.74 27.45
N TRP H 72 -7.66 -24.45 27.48
CA TRP H 72 -8.14 -23.54 26.43
C TRP H 72 -7.40 -23.90 25.13
N SER H 73 -6.09 -24.02 25.23
CA SER H 73 -5.24 -24.36 24.10
C SER H 73 -5.65 -25.70 23.49
N THR H 74 -5.99 -26.65 24.35
CA THR H 74 -6.39 -27.97 23.89
C THR H 74 -7.70 -27.94 23.10
N TYR H 76 -8.89 -25.41 21.58
CA TYR H 76 -8.63 -24.65 20.36
C TYR H 76 -7.94 -25.53 19.31
N ASP H 77 -6.88 -26.21 19.72
CA ASP H 77 -6.10 -27.06 18.84
C ASP H 77 -6.77 -28.31 18.32
N HIS H 78 -7.64 -28.91 19.15
CA HIS H 78 -8.25 -30.17 18.78
C HIS H 78 -9.75 -30.28 18.60
N SER H 79 -10.44 -29.15 18.52
CA SER H 79 -11.88 -29.17 18.30
C SER H 79 -12.10 -29.12 16.79
N PHE H 80 -11.06 -28.69 16.08
CA PHE H 80 -11.01 -28.49 14.64
C PHE H 80 -11.73 -27.20 14.25
N TRP H 81 -12.97 -27.04 14.70
CA TRP H 81 -13.76 -25.86 14.37
C TRP H 81 -13.37 -24.55 15.04
N ALA H 82 -12.44 -24.59 15.98
CA ALA H 82 -12.00 -23.37 16.65
C ALA H 82 -11.11 -22.50 15.76
N LYS H 83 -10.37 -23.13 14.85
CA LYS H 83 -9.49 -22.39 13.95
C LYS H 83 -10.39 -21.62 12.97
N ASN H 84 -10.32 -20.30 13.08
CA ASN H 84 -11.15 -19.36 12.32
C ASN H 84 -12.58 -19.57 12.79
N GLY H 85 -12.71 -20.06 14.03
CA GLY H 85 -14.02 -20.33 14.62
C GLY H 85 -14.92 -19.15 14.87
N GLY H 86 -16.22 -19.43 15.01
CA GLY H 86 -17.20 -18.39 15.23
C GLY H 86 -17.82 -18.30 16.62
N ALA H 87 -18.95 -17.61 16.71
CA ALA H 87 -19.67 -17.40 17.97
C ALA H 87 -20.06 -18.65 18.77
N ILE H 88 -20.49 -19.71 18.10
CA ILE H 88 -20.92 -20.90 18.84
C ILE H 88 -19.75 -21.65 19.51
N ILE H 89 -18.72 -21.98 18.75
CA ILE H 89 -17.56 -22.68 19.32
C ILE H 89 -16.90 -21.86 20.44
N PHE H 90 -16.70 -20.56 20.20
CA PHE H 90 -16.07 -19.74 21.21
C PHE H 90 -16.97 -19.34 22.38
N ALA H 91 -18.28 -19.43 22.19
CA ALA H 91 -19.20 -19.12 23.29
C ALA H 91 -19.15 -20.34 24.21
N GLY H 92 -18.99 -21.52 23.62
CA GLY H 92 -18.91 -22.73 24.42
C GLY H 92 -17.62 -22.73 25.20
N ILE H 93 -16.54 -22.33 24.54
CA ILE H 93 -15.23 -22.26 25.18
C ILE H 93 -15.21 -21.17 26.24
N SER H 94 -15.86 -20.04 25.94
CA SER H 94 -15.92 -18.91 26.88
C SER H 94 -16.64 -19.32 28.16
N ALA H 95 -17.73 -20.05 28.01
CA ALA H 95 -18.52 -20.49 29.17
C ALA H 95 -17.64 -21.37 30.06
N ILE H 96 -16.98 -22.34 29.46
CA ILE H 96 -16.11 -23.25 30.19
C ILE H 96 -14.97 -22.49 30.87
N GLU H 97 -14.30 -21.63 30.12
CA GLU H 97 -13.18 -20.86 30.65
C GLU H 97 -13.56 -20.04 31.88
N GLN H 98 -14.72 -19.40 31.83
CA GLN H 98 -15.22 -18.59 32.94
C GLN H 98 -15.35 -19.42 34.20
N ALA H 99 -15.96 -20.59 34.05
CA ALA H 99 -16.18 -21.48 35.17
C ALA H 99 -14.85 -21.97 35.73
N LEU H 100 -13.84 -22.10 34.86
CA LEU H 100 -12.54 -22.56 35.31
C LEU H 100 -11.86 -21.49 36.15
N TRP H 101 -12.00 -20.22 35.76
CA TRP H 101 -11.40 -19.14 36.53
C TRP H 101 -12.14 -18.96 37.84
N ASP H 102 -13.42 -19.30 37.82
CA ASP H 102 -14.29 -19.23 38.99
C ASP H 102 -13.75 -20.25 40.02
N ILE H 103 -13.45 -21.45 39.55
CA ILE H 103 -12.92 -22.49 40.41
C ILE H 103 -11.56 -22.08 40.98
N LYS H 104 -10.68 -21.57 40.13
CA LYS H 104 -9.34 -21.13 40.56
C LYS H 104 -9.45 -20.02 41.60
N GLY H 105 -10.34 -19.06 41.35
CA GLY H 105 -10.52 -17.97 42.29
C GLY H 105 -10.99 -18.51 43.64
N LYS H 106 -11.87 -19.50 43.61
CA LYS H 106 -12.38 -20.08 44.85
C LYS H 106 -11.24 -20.80 45.57
N CYS H 107 -10.44 -21.55 44.82
CA CYS H 107 -9.32 -22.30 45.40
C CYS H 107 -8.33 -21.40 46.12
N LEU H 108 -8.11 -20.20 45.59
CA LEU H 108 -7.17 -19.25 46.18
C LEU H 108 -7.88 -18.24 47.07
N GLY H 109 -9.19 -18.37 47.18
CA GLY H 109 -9.96 -17.47 48.01
C GLY H 109 -9.93 -15.99 47.69
N VAL H 110 -9.85 -15.64 46.41
CA VAL H 110 -9.85 -14.23 46.01
C VAL H 110 -10.61 -14.02 44.70
N PRO H 111 -11.02 -12.77 44.42
CA PRO H 111 -11.74 -12.53 43.17
C PRO H 111 -10.82 -12.78 41.98
N VAL H 112 -11.40 -13.17 40.86
CA VAL H 112 -10.60 -13.43 39.67
C VAL H 112 -9.74 -12.21 39.34
N TYR H 113 -10.28 -11.01 39.50
CA TYR H 113 -9.52 -9.83 39.16
C TYR H 113 -8.21 -9.68 39.95
N GLU H 114 -8.14 -10.29 41.12
CA GLU H 114 -6.90 -10.24 41.89
C GLU H 114 -5.86 -11.08 41.16
N LEU H 115 -6.30 -12.23 40.63
CA LEU H 115 -5.41 -13.11 39.89
C LEU H 115 -4.90 -12.39 38.64
N PHE H 116 -5.78 -11.61 38.01
CA PHE H 116 -5.44 -10.85 36.80
C PHE H 116 -4.53 -9.66 37.02
N GLY H 117 -4.16 -9.39 38.27
CA GLY H 117 -3.30 -8.25 38.53
C GLY H 117 -3.92 -7.16 39.41
N GLY H 118 -5.02 -7.48 40.07
CA GLY H 118 -5.65 -6.52 40.95
C GLY H 118 -6.68 -5.61 40.32
N LYS H 119 -7.29 -4.76 41.13
CA LYS H 119 -8.29 -3.84 40.61
C LYS H 119 -7.73 -2.46 40.37
N ILE H 120 -8.40 -1.71 39.51
CA ILE H 120 -7.98 -0.36 39.17
C ILE H 120 -9.07 0.60 39.59
N ARG H 121 -10.26 0.05 39.81
CA ARG H 121 -11.43 0.84 40.19
C ARG H 121 -12.36 0.01 41.07
N ASP H 122 -13.11 0.67 41.94
CA ASP H 122 -14.04 -0.02 42.82
C ASP H 122 -15.46 -0.02 42.28
N ARG H 123 -15.69 0.79 41.25
CA ARG H 123 -17.01 0.85 40.65
C ARG H 123 -16.90 1.30 39.20
N VAL H 124 -17.95 1.04 38.42
CA VAL H 124 -17.95 1.44 37.02
C VAL H 124 -19.27 2.09 36.64
N ARG H 125 -19.18 3.14 35.82
CA ARG H 125 -20.39 3.81 35.38
C ARG H 125 -20.99 2.92 34.30
N ALA H 126 -22.29 3.03 34.08
CA ALA H 126 -22.95 2.22 33.08
C ALA H 126 -23.94 3.01 32.26
N TYR H 127 -24.25 2.52 31.07
CA TYR H 127 -25.24 3.18 30.22
C TYR H 127 -26.44 2.25 30.22
N ALA H 128 -27.61 2.80 29.94
CA ALA H 128 -28.82 1.99 29.93
C ALA H 128 -29.16 1.55 28.51
N ASN H 129 -29.63 0.32 28.39
CA ASN H 129 -30.01 -0.25 27.11
C ASN H 129 -31.37 -0.91 27.38
N GLY H 130 -32.20 -1.02 26.36
CA GLY H 130 -33.51 -1.64 26.54
C GLY H 130 -34.59 -0.74 27.11
N TRP H 131 -34.22 0.47 27.50
CA TRP H 131 -35.17 1.43 28.06
C TRP H 131 -36.28 1.84 27.09
N TYR H 132 -35.93 1.89 25.80
CA TYR H 132 -36.87 2.28 24.76
C TYR H 132 -38.09 1.35 24.67
N GLY H 133 -37.99 0.19 25.31
CA GLY H 133 -39.11 -0.74 25.28
C GLY H 133 -39.66 -1.01 23.89
N ALA H 134 -40.97 -0.80 23.73
CA ALA H 134 -41.63 -1.01 22.45
C ALA H 134 -41.87 0.29 21.69
N ALA H 135 -41.10 1.33 22.03
CA ALA H 135 -41.23 2.62 21.38
C ALA H 135 -41.05 2.47 19.87
N ASP H 136 -41.87 3.19 19.11
CA ASP H 136 -41.82 3.14 17.65
C ASP H 136 -41.68 4.55 17.08
N THR H 137 -42.60 5.42 17.47
CA THR H 137 -42.58 6.80 16.99
C THR H 137 -41.57 7.63 17.77
N PRO H 138 -41.15 8.77 17.21
CA PRO H 138 -40.18 9.63 17.89
C PRO H 138 -40.69 10.04 19.28
N ASP H 139 -41.99 10.35 19.35
CA ASP H 139 -42.60 10.78 20.61
C ASP H 139 -42.50 9.70 21.69
N GLU H 140 -42.77 8.46 21.31
CA GLU H 140 -42.70 7.36 22.26
C GLU H 140 -41.25 7.19 22.73
N PHE H 141 -40.32 7.40 21.80
CA PHE H 141 -38.89 7.29 22.14
C PHE H 141 -38.53 8.39 23.11
N ALA H 142 -39.02 9.61 22.85
CA ALA H 142 -38.73 10.74 23.71
C ALA H 142 -39.34 10.50 25.08
N ARG H 143 -40.50 9.86 25.09
CA ARG H 143 -41.20 9.55 26.34
C ARG H 143 -40.45 8.58 27.23
N ALA H 144 -39.79 7.62 26.60
CA ALA H 144 -39.06 6.58 27.33
C ALA H 144 -37.74 7.00 28.00
N VAL H 145 -37.19 8.15 27.63
CA VAL H 145 -35.93 8.58 28.22
C VAL H 145 -36.05 9.02 29.68
N GLU H 146 -37.24 9.42 30.08
CA GLU H 146 -37.48 9.89 31.44
C GLU H 146 -37.06 8.90 32.53
N ARG H 147 -37.68 7.73 32.55
CA ARG H 147 -37.38 6.71 33.56
C ARG H 147 -35.88 6.48 33.78
N PRO H 148 -35.15 6.06 32.74
CA PRO H 148 -33.71 5.83 32.93
C PRO H 148 -32.96 7.04 33.48
N LEU H 149 -33.19 8.21 32.90
CA LEU H 149 -32.50 9.41 33.37
C LEU H 149 -32.80 9.64 34.85
N LYS H 150 -34.05 9.45 35.25
CA LYS H 150 -34.45 9.65 36.63
C LYS H 150 -33.74 8.63 37.53
N GLU H 151 -33.46 7.45 36.97
CA GLU H 151 -32.80 6.40 37.72
C GLU H 151 -31.30 6.61 37.84
N GLY H 152 -30.82 7.74 37.31
CA GLY H 152 -29.40 8.05 37.42
C GLY H 152 -28.46 7.76 36.26
N TYR H 153 -28.97 7.20 35.17
CA TYR H 153 -28.10 6.92 34.02
C TYR H 153 -27.68 8.21 33.33
N GLY H 154 -26.41 8.28 32.96
CA GLY H 154 -25.92 9.46 32.28
C GLY H 154 -25.68 9.16 30.81
N ALA H 155 -25.98 7.91 30.42
CA ALA H 155 -25.80 7.49 29.03
C ALA H 155 -26.90 6.54 28.59
N LEU H 156 -27.29 6.64 27.32
CA LEU H 156 -28.35 5.80 26.77
C LEU H 156 -27.97 5.24 25.41
N LYS H 157 -28.32 3.98 25.17
CA LYS H 157 -28.06 3.35 23.89
C LYS H 157 -29.42 2.89 23.35
N PHE H 158 -29.56 2.93 22.03
CA PHE H 158 -30.80 2.49 21.38
C PHE H 158 -30.53 2.20 19.91
N TYR H 159 -31.46 1.50 19.27
CA TYR H 159 -31.32 1.14 17.86
C TYR H 159 -32.36 1.85 17.02
N PRO H 160 -31.99 3.00 16.43
CA PRO H 160 -32.92 3.78 15.60
C PRO H 160 -33.43 3.15 14.30
N LEU H 161 -32.77 2.10 13.82
CA LEU H 161 -33.19 1.45 12.58
C LEU H 161 -34.07 0.23 12.82
N ALA H 162 -34.10 -0.26 14.05
CA ALA H 162 -34.86 -1.45 14.37
C ALA H 162 -36.27 -1.19 14.87
N GLN H 163 -36.97 -2.28 15.18
CA GLN H 163 -38.32 -2.21 15.72
C GLN H 163 -38.71 -3.48 16.43
N ARG H 164 -39.47 -3.30 17.52
CA ARG H 164 -39.93 -4.42 18.32
C ARG H 164 -40.86 -5.28 17.49
N VAL H 165 -40.67 -6.59 17.56
CA VAL H 165 -41.50 -7.53 16.81
C VAL H 165 -41.60 -8.84 17.56
N LEU H 169 -37.09 -7.53 18.82
CA LEU H 169 -36.32 -6.47 18.15
C LEU H 169 -35.75 -6.98 16.82
N GLN H 170 -36.31 -6.50 15.72
CA GLN H 170 -35.87 -6.92 14.39
C GLN H 170 -35.01 -5.86 13.72
N HIS H 171 -33.81 -6.26 13.30
CA HIS H 171 -32.90 -5.34 12.66
C HIS H 171 -33.17 -5.22 11.16
N VAL H 172 -32.32 -4.48 10.44
CA VAL H 172 -32.51 -4.25 9.01
C VAL H 172 -32.59 -5.51 8.14
N THR H 173 -33.49 -5.48 7.17
CA THR H 173 -33.65 -6.60 6.23
C THR H 173 -32.91 -6.26 4.93
N ARG H 174 -31.95 -7.10 4.57
CA ARG H 174 -31.17 -6.93 3.36
C ARG H 174 -30.56 -5.53 3.17
N ARG H 175 -30.02 -4.98 4.26
CA ARG H 175 -29.35 -3.69 4.23
C ARG H 175 -30.11 -2.55 3.55
N SER H 176 -31.44 -2.60 3.57
CA SER H 176 -32.19 -1.54 2.92
C SER H 176 -33.44 -1.11 3.68
N SER H 178 -36.85 2.03 3.48
CA SER H 178 -37.56 3.03 2.69
C SER H 178 -37.13 4.40 3.18
N ALA H 179 -37.22 5.39 2.30
CA ALA H 179 -36.84 6.76 2.67
C ALA H 179 -37.62 7.19 3.90
N GLU H 180 -38.83 6.67 4.07
CA GLU H 180 -39.67 7.01 5.21
C GLU H 180 -39.13 6.44 6.50
N ALA H 181 -38.63 5.20 6.45
CA ALA H 181 -38.08 4.55 7.63
C ALA H 181 -36.76 5.17 8.04
N ILE H 182 -35.95 5.56 7.07
CA ILE H 182 -34.67 6.18 7.37
C ILE H 182 -34.92 7.56 7.95
N GLU H 183 -36.02 8.20 7.55
CA GLU H 183 -36.39 9.51 8.05
C GLU H 183 -36.81 9.36 9.51
N LEU H 184 -37.66 8.37 9.77
CA LEU H 184 -38.14 8.08 11.11
C LEU H 184 -36.95 7.78 12.04
N ALA H 185 -35.95 7.09 11.50
CA ALA H 185 -34.76 6.74 12.26
C ALA H 185 -34.08 8.00 12.76
N TYR H 186 -33.93 8.98 11.86
CA TYR H 186 -33.32 10.25 12.22
C TYR H 186 -34.19 10.97 13.25
N ARG H 187 -35.50 11.00 13.03
CA ARG H 187 -36.40 11.67 13.96
C ARG H 187 -36.36 11.01 15.34
N ARG H 188 -36.06 9.71 15.37
CA ARG H 188 -35.97 9.01 16.64
C ARG H 188 -34.78 9.54 17.43
N VAL H 189 -33.62 9.60 16.78
CA VAL H 189 -32.41 10.11 17.42
C VAL H 189 -32.61 11.56 17.85
N LYS H 190 -33.19 12.38 16.96
CA LYS H 190 -33.41 13.78 17.28
C LYS H 190 -34.31 13.94 18.50
N ALA H 191 -35.31 13.08 18.60
CA ALA H 191 -36.26 13.12 19.71
C ALA H 191 -35.58 12.76 21.03
N VAL H 192 -34.76 11.73 21.01
CA VAL H 192 -34.05 11.30 22.21
C VAL H 192 -33.09 12.39 22.70
N ARG H 193 -32.40 13.03 21.77
CA ARG H 193 -31.48 14.10 22.13
C ARG H 193 -32.26 15.28 22.74
N ASP H 194 -33.42 15.60 22.16
CA ASP H 194 -34.22 16.71 22.66
C ASP H 194 -34.79 16.43 24.05
N ALA H 195 -35.32 15.22 24.25
CA ALA H 195 -35.91 14.83 25.52
C ALA H 195 -34.89 14.53 26.61
N ALA H 196 -33.67 14.17 26.21
CA ALA H 196 -32.61 13.85 27.17
C ALA H 196 -31.82 15.06 27.64
N GLY H 197 -31.67 16.06 26.78
CA GLY H 197 -30.91 17.22 27.15
C GLY H 197 -29.53 17.12 26.52
N PRO H 198 -28.78 18.22 26.45
CA PRO H 198 -27.44 18.22 25.86
C PRO H 198 -26.32 17.54 26.64
N GLU H 199 -26.57 17.16 27.89
CA GLU H 199 -25.52 16.54 28.67
C GLU H 199 -25.49 15.01 28.73
N ILE H 200 -26.60 14.38 28.33
CA ILE H 200 -26.68 12.92 28.33
C ILE H 200 -25.91 12.35 27.14
N GLU H 201 -25.16 11.27 27.37
CA GLU H 201 -24.41 10.65 26.30
C GLU H 201 -25.32 9.67 25.57
N LEU H 202 -25.32 9.75 24.24
CA LEU H 202 -26.16 8.86 23.45
C LEU H 202 -25.34 7.96 22.54
N VAL H 204 -25.68 5.00 19.51
CA VAL H 204 -26.58 4.46 18.50
C VAL H 204 -26.02 3.16 17.94
N ASP H 205 -26.80 2.09 18.06
CA ASP H 205 -26.39 0.79 17.57
C ASP H 205 -27.17 0.54 16.29
N LEU H 206 -26.46 0.31 15.19
CA LEU H 206 -27.11 0.06 13.90
C LEU H 206 -27.17 -1.43 13.58
N SER H 207 -26.49 -2.22 14.40
CA SER H 207 -26.45 -3.67 14.25
C SER H 207 -26.24 -4.14 12.80
N GLY H 208 -25.34 -3.49 12.08
CA GLY H 208 -25.09 -3.88 10.70
C GLY H 208 -25.33 -2.76 9.71
N GLY H 209 -26.28 -1.89 10.02
CA GLY H 209 -26.60 -0.78 9.15
C GLY H 209 -27.15 -1.11 7.79
N LEU H 210 -26.97 -0.19 6.86
CA LEU H 210 -27.45 -0.34 5.49
C LEU H 210 -26.25 -0.62 4.60
N THR H 211 -26.34 -0.20 3.34
CA THR H 211 -25.20 -0.36 2.45
C THR H 211 -24.32 0.84 2.84
N THR H 212 -23.05 0.79 2.49
CA THR H 212 -22.10 1.83 2.86
C THR H 212 -22.53 3.26 2.58
N ASP H 213 -23.02 3.52 1.38
CA ASP H 213 -23.45 4.86 1.02
C ASP H 213 -24.54 5.44 1.95
N GLU H 214 -25.61 4.68 2.15
CA GLU H 214 -26.68 5.16 3.02
C GLU H 214 -26.29 5.22 4.50
N THR H 215 -25.39 4.34 4.92
CA THR H 215 -24.95 4.35 6.31
C THR H 215 -24.19 5.65 6.60
N ILE H 216 -23.30 6.01 5.68
CA ILE H 216 -22.52 7.24 5.81
C ILE H 216 -23.47 8.45 5.79
N ARG H 217 -24.46 8.41 4.91
CA ARG H 217 -25.42 9.50 4.80
C ARG H 217 -26.16 9.68 6.13
N PHE H 218 -26.67 8.59 6.68
CA PHE H 218 -27.40 8.63 7.95
C PHE H 218 -26.50 9.10 9.09
N CYS H 219 -25.29 8.56 9.18
CA CYS H 219 -24.36 8.94 10.24
C CYS H 219 -24.04 10.43 10.21
N ARG H 220 -23.77 10.95 9.02
CA ARG H 220 -23.48 12.36 8.86
C ARG H 220 -24.68 13.19 9.28
N LYS H 221 -25.88 12.70 8.92
CA LYS H 221 -27.11 13.40 9.26
C LYS H 221 -27.33 13.59 10.76
N ILE H 222 -26.96 12.58 11.56
CA ILE H 222 -27.15 12.68 13.01
C ILE H 222 -25.93 13.25 13.73
N GLY H 223 -24.91 13.63 12.97
CA GLY H 223 -23.72 14.19 13.58
C GLY H 223 -24.00 15.41 14.44
N GLU H 224 -24.95 16.23 14.01
CA GLU H 224 -25.31 17.44 14.73
C GLU H 224 -25.99 17.13 16.07
N LEU H 225 -26.37 15.88 16.28
CA LEU H 225 -27.05 15.49 17.50
C LEU H 225 -26.11 15.01 18.60
N ASP H 226 -24.82 15.24 18.41
CA ASP H 226 -23.79 14.85 19.38
C ASP H 226 -23.89 13.40 19.81
N ILE H 227 -23.35 12.51 19.00
CA ILE H 227 -23.39 11.09 19.29
C ILE H 227 -22.08 10.61 19.90
N CYS H 228 -22.18 9.92 21.03
CA CYS H 228 -20.99 9.40 21.71
C CYS H 228 -20.30 8.46 20.72
N PHE H 229 -21.04 7.49 20.22
CA PHE H 229 -20.51 6.57 19.22
C PHE H 229 -21.61 5.77 18.54
N VAL H 230 -21.30 5.28 17.35
CA VAL H 230 -22.23 4.47 16.58
C VAL H 230 -21.67 3.05 16.62
N GLU H 231 -22.51 2.08 16.92
CA GLU H 231 -22.09 0.68 17.01
C GLU H 231 -22.41 -0.12 15.76
N GLU H 232 -21.44 -0.91 15.31
CA GLU H 232 -21.56 -1.77 14.13
C GLU H 232 -22.26 -1.07 12.98
N PRO H 233 -21.62 -0.03 12.41
CA PRO H 233 -22.23 0.69 11.29
C PRO H 233 -22.36 -0.14 10.01
N CYS H 234 -21.69 -1.29 9.98
CA CYS H 234 -21.77 -2.17 8.82
C CYS H 234 -21.65 -3.63 9.24
N ASP H 235 -21.97 -4.53 8.31
CA ASP H 235 -21.90 -5.97 8.57
C ASP H 235 -20.51 -6.30 9.11
N PRO H 236 -20.45 -6.99 10.26
CA PRO H 236 -19.19 -7.39 10.90
C PRO H 236 -18.30 -8.22 9.97
N PHE H 237 -18.90 -8.76 8.91
CA PHE H 237 -18.17 -9.57 7.95
C PHE H 237 -17.31 -8.70 7.04
N ASP H 238 -17.72 -7.44 6.84
CA ASP H 238 -17.02 -6.53 5.94
C ASP H 238 -16.17 -5.45 6.61
N ASN H 239 -14.88 -5.74 6.79
CA ASN H 239 -13.99 -4.78 7.41
C ASN H 239 -13.54 -3.70 6.43
N GLY H 240 -13.70 -3.95 5.14
CA GLY H 240 -13.33 -2.95 4.15
C GLY H 240 -14.29 -1.79 4.32
N ALA H 241 -15.58 -2.09 4.42
CA ALA H 241 -16.60 -1.07 4.60
C ALA H 241 -16.38 -0.31 5.91
N LEU H 242 -16.01 -1.04 6.96
CA LEU H 242 -15.79 -0.41 8.26
C LEU H 242 -14.74 0.68 8.15
N LYS H 243 -13.68 0.41 7.40
CA LYS H 243 -12.63 1.41 7.23
C LYS H 243 -13.12 2.59 6.40
N VAL H 244 -13.85 2.32 5.33
CA VAL H 244 -14.37 3.39 4.49
C VAL H 244 -15.32 4.28 5.30
N ILE H 245 -16.21 3.66 6.05
CA ILE H 245 -17.16 4.41 6.85
C ILE H 245 -16.46 5.29 7.88
N SER H 246 -15.48 4.74 8.60
CA SER H 246 -14.78 5.52 9.62
C SER H 246 -14.08 6.75 9.05
N GLU H 247 -13.64 6.66 7.80
CA GLU H 247 -12.96 7.78 7.17
C GLU H 247 -13.95 8.80 6.61
N GLN H 248 -15.21 8.39 6.46
CA GLN H 248 -16.24 9.26 5.89
C GLN H 248 -17.25 9.87 6.84
N ILE H 249 -17.31 9.39 8.07
CA ILE H 249 -18.28 9.95 9.02
C ILE H 249 -17.58 10.71 10.14
N PRO H 250 -18.33 11.55 10.86
CA PRO H 250 -17.76 12.34 11.97
C PRO H 250 -18.05 11.74 13.33
N LEU H 251 -18.59 10.52 13.36
CA LEU H 251 -18.92 9.86 14.63
C LEU H 251 -17.92 8.76 14.97
N PRO H 252 -17.60 8.60 16.26
CA PRO H 252 -16.67 7.55 16.68
C PRO H 252 -17.36 6.22 16.46
N ILE H 253 -16.60 5.20 16.09
CA ILE H 253 -17.17 3.88 15.83
C ILE H 253 -16.80 2.86 16.90
N ALA H 254 -17.73 1.96 17.18
CA ALA H 254 -17.51 0.90 18.14
C ALA H 254 -17.98 -0.42 17.53
N VAL H 255 -17.16 -1.46 17.67
CA VAL H 255 -17.51 -2.79 17.17
C VAL H 255 -16.91 -3.83 18.12
N GLY H 256 -17.21 -5.11 17.89
CA GLY H 256 -16.66 -6.16 18.73
C GLY H 256 -17.64 -7.20 19.21
N GLU H 257 -18.91 -6.83 19.29
CA GLU H 257 -19.94 -7.75 19.74
C GLU H 257 -19.93 -9.04 18.93
N ARG H 258 -19.53 -8.95 17.66
CA ARG H 258 -19.48 -10.13 16.80
C ARG H 258 -18.10 -10.41 16.23
N VAL H 259 -17.08 -10.26 17.08
CA VAL H 259 -15.68 -10.52 16.71
C VAL H 259 -15.19 -11.45 17.82
N TYR H 260 -14.41 -12.47 17.47
CA TYR H 260 -13.98 -13.43 18.48
C TYR H 260 -12.48 -13.72 18.59
N THR H 261 -12.00 -13.71 19.83
CA THR H 261 -10.60 -13.96 20.19
C THR H 261 -9.63 -12.89 19.69
N ARG H 262 -8.40 -12.99 20.18
CA ARG H 262 -7.32 -12.10 19.76
C ARG H 262 -7.17 -12.19 18.25
N PHE H 263 -7.33 -13.40 17.73
CA PHE H 263 -7.17 -13.65 16.30
C PHE H 263 -8.19 -12.87 15.49
N GLY H 264 -9.42 -12.81 15.98
CA GLY H 264 -10.45 -12.05 15.29
C GLY H 264 -10.23 -10.56 15.43
N PHE H 265 -9.88 -10.12 16.63
CA PHE H 265 -9.66 -8.69 16.86
C PHE H 265 -8.45 -8.11 16.17
N ARG H 266 -7.47 -8.95 15.84
CA ARG H 266 -6.29 -8.46 15.12
C ARG H 266 -6.77 -7.76 13.85
N LYS H 267 -7.78 -8.33 13.20
CA LYS H 267 -8.33 -7.78 11.96
C LYS H 267 -8.95 -6.40 12.16
N ILE H 268 -9.46 -6.13 13.36
CA ILE H 268 -10.06 -4.85 13.67
C ILE H 268 -8.97 -3.84 14.00
N PHE H 269 -8.00 -4.28 14.80
CA PHE H 269 -6.89 -3.42 15.21
C PHE H 269 -6.07 -2.85 14.04
N GLU H 270 -5.72 -3.71 13.09
CA GLU H 270 -4.92 -3.27 11.96
C GLU H 270 -5.65 -2.28 11.06
N LEU H 271 -6.97 -2.19 11.20
CA LEU H 271 -7.76 -1.25 10.40
C LEU H 271 -7.61 0.16 10.93
N GLN H 272 -7.48 0.27 12.26
CA GLN H 272 -7.37 1.57 12.92
C GLN H 272 -8.51 2.46 12.47
N ALA H 273 -9.72 1.92 12.55
CA ALA H 273 -10.92 2.63 12.14
C ALA H 273 -11.88 2.76 13.31
N CYS H 274 -11.61 2.00 14.37
CA CYS H 274 -12.47 2.02 15.55
C CYS H 274 -11.73 2.61 16.75
N GLY H 275 -12.44 3.33 17.58
CA GLY H 275 -11.82 3.90 18.77
C GLY H 275 -12.30 3.15 20.00
N ILE H 276 -13.29 2.28 19.80
CA ILE H 276 -13.86 1.50 20.88
C ILE H 276 -14.19 0.06 20.45
N ILE H 277 -13.84 -0.91 21.29
CA ILE H 277 -14.15 -2.30 21.01
C ILE H 277 -15.12 -2.79 22.08
N GLN H 278 -16.00 -3.70 21.69
CA GLN H 278 -17.03 -4.22 22.58
C GLN H 278 -17.04 -5.74 22.68
N PRO H 279 -15.92 -6.35 23.08
CA PRO H 279 -15.89 -7.81 23.20
C PRO H 279 -16.85 -8.28 24.28
N ASP H 280 -17.38 -9.49 24.09
CA ASP H 280 -18.32 -10.10 25.01
C ASP H 280 -17.55 -11.27 25.63
N ILE H 281 -17.39 -11.28 26.96
CA ILE H 281 -16.64 -12.37 27.58
C ILE H 281 -17.29 -13.73 27.34
N GLY H 282 -18.56 -13.71 26.93
CA GLY H 282 -19.25 -14.95 26.67
C GLY H 282 -19.11 -15.45 25.24
N THR H 283 -18.46 -14.65 24.39
CA THR H 283 -18.28 -15.06 23.00
C THR H 283 -16.85 -14.82 22.50
N ALA H 284 -16.15 -13.85 23.08
CA ALA H 284 -14.80 -13.53 22.65
C ALA H 284 -13.77 -14.61 22.99
N GLY H 285 -14.10 -15.51 23.91
CA GLY H 285 -13.17 -16.55 24.27
C GLY H 285 -12.99 -16.80 25.77
N GLY H 286 -13.52 -15.91 26.59
CA GLY H 286 -13.40 -16.07 28.03
C GLY H 286 -12.87 -14.82 28.71
N LEU H 287 -12.71 -14.91 30.03
CA LEU H 287 -12.22 -13.78 30.80
C LEU H 287 -10.76 -13.41 30.47
N GLU H 289 -8.98 -14.44 27.81
CA GLU H 289 -8.87 -14.14 26.38
C GLU H 289 -9.30 -12.69 26.14
N THR H 290 -10.36 -12.26 26.79
CA THR H 290 -10.83 -10.90 26.65
C THR H 290 -9.83 -9.92 27.28
N LYS H 291 -9.21 -10.32 28.38
CA LYS H 291 -8.21 -9.46 29.02
C LYS H 291 -7.07 -9.26 28.01
N LYS H 292 -6.70 -10.36 27.34
CA LYS H 292 -5.64 -10.31 26.33
C LYS H 292 -6.02 -9.41 25.16
N ILE H 293 -7.29 -9.45 24.78
CA ILE H 293 -7.79 -8.61 23.69
C ILE H 293 -7.72 -7.14 24.09
N CYS H 294 -8.18 -6.81 25.30
CA CYS H 294 -8.13 -5.43 25.76
C CYS H 294 -6.70 -4.93 25.85
N ALA H 295 -5.79 -5.80 26.27
CA ALA H 295 -4.38 -5.44 26.36
C ALA H 295 -3.84 -5.08 24.98
N ALA H 297 -5.67 -4.00 22.47
CA ALA H 297 -6.37 -2.78 22.08
C ALA H 297 -5.63 -1.53 22.56
N GLU H 298 -5.02 -1.61 23.73
CA GLU H 298 -4.28 -0.47 24.29
C GLU H 298 -3.15 -0.07 23.35
N ALA H 299 -2.62 -1.05 22.62
CA ALA H 299 -1.53 -0.82 21.67
C ALA H 299 -2.03 -0.08 20.43
N TYR H 300 -3.34 0.06 20.33
CA TYR H 300 -3.93 0.77 19.20
C TYR H 300 -4.77 1.97 19.64
N ASN H 301 -4.44 2.51 20.81
CA ASN H 301 -5.11 3.70 21.33
C ASN H 301 -6.62 3.56 21.44
N ARG H 303 -10.31 2.18 23.58
CA ARG H 303 -11.00 1.98 24.85
C ARG H 303 -11.87 0.75 24.75
N VAL H 304 -12.34 0.26 25.88
CA VAL H 304 -13.18 -0.94 25.92
C VAL H 304 -14.52 -0.71 26.61
N ALA H 305 -15.58 -1.13 25.93
CA ALA H 305 -16.94 -1.04 26.45
C ALA H 305 -17.51 -2.44 26.28
N PRO H 306 -17.16 -3.36 27.20
CA PRO H 306 -17.63 -4.75 27.13
C PRO H 306 -19.11 -4.91 26.85
N HIS H 307 -19.43 -5.81 25.93
CA HIS H 307 -20.83 -6.07 25.60
C HIS H 307 -21.35 -7.16 26.52
N VAL H 308 -22.54 -6.95 27.07
CA VAL H 308 -23.15 -7.93 27.96
C VAL H 308 -24.66 -7.95 27.79
N CYS H 309 -25.20 -9.15 27.63
CA CYS H 309 -26.63 -9.32 27.48
C CYS H 309 -27.01 -10.77 27.72
N GLY H 310 -27.28 -11.09 28.99
CA GLY H 310 -27.66 -12.43 29.36
C GLY H 310 -28.18 -12.41 30.78
N SER H 311 -27.95 -13.49 31.53
CA SER H 311 -28.42 -13.56 32.91
C SER H 311 -27.51 -12.71 33.80
N SER H 312 -27.82 -12.70 35.10
CA SER H 312 -27.03 -11.94 36.07
C SER H 312 -25.61 -12.46 36.15
N LEU H 313 -25.42 -13.75 35.85
CA LEU H 313 -24.10 -14.35 35.91
C LEU H 313 -23.09 -13.69 34.98
N ILE H 314 -23.40 -13.65 33.69
CA ILE H 314 -22.48 -13.05 32.72
C ILE H 314 -22.20 -11.58 33.05
N GLU H 315 -23.19 -10.87 33.59
CA GLU H 315 -22.98 -9.46 33.92
C GLU H 315 -22.04 -9.34 35.11
N THR H 316 -22.19 -10.23 36.09
CA THR H 316 -21.32 -10.20 37.26
C THR H 316 -19.92 -10.61 36.82
N ALA H 317 -19.83 -11.64 35.98
CA ALA H 317 -18.55 -12.13 35.50
C ALA H 317 -17.83 -11.03 34.70
N THR H 318 -18.61 -10.15 34.06
CA THR H 318 -18.03 -9.05 33.28
C THR H 318 -17.42 -7.99 34.17
N LEU H 319 -18.01 -7.80 35.35
CA LEU H 319 -17.48 -6.81 36.29
C LEU H 319 -16.07 -7.20 36.72
N GLN H 320 -15.83 -8.51 36.79
CA GLN H 320 -14.50 -9.01 37.14
C GLN H 320 -13.46 -8.38 36.23
N LEU H 321 -13.70 -8.45 34.92
CA LEU H 321 -12.77 -7.91 33.95
C LEU H 321 -12.72 -6.38 34.00
N GLU H 322 -13.87 -5.75 34.17
CA GLU H 322 -13.94 -4.29 34.21
C GLU H 322 -13.24 -3.69 35.42
N ALA H 323 -13.07 -4.48 36.47
CA ALA H 323 -12.39 -3.97 37.63
C ALA H 323 -10.88 -3.96 37.36
N ASN H 324 -10.46 -4.77 36.39
CA ASN H 324 -9.05 -4.93 36.09
C ASN H 324 -8.42 -4.32 34.83
N ILE H 325 -9.19 -4.11 33.77
CA ILE H 325 -8.57 -3.56 32.56
C ILE H 325 -8.30 -2.06 32.66
N THR H 326 -7.10 -1.67 32.22
CA THR H 326 -6.68 -0.29 32.27
C THR H 326 -7.39 0.61 31.26
N ASN H 327 -7.85 0.06 30.14
CA ASN H 327 -8.52 0.88 29.12
C ASN H 327 -10.03 0.68 29.10
N PHE H 328 -10.65 0.72 30.28
CA PHE H 328 -12.09 0.55 30.41
C PHE H 328 -12.80 1.84 30.06
N ILE H 330 -16.95 2.03 29.73
CA ILE H 330 -18.25 2.06 30.38
C ILE H 330 -18.91 0.68 30.33
N HIS H 331 -19.83 0.45 31.28
CA HIS H 331 -20.54 -0.82 31.40
C HIS H 331 -21.90 -0.75 30.70
N GLU H 332 -22.35 -1.88 30.14
CA GLU H 332 -23.65 -1.95 29.48
C GLU H 332 -24.64 -2.65 30.41
N HIS H 333 -25.79 -2.02 30.63
CA HIS H 333 -26.82 -2.59 31.50
C HIS H 333 -28.22 -2.50 30.92
N TYR H 334 -28.98 -3.60 31.04
CA TYR H 334 -30.36 -3.69 30.55
C TYR H 334 -31.27 -3.82 31.78
N PRO H 335 -31.63 -2.69 32.41
CA PRO H 335 -32.49 -2.70 33.59
C PRO H 335 -33.92 -3.26 33.47
N ALA H 336 -34.51 -3.16 32.30
CA ALA H 336 -35.88 -3.63 32.12
C ALA H 336 -36.04 -5.14 32.01
N PHE H 337 -34.95 -5.83 31.71
CA PHE H 337 -34.98 -7.29 31.55
C PHE H 337 -35.52 -8.04 32.76
N LYS H 338 -35.27 -7.51 33.96
CA LYS H 338 -35.73 -8.16 35.17
C LYS H 338 -37.26 -8.14 35.33
N ALA H 339 -37.92 -7.25 34.60
CA ALA H 339 -39.37 -7.12 34.67
C ALA H 339 -40.08 -8.01 33.64
N ASP H 340 -39.30 -8.62 32.75
CA ASP H 340 -39.87 -9.49 31.72
C ASP H 340 -40.72 -10.60 32.33
N ASP H 341 -41.87 -10.87 31.70
CA ASP H 341 -42.72 -11.94 32.19
C ASP H 341 -41.91 -13.22 31.97
N GLY H 342 -41.64 -13.93 33.06
CA GLY H 342 -40.89 -15.16 32.94
C GLY H 342 -39.40 -15.01 33.21
N TYR H 343 -38.99 -13.86 33.73
CA TYR H 343 -37.58 -13.63 34.04
C TYR H 343 -37.14 -14.61 35.12
N VAL H 344 -35.96 -15.21 34.94
CA VAL H 344 -35.43 -16.16 35.90
C VAL H 344 -34.14 -15.64 36.49
N GLU H 345 -34.14 -15.35 37.79
CA GLU H 345 -32.95 -14.84 38.47
C GLU H 345 -32.01 -16.02 38.74
N VAL H 346 -30.78 -15.93 38.23
CA VAL H 346 -29.82 -17.02 38.43
C VAL H 346 -28.89 -16.84 39.62
N LEU H 347 -28.75 -15.62 40.13
CA LEU H 347 -27.84 -15.40 41.27
C LEU H 347 -28.57 -15.05 42.56
N GLU H 348 -28.04 -15.53 43.68
CA GLU H 348 -28.63 -15.25 44.98
C GLU H 348 -28.39 -13.77 45.29
N ASN H 349 -27.27 -13.25 44.79
CA ASN H 349 -26.93 -11.86 44.99
C ASN H 349 -26.51 -11.21 43.67
N PRO H 350 -27.48 -10.94 42.79
CA PRO H 350 -27.21 -10.33 41.49
C PRO H 350 -26.70 -8.90 41.64
N PRO H 351 -26.00 -8.38 40.63
CA PRO H 351 -25.48 -7.01 40.70
C PRO H 351 -26.59 -5.97 40.75
N SER H 352 -26.46 -5.00 41.63
CA SER H 352 -27.46 -3.94 41.77
C SER H 352 -26.88 -2.57 41.41
N ILE H 353 -27.56 -1.88 40.50
CA ILE H 353 -27.11 -0.57 40.07
C ILE H 353 -27.42 0.44 41.15
N SER H 354 -26.66 1.52 41.18
CA SER H 354 -26.87 2.58 42.15
C SER H 354 -26.60 3.91 41.46
N SER H 355 -27.66 4.51 40.93
CA SER H 355 -27.55 5.78 40.21
C SER H 355 -26.60 5.65 39.02
N GLY H 356 -26.76 4.57 38.25
CA GLY H 356 -25.94 4.35 37.08
C GLY H 356 -24.55 3.81 37.35
N TYR H 357 -24.32 3.31 38.56
CA TYR H 357 -23.02 2.77 38.95
C TYR H 357 -23.12 1.37 39.53
N PHE H 358 -22.10 0.56 39.24
CA PHE H 358 -22.03 -0.80 39.75
C PHE H 358 -20.80 -0.96 40.60
N GLU H 359 -20.96 -1.61 41.76
CA GLU H 359 -19.86 -1.86 42.66
C GLU H 359 -19.18 -3.13 42.17
N PRO H 361 -17.73 -6.72 42.55
CA PRO H 361 -17.96 -7.84 43.47
C PRO H 361 -16.68 -8.15 44.25
N ASN H 362 -16.81 -8.71 45.44
CA ASN H 362 -15.65 -9.03 46.27
C ASN H 362 -15.51 -10.48 46.72
N GLY H 363 -16.48 -11.31 46.38
CA GLY H 363 -16.41 -12.70 46.76
C GLY H 363 -15.35 -13.46 45.97
N PRO H 364 -14.91 -14.64 46.45
CA PRO H 364 -13.89 -15.40 45.72
C PRO H 364 -14.34 -15.76 44.30
N GLY H 365 -13.37 -15.95 43.40
CA GLY H 365 -13.70 -16.28 42.03
C GLY H 365 -14.54 -15.21 41.37
N LEU H 366 -15.63 -15.61 40.73
CA LEU H 366 -16.52 -14.66 40.06
C LEU H 366 -17.37 -13.93 41.09
N GLY H 367 -17.37 -14.43 42.32
CA GLY H 367 -18.16 -13.81 43.36
C GLY H 367 -19.63 -13.92 43.04
N ALA H 368 -20.04 -15.12 42.63
CA ALA H 368 -21.43 -15.37 42.27
C ALA H 368 -21.91 -16.72 42.74
N VAL H 369 -23.11 -16.75 43.33
CA VAL H 369 -23.70 -17.98 43.82
C VAL H 369 -24.98 -18.25 43.03
N LEU H 370 -25.02 -19.39 42.35
CA LEU H 370 -26.19 -19.77 41.56
C LEU H 370 -27.33 -20.30 42.42
N ILE H 371 -28.55 -19.92 42.07
CA ILE H 371 -29.72 -20.42 42.78
C ILE H 371 -30.12 -21.67 41.99
N LYS H 372 -29.64 -22.82 42.43
CA LYS H 372 -29.91 -24.08 41.74
C LYS H 372 -31.39 -24.38 41.54
N ARG H 373 -32.22 -23.96 42.49
CA ARG H 373 -33.66 -24.21 42.38
C ARG H 373 -34.27 -23.51 41.18
N ASN H 374 -33.75 -22.33 40.85
CA ASN H 374 -34.25 -21.56 39.73
C ASN H 374 -33.84 -22.08 38.35
N ILE H 375 -32.62 -22.61 38.24
CA ILE H 375 -32.14 -23.09 36.95
C ILE H 375 -32.34 -24.60 36.74
N GLU H 376 -32.57 -25.33 37.82
CA GLU H 376 -32.77 -26.78 37.75
C GLU H 376 -33.80 -27.19 36.69
N PRO H 377 -34.94 -26.48 36.62
CA PRO H 377 -35.97 -26.82 35.64
C PRO H 377 -35.48 -26.71 34.20
N TYR H 378 -34.31 -26.10 34.03
CA TYR H 378 -33.75 -25.92 32.70
C TYR H 378 -32.52 -26.76 32.39
N LEU H 379 -32.25 -27.74 33.25
CA LEU H 379 -31.09 -28.60 33.03
C LEU H 379 -31.24 -29.22 31.64
N TRP H 380 -30.28 -28.97 30.78
CA TRP H 380 -30.32 -29.47 29.41
C TRP H 380 -29.48 -30.73 29.20
N ALA H 381 -28.33 -30.80 29.86
CA ALA H 381 -27.46 -31.97 29.73
C ALA H 381 -26.50 -32.07 30.90
N SER H 382 -26.07 -33.30 31.17
CA SER H 382 -25.14 -33.60 32.26
C SER H 382 -24.08 -34.57 31.78
N CYS H 383 -22.83 -34.18 31.91
CA CYS H 383 -21.71 -35.02 31.47
C CYS H 383 -20.88 -35.50 32.67
N THR H 384 -20.67 -36.81 32.76
CA THR H 384 -19.90 -37.39 33.86
C THR H 384 -18.96 -38.51 33.37
#